data_1K1D
#
_entry.id   1K1D
#
_cell.length_a   214.449
_cell.length_b   182.890
_cell.length_c   156.131
_cell.angle_alpha   90.00
_cell.angle_beta   125.27
_cell.angle_gamma   90.00
#
_symmetry.space_group_name_H-M   'C 1 2 1'
#
loop_
_entity.id
_entity.type
_entity.pdbx_description
1 polymer D-hydantoinase
2 non-polymer 'ZINC ION'
#
_entity_poly.entity_id   1
_entity_poly.type   'polypeptide(L)'
_entity_poly.pdbx_seq_one_letter_code
;MTKIIKNGTIVTATDTYEAHLLIKDGKIAMIGQNLEEKGAEVIDAKGCYVFPGGIDPHTHLDMPLGGTVTKDDFESGTIA
AAFGGTTTIIDFCLTNKGEPLKKAIETWHNKANGKAVIDYGFHLMISEITDDVLEELPKVLEEEGITSL(KCX)VFMAYK
NVFQADDGTLYCTLLAAKELGALVMVHAENGDVIDYLTKKALADGNTDPIYHALTRPPELEGEATGRACQLTELAGSQLY
VVHVTCAQAVEKIAEARNKGLDVWGETCPQYLVLDQSYLEKPNFEGAKYVWSPPLREKWHQEVLWNALKNGQLQTLGSDQ
CSFDFKGQKELGRGDFTKIPNGGPIIEDRVSILFSEGVKKGRITLNQFVDIVSTRIAKLFGLFPKKGTIVVGSDADLVIF
DPNIERVISAETHHMAVDYNAFEGMKVTGEPVSVLCRGEFVVRDKQFVGKPGYGQYLKRAKYGT
;
_entity_poly.pdbx_strand_id   A,B,C,D,E,F,G,H
#
# COMPACT_ATOMS: atom_id res chain seq x y z
N MET A 1 38.26 -48.99 22.28
CA MET A 1 37.46 -49.24 23.51
C MET A 1 35.95 -49.31 23.19
N THR A 2 35.43 -50.53 23.16
CA THR A 2 34.02 -50.82 22.86
C THR A 2 32.97 -49.96 23.54
N LYS A 3 31.90 -49.64 22.81
CA LYS A 3 30.81 -48.83 23.33
C LYS A 3 29.49 -49.41 22.86
N ILE A 4 28.40 -49.06 23.54
CA ILE A 4 27.06 -49.54 23.19
C ILE A 4 26.03 -48.45 23.37
N ILE A 5 25.42 -48.01 22.27
CA ILE A 5 24.40 -46.98 22.36
C ILE A 5 23.07 -47.74 22.34
N LYS A 6 22.40 -47.77 23.48
CA LYS A 6 21.13 -48.49 23.63
C LYS A 6 19.88 -47.64 23.79
N ASN A 7 18.75 -48.28 23.58
CA ASN A 7 17.44 -47.66 23.72
C ASN A 7 17.14 -46.48 22.82
N GLY A 8 17.88 -46.38 21.72
CA GLY A 8 17.63 -45.29 20.80
C GLY A 8 16.79 -45.72 19.62
N THR A 9 16.22 -44.77 18.91
CA THR A 9 15.44 -45.09 17.73
C THR A 9 16.35 -44.78 16.55
N ILE A 10 16.78 -45.82 15.85
CA ILE A 10 17.66 -45.67 14.71
C ILE A 10 16.88 -45.20 13.49
N VAL A 11 17.42 -44.21 12.81
CA VAL A 11 16.78 -43.67 11.63
C VAL A 11 17.79 -43.44 10.51
N THR A 12 17.82 -44.36 9.54
CA THR A 12 18.71 -44.22 8.40
C THR A 12 17.91 -43.54 7.30
N ALA A 13 18.49 -43.48 6.10
CA ALA A 13 17.80 -42.87 4.97
C ALA A 13 16.61 -43.74 4.55
N THR A 14 16.58 -44.98 5.05
CA THR A 14 15.50 -45.90 4.70
C THR A 14 14.78 -46.46 5.91
N ASP A 15 15.55 -46.88 6.90
CA ASP A 15 14.98 -47.50 8.07
C ASP A 15 14.74 -46.63 9.29
N THR A 16 13.85 -47.12 10.15
CA THR A 16 13.47 -46.45 11.38
C THR A 16 13.09 -47.60 12.31
N TYR A 17 13.99 -47.95 13.20
CA TYR A 17 13.74 -49.04 14.12
C TYR A 17 14.41 -48.81 15.46
N GLU A 18 14.09 -49.66 16.43
CA GLU A 18 14.70 -49.56 17.75
C GLU A 18 15.68 -50.71 17.95
N ALA A 19 16.89 -50.37 18.35
CA ALA A 19 17.92 -51.38 18.57
C ALA A 19 19.10 -50.70 19.23
N HIS A 20 20.12 -51.50 19.53
CA HIS A 20 21.31 -50.96 20.15
C HIS A 20 22.45 -51.12 19.18
N LEU A 21 23.41 -50.23 19.26
CA LEU A 21 24.54 -50.29 18.37
C LEU A 21 25.76 -50.65 19.19
N LEU A 22 26.49 -51.68 18.74
CA LEU A 22 27.72 -52.07 19.41
C LEU A 22 28.83 -51.49 18.56
N ILE A 23 29.50 -50.47 19.05
CA ILE A 23 30.58 -49.84 18.32
C ILE A 23 31.86 -50.56 18.69
N LYS A 24 32.70 -50.85 17.69
CA LYS A 24 33.94 -51.56 17.97
C LYS A 24 35.19 -50.78 17.55
N ASP A 25 35.75 -51.12 16.39
CA ASP A 25 36.95 -50.44 15.91
C ASP A 25 36.66 -49.06 15.36
N GLY A 26 35.82 -48.30 16.06
CA GLY A 26 35.46 -46.98 15.60
C GLY A 26 34.42 -47.14 14.52
N LYS A 27 34.01 -48.39 14.31
CA LYS A 27 33.00 -48.72 13.31
C LYS A 27 31.85 -49.43 14.01
N ILE A 28 30.73 -49.57 13.31
CA ILE A 28 29.59 -50.26 13.87
C ILE A 28 29.84 -51.75 13.72
N ALA A 29 29.99 -52.43 14.86
CA ALA A 29 30.24 -53.86 14.91
C ALA A 29 28.96 -54.66 14.70
N MET A 30 27.91 -54.29 15.41
CA MET A 30 26.65 -54.99 15.24
C MET A 30 25.46 -54.24 15.80
N ILE A 31 24.29 -54.56 15.25
CA ILE A 31 23.03 -53.93 15.64
C ILE A 31 22.07 -55.02 16.09
N GLY A 32 21.30 -54.70 17.12
CA GLY A 32 20.33 -55.64 17.65
C GLY A 32 19.81 -55.06 18.94
N GLN A 33 18.96 -55.81 19.64
CA GLN A 33 18.39 -55.33 20.88
C GLN A 33 18.96 -56.04 22.10
N ASN A 34 18.95 -55.36 23.23
CA ASN A 34 19.47 -55.89 24.48
C ASN A 34 20.88 -56.41 24.28
N LEU A 35 21.73 -55.55 23.72
CA LEU A 35 23.11 -55.94 23.50
C LEU A 35 23.87 -55.85 24.82
N GLU A 36 24.90 -56.67 24.96
CA GLU A 36 25.72 -56.67 26.16
C GLU A 36 27.13 -57.13 25.87
N GLU A 37 28.08 -56.61 26.63
CA GLU A 37 29.48 -56.96 26.49
C GLU A 37 30.27 -56.28 27.60
N LYS A 38 30.79 -57.07 28.56
CA LYS A 38 31.55 -56.51 29.67
C LYS A 38 32.53 -55.44 29.18
N GLY A 39 32.47 -54.27 29.80
CA GLY A 39 33.33 -53.17 29.37
C GLY A 39 32.80 -52.64 28.05
N ALA A 40 31.94 -51.63 28.11
CA ALA A 40 31.36 -51.07 26.89
C ALA A 40 30.90 -49.62 27.06
N GLU A 41 31.05 -49.09 28.27
CA GLU A 41 30.66 -47.73 28.54
C GLU A 41 29.15 -47.52 28.39
N VAL A 42 28.49 -48.45 27.72
CA VAL A 42 27.04 -48.41 27.53
C VAL A 42 26.38 -47.01 27.64
N ILE A 43 26.14 -46.39 26.49
CA ILE A 43 25.51 -45.07 26.43
C ILE A 43 24.00 -45.27 26.31
N ASP A 44 23.23 -44.48 27.03
CA ASP A 44 21.79 -44.60 27.00
C ASP A 44 21.17 -43.54 26.11
N ALA A 45 20.38 -43.96 25.13
CA ALA A 45 19.77 -43.01 24.19
C ALA A 45 18.24 -42.95 24.25
N LYS A 46 17.66 -43.43 25.35
CA LYS A 46 16.20 -43.43 25.49
C LYS A 46 15.61 -42.10 25.01
N GLY A 47 14.44 -42.18 24.39
CA GLY A 47 13.78 -40.98 23.91
C GLY A 47 14.62 -40.13 22.96
N CYS A 48 15.42 -40.80 22.12
CA CYS A 48 16.27 -40.08 21.19
C CYS A 48 16.39 -40.82 19.87
N TYR A 49 16.72 -40.08 18.83
CA TYR A 49 16.92 -40.67 17.51
C TYR A 49 18.43 -40.85 17.39
N VAL A 50 18.86 -41.78 16.54
CA VAL A 50 20.29 -41.97 16.32
C VAL A 50 20.47 -41.89 14.81
N PHE A 51 20.97 -40.74 14.35
CA PHE A 51 21.19 -40.48 12.94
C PHE A 51 22.62 -40.68 12.52
N PRO A 52 22.81 -40.91 11.22
CA PRO A 52 24.18 -41.08 10.75
C PRO A 52 24.69 -39.63 10.80
N GLY A 53 25.89 -39.40 11.29
CA GLY A 53 26.40 -38.04 11.34
C GLY A 53 26.13 -37.30 10.04
N GLY A 54 25.84 -36.00 10.13
CA GLY A 54 25.56 -35.23 8.94
C GLY A 54 26.80 -34.98 8.13
N ILE A 55 26.63 -34.72 6.84
CA ILE A 55 27.75 -34.44 5.95
C ILE A 55 27.49 -33.13 5.24
N ASP A 56 28.38 -32.16 5.44
CA ASP A 56 28.24 -30.85 4.82
C ASP A 56 29.19 -30.76 3.63
N PRO A 57 28.67 -30.89 2.41
CA PRO A 57 29.51 -30.83 1.22
C PRO A 57 29.84 -29.42 0.76
N HIS A 58 29.32 -28.42 1.47
CA HIS A 58 29.57 -27.04 1.09
C HIS A 58 30.16 -26.21 2.22
N THR A 59 31.48 -26.27 2.33
CA THR A 59 32.22 -25.58 3.38
C THR A 59 33.36 -24.68 2.88
N HIS A 60 33.52 -23.54 3.54
CA HIS A 60 34.57 -22.57 3.24
C HIS A 60 35.12 -22.12 4.60
N LEU A 61 36.09 -22.85 5.14
CA LEU A 61 36.63 -22.50 6.46
C LEU A 61 37.77 -21.48 6.52
N ASP A 62 39.00 -21.90 6.24
CA ASP A 62 40.07 -20.93 6.31
C ASP A 62 40.14 -20.11 5.03
N MET A 63 39.06 -20.10 4.25
CA MET A 63 39.06 -19.37 2.99
C MET A 63 39.12 -17.86 3.19
N PRO A 64 39.86 -17.15 2.30
CA PRO A 64 40.04 -15.70 2.32
C PRO A 64 39.20 -14.94 1.30
N LEU A 65 38.24 -14.14 1.74
CA LEU A 65 37.41 -13.40 0.79
C LEU A 65 37.61 -11.90 0.95
N GLY A 66 38.77 -11.44 0.49
CA GLY A 66 39.12 -10.04 0.56
C GLY A 66 40.46 -9.88 1.25
N GLY A 67 40.67 -8.74 1.89
CA GLY A 67 41.91 -8.53 2.63
C GLY A 67 41.75 -9.27 3.94
N THR A 68 40.57 -9.86 4.10
CA THR A 68 40.23 -10.60 5.30
C THR A 68 40.02 -12.09 5.02
N VAL A 69 39.83 -12.84 6.11
CA VAL A 69 39.60 -14.27 6.06
C VAL A 69 38.41 -14.67 6.94
N THR A 70 37.77 -15.79 6.61
CA THR A 70 36.62 -16.27 7.37
C THR A 70 36.93 -16.25 8.86
N LYS A 71 35.97 -15.78 9.65
CA LYS A 71 36.15 -15.72 11.11
C LYS A 71 36.36 -17.14 11.65
N ASP A 72 35.65 -18.11 11.08
CA ASP A 72 35.78 -19.49 11.52
C ASP A 72 36.84 -20.20 10.68
N ASP A 73 37.81 -20.81 11.36
CA ASP A 73 38.87 -21.53 10.67
C ASP A 73 38.52 -23.01 10.73
N PHE A 74 39.40 -23.87 10.26
CA PHE A 74 39.11 -25.29 10.30
C PHE A 74 38.90 -25.85 11.69
N GLU A 75 39.38 -25.15 12.73
CA GLU A 75 39.21 -25.65 14.09
C GLU A 75 37.85 -25.31 14.67
N SER A 76 37.52 -24.03 14.69
CA SER A 76 36.24 -23.59 15.21
C SER A 76 35.10 -24.16 14.39
N GLY A 77 35.24 -24.04 13.06
CA GLY A 77 34.23 -24.56 12.15
C GLY A 77 33.93 -26.03 12.38
N THR A 78 34.97 -26.83 12.59
CA THR A 78 34.81 -28.25 12.84
C THR A 78 33.97 -28.49 14.08
N ILE A 79 34.32 -27.79 15.16
CA ILE A 79 33.60 -27.92 16.41
C ILE A 79 32.15 -27.50 16.22
N ALA A 80 31.96 -26.36 15.55
CA ALA A 80 30.61 -25.87 15.31
C ALA A 80 29.80 -26.98 14.65
N ALA A 81 30.26 -27.43 13.49
CA ALA A 81 29.59 -28.49 12.77
C ALA A 81 29.34 -29.68 13.68
N ALA A 82 30.34 -30.01 14.51
CA ALA A 82 30.21 -31.15 15.43
C ALA A 82 28.97 -30.98 16.35
N PHE A 83 28.80 -29.77 16.88
CA PHE A 83 27.67 -29.50 17.75
C PHE A 83 26.40 -29.56 16.94
N GLY A 84 26.48 -29.11 15.69
CA GLY A 84 25.31 -29.09 14.83
C GLY A 84 24.84 -30.44 14.32
N GLY A 85 25.56 -31.51 14.68
CA GLY A 85 25.17 -32.84 14.24
C GLY A 85 25.88 -33.27 12.96
N THR A 86 26.83 -32.47 12.49
CA THR A 86 27.58 -32.77 11.29
C THR A 86 28.93 -33.35 11.69
N THR A 87 29.29 -34.52 11.13
CA THR A 87 30.56 -35.15 11.49
C THR A 87 31.56 -35.29 10.34
N THR A 88 31.21 -34.74 9.18
CA THR A 88 32.11 -34.80 8.03
C THR A 88 31.83 -33.61 7.14
N ILE A 89 32.89 -32.91 6.75
CA ILE A 89 32.70 -31.76 5.88
C ILE A 89 33.59 -31.91 4.66
N ILE A 90 33.20 -31.25 3.57
CA ILE A 90 34.00 -31.26 2.35
C ILE A 90 34.16 -29.80 1.98
N ASP A 91 35.34 -29.26 2.30
CA ASP A 91 35.67 -27.85 2.05
C ASP A 91 36.20 -27.63 0.63
N PHE A 92 35.97 -26.43 0.10
CA PHE A 92 36.42 -26.07 -1.24
C PHE A 92 37.83 -25.51 -1.31
N CYS A 93 38.76 -26.34 -1.76
CA CYS A 93 40.15 -25.93 -1.90
C CYS A 93 40.31 -25.04 -3.15
N LEU A 94 40.51 -23.74 -2.92
CA LEU A 94 40.64 -22.78 -4.00
C LEU A 94 41.94 -22.87 -4.80
N THR A 95 41.87 -22.44 -6.06
CA THR A 95 43.00 -22.51 -6.97
C THR A 95 43.32 -21.20 -7.68
N ASN A 96 44.60 -20.98 -7.98
CA ASN A 96 45.06 -19.78 -8.68
C ASN A 96 45.59 -20.19 -10.04
N LYS A 97 45.34 -19.35 -11.04
CA LYS A 97 45.80 -19.66 -12.40
C LYS A 97 47.32 -19.73 -12.52
N GLY A 98 47.81 -20.52 -13.46
CA GLY A 98 49.23 -20.66 -13.67
C GLY A 98 49.95 -21.44 -12.58
N GLU A 99 49.38 -21.41 -11.39
CA GLU A 99 49.94 -22.10 -10.23
C GLU A 99 49.51 -23.57 -10.19
N PRO A 100 50.47 -24.50 -9.99
CA PRO A 100 50.21 -25.94 -9.92
C PRO A 100 49.19 -26.34 -8.85
N LEU A 101 48.23 -27.16 -9.25
CA LEU A 101 47.15 -27.62 -8.38
C LEU A 101 47.58 -28.24 -7.06
N LYS A 102 48.67 -28.98 -7.07
CA LYS A 102 49.12 -29.64 -5.84
C LYS A 102 49.62 -28.64 -4.82
N LYS A 103 49.88 -27.42 -5.29
CA LYS A 103 50.33 -26.33 -4.43
C LYS A 103 49.15 -26.04 -3.50
N ALA A 104 48.03 -25.66 -4.11
CA ALA A 104 46.83 -25.34 -3.37
C ALA A 104 46.40 -26.47 -2.48
N ILE A 105 46.40 -27.69 -3.01
CA ILE A 105 45.96 -28.84 -2.25
C ILE A 105 46.73 -29.00 -0.96
N GLU A 106 48.02 -28.68 -0.97
CA GLU A 106 48.80 -28.79 0.25
C GLU A 106 48.52 -27.60 1.17
N THR A 107 48.29 -26.44 0.58
CA THR A 107 47.97 -25.26 1.36
C THR A 107 46.76 -25.59 2.21
N TRP A 108 45.77 -26.21 1.58
CA TRP A 108 44.55 -26.59 2.27
C TRP A 108 44.81 -27.66 3.31
N HIS A 109 45.58 -28.67 2.95
CA HIS A 109 45.89 -29.73 3.91
C HIS A 109 46.47 -29.11 5.17
N ASN A 110 47.22 -28.02 5.00
CA ASN A 110 47.80 -27.34 6.15
C ASN A 110 46.71 -26.65 6.96
N LYS A 111 45.80 -25.96 6.27
CA LYS A 111 44.70 -25.29 6.96
C LYS A 111 43.96 -26.25 7.87
N ALA A 112 43.75 -27.47 7.39
CA ALA A 112 43.03 -28.47 8.14
C ALA A 112 43.88 -29.26 9.12
N ASN A 113 45.07 -29.62 8.68
CA ASN A 113 46.02 -30.40 9.48
C ASN A 113 46.02 -30.16 11.00
N GLY A 114 45.69 -31.22 11.74
CA GLY A 114 45.68 -31.16 13.20
C GLY A 114 44.69 -30.22 13.88
N LYS A 115 43.78 -29.61 13.13
CA LYS A 115 42.81 -28.71 13.72
C LYS A 115 41.38 -29.25 13.60
N ALA A 116 41.18 -30.21 12.71
CA ALA A 116 39.86 -30.78 12.51
C ALA A 116 39.47 -31.63 13.69
N VAL A 117 38.24 -31.45 14.15
CA VAL A 117 37.70 -32.23 15.28
C VAL A 117 36.96 -33.45 14.72
N ILE A 118 36.49 -33.33 13.47
CA ILE A 118 35.79 -34.39 12.74
C ILE A 118 36.45 -34.56 11.39
N ASP A 119 36.05 -35.59 10.63
CA ASP A 119 36.66 -35.87 9.33
C ASP A 119 36.28 -34.87 8.24
N TYR A 120 37.12 -34.79 7.21
CA TYR A 120 36.90 -33.84 6.12
C TYR A 120 37.57 -34.25 4.82
N GLY A 121 37.19 -33.59 3.74
CA GLY A 121 37.76 -33.86 2.43
C GLY A 121 37.79 -32.55 1.67
N PHE A 122 38.19 -32.57 0.41
CA PHE A 122 38.23 -31.33 -0.36
C PHE A 122 37.63 -31.42 -1.74
N HIS A 123 37.31 -30.25 -2.28
CA HIS A 123 36.78 -30.09 -3.63
C HIS A 123 37.91 -29.27 -4.25
N LEU A 124 38.23 -29.51 -5.51
CA LEU A 124 39.29 -28.74 -6.12
C LEU A 124 38.68 -27.69 -7.04
N MET A 125 39.04 -26.43 -6.82
CA MET A 125 38.53 -25.36 -7.66
C MET A 125 39.24 -25.37 -9.00
N ILE A 126 38.53 -25.00 -10.06
CA ILE A 126 39.13 -24.95 -11.38
C ILE A 126 38.74 -23.67 -12.07
N SER A 127 39.77 -22.89 -12.42
CA SER A 127 39.58 -21.59 -13.07
C SER A 127 40.11 -21.60 -14.50
N GLU A 128 40.78 -22.69 -14.86
CA GLU A 128 41.35 -22.84 -16.18
C GLU A 128 41.79 -24.28 -16.42
N ILE A 129 41.73 -24.70 -17.69
CA ILE A 129 42.16 -26.03 -18.08
C ILE A 129 43.42 -25.93 -18.94
N THR A 130 44.56 -26.17 -18.30
CA THR A 130 45.86 -26.12 -18.95
C THR A 130 46.35 -27.53 -19.18
N ASP A 131 47.32 -27.68 -20.07
CA ASP A 131 47.87 -29.00 -20.33
C ASP A 131 48.44 -29.49 -19.01
N ASP A 132 48.95 -28.55 -18.23
CA ASP A 132 49.53 -28.86 -16.92
C ASP A 132 48.43 -29.33 -15.98
N VAL A 133 47.28 -28.70 -16.09
CA VAL A 133 46.13 -29.07 -15.27
C VAL A 133 45.68 -30.48 -15.66
N LEU A 134 45.52 -30.71 -16.96
CA LEU A 134 45.10 -32.01 -17.46
C LEU A 134 46.03 -33.13 -16.98
N GLU A 135 47.29 -32.81 -16.77
CA GLU A 135 48.25 -33.81 -16.31
C GLU A 135 48.10 -34.12 -14.83
N GLU A 136 47.75 -33.09 -14.05
CA GLU A 136 47.59 -33.28 -12.62
C GLU A 136 46.29 -33.95 -12.22
N LEU A 137 45.18 -33.52 -12.84
CA LEU A 137 43.87 -34.07 -12.51
C LEU A 137 43.89 -35.56 -12.21
N PRO A 138 44.35 -36.37 -13.16
CA PRO A 138 44.39 -37.81 -12.92
C PRO A 138 45.13 -38.16 -11.63
N LYS A 139 46.21 -37.44 -11.35
CA LYS A 139 46.99 -37.67 -10.14
C LYS A 139 46.16 -37.19 -8.95
N VAL A 140 45.50 -36.05 -9.12
CA VAL A 140 44.65 -35.47 -8.10
C VAL A 140 43.56 -36.45 -7.70
N LEU A 141 43.22 -37.37 -8.59
CA LEU A 141 42.20 -38.36 -8.28
C LEU A 141 42.78 -39.49 -7.46
N GLU A 142 43.83 -40.13 -7.97
CA GLU A 142 44.46 -41.26 -7.28
C GLU A 142 45.14 -40.85 -5.98
N GLU A 143 46.10 -39.94 -6.06
CA GLU A 143 46.77 -39.45 -4.87
C GLU A 143 45.90 -38.26 -4.47
N GLU A 144 45.34 -38.29 -3.26
CA GLU A 144 44.44 -37.24 -2.77
C GLU A 144 43.08 -37.64 -3.31
N GLY A 145 42.18 -38.08 -2.44
CA GLY A 145 40.88 -38.48 -2.92
C GLY A 145 40.00 -37.35 -3.39
N ILE A 146 40.52 -36.45 -4.21
CA ILE A 146 39.73 -35.32 -4.71
C ILE A 146 39.04 -35.73 -6.01
N THR A 147 37.79 -36.14 -5.90
CA THR A 147 37.02 -36.59 -7.05
C THR A 147 35.87 -35.68 -7.42
N SER A 148 35.88 -34.46 -6.90
CA SER A 148 34.85 -33.48 -7.23
C SER A 148 35.53 -32.17 -7.58
N LEU A 149 35.62 -31.77 -8.73
CA LEU A 149 36.12 -30.53 -9.32
C LEU A 149 35.02 -29.44 -9.38
N VAL A 151 33.22 -25.18 -10.20
CA VAL A 151 33.47 -24.12 -11.20
C VAL A 151 32.54 -22.91 -10.99
N PHE A 152 33.11 -21.73 -10.92
CA PHE A 152 32.31 -20.51 -10.71
C PHE A 152 31.91 -19.89 -12.06
N MET A 153 30.62 -19.73 -12.24
CA MET A 153 30.15 -19.13 -13.47
C MET A 153 29.99 -17.65 -13.22
N ALA A 154 30.10 -17.26 -11.96
CA ALA A 154 29.98 -15.85 -11.58
C ALA A 154 31.28 -15.42 -10.91
N TYR A 155 31.27 -14.26 -10.28
CA TYR A 155 32.46 -13.72 -9.62
C TYR A 155 33.53 -13.42 -10.68
N LYS A 156 33.12 -12.62 -11.66
CA LYS A 156 34.00 -12.21 -12.75
C LYS A 156 35.34 -11.69 -12.22
N ASN A 157 36.42 -12.03 -12.93
CA ASN A 157 37.76 -11.61 -12.55
C ASN A 157 38.15 -12.02 -11.14
N VAL A 158 37.63 -13.15 -10.65
CA VAL A 158 37.97 -13.60 -9.30
C VAL A 158 37.94 -15.11 -9.19
N PHE A 159 36.98 -15.74 -9.86
CA PHE A 159 36.83 -17.20 -9.85
C PHE A 159 36.24 -17.69 -11.16
N GLN A 160 35.47 -16.80 -11.78
CA GLN A 160 34.77 -17.09 -13.02
C GLN A 160 35.57 -17.82 -14.10
N ALA A 161 34.87 -18.63 -14.88
CA ALA A 161 35.45 -19.41 -15.99
C ALA A 161 34.49 -19.38 -17.19
N ASP A 162 35.02 -19.31 -18.39
CA ASP A 162 34.16 -19.27 -19.56
C ASP A 162 33.57 -20.65 -19.79
N ASP A 163 32.54 -20.71 -20.63
CA ASP A 163 31.88 -21.98 -20.91
C ASP A 163 32.84 -23.01 -21.48
N GLY A 164 33.89 -22.53 -22.12
CA GLY A 164 34.87 -23.42 -22.68
C GLY A 164 35.59 -24.13 -21.56
N THR A 165 35.92 -23.39 -20.51
CA THR A 165 36.61 -23.99 -19.38
C THR A 165 35.65 -24.96 -18.71
N LEU A 166 34.39 -24.52 -18.55
CA LEU A 166 33.37 -25.37 -17.94
C LEU A 166 33.21 -26.64 -18.76
N TYR A 167 33.02 -26.47 -20.05
CA TYR A 167 32.84 -27.60 -20.94
C TYR A 167 33.99 -28.61 -20.90
N CYS A 168 35.23 -28.16 -21.06
CA CYS A 168 36.35 -29.10 -21.04
C CYS A 168 36.48 -29.75 -19.67
N THR A 169 36.04 -29.04 -18.63
CA THR A 169 36.10 -29.61 -17.27
C THR A 169 35.10 -30.77 -17.21
N LEU A 170 33.91 -30.54 -17.74
CA LEU A 170 32.90 -31.57 -17.77
C LEU A 170 33.44 -32.82 -18.48
N LEU A 171 34.13 -32.65 -19.60
CA LEU A 171 34.71 -33.77 -20.31
C LEU A 171 35.75 -34.45 -19.46
N ALA A 172 36.74 -33.68 -19.05
CA ALA A 172 37.81 -34.22 -18.22
C ALA A 172 37.17 -35.03 -17.08
N ALA A 173 36.15 -34.44 -16.46
CA ALA A 173 35.44 -35.06 -15.35
C ALA A 173 34.83 -36.40 -15.74
N LYS A 174 34.07 -36.40 -16.84
CA LYS A 174 33.44 -37.63 -17.32
C LYS A 174 34.51 -38.68 -17.54
N GLU A 175 35.59 -38.26 -18.18
CA GLU A 175 36.70 -39.12 -18.50
C GLU A 175 37.39 -39.65 -17.25
N LEU A 176 37.86 -38.76 -16.40
CA LEU A 176 38.55 -39.14 -15.17
C LEU A 176 37.68 -39.75 -14.07
N GLY A 177 36.38 -39.47 -14.11
CA GLY A 177 35.49 -40.01 -13.10
C GLY A 177 35.34 -39.06 -11.93
N ALA A 178 35.01 -37.81 -12.22
CA ALA A 178 34.83 -36.81 -11.18
C ALA A 178 33.49 -36.14 -11.38
N LEU A 179 33.00 -35.47 -10.34
CA LEU A 179 31.73 -34.80 -10.43
C LEU A 179 32.00 -33.30 -10.54
N VAL A 180 31.42 -32.65 -11.53
CA VAL A 180 31.62 -31.22 -11.69
C VAL A 180 30.57 -30.46 -10.88
N MET A 181 31.05 -29.55 -10.02
CA MET A 181 30.14 -28.76 -9.21
C MET A 181 30.12 -27.39 -9.86
N VAL A 182 29.04 -26.65 -9.69
CA VAL A 182 28.94 -25.36 -10.33
C VAL A 182 28.21 -24.29 -9.52
N HIS A 183 28.76 -23.07 -9.52
CA HIS A 183 28.12 -21.93 -8.87
C HIS A 183 27.46 -21.27 -10.06
N ALA A 184 26.17 -21.54 -10.25
CA ALA A 184 25.43 -21.03 -11.39
C ALA A 184 24.77 -19.65 -11.34
N GLU A 185 25.55 -18.62 -11.66
CA GLU A 185 25.03 -17.25 -11.72
C GLU A 185 25.72 -16.60 -12.89
N ASN A 186 25.00 -15.84 -13.68
CA ASN A 186 25.62 -15.20 -14.83
C ASN A 186 26.52 -14.03 -14.42
N GLY A 187 27.78 -14.35 -14.15
CA GLY A 187 28.74 -13.33 -13.76
C GLY A 187 28.82 -12.08 -14.61
N ASP A 188 28.91 -12.24 -15.94
CA ASP A 188 29.02 -11.06 -16.82
C ASP A 188 27.88 -10.06 -16.69
N VAL A 189 26.66 -10.54 -16.54
CA VAL A 189 25.52 -9.63 -16.41
C VAL A 189 25.48 -9.05 -15.01
N ILE A 190 25.66 -9.91 -14.00
CA ILE A 190 25.65 -9.44 -12.62
C ILE A 190 26.65 -8.30 -12.51
N ASP A 191 27.74 -8.44 -13.26
CA ASP A 191 28.80 -7.44 -13.26
C ASP A 191 28.34 -6.05 -13.70
N TYR A 192 27.77 -5.95 -14.90
CA TYR A 192 27.29 -4.67 -15.36
C TYR A 192 26.26 -4.12 -14.39
N LEU A 193 25.33 -4.96 -13.94
CA LEU A 193 24.31 -4.53 -13.00
C LEU A 193 24.95 -3.95 -11.76
N THR A 194 25.97 -4.64 -11.26
CA THR A 194 26.69 -4.21 -10.09
C THR A 194 27.28 -2.83 -10.33
N LYS A 195 28.09 -2.72 -11.38
CA LYS A 195 28.69 -1.43 -11.70
C LYS A 195 27.67 -0.30 -11.80
N LYS A 196 26.60 -0.51 -12.55
CA LYS A 196 25.59 0.53 -12.70
C LYS A 196 24.94 0.89 -11.38
N ALA A 197 24.64 -0.12 -10.56
CA ALA A 197 24.00 0.13 -9.27
C ALA A 197 24.81 1.17 -8.53
N LEU A 198 26.11 0.90 -8.41
CA LEU A 198 27.04 1.80 -7.73
C LEU A 198 27.02 3.17 -8.42
N ALA A 199 27.18 3.15 -9.74
CA ALA A 199 27.17 4.38 -10.52
C ALA A 199 25.95 5.25 -10.24
N ASP A 200 24.89 4.66 -9.70
CA ASP A 200 23.67 5.41 -9.40
C ASP A 200 23.49 5.63 -7.91
N GLY A 201 24.52 5.35 -7.13
CA GLY A 201 24.42 5.55 -5.70
C GLY A 201 23.74 4.47 -4.89
N ASN A 202 23.26 3.40 -5.54
CA ASN A 202 22.61 2.30 -4.82
C ASN A 202 23.70 1.45 -4.21
N THR A 203 23.98 1.66 -2.93
CA THR A 203 25.05 0.93 -2.27
C THR A 203 24.62 0.06 -1.11
N ASP A 204 23.39 0.22 -0.65
CA ASP A 204 22.90 -0.56 0.48
C ASP A 204 22.96 -2.07 0.25
N PRO A 205 23.01 -2.83 1.34
CA PRO A 205 23.07 -4.28 1.26
C PRO A 205 22.04 -4.92 0.32
N ILE A 206 20.86 -4.32 0.24
CA ILE A 206 19.83 -4.89 -0.62
C ILE A 206 20.16 -4.91 -2.12
N TYR A 207 20.95 -3.95 -2.58
CA TYR A 207 21.30 -3.93 -3.98
C TYR A 207 22.18 -5.11 -4.32
N HIS A 208 22.64 -5.82 -3.30
CA HIS A 208 23.46 -6.99 -3.53
C HIS A 208 22.55 -8.01 -4.18
N ALA A 209 21.31 -8.04 -3.69
CA ALA A 209 20.30 -8.96 -4.20
C ALA A 209 19.72 -8.49 -5.53
N LEU A 210 19.25 -7.24 -5.56
CA LEU A 210 18.66 -6.66 -6.77
C LEU A 210 19.65 -6.63 -7.93
N THR A 211 20.92 -6.57 -7.60
CA THR A 211 21.95 -6.50 -8.60
C THR A 211 22.11 -7.85 -9.30
N ARG A 212 21.50 -8.89 -8.73
CA ARG A 212 21.58 -10.24 -9.31
C ARG A 212 20.29 -11.04 -9.24
N PRO A 213 19.32 -10.72 -10.11
CA PRO A 213 18.00 -11.34 -10.24
C PRO A 213 18.05 -12.83 -10.50
N PRO A 214 17.04 -13.57 -10.01
CA PRO A 214 16.96 -15.03 -10.17
C PRO A 214 17.04 -15.47 -11.63
N GLU A 215 16.64 -14.61 -12.56
CA GLU A 215 16.70 -14.93 -13.97
C GLU A 215 18.13 -15.34 -14.33
N LEU A 216 19.09 -14.63 -13.75
CA LEU A 216 20.49 -14.90 -14.01
C LEU A 216 20.95 -16.20 -13.35
N GLU A 217 20.26 -16.65 -12.31
CA GLU A 217 20.67 -17.91 -11.67
C GLU A 217 20.12 -19.03 -12.53
N GLY A 218 18.88 -18.85 -12.99
CA GLY A 218 18.24 -19.82 -13.85
C GLY A 218 19.01 -19.94 -15.12
N GLU A 219 19.28 -18.81 -15.77
CA GLU A 219 20.01 -18.81 -17.01
C GLU A 219 21.30 -19.61 -16.86
N ALA A 220 22.12 -19.24 -15.88
CA ALA A 220 23.38 -19.92 -15.67
C ALA A 220 23.15 -21.41 -15.45
N THR A 221 22.23 -21.75 -14.55
CA THR A 221 21.96 -23.16 -14.27
C THR A 221 21.64 -23.93 -15.55
N GLY A 222 20.91 -23.28 -16.46
CA GLY A 222 20.58 -23.89 -17.74
C GLY A 222 21.81 -24.24 -18.58
N ARG A 223 22.71 -23.28 -18.77
CA ARG A 223 23.93 -23.52 -19.54
C ARG A 223 24.67 -24.70 -18.96
N ALA A 224 24.91 -24.66 -17.65
CA ALA A 224 25.61 -25.72 -16.96
C ALA A 224 24.99 -27.05 -17.39
N CYS A 225 23.67 -27.11 -17.37
CA CYS A 225 22.96 -28.30 -17.74
C CYS A 225 23.16 -28.65 -19.21
N GLN A 226 22.76 -27.73 -20.09
CA GLN A 226 22.90 -27.96 -21.52
C GLN A 226 24.32 -28.45 -21.85
N LEU A 227 25.32 -27.78 -21.29
CA LEU A 227 26.68 -28.20 -21.53
C LEU A 227 26.94 -29.57 -20.94
N THR A 228 26.47 -29.81 -19.72
CA THR A 228 26.68 -31.12 -19.10
C THR A 228 26.12 -32.19 -20.01
N GLU A 229 25.02 -31.86 -20.68
CA GLU A 229 24.37 -32.78 -21.60
C GLU A 229 25.30 -33.03 -22.78
N LEU A 230 25.67 -31.98 -23.47
CA LEU A 230 26.59 -32.07 -24.60
C LEU A 230 27.81 -32.93 -24.26
N ALA A 231 28.42 -32.65 -23.11
CA ALA A 231 29.59 -33.38 -22.67
C ALA A 231 29.27 -34.80 -22.24
N GLY A 232 28.02 -35.02 -21.84
CA GLY A 232 27.63 -36.34 -21.39
C GLY A 232 28.20 -36.71 -20.03
N SER A 233 28.52 -35.72 -19.18
CA SER A 233 29.08 -36.02 -17.85
C SER A 233 28.07 -35.80 -16.73
N GLN A 234 28.57 -35.44 -15.55
CA GLN A 234 27.70 -35.22 -14.41
C GLN A 234 27.83 -33.84 -13.80
N LEU A 235 26.69 -33.26 -13.43
CA LEU A 235 26.66 -31.93 -12.83
C LEU A 235 26.07 -31.95 -11.42
N TYR A 236 26.46 -30.97 -10.62
CA TYR A 236 25.97 -30.82 -9.25
C TYR A 236 25.89 -29.32 -9.00
N VAL A 237 24.70 -28.75 -9.15
CA VAL A 237 24.49 -27.33 -8.95
C VAL A 237 24.45 -27.01 -7.46
N VAL A 238 25.39 -26.22 -6.98
CA VAL A 238 25.42 -25.86 -5.56
C VAL A 238 24.44 -24.73 -5.27
N HIS A 239 24.02 -24.67 -4.01
CA HIS A 239 23.06 -23.66 -3.54
C HIS A 239 22.02 -23.18 -4.56
N VAL A 240 21.04 -24.03 -4.84
CA VAL A 240 19.94 -23.70 -5.74
C VAL A 240 19.07 -22.77 -4.90
N THR A 241 18.79 -21.61 -5.46
CA THR A 241 18.07 -20.59 -4.75
C THR A 241 16.67 -20.24 -5.21
N CYS A 242 16.54 -19.88 -6.48
CA CYS A 242 15.25 -19.47 -7.04
C CYS A 242 14.51 -20.61 -7.73
N ALA A 243 13.27 -20.34 -8.09
CA ALA A 243 12.44 -21.31 -8.77
C ALA A 243 13.05 -21.59 -10.13
N GLN A 244 13.35 -20.53 -10.89
CA GLN A 244 13.93 -20.67 -12.21
C GLN A 244 15.03 -21.71 -12.26
N ALA A 245 15.89 -21.69 -11.25
CA ALA A 245 16.99 -22.63 -11.19
C ALA A 245 16.43 -24.04 -10.97
N VAL A 246 15.51 -24.17 -10.01
CA VAL A 246 14.93 -25.48 -9.71
C VAL A 246 14.36 -26.06 -10.98
N GLU A 247 13.69 -25.21 -11.74
CA GLU A 247 13.08 -25.64 -12.99
C GLU A 247 14.09 -26.24 -13.96
N LYS A 248 15.16 -25.52 -14.24
CA LYS A 248 16.18 -26.01 -15.15
C LYS A 248 16.68 -27.37 -14.71
N ILE A 249 16.98 -27.50 -13.43
CA ILE A 249 17.48 -28.77 -12.91
C ILE A 249 16.41 -29.85 -13.06
N ALA A 250 15.15 -29.47 -12.97
CA ALA A 250 14.06 -30.43 -13.11
C ALA A 250 14.03 -30.97 -14.54
N GLU A 251 14.09 -30.07 -15.50
CA GLU A 251 14.09 -30.44 -16.91
C GLU A 251 15.25 -31.41 -17.19
N ALA A 252 16.44 -31.03 -16.74
CA ALA A 252 17.62 -31.84 -16.92
C ALA A 252 17.39 -33.27 -16.48
N ARG A 253 17.02 -33.44 -15.21
CA ARG A 253 16.78 -34.78 -14.66
C ARG A 253 15.67 -35.52 -15.39
N ASN A 254 14.74 -34.78 -15.98
CA ASN A 254 13.65 -35.41 -16.73
C ASN A 254 14.23 -36.07 -17.98
N LYS A 255 15.19 -35.40 -18.61
CA LYS A 255 15.84 -35.91 -19.83
C LYS A 255 16.82 -37.02 -19.51
N GLY A 256 16.85 -37.46 -18.26
CA GLY A 256 17.76 -38.52 -17.88
C GLY A 256 19.17 -38.03 -17.67
N LEU A 257 19.39 -36.73 -17.85
CA LEU A 257 20.70 -36.15 -17.65
C LEU A 257 21.11 -36.37 -16.21
N ASP A 258 22.41 -36.58 -15.99
CA ASP A 258 22.93 -36.82 -14.64
C ASP A 258 23.24 -35.49 -13.93
N VAL A 259 22.20 -34.77 -13.56
CA VAL A 259 22.33 -33.49 -12.88
C VAL A 259 21.80 -33.57 -11.46
N TRP A 260 22.44 -32.86 -10.53
CA TRP A 260 22.00 -32.83 -9.15
C TRP A 260 21.93 -31.40 -8.64
N GLY A 261 21.03 -31.19 -7.68
CA GLY A 261 20.84 -29.87 -7.10
C GLY A 261 20.97 -29.91 -5.59
N GLU A 262 21.48 -28.82 -5.04
CA GLU A 262 21.69 -28.70 -3.60
C GLU A 262 21.17 -27.35 -3.16
N THR A 263 20.74 -27.24 -1.90
CA THR A 263 20.26 -25.97 -1.37
C THR A 263 20.83 -25.82 0.02
N CYS A 264 20.53 -24.67 0.63
CA CYS A 264 21.02 -24.37 1.95
C CYS A 264 19.89 -23.78 2.78
N PRO A 265 19.87 -24.07 4.07
CA PRO A 265 18.84 -23.57 4.99
C PRO A 265 18.47 -22.10 4.79
N GLN A 266 19.46 -21.23 4.74
CA GLN A 266 19.20 -19.81 4.56
C GLN A 266 18.24 -19.48 3.42
N TYR A 267 18.26 -20.31 2.38
CA TYR A 267 17.40 -20.07 1.22
C TYR A 267 16.04 -20.72 1.42
N LEU A 268 16.00 -21.62 2.40
CA LEU A 268 14.79 -22.36 2.74
C LEU A 268 13.95 -21.60 3.78
N VAL A 269 14.64 -20.88 4.65
CA VAL A 269 14.00 -20.15 5.74
C VAL A 269 14.03 -18.62 5.68
N LEU A 270 15.17 -18.05 5.30
CA LEU A 270 15.27 -16.60 5.21
C LEU A 270 14.87 -16.13 3.82
N ASP A 271 14.75 -14.81 3.65
CA ASP A 271 14.38 -14.25 2.37
C ASP A 271 14.92 -12.83 2.14
N GLN A 272 14.69 -12.34 0.94
CA GLN A 272 15.17 -11.03 0.52
C GLN A 272 14.98 -9.86 1.48
N SER A 273 13.84 -9.81 2.17
CA SER A 273 13.57 -8.70 3.09
C SER A 273 14.69 -8.49 4.12
N TYR A 274 15.24 -9.57 4.67
CA TYR A 274 16.32 -9.44 5.64
C TYR A 274 17.46 -8.55 5.19
N LEU A 275 17.57 -8.29 3.90
CA LEU A 275 18.64 -7.44 3.39
C LEU A 275 18.31 -5.97 3.53
N GLU A 276 17.04 -5.67 3.81
CA GLU A 276 16.62 -4.29 3.97
C GLU A 276 16.62 -3.93 5.43
N LYS A 277 16.39 -4.93 6.25
CA LYS A 277 16.35 -4.75 7.68
C LYS A 277 17.74 -4.38 8.20
N PRO A 278 18.05 -3.07 8.40
CA PRO A 278 17.86 -1.61 8.41
C PRO A 278 19.24 -1.12 8.88
N ASN A 279 19.53 0.16 8.78
CA ASN A 279 20.85 0.62 9.22
C ASN A 279 21.87 -0.10 8.32
N PHE A 280 22.53 -1.13 8.83
CA PHE A 280 23.48 -1.88 8.02
C PHE A 280 23.32 -3.36 8.31
N GLU A 281 22.36 -3.66 9.18
CA GLU A 281 22.05 -5.03 9.55
C GLU A 281 21.94 -5.94 8.33
N GLY A 282 21.53 -5.35 7.20
CA GLY A 282 21.39 -6.10 5.96
C GLY A 282 22.59 -6.96 5.66
N ALA A 283 23.77 -6.33 5.73
CA ALA A 283 25.02 -7.00 5.45
C ALA A 283 25.16 -8.37 6.12
N LYS A 284 24.42 -8.60 7.20
CA LYS A 284 24.51 -9.88 7.90
C LYS A 284 24.02 -11.01 7.01
N TYR A 285 23.18 -10.66 6.05
CA TYR A 285 22.58 -11.63 5.14
C TYR A 285 23.11 -11.60 3.72
N VAL A 286 24.24 -10.94 3.52
CA VAL A 286 24.84 -10.85 2.19
C VAL A 286 25.69 -12.08 1.84
N TRP A 287 25.23 -12.81 0.83
CA TRP A 287 25.93 -14.00 0.34
C TRP A 287 25.35 -14.27 -1.05
N SER A 288 26.07 -15.06 -1.85
CA SER A 288 25.59 -15.34 -3.20
C SER A 288 25.34 -16.82 -3.45
N PRO A 289 24.23 -17.16 -4.15
CA PRO A 289 23.24 -16.23 -4.69
C PRO A 289 22.51 -15.54 -3.56
N PRO A 290 21.94 -14.36 -3.84
CA PRO A 290 21.21 -13.58 -2.84
C PRO A 290 19.90 -14.20 -2.40
N LEU A 291 19.45 -13.87 -1.20
CA LEU A 291 18.17 -14.37 -0.73
C LEU A 291 17.11 -13.86 -1.72
N ARG A 292 16.12 -14.68 -2.03
CA ARG A 292 15.08 -14.30 -2.97
C ARG A 292 13.79 -13.94 -2.24
N GLU A 293 12.73 -13.74 -3.01
CA GLU A 293 11.44 -13.41 -2.41
C GLU A 293 10.87 -14.64 -1.72
N LYS A 294 10.31 -14.42 -0.54
CA LYS A 294 9.70 -15.46 0.28
C LYS A 294 9.04 -16.62 -0.49
N TRP A 295 8.37 -16.30 -1.59
CA TRP A 295 7.67 -17.33 -2.36
C TRP A 295 8.46 -18.47 -2.99
N HIS A 296 9.76 -18.26 -3.22
CA HIS A 296 10.59 -19.31 -3.81
C HIS A 296 10.78 -20.45 -2.84
N GLN A 297 10.69 -20.14 -1.55
CA GLN A 297 10.89 -21.14 -0.50
C GLN A 297 10.03 -22.36 -0.70
N GLU A 298 8.79 -22.15 -1.14
CA GLU A 298 7.91 -23.27 -1.38
C GLU A 298 8.53 -24.19 -2.41
N VAL A 299 8.78 -23.61 -3.57
CA VAL A 299 9.36 -24.31 -4.69
C VAL A 299 10.54 -25.14 -4.20
N LEU A 300 11.39 -24.53 -3.39
CA LEU A 300 12.54 -25.26 -2.89
C LEU A 300 12.07 -26.47 -2.10
N TRP A 301 11.21 -26.24 -1.11
CA TRP A 301 10.71 -27.34 -0.30
C TRP A 301 10.11 -28.47 -1.16
N ASN A 302 9.24 -28.12 -2.11
CA ASN A 302 8.64 -29.13 -2.97
C ASN A 302 9.69 -29.90 -3.74
N ALA A 303 10.69 -29.16 -4.23
CA ALA A 303 11.78 -29.75 -4.98
C ALA A 303 12.44 -30.77 -4.10
N LEU A 304 12.62 -30.40 -2.84
CA LEU A 304 13.23 -31.25 -1.82
C LEU A 304 12.33 -32.46 -1.54
N LYS A 305 11.03 -32.18 -1.46
CA LYS A 305 10.05 -33.20 -1.20
C LYS A 305 9.98 -34.24 -2.30
N ASN A 306 9.81 -33.77 -3.54
CA ASN A 306 9.68 -34.65 -4.69
C ASN A 306 10.98 -35.12 -5.34
N GLY A 307 12.10 -34.56 -4.93
CA GLY A 307 13.36 -34.99 -5.50
C GLY A 307 14.07 -34.14 -6.56
N GLN A 308 13.51 -32.99 -6.94
CA GLN A 308 14.19 -32.16 -7.92
C GLN A 308 15.52 -31.75 -7.31
N LEU A 309 15.51 -31.50 -6.00
CA LEU A 309 16.72 -31.13 -5.28
C LEU A 309 16.96 -32.30 -4.33
N GLN A 310 18.22 -32.70 -4.17
CA GLN A 310 18.50 -33.85 -3.32
C GLN A 310 19.53 -33.75 -2.19
N THR A 311 20.16 -32.58 -2.00
CA THR A 311 21.13 -32.43 -0.90
C THR A 311 21.05 -31.07 -0.28
N LEU A 312 21.39 -31.00 1.02
CA LEU A 312 21.40 -29.74 1.76
C LEU A 312 22.82 -29.38 2.24
N GLY A 313 23.30 -28.22 1.82
CA GLY A 313 24.62 -27.80 2.23
C GLY A 313 24.49 -26.49 3.00
N SER A 314 25.55 -26.11 3.71
CA SER A 314 25.52 -24.88 4.49
C SER A 314 26.02 -23.66 3.76
N ASP A 315 27.10 -23.84 2.99
CA ASP A 315 27.76 -22.78 2.26
C ASP A 315 28.36 -21.85 3.33
N GLN A 316 28.83 -22.51 4.40
CA GLN A 316 29.47 -21.88 5.54
C GLN A 316 30.63 -20.98 5.10
N CYS A 317 30.56 -19.70 5.48
CA CYS A 317 31.60 -18.73 5.12
C CYS A 317 31.40 -17.54 6.07
N SER A 318 31.82 -17.72 7.32
CA SER A 318 31.64 -16.71 8.35
C SER A 318 32.49 -15.44 8.33
N PHE A 319 31.86 -14.34 8.74
CA PHE A 319 32.49 -13.01 8.80
C PHE A 319 31.83 -12.18 9.90
N ASP A 320 32.63 -11.72 10.86
CA ASP A 320 32.07 -10.89 11.93
C ASP A 320 31.36 -9.69 11.33
N PHE A 321 30.13 -9.46 11.79
CA PHE A 321 29.36 -8.33 11.31
C PHE A 321 30.16 -7.09 11.64
N LYS A 322 30.86 -7.15 12.77
CA LYS A 322 31.68 -6.04 13.26
C LYS A 322 32.74 -5.58 12.28
N GLY A 323 33.91 -6.20 12.36
CA GLY A 323 34.99 -5.78 11.48
C GLY A 323 34.83 -6.11 10.02
N GLN A 324 34.64 -7.40 9.75
CA GLN A 324 34.50 -7.91 8.40
C GLN A 324 33.36 -7.34 7.56
N LYS A 325 32.13 -7.74 7.86
CA LYS A 325 30.97 -7.25 7.09
C LYS A 325 31.00 -5.75 6.83
N GLU A 326 31.50 -4.98 7.79
CA GLU A 326 31.54 -3.53 7.66
C GLU A 326 32.49 -3.00 6.61
N LEU A 327 33.37 -3.87 6.10
CA LEU A 327 34.32 -3.46 5.06
C LEU A 327 33.59 -2.85 3.87
N GLY A 328 32.33 -3.23 3.72
CA GLY A 328 31.55 -2.70 2.62
C GLY A 328 30.43 -1.79 3.09
N ARG A 329 30.79 -0.66 3.68
CA ARG A 329 29.79 0.28 4.16
C ARG A 329 29.08 0.98 3.02
N GLY A 330 29.75 1.96 2.42
CA GLY A 330 29.15 2.69 1.33
C GLY A 330 29.29 1.95 0.01
N ASP A 331 29.56 0.66 0.11
CA ASP A 331 29.71 -0.17 -1.07
C ASP A 331 29.33 -1.61 -0.75
N PHE A 332 28.16 -2.05 -1.22
CA PHE A 332 27.73 -3.42 -0.94
C PHE A 332 28.67 -4.43 -1.54
N THR A 333 29.16 -4.15 -2.74
CA THR A 333 30.07 -5.07 -3.43
C THR A 333 31.32 -5.35 -2.60
N LYS A 334 31.52 -4.60 -1.53
CA LYS A 334 32.70 -4.80 -0.70
C LYS A 334 32.38 -5.54 0.59
N ILE A 335 31.13 -5.95 0.74
CA ILE A 335 30.72 -6.72 1.91
C ILE A 335 31.17 -8.15 1.60
N PRO A 336 31.96 -8.78 2.49
CA PRO A 336 32.38 -10.16 2.18
C PRO A 336 31.19 -11.11 2.19
N ASN A 337 30.99 -11.81 1.07
CA ASN A 337 29.88 -12.74 0.94
C ASN A 337 30.06 -14.00 1.75
N GLY A 338 28.99 -14.40 2.45
CA GLY A 338 29.06 -15.61 3.26
C GLY A 338 28.32 -15.49 4.58
N GLY A 339 27.76 -16.61 5.02
CA GLY A 339 27.03 -16.61 6.29
C GLY A 339 27.46 -17.72 7.22
N PRO A 340 27.27 -17.53 8.54
CA PRO A 340 27.61 -18.49 9.59
C PRO A 340 26.49 -19.55 9.65
N ILE A 341 26.67 -20.63 8.90
CA ILE A 341 25.63 -21.65 8.80
C ILE A 341 26.01 -23.10 9.12
N ILE A 342 27.29 -23.40 9.09
CA ILE A 342 27.73 -24.75 9.33
C ILE A 342 27.15 -25.43 10.58
N GLU A 343 26.63 -24.68 11.54
CA GLU A 343 26.14 -25.30 12.76
C GLU A 343 24.67 -25.65 12.87
N ASP A 344 23.80 -24.81 12.30
CA ASP A 344 22.37 -25.06 12.40
C ASP A 344 21.76 -25.75 11.19
N ARG A 345 22.59 -26.09 10.21
CA ARG A 345 22.12 -26.75 8.98
C ARG A 345 21.18 -27.90 9.27
N VAL A 346 21.72 -28.96 9.85
CA VAL A 346 20.95 -30.16 10.19
C VAL A 346 19.70 -29.86 11.00
N SER A 347 19.88 -29.21 12.15
CA SER A 347 18.77 -28.87 13.03
C SER A 347 17.58 -28.21 12.30
N ILE A 348 17.87 -27.14 11.57
CA ILE A 348 16.84 -26.43 10.83
C ILE A 348 16.03 -27.32 9.90
N LEU A 349 16.69 -28.22 9.19
CA LEU A 349 15.96 -29.09 8.27
C LEU A 349 15.03 -30.01 9.03
N PHE A 350 15.52 -30.53 10.16
CA PHE A 350 14.71 -31.42 10.98
C PHE A 350 13.49 -30.65 11.47
N SER A 351 13.74 -29.49 12.05
CA SER A 351 12.70 -28.63 12.59
C SER A 351 11.75 -28.15 11.50
N GLU A 352 12.25 -27.29 10.63
CA GLU A 352 11.43 -26.75 9.53
C GLU A 352 10.94 -27.79 8.54
N GLY A 353 11.73 -28.83 8.33
CA GLY A 353 11.32 -29.85 7.39
C GLY A 353 10.52 -30.94 8.05
N VAL A 354 11.21 -31.92 8.62
CA VAL A 354 10.58 -33.06 9.28
C VAL A 354 9.41 -32.65 10.16
N LYS A 355 9.72 -32.03 11.29
CA LYS A 355 8.74 -31.60 12.27
C LYS A 355 7.53 -30.84 11.75
N LYS A 356 7.63 -30.22 10.58
CA LYS A 356 6.50 -29.47 10.05
C LYS A 356 5.72 -30.08 8.89
N GLY A 357 6.06 -31.30 8.49
CA GLY A 357 5.30 -31.90 7.39
C GLY A 357 6.02 -32.07 6.07
N ARG A 358 7.03 -31.26 5.82
CA ARG A 358 7.80 -31.38 4.59
C ARG A 358 8.82 -32.46 4.89
N ILE A 359 9.39 -33.08 3.87
CA ILE A 359 10.39 -34.10 4.17
C ILE A 359 9.84 -35.19 5.11
N THR A 360 10.61 -36.24 5.26
CA THR A 360 10.28 -37.36 6.10
C THR A 360 11.45 -37.56 7.03
N LEU A 361 11.24 -38.27 8.12
CA LEU A 361 12.33 -38.50 9.02
C LEU A 361 13.43 -39.17 8.20
N ASN A 362 13.05 -39.98 7.23
CA ASN A 362 14.01 -40.68 6.37
C ASN A 362 14.60 -39.75 5.29
N GLN A 363 13.72 -38.96 4.66
CA GLN A 363 14.16 -38.02 3.63
C GLN A 363 15.19 -37.13 4.27
N PHE A 364 14.91 -36.75 5.52
CA PHE A 364 15.80 -35.90 6.31
C PHE A 364 17.22 -36.46 6.33
N VAL A 365 17.35 -37.69 6.81
CA VAL A 365 18.65 -38.34 6.89
C VAL A 365 19.27 -38.43 5.51
N ASP A 366 18.46 -38.66 4.50
CA ASP A 366 19.00 -38.75 3.15
C ASP A 366 19.53 -37.39 2.68
N ILE A 367 18.71 -36.36 2.78
CA ILE A 367 19.09 -35.03 2.35
C ILE A 367 20.29 -34.43 3.08
N VAL A 368 20.50 -34.82 4.33
CA VAL A 368 21.58 -34.26 5.11
C VAL A 368 22.81 -35.12 5.26
N SER A 369 22.69 -36.41 4.96
CA SER A 369 23.82 -37.31 5.11
C SER A 369 24.05 -38.29 3.97
N THR A 370 23.26 -39.35 3.93
CA THR A 370 23.39 -40.41 2.93
C THR A 370 23.58 -39.99 1.47
N ARG A 371 22.55 -39.35 0.89
CA ARG A 371 22.59 -38.90 -0.50
C ARG A 371 23.90 -38.21 -0.81
N ILE A 372 24.37 -37.40 0.12
CA ILE A 372 25.62 -36.68 -0.04
C ILE A 372 26.80 -37.64 -0.05
N ALA A 373 26.87 -38.51 0.96
CA ALA A 373 27.96 -39.47 1.06
C ALA A 373 28.12 -40.22 -0.26
N LYS A 374 26.98 -40.59 -0.83
CA LYS A 374 26.94 -41.33 -2.08
C LYS A 374 27.46 -40.51 -3.23
N LEU A 375 26.87 -39.34 -3.46
CA LEU A 375 27.32 -38.49 -4.56
C LEU A 375 28.80 -38.14 -4.50
N PHE A 376 29.37 -38.03 -3.30
CA PHE A 376 30.77 -37.65 -3.17
C PHE A 376 31.73 -38.75 -2.76
N GLY A 377 31.36 -39.98 -3.04
CA GLY A 377 32.20 -41.14 -2.76
C GLY A 377 32.67 -41.31 -1.33
N LEU A 378 31.74 -41.31 -0.38
CA LEU A 378 32.10 -41.50 1.02
C LEU A 378 31.26 -42.63 1.60
N PHE A 379 30.39 -43.18 0.77
CA PHE A 379 29.52 -44.27 1.19
C PHE A 379 30.19 -45.62 0.92
N PRO A 380 30.05 -46.58 1.85
CA PRO A 380 29.30 -46.49 3.11
C PRO A 380 30.18 -46.21 4.34
N LYS A 381 31.34 -45.61 4.11
CA LYS A 381 32.22 -45.29 5.23
C LYS A 381 31.47 -44.29 6.05
N LYS A 382 30.85 -43.35 5.35
CA LYS A 382 30.07 -42.29 5.98
C LYS A 382 28.67 -42.35 5.40
N GLY A 383 27.74 -41.61 5.97
CA GLY A 383 26.39 -41.54 5.44
C GLY A 383 25.35 -42.55 5.89
N THR A 384 25.69 -43.46 6.80
CA THR A 384 24.71 -44.44 7.23
C THR A 384 25.05 -45.15 8.55
N ILE A 385 24.04 -45.79 9.13
CA ILE A 385 24.23 -46.52 10.38
C ILE A 385 24.08 -47.99 10.07
N VAL A 386 25.18 -48.63 9.69
CA VAL A 386 25.16 -50.05 9.35
C VAL A 386 26.48 -50.75 9.64
N VAL A 387 26.39 -52.06 9.92
CA VAL A 387 27.58 -52.84 10.23
C VAL A 387 28.69 -52.57 9.20
N GLY A 388 29.84 -52.12 9.68
CA GLY A 388 30.95 -51.85 8.77
C GLY A 388 31.23 -50.38 8.56
N SER A 389 30.19 -49.56 8.64
CA SER A 389 30.35 -48.13 8.45
C SER A 389 31.00 -47.48 9.66
N ASP A 390 31.65 -46.34 9.45
CA ASP A 390 32.28 -45.62 10.56
C ASP A 390 31.20 -45.28 11.57
N ALA A 391 31.58 -45.24 12.84
CA ALA A 391 30.63 -44.93 13.89
C ALA A 391 30.39 -43.44 14.01
N ASP A 392 30.02 -42.80 12.91
CA ASP A 392 29.73 -41.36 12.91
C ASP A 392 28.26 -41.27 13.22
N LEU A 393 27.95 -41.03 14.50
CA LEU A 393 26.55 -40.98 14.94
C LEU A 393 26.15 -39.69 15.62
N VAL A 394 24.84 -39.47 15.69
CA VAL A 394 24.30 -38.30 16.33
C VAL A 394 23.11 -38.75 17.17
N ILE A 395 23.20 -38.52 18.48
CA ILE A 395 22.12 -38.86 19.38
C ILE A 395 21.33 -37.56 19.48
N PHE A 396 20.19 -37.56 18.80
CA PHE A 396 19.34 -36.39 18.67
C PHE A 396 18.06 -36.40 19.53
N ASP A 397 17.73 -35.23 20.07
CA ASP A 397 16.52 -35.09 20.86
C ASP A 397 15.54 -34.34 19.99
N PRO A 398 14.48 -35.01 19.52
CA PRO A 398 13.45 -34.44 18.65
C PRO A 398 12.41 -33.51 19.28
N ASN A 399 12.43 -33.38 20.61
CA ASN A 399 11.42 -32.55 21.24
C ASN A 399 11.89 -31.25 21.86
N ILE A 400 13.15 -31.21 22.28
CA ILE A 400 13.70 -29.99 22.86
C ILE A 400 13.41 -28.77 21.99
N GLU A 401 12.66 -27.82 22.54
CA GLU A 401 12.37 -26.60 21.81
C GLU A 401 13.42 -25.59 22.27
N ARG A 402 13.90 -24.76 21.36
CA ARG A 402 14.91 -23.79 21.72
C ARG A 402 14.93 -22.64 20.75
N VAL A 403 15.84 -21.70 20.97
CA VAL A 403 15.97 -20.55 20.10
C VAL A 403 17.41 -20.38 19.66
N ILE A 404 17.62 -20.34 18.35
CA ILE A 404 18.97 -20.17 17.83
C ILE A 404 19.43 -18.76 18.16
N SER A 405 20.56 -18.67 18.84
CA SER A 405 21.12 -17.39 19.22
C SER A 405 22.62 -17.42 19.17
N ALA A 406 23.20 -16.32 18.69
CA ALA A 406 24.66 -16.21 18.60
C ALA A 406 25.19 -16.28 20.03
N GLU A 407 24.29 -16.06 20.98
CA GLU A 407 24.65 -16.10 22.39
C GLU A 407 24.92 -17.56 22.77
N THR A 408 24.49 -18.47 21.92
CA THR A 408 24.65 -19.89 22.19
C THR A 408 25.45 -20.66 21.15
N HIS A 409 25.39 -20.23 19.89
CA HIS A 409 26.11 -20.95 18.85
C HIS A 409 27.59 -21.10 19.18
N HIS A 410 28.24 -22.10 18.58
CA HIS A 410 29.64 -22.36 18.83
C HIS A 410 30.55 -21.94 17.68
N MET A 411 30.06 -21.08 16.81
CA MET A 411 30.85 -20.60 15.70
C MET A 411 31.56 -19.34 16.21
N ALA A 412 32.72 -19.03 15.66
CA ALA A 412 33.47 -17.87 16.10
C ALA A 412 32.93 -16.53 15.59
N VAL A 413 31.74 -16.52 15.01
CA VAL A 413 31.20 -15.25 14.49
C VAL A 413 30.42 -14.48 15.53
N ASP A 414 30.40 -13.15 15.39
CA ASP A 414 29.70 -12.32 16.35
C ASP A 414 28.20 -12.30 16.14
N TYR A 415 27.70 -13.07 15.18
CA TYR A 415 26.26 -13.12 14.94
C TYR A 415 25.82 -14.45 14.32
N ASN A 416 24.51 -14.64 14.24
CA ASN A 416 23.92 -15.85 13.69
C ASN A 416 22.72 -15.48 12.82
N ALA A 417 22.77 -15.82 11.54
CA ALA A 417 21.70 -15.49 10.59
C ALA A 417 20.30 -15.93 11.02
N PHE A 418 20.21 -16.87 11.96
CA PHE A 418 18.91 -17.38 12.42
C PHE A 418 18.63 -16.97 13.86
N GLU A 419 19.17 -15.80 14.26
CA GLU A 419 19.00 -15.27 15.61
C GLU A 419 17.55 -15.13 15.98
N GLY A 420 17.19 -15.69 17.13
CA GLY A 420 15.82 -15.59 17.60
C GLY A 420 14.91 -16.66 17.04
N MET A 421 15.38 -17.39 16.05
CA MET A 421 14.57 -18.43 15.44
C MET A 421 14.28 -19.55 16.42
N LYS A 422 13.01 -19.94 16.53
CA LYS A 422 12.65 -21.04 17.40
C LYS A 422 12.83 -22.33 16.61
N VAL A 423 13.44 -23.33 17.25
CA VAL A 423 13.70 -24.60 16.58
C VAL A 423 13.37 -25.79 17.47
N THR A 424 12.81 -26.84 16.88
CA THR A 424 12.50 -28.03 17.65
C THR A 424 13.52 -29.09 17.29
N GLY A 425 14.04 -29.75 18.33
CA GLY A 425 15.03 -30.78 18.14
C GLY A 425 16.45 -30.25 18.32
N GLU A 426 17.32 -31.07 18.88
CA GLU A 426 18.70 -30.66 19.11
C GLU A 426 19.64 -31.84 19.35
N PRO A 427 20.87 -31.75 18.82
CA PRO A 427 21.85 -32.83 18.99
C PRO A 427 22.30 -32.87 20.46
N VAL A 428 22.34 -34.07 21.02
CA VAL A 428 22.74 -34.21 22.41
C VAL A 428 24.15 -34.77 22.48
N SER A 429 24.42 -35.81 21.72
CA SER A 429 25.75 -36.41 21.67
C SER A 429 26.12 -36.68 20.22
N VAL A 430 27.30 -36.25 19.82
CA VAL A 430 27.76 -36.44 18.47
C VAL A 430 29.11 -37.13 18.49
N LEU A 431 29.20 -38.35 17.98
CA LEU A 431 30.47 -39.03 17.95
C LEU A 431 30.93 -39.38 16.55
N CYS A 432 32.22 -39.19 16.30
CA CYS A 432 32.85 -39.46 15.01
C CYS A 432 33.74 -40.67 15.16
N ARG A 433 33.47 -41.71 14.38
CA ARG A 433 34.27 -42.92 14.45
C ARG A 433 34.40 -43.47 15.87
N GLY A 434 33.26 -43.76 16.49
CA GLY A 434 33.26 -44.32 17.83
C GLY A 434 33.64 -43.44 19.01
N GLU A 435 34.26 -42.30 18.73
CA GLU A 435 34.69 -41.38 19.79
C GLU A 435 33.76 -40.17 19.89
N PHE A 436 33.36 -39.82 21.10
CA PHE A 436 32.51 -38.66 21.29
C PHE A 436 33.27 -37.41 20.91
N VAL A 437 32.57 -36.48 20.28
CA VAL A 437 33.13 -35.20 19.89
C VAL A 437 32.34 -34.18 20.71
N VAL A 438 31.11 -34.56 21.02
CA VAL A 438 30.21 -33.74 21.80
C VAL A 438 29.32 -34.67 22.59
N ARG A 439 29.52 -34.72 23.90
CA ARG A 439 28.69 -35.55 24.74
C ARG A 439 27.85 -34.66 25.64
N ASP A 440 26.56 -34.93 25.68
CA ASP A 440 25.62 -34.17 26.49
C ASP A 440 25.79 -32.68 26.29
N LYS A 441 25.61 -32.26 25.04
CA LYS A 441 25.72 -30.85 24.65
C LYS A 441 26.98 -30.15 25.17
N GLN A 442 28.03 -30.94 25.38
CA GLN A 442 29.29 -30.40 25.86
C GLN A 442 30.44 -30.97 25.04
N PHE A 443 31.34 -30.08 24.58
CA PHE A 443 32.48 -30.48 23.75
C PHE A 443 33.50 -31.34 24.50
N VAL A 444 33.94 -32.42 23.86
CA VAL A 444 34.91 -33.33 24.45
C VAL A 444 35.91 -33.86 23.42
N GLY A 445 35.92 -33.24 22.24
CA GLY A 445 36.84 -33.67 21.19
C GLY A 445 38.20 -33.02 21.33
N LYS A 446 39.05 -33.22 20.33
CA LYS A 446 40.39 -32.66 20.35
C LYS A 446 40.79 -32.30 18.93
N PRO A 447 41.12 -31.02 18.68
CA PRO A 447 41.51 -30.65 17.32
C PRO A 447 42.64 -31.54 16.84
N GLY A 448 42.45 -32.12 15.65
CA GLY A 448 43.44 -33.01 15.08
C GLY A 448 42.90 -34.44 14.98
N TYR A 449 41.84 -34.72 15.75
CA TYR A 449 41.23 -36.04 15.74
C TYR A 449 40.65 -36.31 14.38
N GLY A 450 40.11 -35.25 13.77
CA GLY A 450 39.53 -35.37 12.44
C GLY A 450 40.61 -35.71 11.43
N GLN A 451 40.29 -36.61 10.52
CA GLN A 451 41.27 -37.01 9.53
C GLN A 451 40.76 -36.74 8.11
N TYR A 452 41.70 -36.51 7.21
CA TYR A 452 41.37 -36.24 5.81
C TYR A 452 40.73 -37.48 5.18
N LEU A 453 39.91 -37.24 4.17
CA LEU A 453 39.23 -38.34 3.49
C LEU A 453 39.47 -38.36 2.00
N LYS A 454 40.05 -39.45 1.52
CA LYS A 454 40.26 -39.63 0.09
C LYS A 454 38.89 -40.15 -0.35
N ARG A 455 38.33 -39.60 -1.43
CA ARG A 455 37.00 -40.02 -1.87
C ARG A 455 36.90 -40.85 -3.16
N ALA A 456 35.89 -41.71 -3.20
CA ALA A 456 35.65 -42.58 -4.34
C ALA A 456 35.58 -41.82 -5.65
N LYS A 457 35.87 -42.52 -6.74
CA LYS A 457 35.88 -41.94 -8.07
C LYS A 457 34.49 -41.73 -8.65
N TYR A 458 33.50 -41.47 -7.82
CA TYR A 458 32.14 -41.29 -8.34
C TYR A 458 31.65 -42.71 -8.71
N GLY A 459 32.31 -43.70 -8.08
CA GLY A 459 31.99 -45.10 -8.27
C GLY A 459 31.69 -45.70 -6.91
N THR A 460 31.81 -47.01 -6.78
CA THR A 460 31.55 -47.72 -5.50
C THR A 460 32.28 -47.16 -4.26
N MET B 1 12.38 -71.31 15.68
CA MET B 1 13.71 -71.98 15.63
C MET B 1 14.75 -71.08 14.96
N THR B 2 15.61 -70.49 15.78
CA THR B 2 16.68 -69.58 15.36
C THR B 2 17.52 -70.01 14.15
N LYS B 3 17.87 -69.04 13.31
CA LYS B 3 18.69 -69.28 12.12
C LYS B 3 19.72 -68.16 11.99
N ILE B 4 20.79 -68.42 11.23
CA ILE B 4 21.83 -67.43 11.01
C ILE B 4 22.32 -67.50 9.57
N ILE B 5 22.10 -66.44 8.81
CA ILE B 5 22.58 -66.40 7.44
C ILE B 5 23.92 -65.63 7.47
N LYS B 6 25.01 -66.36 7.28
CA LYS B 6 26.34 -65.78 7.34
C LYS B 6 27.09 -65.68 6.03
N ASN B 7 28.12 -64.83 6.04
CA ASN B 7 28.99 -64.63 4.88
C ASN B 7 28.34 -64.06 3.64
N GLY B 8 27.19 -63.42 3.81
CA GLY B 8 26.52 -62.85 2.66
C GLY B 8 26.77 -61.36 2.55
N THR B 9 26.48 -60.79 1.38
CA THR B 9 26.66 -59.37 1.19
C THR B 9 25.24 -58.81 1.24
N ILE B 10 24.97 -58.06 2.30
CA ILE B 10 23.66 -57.46 2.49
C ILE B 10 23.48 -56.24 1.60
N VAL B 11 22.34 -56.18 0.93
CA VAL B 11 22.06 -55.07 0.04
C VAL B 11 20.63 -54.55 0.22
N THR B 12 20.49 -53.44 0.95
CA THR B 12 19.17 -52.86 1.15
C THR B 12 19.02 -51.77 0.11
N ALA B 13 17.95 -51.00 0.21
CA ALA B 13 17.71 -49.91 -0.74
C ALA B 13 18.76 -48.81 -0.57
N THR B 14 19.51 -48.88 0.53
CA THR B 14 20.52 -47.88 0.82
C THR B 14 21.88 -48.47 1.09
N ASP B 15 21.92 -49.51 1.90
CA ASP B 15 23.19 -50.10 2.28
C ASP B 15 23.65 -51.30 1.51
N THR B 16 24.95 -51.55 1.59
CA THR B 16 25.60 -52.68 0.93
C THR B 16 26.77 -53.00 1.82
N TYR B 17 26.64 -54.04 2.63
CA TYR B 17 27.70 -54.41 3.55
C TYR B 17 27.71 -55.90 3.78
N GLU B 18 28.76 -56.36 4.46
CA GLU B 18 28.91 -57.77 4.78
C GLU B 18 28.67 -58.00 6.26
N ALA B 19 27.78 -58.92 6.57
CA ALA B 19 27.46 -59.23 7.95
C ALA B 19 26.60 -60.49 7.96
N HIS B 20 26.24 -60.93 9.15
CA HIS B 20 25.40 -62.10 9.30
C HIS B 20 24.07 -61.65 9.87
N LEU B 21 23.03 -62.38 9.55
CA LEU B 21 21.73 -62.03 10.06
C LEU B 21 21.29 -63.12 11.02
N LEU B 22 20.89 -62.71 12.22
CA LEU B 22 20.40 -63.66 13.20
C LEU B 22 18.89 -63.54 13.14
N ILE B 23 18.24 -64.56 12.60
CA ILE B 23 16.78 -64.55 12.50
C ILE B 23 16.21 -65.17 13.77
N LYS B 24 15.19 -64.56 14.34
CA LYS B 24 14.61 -65.08 15.55
C LYS B 24 13.13 -65.44 15.42
N ASP B 25 12.25 -64.55 15.86
CA ASP B 25 10.82 -64.83 15.78
C ASP B 25 10.26 -64.65 14.39
N GLY B 26 10.98 -65.16 13.40
CA GLY B 26 10.54 -65.00 12.02
C GLY B 26 10.90 -63.60 11.58
N LYS B 27 11.59 -62.88 12.46
CA LYS B 27 12.00 -61.51 12.21
C LYS B 27 13.52 -61.45 12.35
N ILE B 28 14.09 -60.34 11.92
CA ILE B 28 15.52 -60.15 12.03
C ILE B 28 15.82 -59.67 13.46
N ALA B 29 16.52 -60.51 14.21
CA ALA B 29 16.87 -60.24 15.59
C ALA B 29 18.07 -59.32 15.69
N MET B 30 19.11 -59.63 14.93
CA MET B 30 20.29 -58.78 14.94
C MET B 30 21.23 -59.01 13.77
N ILE B 31 21.99 -57.97 13.44
CA ILE B 31 22.93 -58.00 12.34
C ILE B 31 24.31 -57.69 12.88
N GLY B 32 25.31 -58.37 12.33
CA GLY B 32 26.68 -58.17 12.76
C GLY B 32 27.53 -59.22 12.10
N GLN B 33 28.80 -59.26 12.44
CA GLN B 33 29.69 -60.25 11.85
C GLN B 33 30.10 -61.33 12.85
N ASN B 34 30.41 -62.50 12.34
CA ASN B 34 30.82 -63.62 13.16
C ASN B 34 29.80 -63.89 14.26
N LEU B 35 28.54 -63.97 13.86
CA LEU B 35 27.48 -64.22 14.82
C LEU B 35 27.51 -65.70 15.19
N GLU B 36 27.07 -66.00 16.40
CA GLU B 36 27.01 -67.39 16.90
C GLU B 36 25.92 -67.56 17.94
N GLU B 37 25.36 -68.76 17.98
CA GLU B 37 24.30 -69.08 18.93
C GLU B 37 23.97 -70.57 18.80
N LYS B 38 24.33 -71.37 19.80
CA LYS B 38 24.07 -72.81 19.76
C LYS B 38 22.66 -73.08 19.25
N GLY B 39 22.57 -73.94 18.24
CA GLY B 39 21.29 -74.24 17.64
C GLY B 39 20.86 -73.03 16.82
N ALA B 40 21.17 -73.04 15.53
CA ALA B 40 20.81 -71.92 14.67
C ALA B 40 20.73 -72.32 13.19
N GLU B 41 21.00 -73.58 12.90
CA GLU B 41 20.95 -74.07 11.53
C GLU B 41 21.99 -73.39 10.63
N VAL B 42 22.54 -72.27 11.09
CA VAL B 42 23.57 -71.55 10.35
C VAL B 42 23.62 -71.79 8.84
N ILE B 43 23.01 -70.89 8.07
CA ILE B 43 22.98 -70.98 6.61
C ILE B 43 24.19 -70.21 6.07
N ASP B 44 24.87 -70.76 5.07
CA ASP B 44 26.04 -70.10 4.50
C ASP B 44 25.68 -69.39 3.21
N ALA B 45 25.99 -68.10 3.12
CA ALA B 45 25.66 -67.33 1.93
C ALA B 45 26.86 -66.77 1.17
N LYS B 46 28.04 -67.35 1.41
CA LYS B 46 29.26 -66.89 0.75
C LYS B 46 28.98 -66.64 -0.74
N GLY B 47 29.64 -65.63 -1.29
CA GLY B 47 29.44 -65.32 -2.69
C GLY B 47 28.01 -65.09 -3.11
N CYS B 48 27.23 -64.48 -2.23
CA CYS B 48 25.84 -64.20 -2.53
C CYS B 48 25.36 -62.88 -1.95
N TYR B 49 24.31 -62.32 -2.54
CA TYR B 49 23.75 -61.09 -2.03
C TYR B 49 22.56 -61.53 -1.18
N VAL B 50 22.15 -60.69 -0.25
CA VAL B 50 20.99 -61.01 0.58
C VAL B 50 20.08 -59.79 0.45
N PHE B 51 19.01 -59.96 -0.33
CA PHE B 51 18.06 -58.88 -0.59
C PHE B 51 16.82 -59.02 0.22
N PRO B 52 16.11 -57.91 0.41
CA PRO B 52 14.86 -57.99 1.15
C PRO B 52 13.94 -58.65 0.12
N GLY B 53 13.15 -59.64 0.52
CA GLY B 53 12.27 -60.29 -0.43
C GLY B 53 11.58 -59.28 -1.32
N GLY B 54 11.35 -59.65 -2.59
CA GLY B 54 10.71 -58.72 -3.49
C GLY B 54 9.22 -58.59 -3.22
N ILE B 55 8.64 -57.47 -3.61
CA ILE B 55 7.21 -57.26 -3.40
C ILE B 55 6.58 -56.91 -4.75
N ASP B 56 5.62 -57.73 -5.19
CA ASP B 56 4.95 -57.50 -6.45
C ASP B 56 3.59 -56.89 -6.19
N PRO B 57 3.45 -55.59 -6.43
CA PRO B 57 2.17 -54.91 -6.19
C PRO B 57 1.18 -55.07 -7.32
N HIS B 58 1.57 -55.78 -8.36
CA HIS B 58 0.65 -55.94 -9.49
C HIS B 58 0.43 -57.40 -9.83
N THR B 59 -0.54 -58.01 -9.17
CA THR B 59 -0.86 -59.43 -9.34
C THR B 59 -2.32 -59.70 -9.67
N HIS B 60 -2.55 -60.70 -10.52
CA HIS B 60 -3.89 -61.14 -10.91
C HIS B 60 -3.82 -62.67 -10.93
N LEU B 61 -4.05 -63.31 -9.78
CA LEU B 61 -3.96 -64.77 -9.74
C LEU B 61 -5.20 -65.59 -10.10
N ASP B 62 -6.16 -65.70 -9.19
CA ASP B 62 -7.33 -66.49 -9.54
C ASP B 62 -8.31 -65.66 -10.34
N MET B 63 -7.84 -64.57 -10.92
CA MET B 63 -8.74 -63.69 -11.67
C MET B 63 -9.25 -64.34 -12.95
N PRO B 64 -10.51 -64.06 -13.29
CA PRO B 64 -11.20 -64.58 -14.48
C PRO B 64 -11.33 -63.56 -15.62
N LEU B 65 -10.64 -63.78 -16.74
CA LEU B 65 -10.74 -62.86 -17.88
C LEU B 65 -11.38 -63.53 -19.09
N GLY B 66 -12.69 -63.72 -19.00
CA GLY B 66 -13.45 -64.35 -20.05
C GLY B 66 -14.22 -65.53 -19.48
N GLY B 67 -14.49 -66.51 -20.34
CA GLY B 67 -15.20 -67.70 -19.88
C GLY B 67 -14.15 -68.55 -19.20
N THR B 68 -12.92 -68.04 -19.22
CA THR B 68 -11.77 -68.71 -18.63
C THR B 68 -11.19 -67.94 -17.44
N VAL B 69 -10.23 -68.59 -16.78
CA VAL B 69 -9.56 -68.03 -15.62
C VAL B 69 -8.04 -68.22 -15.76
N THR B 70 -7.28 -67.35 -15.12
CA THR B 70 -5.82 -67.40 -15.14
C THR B 70 -5.31 -68.83 -14.89
N LYS B 71 -4.34 -69.27 -15.69
CA LYS B 71 -3.80 -70.61 -15.53
C LYS B 71 -3.18 -70.74 -14.15
N ASP B 72 -2.54 -69.69 -13.67
CA ASP B 72 -1.93 -69.71 -12.36
C ASP B 72 -2.91 -69.21 -11.31
N ASP B 73 -3.12 -70.00 -10.27
CA ASP B 73 -4.03 -69.62 -9.19
C ASP B 73 -3.17 -69.11 -8.05
N PHE B 74 -3.79 -68.77 -6.92
CA PHE B 74 -3.00 -68.28 -5.82
C PHE B 74 -1.93 -69.24 -5.31
N GLU B 75 -2.08 -70.52 -5.60
CA GLU B 75 -1.10 -71.48 -5.12
C GLU B 75 0.15 -71.53 -6.00
N SER B 76 -0.05 -71.81 -7.27
CA SER B 76 1.05 -71.88 -8.24
C SER B 76 1.75 -70.54 -8.33
N GLY B 77 0.94 -69.48 -8.47
CA GLY B 77 1.47 -68.15 -8.56
C GLY B 77 2.38 -67.80 -7.40
N THR B 78 1.96 -68.17 -6.19
CA THR B 78 2.75 -67.88 -5.00
C THR B 78 4.10 -68.57 -5.04
N ILE B 79 4.09 -69.83 -5.45
CA ILE B 79 5.32 -70.59 -5.55
C ILE B 79 6.22 -69.97 -6.61
N ALA B 80 5.62 -69.66 -7.76
CA ALA B 80 6.37 -69.05 -8.84
C ALA B 80 7.11 -67.81 -8.32
N ALA B 81 6.35 -66.86 -7.79
CA ALA B 81 6.92 -65.65 -7.23
C ALA B 81 8.00 -65.99 -6.20
N ALA B 82 7.75 -67.01 -5.38
CA ALA B 82 8.72 -67.42 -4.39
C ALA B 82 10.06 -67.76 -5.04
N PHE B 83 10.01 -68.55 -6.11
CA PHE B 83 11.23 -68.91 -6.81
C PHE B 83 11.84 -67.69 -7.43
N GLY B 84 11.01 -66.77 -7.89
CA GLY B 84 11.50 -65.55 -8.52
C GLY B 84 12.12 -64.52 -7.59
N GLY B 85 12.13 -64.79 -6.30
CA GLY B 85 12.71 -63.84 -5.34
C GLY B 85 11.69 -62.89 -4.75
N THR B 86 10.42 -63.12 -5.04
CA THR B 86 9.35 -62.28 -4.53
C THR B 86 8.69 -63.01 -3.35
N THR B 87 8.58 -62.35 -2.21
CA THR B 87 7.99 -62.96 -1.03
C THR B 87 6.69 -62.32 -0.54
N THR B 88 6.20 -61.34 -1.28
CA THR B 88 4.96 -60.66 -0.89
C THR B 88 4.28 -60.15 -2.13
N ILE B 89 3.01 -60.42 -2.30
CA ILE B 89 2.29 -59.94 -3.47
C ILE B 89 1.05 -59.20 -3.04
N ILE B 90 0.57 -58.31 -3.90
CA ILE B 90 -0.64 -57.58 -3.61
C ILE B 90 -1.51 -57.77 -4.85
N ASP B 91 -2.48 -58.67 -4.75
CA ASP B 91 -3.39 -59.00 -5.85
C ASP B 91 -4.59 -58.05 -5.92
N PHE B 92 -5.12 -57.86 -7.13
CA PHE B 92 -6.25 -56.97 -7.34
C PHE B 92 -7.60 -57.65 -7.17
N CYS B 93 -8.25 -57.39 -6.04
CA CYS B 93 -9.57 -57.95 -5.77
C CYS B 93 -10.62 -57.18 -6.59
N LEU B 94 -11.16 -57.85 -7.60
CA LEU B 94 -12.16 -57.23 -8.47
C LEU B 94 -13.54 -57.04 -7.86
N THR B 95 -14.27 -56.05 -8.37
CA THR B 95 -15.58 -55.69 -7.87
C THR B 95 -16.66 -55.59 -8.94
N ASN B 96 -17.89 -55.90 -8.54
CA ASN B 96 -19.05 -55.84 -9.44
C ASN B 96 -19.99 -54.75 -8.96
N LYS B 97 -20.61 -54.03 -9.89
CA LYS B 97 -21.52 -52.95 -9.53
C LYS B 97 -22.74 -53.44 -8.77
N GLY B 98 -23.28 -52.57 -7.93
CA GLY B 98 -24.47 -52.92 -7.15
C GLY B 98 -24.21 -53.92 -6.05
N GLU B 99 -23.18 -54.75 -6.25
CA GLU B 99 -22.81 -55.77 -5.28
C GLU B 99 -21.89 -55.20 -4.19
N PRO B 100 -22.20 -55.48 -2.90
CA PRO B 100 -21.42 -55.01 -1.74
C PRO B 100 -19.95 -55.40 -1.79
N LEU B 101 -19.08 -54.42 -1.54
CA LEU B 101 -17.64 -54.61 -1.57
C LEU B 101 -17.09 -55.74 -0.71
N LYS B 102 -17.69 -55.95 0.46
CA LYS B 102 -17.21 -57.01 1.35
C LYS B 102 -17.49 -58.39 0.78
N LYS B 103 -18.36 -58.45 -0.21
CA LYS B 103 -18.69 -59.69 -0.89
C LYS B 103 -17.42 -60.12 -1.62
N ALA B 104 -16.98 -59.26 -2.52
CA ALA B 104 -15.78 -59.50 -3.30
C ALA B 104 -14.56 -59.76 -2.42
N ILE B 105 -14.37 -58.93 -1.42
CA ILE B 105 -13.22 -59.09 -0.53
C ILE B 105 -13.13 -60.49 0.07
N GLU B 106 -14.27 -61.08 0.40
CA GLU B 106 -14.24 -62.42 0.96
C GLU B 106 -14.01 -63.44 -0.13
N THR B 107 -14.56 -63.20 -1.31
CA THR B 107 -14.38 -64.09 -2.45
C THR B 107 -12.87 -64.24 -2.66
N TRP B 108 -12.18 -63.11 -2.60
CA TRP B 108 -10.74 -63.09 -2.78
C TRP B 108 -10.04 -63.78 -1.64
N HIS B 109 -10.45 -63.47 -0.41
CA HIS B 109 -9.85 -64.12 0.74
C HIS B 109 -9.89 -65.62 0.57
N ASN B 110 -10.96 -66.12 -0.07
CA ASN B 110 -11.11 -67.56 -0.29
C ASN B 110 -10.11 -68.03 -1.33
N LYS B 111 -9.99 -67.28 -2.42
CA LYS B 111 -9.04 -67.63 -3.47
C LYS B 111 -7.64 -67.83 -2.90
N ALA B 112 -7.27 -66.97 -1.95
CA ALA B 112 -5.95 -67.02 -1.34
C ALA B 112 -5.83 -67.97 -0.17
N ASN B 113 -6.85 -67.98 0.67
CA ASN B 113 -6.93 -68.83 1.87
C ASN B 113 -6.27 -70.19 1.79
N GLY B 114 -5.25 -70.39 2.63
CA GLY B 114 -4.55 -71.67 2.67
C GLY B 114 -3.79 -72.15 1.45
N LYS B 115 -3.68 -71.30 0.43
CA LYS B 115 -2.97 -71.68 -0.79
C LYS B 115 -1.70 -70.86 -0.98
N ALA B 116 -1.63 -69.72 -0.30
CA ALA B 116 -0.46 -68.87 -0.42
C ALA B 116 0.76 -69.46 0.24
N VAL B 117 1.89 -69.45 -0.47
CA VAL B 117 3.14 -69.96 0.06
C VAL B 117 3.91 -68.83 0.73
N ILE B 118 3.60 -67.61 0.32
CA ILE B 118 4.19 -66.38 0.87
C ILE B 118 3.06 -65.41 1.22
N ASP B 119 3.40 -64.30 1.87
CA ASP B 119 2.36 -63.35 2.28
C ASP B 119 1.75 -62.55 1.14
N TYR B 120 0.58 -61.98 1.38
CA TYR B 120 -0.11 -61.24 0.34
C TYR B 120 -1.12 -60.23 0.90
N GLY B 121 -1.62 -59.36 0.03
CA GLY B 121 -2.59 -58.36 0.41
C GLY B 121 -3.49 -58.11 -0.78
N PHE B 122 -4.41 -57.16 -0.68
CA PHE B 122 -5.30 -56.90 -1.80
C PHE B 122 -5.46 -55.44 -2.12
N HIS B 123 -5.93 -55.20 -3.33
CA HIS B 123 -6.22 -53.87 -3.82
C HIS B 123 -7.73 -54.00 -4.08
N LEU B 124 -8.50 -52.97 -3.82
CA LEU B 124 -9.92 -53.09 -4.06
C LEU B 124 -10.31 -52.36 -5.34
N MET B 125 -10.90 -53.08 -6.27
CA MET B 125 -11.31 -52.45 -7.52
C MET B 125 -12.54 -51.58 -7.28
N ILE B 126 -12.63 -50.49 -8.03
CA ILE B 126 -13.77 -49.59 -7.90
C ILE B 126 -14.29 -49.22 -9.29
N SER B 127 -15.56 -49.53 -9.53
CA SER B 127 -16.21 -49.27 -10.82
C SER B 127 -17.33 -48.25 -10.67
N GLU B 128 -17.62 -47.89 -9.43
CA GLU B 128 -18.68 -46.93 -9.15
C GLU B 128 -18.62 -46.48 -7.70
N ILE B 129 -19.03 -45.23 -7.47
CA ILE B 129 -19.07 -44.66 -6.13
C ILE B 129 -20.53 -44.46 -5.70
N THR B 130 -21.02 -45.40 -4.89
CA THR B 130 -22.38 -45.38 -4.39
C THR B 130 -22.35 -44.96 -2.93
N ASP B 131 -23.49 -44.52 -2.42
CA ASP B 131 -23.56 -44.14 -1.02
C ASP B 131 -23.16 -45.37 -0.22
N ASP B 132 -23.56 -46.53 -0.72
CA ASP B 132 -23.25 -47.80 -0.07
C ASP B 132 -21.76 -48.02 -0.08
N VAL B 133 -21.13 -47.65 -1.20
CA VAL B 133 -19.68 -47.80 -1.34
C VAL B 133 -18.99 -46.87 -0.35
N LEU B 134 -19.42 -45.61 -0.32
CA LEU B 134 -18.85 -44.62 0.58
C LEU B 134 -18.92 -45.08 2.04
N GLU B 135 -19.93 -45.87 2.37
CA GLU B 135 -20.09 -46.36 3.73
C GLU B 135 -19.14 -47.50 4.06
N GLU B 136 -18.86 -48.32 3.06
CA GLU B 136 -17.96 -49.45 3.26
C GLU B 136 -16.49 -49.08 3.27
N LEU B 137 -16.08 -48.24 2.34
CA LEU B 137 -14.69 -47.82 2.23
C LEU B 137 -13.99 -47.64 3.58
N PRO B 138 -14.53 -46.77 4.44
CA PRO B 138 -13.90 -46.56 5.75
C PRO B 138 -13.71 -47.86 6.50
N LYS B 139 -14.69 -48.75 6.39
CA LYS B 139 -14.63 -50.05 7.06
C LYS B 139 -13.58 -50.90 6.36
N VAL B 140 -13.57 -50.81 5.03
CA VAL B 140 -12.61 -51.54 4.21
C VAL B 140 -11.19 -51.16 4.60
N LEU B 141 -11.02 -49.97 5.16
CA LEU B 141 -9.70 -49.54 5.58
C LEU B 141 -9.32 -50.14 6.91
N GLU B 142 -10.16 -49.92 7.93
CA GLU B 142 -9.91 -50.45 9.28
C GLU B 142 -9.96 -51.97 9.34
N GLU B 143 -11.08 -52.55 8.97
CA GLU B 143 -11.21 -54.00 8.96
C GLU B 143 -10.77 -54.35 7.54
N GLU B 144 -9.73 -55.18 7.42
CA GLU B 144 -9.17 -55.54 6.12
C GLU B 144 -8.20 -54.40 5.78
N GLY B 145 -6.90 -54.67 5.82
CA GLY B 145 -5.96 -53.61 5.53
C GLY B 145 -5.91 -53.20 4.07
N ILE B 146 -7.07 -52.96 3.45
CA ILE B 146 -7.11 -52.55 2.05
C ILE B 146 -7.04 -51.03 1.96
N THR B 147 -5.84 -50.50 1.75
CA THR B 147 -5.65 -49.05 1.70
C THR B 147 -5.28 -48.53 0.33
N SER B 148 -5.49 -49.36 -0.69
CA SER B 148 -5.20 -48.95 -2.07
C SER B 148 -6.39 -49.33 -2.93
N LEU B 149 -7.18 -48.52 -3.34
CA LEU B 149 -8.36 -48.59 -4.23
C LEU B 149 -7.91 -48.36 -5.71
N VAL B 151 -8.52 -48.07 -10.25
CA VAL B 151 -9.57 -47.73 -11.26
C VAL B 151 -9.13 -48.02 -12.69
N PHE B 152 -10.07 -48.51 -13.55
CA PHE B 152 -9.72 -48.73 -14.95
C PHE B 152 -10.29 -47.61 -15.78
N MET B 153 -9.43 -46.97 -16.55
CA MET B 153 -9.89 -45.90 -17.41
C MET B 153 -10.20 -46.49 -18.77
N ALA B 154 -9.78 -47.73 -18.96
CA ALA B 154 -10.02 -48.46 -20.19
C ALA B 154 -10.89 -49.68 -19.90
N TYR B 155 -11.02 -50.57 -20.89
CA TYR B 155 -11.83 -51.77 -20.76
C TYR B 155 -13.30 -51.37 -20.62
N LYS B 156 -13.76 -50.58 -21.59
CA LYS B 156 -15.13 -50.11 -21.61
C LYS B 156 -16.12 -51.27 -21.41
N ASN B 157 -17.20 -50.99 -20.68
CA ASN B 157 -18.23 -51.99 -20.40
C ASN B 157 -17.69 -53.25 -19.71
N VAL B 158 -16.63 -53.13 -18.94
CA VAL B 158 -16.07 -54.29 -18.27
C VAL B 158 -15.41 -53.93 -16.94
N PHE B 159 -14.76 -52.77 -16.89
CA PHE B 159 -14.11 -52.30 -15.67
C PHE B 159 -14.11 -50.78 -15.63
N GLN B 160 -14.11 -50.19 -16.83
CA GLN B 160 -14.07 -48.75 -17.01
C GLN B 160 -14.97 -47.91 -16.10
N ALA B 161 -14.49 -46.70 -15.77
CA ALA B 161 -15.20 -45.75 -14.92
C ALA B 161 -15.04 -44.35 -15.48
N ASP B 162 -16.10 -43.54 -15.41
CA ASP B 162 -16.01 -42.18 -15.93
C ASP B 162 -15.14 -41.34 -15.00
N ASP B 163 -14.70 -40.19 -15.50
CA ASP B 163 -13.84 -39.30 -14.72
C ASP B 163 -14.51 -38.89 -13.41
N GLY B 164 -15.84 -38.88 -13.39
CA GLY B 164 -16.56 -38.53 -12.18
C GLY B 164 -16.29 -39.59 -11.13
N THR B 165 -16.31 -40.84 -11.55
CA THR B 165 -16.07 -41.91 -10.61
C THR B 165 -14.63 -41.81 -10.16
N LEU B 166 -13.73 -41.57 -11.10
CA LEU B 166 -12.30 -41.46 -10.79
C LEU B 166 -12.07 -40.32 -9.84
N TYR B 167 -12.68 -39.18 -10.14
CA TYR B 167 -12.53 -37.99 -9.32
C TYR B 167 -13.03 -38.18 -7.88
N CYS B 168 -14.27 -38.65 -7.71
CA CYS B 168 -14.79 -38.87 -6.36
C CYS B 168 -13.96 -39.92 -5.61
N THR B 169 -13.39 -40.88 -6.34
CA THR B 169 -12.56 -41.89 -5.71
C THR B 169 -11.33 -41.20 -5.15
N LEU B 170 -10.75 -40.32 -5.96
CA LEU B 170 -9.57 -39.59 -5.55
C LEU B 170 -9.86 -38.84 -4.26
N LEU B 171 -11.03 -38.20 -4.18
CA LEU B 171 -11.41 -37.47 -2.98
C LEU B 171 -11.55 -38.44 -1.81
N ALA B 172 -12.42 -39.41 -1.99
CA ALA B 172 -12.65 -40.39 -0.95
C ALA B 172 -11.29 -40.86 -0.45
N ALA B 173 -10.41 -41.17 -1.40
CA ALA B 173 -9.07 -41.65 -1.08
C ALA B 173 -8.29 -40.68 -0.23
N LYS B 174 -8.25 -39.43 -0.64
CA LYS B 174 -7.52 -38.41 0.08
C LYS B 174 -8.06 -38.33 1.50
N GLU B 175 -9.38 -38.33 1.58
CA GLU B 175 -10.09 -38.25 2.84
C GLU B 175 -9.82 -39.45 3.74
N LEU B 176 -10.11 -40.65 3.23
CA LEU B 176 -9.91 -41.88 3.99
C LEU B 176 -8.46 -42.30 4.22
N GLY B 177 -7.54 -41.81 3.38
CA GLY B 177 -6.15 -42.19 3.51
C GLY B 177 -5.78 -43.42 2.69
N ALA B 178 -6.17 -43.42 1.43
CA ALA B 178 -5.90 -44.53 0.51
C ALA B 178 -5.19 -44.02 -0.72
N LEU B 179 -4.53 -44.91 -1.43
CA LEU B 179 -3.83 -44.53 -2.65
C LEU B 179 -4.62 -45.00 -3.84
N VAL B 180 -4.93 -44.08 -4.74
CA VAL B 180 -5.69 -44.44 -5.93
C VAL B 180 -4.76 -44.97 -7.02
N MET B 181 -5.03 -46.16 -7.51
CA MET B 181 -4.23 -46.74 -8.57
C MET B 181 -5.04 -46.60 -9.85
N VAL B 182 -4.37 -46.48 -10.99
CA VAL B 182 -5.08 -46.29 -12.24
C VAL B 182 -4.50 -47.02 -13.45
N HIS B 183 -5.39 -47.61 -14.25
CA HIS B 183 -4.98 -48.27 -15.50
C HIS B 183 -5.29 -47.16 -16.50
N ALA B 184 -4.27 -46.39 -16.88
CA ALA B 184 -4.44 -45.24 -17.76
C ALA B 184 -4.42 -45.45 -19.26
N GLU B 185 -5.57 -45.72 -19.85
CA GLU B 185 -5.70 -45.91 -21.29
C GLU B 185 -7.07 -45.38 -21.63
N ASN B 186 -7.18 -44.63 -22.72
CA ASN B 186 -8.47 -44.06 -23.09
C ASN B 186 -9.41 -45.12 -23.68
N GLY B 187 -10.15 -45.76 -22.79
CA GLY B 187 -11.07 -46.80 -23.20
C GLY B 187 -12.04 -46.45 -24.31
N ASP B 188 -12.70 -45.29 -24.25
CA ASP B 188 -13.64 -44.92 -25.30
C ASP B 188 -13.05 -44.86 -26.71
N VAL B 189 -11.82 -44.39 -26.84
CA VAL B 189 -11.22 -44.31 -28.16
C VAL B 189 -10.74 -45.69 -28.55
N ILE B 190 -10.03 -46.36 -27.65
CA ILE B 190 -9.53 -47.69 -27.96
C ILE B 190 -10.68 -48.50 -28.50
N ASP B 191 -11.87 -48.27 -27.94
CA ASP B 191 -13.06 -48.99 -28.32
C ASP B 191 -13.43 -48.83 -29.79
N TYR B 192 -13.61 -47.60 -30.25
CA TYR B 192 -13.94 -47.38 -31.65
C TYR B 192 -12.87 -47.98 -32.54
N LEU B 193 -11.62 -47.75 -32.16
CA LEU B 193 -10.50 -48.28 -32.94
C LEU B 193 -10.60 -49.78 -33.05
N THR B 194 -10.90 -50.42 -31.93
CA THR B 194 -11.05 -51.88 -31.89
C THR B 194 -12.15 -52.33 -32.85
N LYS B 195 -13.33 -51.76 -32.66
CA LYS B 195 -14.46 -52.10 -33.52
C LYS B 195 -14.12 -51.92 -34.99
N LYS B 196 -13.57 -50.78 -35.36
CA LYS B 196 -13.23 -50.54 -36.76
C LYS B 196 -12.20 -51.55 -37.28
N ALA B 197 -11.18 -51.83 -36.48
CA ALA B 197 -10.14 -52.78 -36.87
C ALA B 197 -10.80 -54.07 -37.34
N LEU B 198 -11.67 -54.61 -36.49
CA LEU B 198 -12.41 -55.82 -36.80
C LEU B 198 -13.25 -55.63 -38.06
N ALA B 199 -14.01 -54.53 -38.10
CA ALA B 199 -14.85 -54.23 -39.25
C ALA B 199 -14.06 -54.22 -40.55
N ASP B 200 -12.74 -54.11 -40.47
CA ASP B 200 -11.92 -54.09 -41.67
C ASP B 200 -11.12 -55.35 -41.83
N GLY B 201 -11.44 -56.36 -41.02
CA GLY B 201 -10.75 -57.63 -41.12
C GLY B 201 -9.40 -57.74 -40.44
N ASN B 202 -8.96 -56.69 -39.78
CA ASN B 202 -7.69 -56.74 -39.08
C ASN B 202 -7.95 -57.44 -37.77
N THR B 203 -7.60 -58.73 -37.69
CA THR B 203 -7.86 -59.51 -36.51
C THR B 203 -6.64 -60.08 -35.83
N ASP B 204 -5.50 -60.06 -36.51
CA ASP B 204 -4.27 -60.62 -35.96
C ASP B 204 -3.86 -59.98 -34.63
N PRO B 205 -3.06 -60.71 -33.84
CA PRO B 205 -2.61 -60.22 -32.55
C PRO B 205 -2.03 -58.81 -32.57
N ILE B 206 -1.35 -58.45 -33.66
CA ILE B 206 -0.74 -57.12 -33.71
C ILE B 206 -1.72 -55.96 -33.65
N TYR B 207 -2.93 -56.16 -34.16
CA TYR B 207 -3.90 -55.08 -34.12
C TYR B 207 -4.34 -54.78 -32.69
N HIS B 208 -3.94 -55.64 -31.77
CA HIS B 208 -4.27 -55.43 -30.38
C HIS B 208 -3.50 -54.19 -29.97
N ALA B 209 -2.25 -54.11 -30.44
CA ALA B 209 -1.36 -52.98 -30.16
C ALA B 209 -1.74 -51.75 -30.99
N LEU B 210 -1.84 -51.92 -32.30
CA LEU B 210 -2.18 -50.80 -33.19
C LEU B 210 -3.53 -50.19 -32.85
N THR B 211 -4.40 -51.01 -32.27
CA THR B 211 -5.73 -50.57 -31.93
C THR B 211 -5.72 -49.62 -30.73
N ARG B 212 -4.58 -49.57 -30.04
CA ARG B 212 -4.43 -48.70 -28.87
C ARG B 212 -3.05 -48.02 -28.79
N PRO B 213 -2.86 -46.96 -29.60
CA PRO B 213 -1.64 -46.15 -29.69
C PRO B 213 -1.24 -45.47 -28.38
N PRO B 214 0.08 -45.31 -28.14
CA PRO B 214 0.59 -44.68 -26.91
C PRO B 214 0.01 -43.31 -26.61
N GLU B 215 -0.53 -42.65 -27.64
CA GLU B 215 -1.13 -41.34 -27.46
C GLU B 215 -2.26 -41.47 -26.48
N LEU B 216 -3.00 -42.56 -26.60
CA LEU B 216 -4.12 -42.82 -25.72
C LEU B 216 -3.67 -43.20 -24.30
N GLU B 217 -2.46 -43.72 -24.13
CA GLU B 217 -1.98 -44.05 -22.79
C GLU B 217 -1.57 -42.73 -22.12
N GLY B 218 -0.87 -41.89 -22.89
CA GLY B 218 -0.43 -40.61 -22.39
C GLY B 218 -1.64 -39.75 -22.04
N GLU B 219 -2.59 -39.69 -22.96
CA GLU B 219 -3.79 -38.89 -22.74
C GLU B 219 -4.44 -39.28 -21.42
N ALA B 220 -4.75 -40.56 -21.28
CA ALA B 220 -5.36 -41.07 -20.07
C ALA B 220 -4.51 -40.71 -18.84
N THR B 221 -3.23 -41.05 -18.87
CA THR B 221 -2.33 -40.74 -17.75
C THR B 221 -2.43 -39.27 -17.35
N GLY B 222 -2.56 -38.39 -18.34
CA GLY B 222 -2.69 -36.97 -18.06
C GLY B 222 -3.93 -36.64 -17.26
N ARG B 223 -5.09 -37.14 -17.69
CA ARG B 223 -6.34 -36.88 -16.98
C ARG B 223 -6.21 -37.31 -15.53
N ALA B 224 -5.76 -38.55 -15.35
CA ALA B 224 -5.57 -39.10 -14.03
C ALA B 224 -4.83 -38.10 -13.19
N CYS B 225 -3.71 -37.59 -13.73
CA CYS B 225 -2.89 -36.60 -13.03
C CYS B 225 -3.65 -35.29 -12.78
N GLN B 226 -4.12 -34.66 -13.85
CA GLN B 226 -4.85 -33.40 -13.69
C GLN B 226 -5.94 -33.54 -12.65
N LEU B 227 -6.71 -34.63 -12.72
CA LEU B 227 -7.77 -34.84 -11.74
C LEU B 227 -7.18 -35.06 -10.34
N THR B 228 -6.13 -35.87 -10.24
CA THR B 228 -5.49 -36.11 -8.95
C THR B 228 -5.07 -34.77 -8.34
N GLU B 229 -4.66 -33.83 -9.19
CA GLU B 229 -4.25 -32.50 -8.76
C GLU B 229 -5.47 -31.77 -8.21
N LEU B 230 -6.51 -31.64 -9.02
CA LEU B 230 -7.73 -30.98 -8.60
C LEU B 230 -8.22 -31.50 -7.25
N ALA B 231 -8.23 -32.83 -7.11
CA ALA B 231 -8.68 -33.48 -5.89
C ALA B 231 -7.67 -33.31 -4.77
N GLY B 232 -6.42 -33.09 -5.14
CA GLY B 232 -5.40 -32.94 -4.13
C GLY B 232 -5.04 -34.23 -3.41
N SER B 233 -5.25 -35.38 -4.06
CA SER B 233 -4.93 -36.66 -3.42
C SER B 233 -3.65 -37.32 -3.94
N GLN B 234 -3.62 -38.64 -3.97
CA GLN B 234 -2.45 -39.35 -4.46
C GLN B 234 -2.77 -40.37 -5.57
N LEU B 235 -1.91 -40.40 -6.59
CA LEU B 235 -2.09 -41.29 -7.71
C LEU B 235 -0.92 -42.25 -7.84
N TYR B 236 -1.17 -43.38 -8.48
CA TYR B 236 -0.15 -44.40 -8.71
C TYR B 236 -0.53 -45.02 -10.05
N VAL B 237 0.16 -44.61 -11.11
CA VAL B 237 -0.13 -45.14 -12.45
C VAL B 237 0.52 -46.50 -12.63
N VAL B 238 -0.31 -47.52 -12.85
CA VAL B 238 0.22 -48.88 -13.04
C VAL B 238 0.71 -49.07 -14.47
N HIS B 239 1.65 -49.99 -14.60
CA HIS B 239 2.27 -50.33 -15.88
C HIS B 239 2.39 -49.18 -16.89
N VAL B 240 3.36 -48.29 -16.62
CA VAL B 240 3.65 -47.17 -17.51
C VAL B 240 4.40 -47.83 -18.66
N THR B 241 3.92 -47.57 -19.86
CA THR B 241 4.45 -48.20 -21.05
C THR B 241 5.20 -47.33 -22.05
N CYS B 242 4.54 -46.30 -22.55
CA CYS B 242 5.13 -45.42 -23.54
C CYS B 242 5.79 -44.19 -22.94
N ALA B 243 6.49 -43.45 -23.79
CA ALA B 243 7.16 -42.24 -23.38
C ALA B 243 6.12 -41.22 -22.98
N GLN B 244 5.13 -41.00 -23.83
CA GLN B 244 4.07 -40.04 -23.55
C GLN B 244 3.55 -40.13 -22.11
N ALA B 245 3.39 -41.36 -21.61
CA ALA B 245 2.91 -41.58 -20.26
C ALA B 245 3.97 -41.14 -19.29
N VAL B 246 5.21 -41.58 -19.49
CA VAL B 246 6.30 -41.20 -18.60
C VAL B 246 6.35 -39.68 -18.47
N GLU B 247 6.17 -39.01 -19.60
CA GLU B 247 6.19 -37.57 -19.62
C GLU B 247 5.15 -36.96 -18.70
N LYS B 248 3.89 -37.37 -18.84
CA LYS B 248 2.82 -36.83 -18.02
C LYS B 248 3.13 -37.01 -16.55
N ILE B 249 3.65 -38.18 -16.20
CA ILE B 249 3.98 -38.45 -14.82
C ILE B 249 5.13 -37.58 -14.37
N ALA B 250 6.04 -37.27 -15.29
CA ALA B 250 7.18 -36.43 -14.95
C ALA B 250 6.69 -35.02 -14.64
N GLU B 251 5.82 -34.48 -15.49
CA GLU B 251 5.28 -33.15 -15.26
C GLU B 251 4.60 -33.09 -13.89
N ALA B 252 3.75 -34.08 -13.63
CA ALA B 252 3.02 -34.13 -12.38
C ALA B 252 3.97 -33.99 -11.18
N ARG B 253 4.93 -34.90 -11.08
CA ARG B 253 5.87 -34.88 -9.98
C ARG B 253 6.69 -33.60 -9.92
N ASN B 254 6.83 -32.92 -11.05
CA ASN B 254 7.56 -31.65 -11.07
C ASN B 254 6.72 -30.60 -10.33
N LYS B 255 5.41 -30.63 -10.54
CA LYS B 255 4.50 -29.69 -9.87
C LYS B 255 4.30 -30.03 -8.41
N GLY B 256 5.06 -31.00 -7.91
CA GLY B 256 4.94 -31.38 -6.52
C GLY B 256 3.76 -32.29 -6.27
N LEU B 257 2.99 -32.58 -7.31
CA LEU B 257 1.83 -33.46 -7.20
C LEU B 257 2.31 -34.82 -6.67
N ASP B 258 1.46 -35.47 -5.89
CA ASP B 258 1.80 -36.76 -5.31
C ASP B 258 1.43 -37.89 -6.27
N VAL B 259 2.17 -38.01 -7.35
CA VAL B 259 1.89 -39.02 -8.37
C VAL B 259 3.02 -40.05 -8.42
N TRP B 260 2.70 -41.30 -8.72
CA TRP B 260 3.73 -42.32 -8.81
C TRP B 260 3.52 -43.15 -10.05
N GLY B 261 4.60 -43.71 -10.55
CA GLY B 261 4.57 -44.52 -11.74
C GLY B 261 5.24 -45.87 -11.54
N GLU B 262 4.69 -46.87 -12.22
CA GLU B 262 5.18 -48.23 -12.13
C GLU B 262 5.28 -48.80 -13.54
N THR B 263 6.20 -49.74 -13.73
CA THR B 263 6.40 -50.41 -15.03
C THR B 263 6.59 -51.87 -14.78
N CYS B 264 6.69 -52.62 -15.86
CA CYS B 264 6.84 -54.05 -15.77
C CYS B 264 7.90 -54.48 -16.75
N PRO B 265 8.68 -55.51 -16.39
CA PRO B 265 9.75 -56.03 -17.22
C PRO B 265 9.38 -56.17 -18.71
N GLN B 266 8.24 -56.78 -19.01
CA GLN B 266 7.83 -56.96 -20.41
C GLN B 266 7.90 -55.67 -21.24
N TYR B 267 7.69 -54.53 -20.60
CA TYR B 267 7.72 -53.25 -21.30
C TYR B 267 9.14 -52.70 -21.35
N LEU B 268 9.99 -53.26 -20.52
CA LEU B 268 11.36 -52.84 -20.40
C LEU B 268 12.26 -53.64 -21.32
N VAL B 269 11.87 -54.88 -21.59
CA VAL B 269 12.65 -55.78 -22.43
C VAL B 269 12.04 -56.20 -23.78
N LEU B 270 10.74 -56.47 -23.80
CA LEU B 270 10.08 -56.89 -25.03
C LEU B 270 9.56 -55.66 -25.76
N ASP B 271 9.06 -55.86 -26.98
CA ASP B 271 8.51 -54.75 -27.76
C ASP B 271 7.46 -55.19 -28.77
N GLN B 272 6.83 -54.22 -29.41
CA GLN B 272 5.77 -54.44 -30.37
C GLN B 272 5.95 -55.51 -31.43
N SER B 273 7.17 -55.68 -31.93
CA SER B 273 7.42 -56.68 -32.95
C SER B 273 6.94 -58.08 -32.53
N TYR B 274 7.18 -58.46 -31.28
CA TYR B 274 6.79 -59.77 -30.79
C TYR B 274 5.34 -60.11 -31.10
N LEU B 275 4.51 -59.10 -31.36
CA LEU B 275 3.12 -59.36 -31.66
C LEU B 275 2.89 -59.78 -33.10
N GLU B 276 3.91 -59.62 -33.94
CA GLU B 276 3.82 -59.98 -35.34
C GLU B 276 4.40 -61.36 -35.53
N LYS B 277 5.36 -61.68 -34.68
CA LYS B 277 6.02 -62.97 -34.73
C LYS B 277 5.05 -64.08 -34.37
N PRO B 278 4.42 -64.76 -35.37
CA PRO B 278 4.03 -65.15 -36.72
C PRO B 278 3.00 -66.26 -36.48
N ASN B 279 2.23 -66.66 -37.47
CA ASN B 279 1.23 -67.70 -37.21
C ASN B 279 0.25 -67.13 -36.19
N PHE B 280 0.38 -67.54 -34.94
CA PHE B 280 -0.49 -67.00 -33.90
C PHE B 280 0.34 -66.72 -32.65
N GLU B 281 1.62 -67.02 -32.74
CA GLU B 281 2.54 -66.79 -31.64
C GLU B 281 2.36 -65.41 -31.01
N GLY B 282 1.91 -64.47 -31.83
CA GLY B 282 1.71 -63.11 -31.34
C GLY B 282 0.93 -63.05 -30.05
N ALA B 283 -0.18 -63.76 -30.03
CA ALA B 283 -1.06 -63.80 -28.86
C ALA B 283 -0.33 -64.06 -27.54
N LYS B 284 0.86 -64.65 -27.59
CA LYS B 284 1.60 -64.92 -26.38
C LYS B 284 1.96 -63.61 -25.69
N TYR B 285 2.04 -62.54 -26.47
CA TYR B 285 2.43 -61.22 -25.98
C TYR B 285 1.29 -60.21 -25.87
N VAL B 286 0.06 -60.69 -25.95
CA VAL B 286 -1.09 -59.81 -25.87
C VAL B 286 -1.47 -59.48 -24.43
N TRP B 287 -1.33 -58.19 -24.08
CA TRP B 287 -1.68 -57.68 -22.76
C TRP B 287 -1.82 -56.18 -22.88
N SER B 288 -2.49 -55.53 -21.94
CA SER B 288 -2.67 -54.09 -22.02
C SER B 288 -2.06 -53.33 -20.85
N PRO B 289 -1.40 -52.18 -21.12
CA PRO B 289 -1.22 -51.58 -22.45
C PRO B 289 -0.33 -52.48 -23.30
N PRO B 290 -0.45 -52.37 -24.63
CA PRO B 290 0.33 -53.18 -25.58
C PRO B 290 1.79 -52.83 -25.62
N LEU B 291 2.61 -53.79 -26.03
CA LEU B 291 4.04 -53.56 -26.15
C LEU B 291 4.20 -52.44 -27.17
N ARG B 292 5.13 -51.51 -26.91
CA ARG B 292 5.36 -50.39 -27.81
C ARG B 292 6.60 -50.60 -28.65
N GLU B 293 6.97 -49.58 -29.42
CA GLU B 293 8.16 -49.68 -30.25
C GLU B 293 9.42 -49.68 -29.38
N LYS B 294 10.35 -50.54 -29.75
CA LYS B 294 11.61 -50.70 -29.03
C LYS B 294 12.17 -49.42 -28.39
N TRP B 295 12.04 -48.29 -29.07
CA TRP B 295 12.59 -47.04 -28.57
C TRP B 295 12.08 -46.48 -27.24
N HIS B 296 10.87 -46.86 -26.85
CA HIS B 296 10.33 -46.37 -25.59
C HIS B 296 11.10 -46.97 -24.41
N GLN B 297 11.65 -48.15 -24.60
CA GLN B 297 12.38 -48.82 -23.56
C GLN B 297 13.42 -47.95 -22.90
N GLU B 298 14.09 -47.11 -23.69
CA GLU B 298 15.11 -46.23 -23.14
C GLU B 298 14.43 -45.32 -22.16
N VAL B 299 13.45 -44.60 -22.67
CA VAL B 299 12.72 -43.67 -21.85
C VAL B 299 12.34 -44.29 -20.53
N LEU B 300 11.84 -45.51 -20.57
CA LEU B 300 11.46 -46.18 -19.35
C LEU B 300 12.68 -46.33 -18.45
N TRP B 301 13.74 -46.93 -18.97
CA TRP B 301 14.93 -47.10 -18.16
C TRP B 301 15.42 -45.76 -17.53
N ASN B 302 15.46 -44.69 -18.32
CA ASN B 302 15.91 -43.39 -17.80
C ASN B 302 14.99 -42.93 -16.70
N ALA B 303 13.69 -43.14 -16.91
CA ALA B 303 12.68 -42.75 -15.94
C ALA B 303 12.98 -43.50 -14.64
N LEU B 304 13.33 -44.76 -14.79
CA LEU B 304 13.66 -45.62 -13.67
C LEU B 304 14.95 -45.15 -13.02
N LYS B 305 15.91 -44.78 -13.85
CA LYS B 305 17.21 -44.31 -13.39
C LYS B 305 17.10 -43.02 -12.62
N ASN B 306 16.44 -42.02 -13.21
CA ASN B 306 16.29 -40.72 -12.59
C ASN B 306 15.13 -40.54 -11.64
N GLY B 307 14.24 -41.52 -11.55
CA GLY B 307 13.14 -41.39 -10.62
C GLY B 307 11.76 -41.01 -11.12
N GLN B 308 11.57 -40.81 -12.43
CA GLN B 308 10.24 -40.47 -12.93
C GLN B 308 9.33 -41.66 -12.62
N LEU B 309 9.88 -42.85 -12.75
CA LEU B 309 9.17 -44.07 -12.45
C LEU B 309 9.86 -44.63 -11.23
N GLN B 310 9.10 -45.16 -10.26
CA GLN B 310 9.73 -45.68 -9.06
C GLN B 310 9.47 -47.10 -8.59
N THR B 311 8.60 -47.86 -9.26
CA THR B 311 8.33 -49.25 -8.86
C THR B 311 8.18 -50.18 -10.05
N LEU B 312 8.55 -51.45 -9.84
CA LEU B 312 8.42 -52.47 -10.88
C LEU B 312 7.42 -53.56 -10.50
N GLY B 313 6.36 -53.70 -11.31
CA GLY B 313 5.37 -54.72 -11.05
C GLY B 313 5.41 -55.75 -12.18
N SER B 314 4.77 -56.88 -12.00
CA SER B 314 4.75 -57.92 -13.03
C SER B 314 3.52 -57.86 -13.91
N ASP B 315 2.38 -57.54 -13.31
CA ASP B 315 1.09 -57.50 -14.00
C ASP B 315 0.80 -58.93 -14.42
N GLN B 316 1.17 -59.86 -13.55
CA GLN B 316 0.99 -61.30 -13.72
C GLN B 316 -0.46 -61.65 -13.99
N CYS B 317 -0.69 -62.35 -15.11
CA CYS B 317 -2.03 -62.74 -15.50
C CYS B 317 -1.88 -63.81 -16.57
N SER B 318 -1.51 -65.00 -16.13
CA SER B 318 -1.24 -66.13 -17.01
C SER B 318 -2.41 -66.83 -17.75
N PHE B 319 -2.11 -67.27 -18.97
CA PHE B 319 -3.07 -67.96 -19.82
C PHE B 319 -2.32 -68.89 -20.76
N ASP B 320 -2.65 -70.17 -20.73
CA ASP B 320 -1.98 -71.13 -21.62
C ASP B 320 -2.16 -70.68 -23.07
N PHE B 321 -1.06 -70.63 -23.80
CA PHE B 321 -1.11 -70.25 -25.19
C PHE B 321 -2.04 -71.23 -25.89
N LYS B 322 -2.01 -72.47 -25.43
CA LYS B 322 -2.81 -73.55 -25.98
C LYS B 322 -4.31 -73.26 -25.95
N GLY B 323 -4.97 -73.62 -24.87
CA GLY B 323 -6.40 -73.41 -24.81
C GLY B 323 -6.87 -71.98 -24.71
N GLN B 324 -6.39 -71.30 -23.68
CA GLN B 324 -6.77 -69.91 -23.41
C GLN B 324 -6.49 -68.91 -24.52
N LYS B 325 -5.23 -68.56 -24.72
CA LYS B 325 -4.86 -67.58 -25.74
C LYS B 325 -5.56 -67.81 -27.08
N GLU B 326 -5.75 -69.07 -27.46
CA GLU B 326 -6.40 -69.39 -28.72
C GLU B 326 -7.85 -68.99 -28.81
N LEU B 327 -8.46 -68.66 -27.68
CA LEU B 327 -9.87 -68.26 -27.67
C LEU B 327 -10.11 -67.14 -28.65
N GLY B 328 -9.06 -66.37 -28.91
CA GLY B 328 -9.19 -65.26 -29.84
C GLY B 328 -8.40 -65.49 -31.12
N ARG B 329 -8.82 -66.48 -31.91
CA ARG B 329 -8.15 -66.77 -33.17
C ARG B 329 -8.43 -65.71 -34.21
N GLY B 330 -9.63 -65.77 -34.79
CA GLY B 330 -9.98 -64.80 -35.81
C GLY B 330 -10.45 -63.50 -35.21
N ASP B 331 -10.12 -63.28 -33.94
CA ASP B 331 -10.52 -62.07 -33.25
C ASP B 331 -9.52 -61.78 -32.13
N PHE B 332 -8.67 -60.78 -32.33
CA PHE B 332 -7.68 -60.45 -31.32
C PHE B 332 -8.34 -59.99 -30.02
N THR B 333 -9.43 -59.24 -30.14
CA THR B 333 -10.12 -58.73 -28.97
C THR B 333 -10.61 -59.84 -28.05
N LYS B 334 -10.53 -61.08 -28.53
CA LYS B 334 -10.96 -62.22 -27.74
C LYS B 334 -9.80 -63.00 -27.14
N ILE B 335 -8.59 -62.51 -27.35
CA ILE B 335 -7.41 -63.14 -26.77
C ILE B 335 -7.38 -62.63 -25.34
N PRO B 336 -7.35 -63.53 -24.34
CA PRO B 336 -7.32 -63.02 -22.96
C PRO B 336 -6.01 -62.25 -22.66
N ASN B 337 -6.14 -61.00 -22.24
CA ASN B 337 -4.97 -60.17 -21.95
C ASN B 337 -4.23 -60.57 -20.70
N GLY B 338 -2.92 -60.66 -20.78
CA GLY B 338 -2.14 -61.03 -19.61
C GLY B 338 -0.93 -61.88 -19.94
N GLY B 339 0.14 -61.72 -19.18
CA GLY B 339 1.32 -62.51 -19.42
C GLY B 339 1.87 -63.19 -18.17
N PRO B 340 2.61 -64.29 -18.34
CA PRO B 340 3.22 -65.05 -17.24
C PRO B 340 4.51 -64.34 -16.84
N ILE B 341 4.41 -63.45 -15.86
CA ILE B 341 5.56 -62.65 -15.45
C ILE B 341 5.97 -62.66 -13.98
N ILE B 342 5.04 -63.04 -13.10
CA ILE B 342 5.33 -63.05 -11.66
C ILE B 342 6.64 -63.70 -11.22
N GLU B 343 7.23 -64.56 -12.04
CA GLU B 343 8.45 -65.22 -11.62
C GLU B 343 9.79 -64.60 -12.02
N ASP B 344 9.87 -64.01 -13.20
CA ASP B 344 11.13 -63.45 -13.64
C ASP B 344 11.28 -61.95 -13.43
N ARG B 345 10.26 -61.32 -12.84
CA ARG B 345 10.28 -59.88 -12.57
C ARG B 345 11.62 -59.43 -11.97
N VAL B 346 11.86 -59.83 -10.72
CA VAL B 346 13.07 -59.47 -10.00
C VAL B 346 14.32 -59.76 -10.79
N SER B 347 14.49 -61.02 -11.19
CA SER B 347 15.69 -61.42 -11.94
C SER B 347 16.03 -60.53 -13.13
N ILE B 348 15.05 -60.31 -13.98
CA ILE B 348 15.24 -59.48 -15.16
C ILE B 348 15.76 -58.09 -14.83
N LEU B 349 15.22 -57.44 -13.79
CA LEU B 349 15.67 -56.11 -13.45
C LEU B 349 17.12 -56.14 -13.01
N PHE B 350 17.48 -57.15 -12.24
CA PHE B 350 18.84 -57.26 -11.77
C PHE B 350 19.75 -57.42 -12.96
N SER B 351 19.42 -58.37 -13.82
CA SER B 351 20.20 -58.67 -15.01
C SER B 351 20.22 -57.50 -16.00
N GLU B 352 19.07 -57.18 -16.56
CA GLU B 352 18.97 -56.08 -17.51
C GLU B 352 19.27 -54.72 -16.93
N GLY B 353 18.96 -54.53 -15.67
CA GLY B 353 19.19 -53.25 -15.04
C GLY B 353 20.55 -53.18 -14.38
N VAL B 354 20.64 -53.67 -13.15
CA VAL B 354 21.87 -53.64 -12.40
C VAL B 354 23.07 -54.06 -13.22
N LYS B 355 23.16 -55.34 -13.53
CA LYS B 355 24.26 -55.93 -14.29
C LYS B 355 24.68 -55.21 -15.57
N LYS B 356 23.80 -54.43 -16.16
CA LYS B 356 24.17 -53.76 -17.39
C LYS B 356 24.44 -52.26 -17.32
N GLY B 357 24.42 -51.67 -16.13
CA GLY B 357 24.69 -50.24 -16.06
C GLY B 357 23.53 -49.34 -15.68
N ARG B 358 22.30 -49.78 -15.93
CA ARG B 358 21.13 -48.99 -15.56
C ARG B 358 20.86 -49.34 -14.11
N ILE B 359 20.16 -48.48 -13.37
CA ILE B 359 19.88 -48.83 -11.98
C ILE B 359 21.17 -49.10 -11.20
N THR B 360 21.02 -49.22 -9.89
CA THR B 360 22.13 -49.50 -9.00
C THR B 360 21.73 -50.74 -8.21
N LEU B 361 22.71 -51.39 -7.60
CA LEU B 361 22.40 -52.52 -6.78
C LEU B 361 21.36 -52.07 -5.73
N ASN B 362 21.48 -50.81 -5.28
CA ASN B 362 20.56 -50.25 -4.29
C ASN B 362 19.25 -49.83 -4.93
N GLN B 363 19.32 -49.18 -6.09
CA GLN B 363 18.13 -48.74 -6.80
C GLN B 363 17.29 -49.98 -7.08
N PHE B 364 17.99 -51.05 -7.42
CA PHE B 364 17.38 -52.34 -7.70
C PHE B 364 16.46 -52.73 -6.55
N VAL B 365 17.05 -52.87 -5.36
CA VAL B 365 16.29 -53.24 -4.17
C VAL B 365 15.15 -52.27 -3.92
N ASP B 366 15.39 -51.00 -4.18
CA ASP B 366 14.35 -50.03 -3.95
C ASP B 366 13.21 -50.25 -4.93
N ILE B 367 13.52 -50.34 -6.21
CA ILE B 367 12.51 -50.50 -7.24
C ILE B 367 11.67 -51.78 -7.17
N VAL B 368 12.27 -52.83 -6.63
CA VAL B 368 11.59 -54.11 -6.55
C VAL B 368 11.01 -54.47 -5.18
N SER B 369 11.45 -53.77 -4.14
CA SER B 369 10.97 -54.09 -2.81
C SER B 369 10.59 -52.90 -1.93
N THR B 370 11.60 -52.23 -1.37
CA THR B 370 11.40 -51.11 -0.47
C THR B 370 10.38 -50.05 -0.89
N ARG B 371 10.67 -49.33 -1.95
CA ARG B 371 9.79 -48.28 -2.43
C ARG B 371 8.34 -48.73 -2.45
N ILE B 372 8.14 -49.98 -2.85
CA ILE B 372 6.80 -50.56 -2.92
C ILE B 372 6.20 -50.75 -1.54
N ALA B 373 6.96 -51.38 -0.65
CA ALA B 373 6.52 -51.61 0.72
C ALA B 373 6.05 -50.29 1.32
N LYS B 374 6.82 -49.24 1.08
CA LYS B 374 6.49 -47.92 1.59
C LYS B 374 5.19 -47.37 1.02
N LEU B 375 5.11 -47.26 -0.30
CA LEU B 375 3.91 -46.74 -0.93
C LEU B 375 2.62 -47.50 -0.57
N PHE B 376 2.74 -48.80 -0.29
CA PHE B 376 1.54 -49.57 0.03
C PHE B 376 1.38 -49.98 1.49
N GLY B 377 2.01 -49.23 2.39
CA GLY B 377 1.93 -49.48 3.82
C GLY B 377 2.34 -50.86 4.31
N LEU B 378 3.54 -51.31 3.98
CA LEU B 378 4.00 -52.61 4.42
C LEU B 378 5.36 -52.45 5.05
N PHE B 379 5.82 -51.20 5.08
CA PHE B 379 7.14 -50.90 5.65
C PHE B 379 6.99 -50.55 7.15
N PRO B 380 7.93 -51.02 7.99
CA PRO B 380 9.10 -51.84 7.68
C PRO B 380 8.91 -53.34 7.94
N LYS B 381 7.65 -53.79 7.94
CA LYS B 381 7.39 -55.21 8.16
C LYS B 381 8.01 -55.91 6.98
N LYS B 382 7.77 -55.36 5.82
CA LYS B 382 8.31 -55.88 4.58
C LYS B 382 9.15 -54.80 3.93
N GLY B 383 9.90 -55.17 2.88
CA GLY B 383 10.68 -54.19 2.16
C GLY B 383 12.09 -53.84 2.61
N THR B 384 12.61 -54.49 3.64
CA THR B 384 13.97 -54.17 4.07
C THR B 384 14.62 -55.24 4.95
N ILE B 385 15.93 -55.14 5.11
CA ILE B 385 16.66 -56.09 5.94
C ILE B 385 17.18 -55.33 7.13
N VAL B 386 16.35 -55.25 8.18
CA VAL B 386 16.72 -54.54 9.39
C VAL B 386 16.09 -55.12 10.65
N VAL B 387 16.78 -54.94 11.77
CA VAL B 387 16.29 -55.44 13.05
C VAL B 387 14.84 -55.07 13.24
N GLY B 388 14.00 -56.09 13.44
CA GLY B 388 12.58 -55.87 13.64
C GLY B 388 11.70 -56.23 12.46
N SER B 389 12.25 -56.10 11.26
CA SER B 389 11.51 -56.42 10.03
C SER B 389 11.35 -57.91 9.86
N ASP B 390 10.29 -58.33 9.17
CA ASP B 390 10.06 -59.74 8.92
C ASP B 390 11.27 -60.31 8.20
N ALA B 391 11.59 -61.57 8.46
CA ALA B 391 12.73 -62.19 7.83
C ALA B 391 12.43 -62.64 6.41
N ASP B 392 11.93 -61.73 5.58
CA ASP B 392 11.64 -62.02 4.17
C ASP B 392 12.93 -61.74 3.44
N LEU B 393 13.71 -62.78 3.18
CA LEU B 393 15.00 -62.64 2.53
C LEU B 393 15.17 -63.44 1.24
N VAL B 394 16.17 -63.04 0.46
CA VAL B 394 16.48 -63.73 -0.78
C VAL B 394 17.99 -63.85 -0.87
N ILE B 395 18.48 -65.08 -0.91
CA ILE B 395 19.90 -65.31 -1.04
C ILE B 395 20.07 -65.44 -2.54
N PHE B 396 20.64 -64.41 -3.13
CA PHE B 396 20.81 -64.30 -4.57
C PHE B 396 22.24 -64.52 -5.08
N ASP B 397 22.35 -65.21 -6.20
CA ASP B 397 23.64 -65.48 -6.84
C ASP B 397 23.69 -64.54 -8.05
N PRO B 398 24.54 -63.52 -7.97
CA PRO B 398 24.73 -62.52 -9.03
C PRO B 398 25.51 -62.93 -10.28
N ASN B 399 26.09 -64.12 -10.29
CA ASN B 399 26.89 -64.51 -11.44
C ASN B 399 26.35 -65.62 -12.30
N ILE B 400 25.53 -66.48 -11.73
CA ILE B 400 24.94 -67.59 -12.48
C ILE B 400 24.29 -67.07 -13.76
N GLU B 401 24.78 -67.54 -14.90
CA GLU B 401 24.21 -67.15 -16.18
C GLU B 401 23.24 -68.26 -16.56
N ARG B 402 22.11 -67.90 -17.14
CA ARG B 402 21.14 -68.91 -17.48
C ARG B 402 20.20 -68.41 -18.56
N VAL B 403 19.25 -69.26 -18.96
CA VAL B 403 18.30 -68.89 -19.99
C VAL B 403 16.88 -69.14 -19.51
N ILE B 404 16.06 -68.10 -19.53
CA ILE B 404 14.69 -68.24 -19.10
C ILE B 404 13.96 -69.15 -20.09
N SER B 405 13.35 -70.20 -19.57
CA SER B 405 12.63 -71.13 -20.41
C SER B 405 11.42 -71.66 -19.69
N ALA B 406 10.32 -71.82 -20.41
CA ALA B 406 9.11 -72.35 -19.82
C ALA B 406 9.43 -73.78 -19.41
N GLU B 407 10.52 -74.31 -19.96
CA GLU B 407 10.93 -75.66 -19.63
C GLU B 407 11.48 -75.67 -18.21
N THR B 408 11.68 -74.50 -17.66
CA THR B 408 12.23 -74.38 -16.31
C THR B 408 11.39 -73.57 -15.34
N HIS B 409 10.65 -72.59 -15.86
CA HIS B 409 9.85 -71.75 -14.99
C HIS B 409 8.91 -72.58 -14.12
N HIS B 410 8.47 -72.03 -13.00
CA HIS B 410 7.59 -72.72 -12.09
C HIS B 410 6.17 -72.19 -12.12
N MET B 411 5.78 -71.54 -13.21
CA MET B 411 4.42 -71.04 -13.33
C MET B 411 3.66 -72.15 -14.06
N ALA B 412 2.35 -72.21 -13.86
CA ALA B 412 1.54 -73.25 -14.49
C ALA B 412 1.20 -73.00 -15.96
N VAL B 413 1.84 -72.02 -16.59
CA VAL B 413 1.56 -71.71 -17.99
C VAL B 413 2.40 -72.53 -18.96
N ASP B 414 1.86 -72.80 -20.14
CA ASP B 414 2.58 -73.59 -21.10
C ASP B 414 3.67 -72.81 -21.83
N TYR B 415 3.84 -71.54 -21.48
CA TYR B 415 4.88 -70.75 -22.13
C TYR B 415 5.43 -69.64 -21.22
N ASN B 416 6.49 -69.00 -21.67
CA ASN B 416 7.14 -67.92 -20.93
C ASN B 416 7.52 -66.77 -21.89
N ALA B 417 6.98 -65.58 -21.67
CA ALA B 417 7.25 -64.43 -22.53
C ALA B 417 8.72 -64.09 -22.76
N PHE B 418 9.59 -64.60 -21.91
CA PHE B 418 11.03 -64.35 -22.03
C PHE B 418 11.80 -65.61 -22.41
N GLU B 419 11.14 -66.49 -23.15
CA GLU B 419 11.75 -67.75 -23.58
C GLU B 419 13.03 -67.55 -24.35
N GLY B 420 14.07 -68.24 -23.95
CA GLY B 420 15.34 -68.11 -24.63
C GLY B 420 16.19 -66.95 -24.16
N MET B 421 15.59 -66.06 -23.39
CA MET B 421 16.32 -64.92 -22.89
C MET B 421 17.43 -65.32 -21.93
N LYS B 422 18.63 -64.80 -22.16
CA LYS B 422 19.76 -65.08 -21.29
C LYS B 422 19.69 -64.08 -20.15
N VAL B 423 19.92 -64.56 -18.95
CA VAL B 423 19.86 -63.72 -17.77
C VAL B 423 21.00 -64.01 -16.80
N THR B 424 21.53 -62.96 -16.18
CA THR B 424 22.59 -63.15 -15.21
C THR B 424 22.01 -62.95 -13.82
N GLY B 425 22.36 -63.86 -12.92
CA GLY B 425 21.88 -63.79 -11.56
C GLY B 425 20.65 -64.66 -11.36
N GLU B 426 20.53 -65.26 -10.18
CA GLU B 426 19.40 -66.14 -9.87
C GLU B 426 19.21 -66.38 -8.38
N PRO B 427 17.95 -66.43 -7.91
CA PRO B 427 17.65 -66.66 -6.50
C PRO B 427 18.03 -68.09 -6.11
N VAL B 428 18.75 -68.25 -5.01
CA VAL B 428 19.17 -69.56 -4.57
C VAL B 428 18.31 -70.04 -3.42
N SER B 429 18.08 -69.16 -2.45
CA SER B 429 17.25 -69.48 -1.30
C SER B 429 16.36 -68.29 -1.02
N VAL B 430 15.07 -68.56 -0.86
CA VAL B 430 14.11 -67.51 -0.59
C VAL B 430 13.32 -67.89 0.65
N LEU B 431 13.43 -67.11 1.71
CA LEU B 431 12.67 -67.39 2.91
C LEU B 431 11.74 -66.25 3.31
N CYS B 432 10.54 -66.61 3.71
CA CYS B 432 9.52 -65.66 4.13
C CYS B 432 9.34 -65.80 5.63
N ARG B 433 9.55 -64.71 6.36
CA ARG B 433 9.40 -64.73 7.80
C ARG B 433 10.21 -65.84 8.47
N GLY B 434 11.52 -65.84 8.25
CA GLY B 434 12.39 -66.82 8.86
C GLY B 434 12.32 -68.24 8.36
N GLU B 435 11.27 -68.58 7.61
CA GLU B 435 11.13 -69.95 7.10
C GLU B 435 11.45 -70.02 5.61
N PHE B 436 12.23 -71.03 5.21
CA PHE B 436 12.57 -71.20 3.81
C PHE B 436 11.32 -71.54 3.02
N VAL B 437 11.22 -71.00 1.81
CA VAL B 437 10.09 -71.29 0.94
C VAL B 437 10.75 -71.96 -0.24
N VAL B 438 12.02 -71.62 -0.45
CA VAL B 438 12.80 -72.19 -1.53
C VAL B 438 14.24 -72.25 -1.06
N ARG B 439 14.75 -73.44 -0.83
CA ARG B 439 16.13 -73.57 -0.42
C ARG B 439 16.90 -74.26 -1.52
N ASP B 440 18.06 -73.71 -1.87
CA ASP B 440 18.89 -74.27 -2.92
C ASP B 440 18.10 -74.59 -4.19
N LYS B 441 17.46 -73.56 -4.73
CA LYS B 441 16.66 -73.68 -5.94
C LYS B 441 15.68 -74.84 -5.93
N GLN B 442 15.25 -75.23 -4.72
CA GLN B 442 14.29 -76.32 -4.58
C GLN B 442 13.17 -75.89 -3.63
N PHE B 443 11.92 -76.12 -4.02
CA PHE B 443 10.77 -75.74 -3.20
C PHE B 443 10.63 -76.53 -1.91
N VAL B 444 10.40 -75.82 -0.80
CA VAL B 444 10.26 -76.46 0.51
C VAL B 444 9.16 -75.81 1.36
N GLY B 445 8.34 -74.96 0.74
CA GLY B 445 7.28 -74.31 1.47
C GLY B 445 6.03 -75.18 1.54
N LYS B 446 4.93 -74.59 2.01
CA LYS B 446 3.67 -75.31 2.13
C LYS B 446 2.53 -74.36 1.87
N PRO B 447 1.66 -74.67 0.90
CA PRO B 447 0.55 -73.77 0.64
C PRO B 447 -0.27 -73.52 1.90
N GLY B 448 -0.47 -72.24 2.22
CA GLY B 448 -1.20 -71.86 3.41
C GLY B 448 -0.29 -71.15 4.41
N TYR B 449 1.02 -71.31 4.24
CA TYR B 449 2.00 -70.66 5.12
C TYR B 449 1.91 -69.16 4.97
N GLY B 450 1.60 -68.74 3.75
CA GLY B 450 1.47 -67.32 3.47
C GLY B 450 0.26 -66.78 4.18
N GLN B 451 0.39 -65.59 4.74
CA GLN B 451 -0.72 -65.00 5.45
C GLN B 451 -1.11 -63.65 4.86
N TYR B 452 -2.39 -63.31 5.02
CA TYR B 452 -2.92 -62.05 4.52
C TYR B 452 -2.26 -60.88 5.27
N LEU B 453 -2.19 -59.73 4.60
CA LEU B 453 -1.57 -58.56 5.19
C LEU B 453 -2.49 -57.35 5.18
N LYS B 454 -2.77 -56.83 6.37
CA LYS B 454 -3.58 -55.62 6.48
C LYS B 454 -2.52 -54.54 6.28
N ARG B 455 -2.81 -53.55 5.46
CA ARG B 455 -1.82 -52.53 5.17
C ARG B 455 -2.07 -51.13 5.74
N ALA B 456 -0.97 -50.41 6.01
CA ALA B 456 -1.01 -49.07 6.57
C ALA B 456 -1.88 -48.12 5.75
N LYS B 457 -2.39 -47.10 6.41
CA LYS B 457 -3.27 -46.13 5.81
C LYS B 457 -2.55 -45.12 4.91
N TYR B 458 -1.45 -45.53 4.31
CA TYR B 458 -0.69 -44.59 3.46
C TYR B 458 0.03 -43.66 4.43
N GLY B 459 0.21 -44.18 5.65
CA GLY B 459 0.89 -43.46 6.73
C GLY B 459 2.00 -44.35 7.25
N THR B 460 2.45 -44.13 8.49
CA THR B 460 3.55 -44.92 9.09
C THR B 460 3.39 -46.45 9.04
N MET C 1 -2.21 6.83 73.88
CA MET C 1 -2.49 5.36 73.94
C MET C 1 -2.40 4.72 72.56
N THR C 2 -1.30 4.02 72.31
CA THR C 2 -0.99 3.34 71.05
C THR C 2 -2.12 2.52 70.43
N LYS C 3 -2.19 2.57 69.09
CA LYS C 3 -3.20 1.83 68.33
C LYS C 3 -2.56 1.20 67.09
N ILE C 4 -3.21 0.18 66.55
CA ILE C 4 -2.71 -0.47 65.34
C ILE C 4 -3.86 -0.84 64.41
N ILE C 5 -3.89 -0.23 63.23
CA ILE C 5 -4.94 -0.54 62.26
C ILE C 5 -4.32 -1.56 61.30
N LYS C 6 -4.75 -2.81 61.41
CA LYS C 6 -4.20 -3.88 60.59
C LYS C 6 -5.13 -4.42 59.51
N ASN C 7 -4.52 -5.14 58.57
CA ASN C 7 -5.24 -5.81 57.48
C ASN C 7 -6.00 -4.89 56.54
N GLY C 8 -5.63 -3.62 56.50
CA GLY C 8 -6.32 -2.71 55.60
C GLY C 8 -5.52 -2.48 54.35
N THR C 9 -6.16 -1.92 53.32
CA THR C 9 -5.45 -1.63 52.09
C THR C 9 -5.26 -0.14 52.13
N ILE C 10 -4.01 0.27 52.25
CA ILE C 10 -3.68 1.68 52.30
C ILE C 10 -3.70 2.31 50.92
N VAL C 11 -4.34 3.48 50.84
CA VAL C 11 -4.46 4.17 49.57
C VAL C 11 -4.17 5.67 49.73
N THR C 12 -2.97 6.09 49.35
CA THR C 12 -2.61 7.50 49.43
C THR C 12 -2.86 8.09 48.07
N ALA C 13 -2.43 9.32 47.85
CA ALA C 13 -2.60 9.97 46.57
C ALA C 13 -1.70 9.31 45.53
N THR C 14 -0.77 8.48 45.98
CA THR C 14 0.16 7.81 45.08
C THR C 14 0.21 6.31 45.26
N ASP C 15 0.23 5.89 46.51
CA ASP C 15 0.34 4.46 46.78
C ASP C 15 -0.94 3.71 47.11
N THR C 16 -0.86 2.40 46.94
CA THR C 16 -1.97 1.49 47.21
C THR C 16 -1.29 0.20 47.60
N TYR C 17 -1.27 -0.08 48.89
CA TYR C 17 -0.62 -1.28 49.37
C TYR C 17 -1.29 -1.78 50.63
N GLU C 18 -0.86 -2.97 51.05
CA GLU C 18 -1.40 -3.58 52.26
C GLU C 18 -0.36 -3.56 53.36
N ALA C 19 -0.76 -3.04 54.52
CA ALA C 19 0.14 -2.95 55.65
C ALA C 19 -0.66 -2.54 56.87
N HIS C 20 0.03 -2.45 58.01
CA HIS C 20 -0.62 -2.02 59.23
C HIS C 20 -0.02 -0.69 59.62
N LEU C 21 -0.82 0.11 60.31
CA LEU C 21 -0.36 1.40 60.75
C LEU C 21 -0.26 1.39 62.26
N LEU C 22 0.90 1.77 62.79
CA LEU C 22 1.08 1.85 64.22
C LEU C 22 0.93 3.32 64.56
N ILE C 23 -0.17 3.67 65.21
CA ILE C 23 -0.40 5.06 65.59
C ILE C 23 0.19 5.28 66.96
N LYS C 24 0.89 6.40 67.14
CA LYS C 24 1.52 6.69 68.43
C LYS C 24 1.03 7.98 69.05
N ASP C 25 1.81 9.04 68.92
CA ASP C 25 1.43 10.32 69.52
C ASP C 25 0.34 11.03 68.74
N GLY C 26 -0.68 10.29 68.33
CA GLY C 26 -1.75 10.88 67.55
C GLY C 26 -1.26 11.03 66.13
N LYS C 27 -0.06 10.50 65.88
CA LYS C 27 0.57 10.56 64.57
C LYS C 27 0.89 9.14 64.14
N ILE C 28 1.25 8.99 62.87
CA ILE C 28 1.61 7.68 62.37
C ILE C 28 3.06 7.43 62.74
N ALA C 29 3.25 6.45 63.60
CA ALA C 29 4.57 6.06 64.08
C ALA C 29 5.32 5.21 63.06
N MET C 30 4.65 4.19 62.52
CA MET C 30 5.28 3.35 61.53
C MET C 30 4.29 2.51 60.73
N ILE C 31 4.74 2.13 59.54
CA ILE C 31 3.94 1.33 58.63
C ILE C 31 4.71 0.08 58.28
N GLY C 32 3.97 -1.03 58.18
CA GLY C 32 4.58 -2.31 57.86
C GLY C 32 3.53 -3.39 58.04
N GLN C 33 3.93 -4.64 57.86
CA GLN C 33 3.00 -5.74 58.00
C GLN C 33 3.25 -6.56 59.26
N ASN C 34 2.18 -7.15 59.77
CA ASN C 34 2.24 -7.98 60.97
C ASN C 34 2.87 -7.18 62.10
N LEU C 35 2.35 -5.99 62.34
CA LEU C 35 2.86 -5.16 63.40
C LEU C 35 2.32 -5.67 64.72
N GLU C 36 3.08 -5.47 65.79
CA GLU C 36 2.68 -5.89 67.13
C GLU C 36 3.30 -5.01 68.20
N GLU C 37 2.57 -4.85 69.31
CA GLU C 37 3.05 -4.05 70.44
C GLU C 37 2.05 -4.19 71.58
N LYS C 38 2.46 -4.87 72.65
CA LYS C 38 1.57 -5.07 73.79
C LYS C 38 0.84 -3.77 74.11
N GLY C 39 -0.48 -3.87 74.21
CA GLY C 39 -1.29 -2.69 74.49
C GLY C 39 -1.32 -1.85 73.24
N ALA C 40 -2.34 -2.03 72.40
CA ALA C 40 -2.43 -1.27 71.17
C ALA C 40 -3.86 -1.17 70.65
N GLU C 41 -4.79 -1.80 71.35
CA GLU C 41 -6.19 -1.77 70.95
C GLU C 41 -6.41 -2.47 69.59
N VAL C 42 -5.34 -2.67 68.83
CA VAL C 42 -5.40 -3.34 67.53
C VAL C 42 -6.75 -3.32 66.82
N ILE C 43 -6.92 -2.39 65.89
CA ILE C 43 -8.16 -2.26 65.11
C ILE C 43 -8.03 -3.11 63.84
N ASP C 44 -9.09 -3.84 63.50
CA ASP C 44 -9.05 -4.69 62.31
C ASP C 44 -9.73 -4.02 61.14
N ALA C 45 -9.01 -3.90 60.03
CA ALA C 45 -9.56 -3.25 58.84
C ALA C 45 -9.72 -4.15 57.61
N LYS C 46 -9.73 -5.46 57.82
CA LYS C 46 -9.87 -6.39 56.71
C LYS C 46 -10.94 -5.92 55.75
N GLY C 47 -10.72 -6.15 54.46
CA GLY C 47 -11.68 -5.75 53.45
C GLY C 47 -12.08 -4.29 53.47
N CYS C 48 -11.11 -3.44 53.75
CA CYS C 48 -11.38 -2.01 53.81
C CYS C 48 -10.20 -1.22 53.32
N TYR C 49 -10.48 0.00 52.87
CA TYR C 49 -9.42 0.90 52.43
C TYR C 49 -9.13 1.81 53.61
N VAL C 50 -7.92 2.35 53.65
CA VAL C 50 -7.56 3.27 54.73
C VAL C 50 -7.06 4.53 54.01
N PHE C 51 -7.93 5.54 53.99
CA PHE C 51 -7.62 6.82 53.34
C PHE C 51 -7.18 7.90 54.30
N PRO C 52 -6.44 8.89 53.79
CA PRO C 52 -6.03 9.99 54.65
C PRO C 52 -7.34 10.74 54.82
N GLY C 53 -7.68 11.13 56.04
CA GLY C 53 -8.92 11.85 56.24
C GLY C 53 -9.16 12.89 55.18
N GLY C 54 -10.41 13.11 54.81
CA GLY C 54 -10.69 14.10 53.78
C GLY C 54 -10.58 15.53 54.29
N ILE C 55 -10.33 16.47 53.39
CA ILE C 55 -10.20 17.86 53.79
C ILE C 55 -11.14 18.69 52.96
N ASP C 56 -12.07 19.37 53.62
CA ASP C 56 -13.05 20.18 52.92
C ASP C 56 -12.64 21.64 53.01
N PRO C 57 -12.09 22.20 51.92
CA PRO C 57 -11.66 23.60 51.93
C PRO C 57 -12.78 24.59 51.71
N HIS C 58 -13.99 24.11 51.51
CA HIS C 58 -15.09 25.03 51.27
C HIS C 58 -16.25 24.83 52.23
N THR C 59 -16.16 25.46 53.40
CA THR C 59 -17.16 25.33 54.46
C THR C 59 -17.75 26.66 54.93
N HIS C 60 -19.03 26.64 55.27
CA HIS C 60 -19.73 27.81 55.78
C HIS C 60 -20.61 27.28 56.89
N LEU C 61 -20.08 27.21 58.11
CA LEU C 61 -20.87 26.65 59.21
C LEU C 61 -21.76 27.60 60.00
N ASP C 62 -21.21 28.38 60.91
CA ASP C 62 -22.09 29.26 61.66
C ASP C 62 -22.37 30.53 60.86
N MET C 63 -22.14 30.48 59.55
CA MET C 63 -22.35 31.66 58.74
C MET C 63 -23.81 32.07 58.63
N PRO C 64 -24.07 33.38 58.61
CA PRO C 64 -25.41 33.97 58.52
C PRO C 64 -25.77 34.51 57.14
N LEU C 65 -26.74 33.91 56.46
CA LEU C 65 -27.12 34.40 55.14
C LEU C 65 -28.54 34.90 55.14
N GLY C 66 -28.74 36.07 55.76
CA GLY C 66 -30.05 36.69 55.84
C GLY C 66 -30.37 36.99 57.27
N GLY C 67 -31.65 37.02 57.60
CA GLY C 67 -32.04 37.26 58.97
C GLY C 67 -31.86 35.94 59.70
N THR C 68 -31.44 34.94 58.93
CA THR C 68 -31.23 33.60 59.43
C THR C 68 -29.78 33.16 59.38
N VAL C 69 -29.51 31.99 59.93
CA VAL C 69 -28.18 31.44 59.97
C VAL C 69 -28.23 29.96 59.57
N THR C 70 -27.11 29.45 59.07
CA THR C 70 -27.00 28.06 58.64
C THR C 70 -27.55 27.13 59.71
N LYS C 71 -28.34 26.15 59.30
CA LYS C 71 -28.91 25.20 60.24
C LYS C 71 -27.80 24.43 60.95
N ASP C 72 -26.74 24.11 60.23
CA ASP C 72 -25.61 23.41 60.82
C ASP C 72 -24.58 24.40 61.34
N ASP C 73 -24.23 24.28 62.62
CA ASP C 73 -23.24 25.14 63.23
C ASP C 73 -21.91 24.39 63.23
N PHE C 74 -20.89 24.94 63.86
CA PHE C 74 -19.62 24.27 63.86
C PHE C 74 -19.64 22.92 64.56
N GLU C 75 -20.64 22.68 65.40
CA GLU C 75 -20.67 21.40 66.10
C GLU C 75 -21.26 20.30 65.24
N SER C 76 -22.49 20.52 64.77
CA SER C 76 -23.19 19.55 63.94
C SER C 76 -22.42 19.32 62.65
N GLY C 77 -22.02 20.41 62.01
CA GLY C 77 -21.27 20.32 60.77
C GLY C 77 -20.00 19.50 60.91
N THR C 78 -19.32 19.65 62.03
CA THR C 78 -18.09 18.89 62.26
C THR C 78 -18.36 17.41 62.31
N ILE C 79 -19.39 17.03 63.07
CA ILE C 79 -19.79 15.65 63.22
C ILE C 79 -20.18 15.10 61.85
N ALA C 80 -21.03 15.85 61.13
CA ALA C 80 -21.47 15.43 59.80
C ALA C 80 -20.24 15.10 58.95
N ALA C 81 -19.36 16.06 58.79
CA ALA C 81 -18.14 15.85 58.01
C ALA C 81 -17.38 14.63 58.53
N ALA C 82 -17.36 14.45 59.84
CA ALA C 82 -16.66 13.32 60.44
C ALA C 82 -17.22 12.01 59.92
N PHE C 83 -18.55 11.91 59.89
CA PHE C 83 -19.19 10.70 59.38
C PHE C 83 -18.92 10.56 57.89
N GLY C 84 -18.86 11.68 57.19
CA GLY C 84 -18.61 11.65 55.77
C GLY C 84 -17.20 11.30 55.34
N GLY C 85 -16.31 11.08 56.31
CA GLY C 85 -14.93 10.74 55.99
C GLY C 85 -14.02 11.96 55.90
N THR C 86 -14.54 13.12 56.28
CA THR C 86 -13.75 14.35 56.28
C THR C 86 -13.28 14.63 57.73
N THR C 87 -11.98 14.83 57.92
CA THR C 87 -11.44 15.10 59.24
C THR C 87 -10.82 16.49 59.45
N THR C 88 -10.90 17.33 58.42
CA THR C 88 -10.34 18.68 58.51
C THR C 88 -11.13 19.60 57.59
N ILE C 89 -11.60 20.72 58.12
CA ILE C 89 -12.34 21.66 57.30
C ILE C 89 -11.70 23.05 57.36
N ILE C 90 -11.93 23.84 56.31
CA ILE C 90 -11.41 25.19 56.29
C ILE C 90 -12.62 26.05 55.98
N ASP C 91 -13.15 26.69 57.02
CA ASP C 91 -14.35 27.53 56.90
C ASP C 91 -13.99 28.97 56.51
N PHE C 92 -14.92 29.64 55.85
CA PHE C 92 -14.71 31.02 55.40
C PHE C 92 -15.11 32.07 56.42
N CYS C 93 -14.11 32.67 57.06
CA CYS C 93 -14.35 33.73 58.04
C CYS C 93 -14.71 35.04 57.33
N LEU C 94 -15.97 35.43 57.40
CA LEU C 94 -16.45 36.63 56.74
C LEU C 94 -16.00 37.93 57.38
N THR C 95 -15.91 38.97 56.54
CA THR C 95 -15.44 40.28 56.96
C THR C 95 -16.37 41.44 56.61
N ASN C 96 -16.38 42.46 57.46
CA ASN C 96 -17.19 43.65 57.24
C ASN C 96 -16.27 44.84 56.98
N LYS C 97 -16.68 45.74 56.10
CA LYS C 97 -15.88 46.92 55.75
C LYS C 97 -15.70 47.86 56.94
N GLY C 98 -14.57 48.55 56.96
CA GLY C 98 -14.27 49.49 58.03
C GLY C 98 -13.93 48.82 59.35
N GLU C 99 -14.43 47.62 59.54
CA GLU C 99 -14.21 46.86 60.76
C GLU C 99 -12.88 46.09 60.68
N PRO C 100 -12.06 46.17 61.73
CA PRO C 100 -10.76 45.48 61.81
C PRO C 100 -10.84 43.96 61.62
N LEU C 101 -9.99 43.43 60.75
CA LEU C 101 -9.96 42.00 60.44
C LEU C 101 -9.88 41.05 61.63
N LYS C 102 -9.09 41.43 62.64
CA LYS C 102 -8.93 40.56 63.81
C LYS C 102 -10.20 40.45 64.62
N LYS C 103 -11.15 41.35 64.34
CA LYS C 103 -12.44 41.34 65.01
C LYS C 103 -13.15 40.08 64.53
N ALA C 104 -13.34 39.99 63.22
CA ALA C 104 -14.00 38.87 62.58
C ALA C 104 -13.28 37.56 62.91
N ILE C 105 -11.95 37.54 62.78
CA ILE C 105 -11.19 36.33 63.07
C ILE C 105 -11.49 35.77 64.45
N GLU C 106 -11.69 36.63 65.43
CA GLU C 106 -12.01 36.14 66.76
C GLU C 106 -13.46 35.70 66.83
N THR C 107 -14.33 36.40 66.11
CA THR C 107 -15.75 36.04 66.08
C THR C 107 -15.83 34.60 65.64
N TRP C 108 -15.08 34.27 64.59
CA TRP C 108 -15.05 32.93 64.04
C TRP C 108 -14.43 31.97 65.02
N HIS C 109 -13.31 32.33 65.61
CA HIS C 109 -12.68 31.43 66.58
C HIS C 109 -13.70 31.05 67.65
N ASN C 110 -14.61 31.96 67.96
CA ASN C 110 -15.63 31.68 68.97
C ASN C 110 -16.62 30.68 68.43
N LYS C 111 -17.08 30.90 67.20
CA LYS C 111 -18.02 29.99 66.56
C LYS C 111 -17.52 28.55 66.63
N ALA C 112 -16.22 28.36 66.41
CA ALA C 112 -15.59 27.03 66.41
C ALA C 112 -15.17 26.53 67.77
N ASN C 113 -14.62 27.43 68.57
CA ASN C 113 -14.13 27.11 69.92
C ASN C 113 -14.92 26.07 70.69
N GLY C 114 -14.24 24.98 71.04
CA GLY C 114 -14.88 23.92 71.81
C GLY C 114 -16.05 23.17 71.22
N LYS C 115 -16.38 23.42 69.96
CA LYS C 115 -17.49 22.72 69.33
C LYS C 115 -17.04 21.80 68.21
N ALA C 116 -15.83 22.03 67.70
CA ALA C 116 -15.32 21.20 66.62
C ALA C 116 -14.97 19.80 67.10
N VAL C 117 -15.40 18.80 66.34
CA VAL C 117 -15.13 17.40 66.64
C VAL C 117 -13.84 16.98 65.94
N ILE C 118 -13.52 17.68 64.85
CA ILE C 118 -12.30 17.45 64.06
C ILE C 118 -11.58 18.80 63.89
N ASP C 119 -10.37 18.77 63.33
CA ASP C 119 -9.59 19.99 63.16
C ASP C 119 -10.14 20.92 62.07
N TYR C 120 -9.78 22.19 62.15
CA TYR C 120 -10.27 23.20 61.20
C TYR C 120 -9.33 24.40 61.07
N GLY C 121 -9.59 25.22 60.06
CA GLY C 121 -8.81 26.41 59.81
C GLY C 121 -9.75 27.46 59.23
N PHE C 122 -9.22 28.60 58.83
CA PHE C 122 -10.07 29.63 58.25
C PHE C 122 -9.49 30.27 57.01
N HIS C 123 -10.39 30.93 56.29
CA HIS C 123 -10.06 31.65 55.08
C HIS C 123 -10.52 33.03 55.51
N LEU C 124 -9.81 34.07 55.10
CA LEU C 124 -10.24 35.40 55.49
C LEU C 124 -10.89 36.09 54.32
N MET C 125 -12.12 36.56 54.51
CA MET C 125 -12.83 37.26 53.44
C MET C 125 -12.27 38.67 53.29
N ILE C 126 -12.25 39.16 52.06
CA ILE C 126 -11.75 40.50 51.79
C ILE C 126 -12.70 41.24 50.88
N SER C 127 -13.26 42.34 51.37
CA SER C 127 -14.22 43.15 50.63
C SER C 127 -13.65 44.51 50.27
N GLU C 128 -12.47 44.80 50.80
CA GLU C 128 -11.79 46.07 50.57
C GLU C 128 -10.35 46.02 51.04
N ILE C 129 -9.48 46.77 50.36
CA ILE C 129 -8.07 46.86 50.71
C ILE C 129 -7.77 48.27 51.26
N THR C 130 -7.72 48.38 52.59
CA THR C 130 -7.45 49.63 53.28
C THR C 130 -6.03 49.59 53.79
N ASP C 131 -5.51 50.76 54.13
CA ASP C 131 -4.15 50.82 54.65
C ASP C 131 -4.17 50.00 55.93
N ASP C 132 -5.30 50.04 56.62
CA ASP C 132 -5.46 49.30 57.86
C ASP C 132 -5.41 47.82 57.55
N VAL C 133 -6.05 47.44 56.45
CA VAL C 133 -6.07 46.05 56.04
C VAL C 133 -4.66 45.59 55.70
N LEU C 134 -3.96 46.40 54.90
CA LEU C 134 -2.60 46.07 54.51
C LEU C 134 -1.68 45.87 55.70
N GLU C 135 -1.99 46.55 56.80
CA GLU C 135 -1.17 46.42 58.01
C GLU C 135 -1.45 45.13 58.77
N GLU C 136 -2.72 44.70 58.75
CA GLU C 136 -3.11 43.48 59.44
C GLU C 136 -2.71 42.21 58.70
N LEU C 137 -2.95 42.17 57.38
CA LEU C 137 -2.63 40.99 56.60
C LEU C 137 -1.35 40.27 57.04
N PRO C 138 -0.22 40.98 57.03
CA PRO C 138 1.02 40.32 57.44
C PRO C 138 0.92 39.66 58.82
N LYS C 139 0.20 40.31 59.72
CA LYS C 139 0.01 39.79 61.07
C LYS C 139 -0.93 38.60 60.98
N VAL C 140 -1.96 38.74 60.16
CA VAL C 140 -2.95 37.68 59.95
C VAL C 140 -2.26 36.43 59.43
N LEU C 141 -1.10 36.58 58.80
CA LEU C 141 -0.36 35.42 58.31
C LEU C 141 0.41 34.76 59.42
N GLU C 142 1.26 35.53 60.11
CA GLU C 142 2.09 35.00 61.20
C GLU C 142 1.26 34.57 62.41
N GLU C 143 0.50 35.49 62.98
CA GLU C 143 -0.36 35.16 64.10
C GLU C 143 -1.66 34.76 63.41
N GLU C 144 -2.11 33.54 63.64
CA GLU C 144 -3.32 33.02 63.00
C GLU C 144 -2.81 32.50 61.66
N GLY C 145 -2.77 31.18 61.48
CA GLY C 145 -2.28 30.66 60.22
C GLY C 145 -3.21 30.87 59.04
N ILE C 146 -3.75 32.08 58.86
CA ILE C 146 -4.65 32.36 57.75
C ILE C 146 -3.83 32.77 56.55
N THR C 147 -3.56 31.83 55.66
CA THR C 147 -2.75 32.10 54.48
C THR C 147 -3.53 32.04 53.18
N SER C 148 -4.85 32.11 53.28
CA SER C 148 -5.68 32.08 52.09
C SER C 148 -6.74 33.17 52.23
N LEU C 149 -6.60 34.16 51.50
CA LEU C 149 -7.52 35.30 51.47
C LEU C 149 -8.59 35.12 50.32
N VAL C 151 -12.26 36.22 47.83
CA VAL C 151 -12.95 37.41 47.21
C VAL C 151 -14.19 37.10 46.35
N PHE C 152 -15.29 37.81 46.59
CA PHE C 152 -16.52 37.58 45.84
C PHE C 152 -16.64 38.54 44.68
N MET C 153 -16.75 37.99 43.48
CA MET C 153 -16.91 38.85 42.32
C MET C 153 -18.38 39.10 42.10
N ALA C 154 -19.22 38.31 42.79
CA ALA C 154 -20.67 38.45 42.67
C ALA C 154 -21.22 38.87 44.03
N TYR C 155 -22.55 38.82 44.16
CA TYR C 155 -23.22 39.19 45.40
C TYR C 155 -23.03 40.68 45.62
N LYS C 156 -23.42 41.44 44.61
CA LYS C 156 -23.33 42.88 44.65
C LYS C 156 -23.93 43.42 45.96
N ASN C 157 -23.31 44.46 46.50
CA ASN C 157 -23.78 45.10 47.74
C ASN C 157 -23.88 44.13 48.93
N VAL C 158 -23.07 43.08 48.95
CA VAL C 158 -23.13 42.14 50.05
C VAL C 158 -21.78 41.51 50.34
N PHE C 159 -21.00 41.25 49.29
CA PHE C 159 -19.67 40.66 49.44
C PHE C 159 -18.76 41.14 48.32
N GLN C 160 -19.38 41.46 47.19
CA GLN C 160 -18.67 41.89 45.98
C GLN C 160 -17.55 42.89 46.16
N ALA C 161 -16.56 42.78 45.29
CA ALA C 161 -15.39 43.66 45.29
C ALA C 161 -15.01 44.00 43.85
N ASP C 162 -14.64 45.25 43.59
CA ASP C 162 -14.25 45.64 42.24
C ASP C 162 -12.93 44.98 41.87
N ASP C 163 -12.60 45.02 40.58
CA ASP C 163 -11.37 44.41 40.09
C ASP C 163 -10.15 45.03 40.73
N GLY C 164 -10.28 46.28 41.15
CA GLY C 164 -9.18 46.97 41.80
C GLY C 164 -8.88 46.29 43.11
N THR C 165 -9.95 45.98 43.86
CA THR C 165 -9.80 45.31 45.15
C THR C 165 -9.23 43.91 44.91
N LEU C 166 -9.76 43.23 43.89
CA LEU C 166 -9.27 41.90 43.54
C LEU C 166 -7.81 41.97 43.16
N TYR C 167 -7.48 42.91 42.27
CA TYR C 167 -6.11 43.07 41.82
C TYR C 167 -5.11 43.36 42.95
N CYS C 168 -5.40 44.35 43.80
CA CYS C 168 -4.48 44.66 44.90
C CYS C 168 -4.37 43.49 45.87
N THR C 169 -5.44 42.70 45.99
CA THR C 169 -5.43 41.55 46.86
C THR C 169 -4.44 40.55 46.29
N LEU C 170 -4.51 40.36 44.98
CA LEU C 170 -3.61 39.42 44.32
C LEU C 170 -2.17 39.80 44.58
N LEU C 171 -1.87 41.09 44.49
CA LEU C 171 -0.52 41.57 44.74
C LEU C 171 -0.16 41.32 46.19
N ALA C 172 -0.97 41.86 47.11
CA ALA C 172 -0.72 41.68 48.52
C ALA C 172 -0.42 40.20 48.77
N ALA C 173 -1.26 39.36 48.19
CA ALA C 173 -1.13 37.92 48.32
C ALA C 173 0.21 37.40 47.84
N LYS C 174 0.57 37.78 46.61
CA LYS C 174 1.85 37.34 46.03
C LYS C 174 2.97 37.73 46.95
N GLU C 175 2.89 38.99 47.41
CA GLU C 175 3.88 39.58 48.30
C GLU C 175 3.93 38.85 49.64
N LEU C 176 2.81 38.81 50.34
CA LEU C 176 2.73 38.17 51.65
C LEU C 176 2.84 36.63 51.67
N GLY C 177 2.54 36.00 50.54
CA GLY C 177 2.61 34.55 50.47
C GLY C 177 1.29 33.89 50.83
N ALA C 178 0.20 34.37 50.22
CA ALA C 178 -1.14 33.83 50.46
C ALA C 178 -1.77 33.45 49.13
N LEU C 179 -2.82 32.64 49.19
CA LEU C 179 -3.50 32.21 48.00
C LEU C 179 -4.82 32.95 47.91
N VAL C 180 -5.08 33.57 46.76
CA VAL C 180 -6.33 34.30 46.58
C VAL C 180 -7.40 33.37 46.07
N MET C 181 -8.51 33.31 46.77
CA MET C 181 -9.60 32.45 46.36
C MET C 181 -10.63 33.37 45.76
N VAL C 182 -11.41 32.87 44.81
CA VAL C 182 -12.40 33.71 44.14
C VAL C 182 -13.74 33.03 43.80
N HIS C 183 -14.83 33.75 44.07
CA HIS C 183 -16.17 33.28 43.72
C HIS C 183 -16.40 34.01 42.40
N ALA C 184 -16.12 33.33 41.29
CA ALA C 184 -16.21 33.93 39.97
C ALA C 184 -17.54 34.00 39.25
N GLU C 185 -18.32 35.03 39.52
CA GLU C 185 -19.60 35.22 38.83
C GLU C 185 -19.74 36.72 38.62
N ASN C 186 -20.19 37.15 37.45
CA ASN C 186 -20.31 38.56 37.20
C ASN C 186 -21.48 39.20 37.95
N GLY C 187 -21.22 39.60 39.19
CA GLY C 187 -22.24 40.21 40.01
C GLY C 187 -23.08 41.32 39.41
N ASP C 188 -22.46 42.29 38.75
CA ASP C 188 -23.19 43.41 38.16
C ASP C 188 -24.22 43.02 37.13
N VAL C 189 -23.90 42.02 36.29
CA VAL C 189 -24.86 41.57 35.29
C VAL C 189 -25.93 40.71 35.96
N ILE C 190 -25.50 39.77 36.79
CA ILE C 190 -26.45 38.90 37.47
C ILE C 190 -27.49 39.80 38.14
N ASP C 191 -27.02 40.92 38.66
CA ASP C 191 -27.88 41.87 39.33
C ASP C 191 -29.02 42.39 38.48
N TYR C 192 -28.70 42.97 37.32
CA TYR C 192 -29.76 43.48 36.45
C TYR C 192 -30.72 42.36 36.07
N LEU C 193 -30.15 41.21 35.70
CA LEU C 193 -30.95 40.06 35.31
C LEU C 193 -31.93 39.71 36.43
N THR C 194 -31.42 39.68 37.65
CA THR C 194 -32.23 39.38 38.83
C THR C 194 -33.37 40.36 38.95
N LYS C 195 -33.03 41.65 38.96
CA LYS C 195 -34.03 42.70 39.06
C LYS C 195 -35.09 42.57 37.98
N LYS C 196 -34.66 42.43 36.73
CA LYS C 196 -35.63 42.31 35.65
C LYS C 196 -36.52 41.07 35.80
N ALA C 197 -35.92 39.93 36.14
CA ALA C 197 -36.67 38.70 36.33
C ALA C 197 -37.86 38.97 37.25
N LEU C 198 -37.57 39.54 38.42
CA LEU C 198 -38.61 39.87 39.38
C LEU C 198 -39.62 40.84 38.77
N ALA C 199 -39.11 41.90 38.14
CA ALA C 199 -39.95 42.90 37.50
C ALA C 199 -40.93 42.27 36.51
N ASP C 200 -40.63 41.06 36.04
CA ASP C 200 -41.51 40.41 35.09
C ASP C 200 -42.31 39.27 35.72
N GLY C 201 -42.27 39.18 37.05
CA GLY C 201 -43.00 38.14 37.74
C GLY C 201 -42.34 36.77 37.82
N ASN C 202 -41.15 36.61 37.26
CA ASN C 202 -40.45 35.33 37.32
C ASN C 202 -39.82 35.23 38.69
N THR C 203 -40.48 34.51 39.59
CA THR C 203 -40.00 34.40 40.95
C THR C 203 -39.64 32.98 41.39
N ASP C 204 -40.07 31.98 40.64
CA ASP C 204 -39.78 30.60 41.00
C ASP C 204 -38.30 30.29 41.16
N PRO C 205 -38.00 29.23 41.91
CA PRO C 205 -36.61 28.83 42.15
C PRO C 205 -35.75 28.72 40.90
N ILE C 206 -36.33 28.32 39.78
CA ILE C 206 -35.55 28.17 38.57
C ILE C 206 -34.95 29.46 38.04
N TYR C 207 -35.62 30.58 38.26
CA TYR C 207 -35.08 31.83 37.77
C TYR C 207 -33.80 32.21 38.51
N HIS C 208 -33.50 31.48 39.58
CA HIS C 208 -32.28 31.73 40.30
C HIS C 208 -31.17 31.32 39.37
N ALA C 209 -31.38 30.24 38.64
CA ALA C 209 -30.39 29.72 37.70
C ALA C 209 -30.37 30.52 36.40
N LEU C 210 -31.55 30.72 35.80
CA LEU C 210 -31.65 31.45 34.54
C LEU C 210 -31.20 32.91 34.69
N THR C 211 -31.29 33.42 35.91
CA THR C 211 -30.90 34.77 36.21
C THR C 211 -29.37 34.94 36.20
N ARG C 212 -28.66 33.82 36.17
CA ARG C 212 -27.21 33.85 36.14
C ARG C 212 -26.57 32.77 35.27
N PRO C 213 -26.61 32.97 33.93
CA PRO C 213 -26.07 32.08 32.90
C PRO C 213 -24.59 31.78 33.05
N PRO C 214 -24.16 30.58 32.62
CA PRO C 214 -22.75 30.19 32.72
C PRO C 214 -21.77 31.15 32.05
N GLU C 215 -22.27 31.93 31.09
CA GLU C 215 -21.44 32.88 30.39
C GLU C 215 -20.83 33.80 31.42
N LEU C 216 -21.65 34.20 32.38
CA LEU C 216 -21.22 35.09 33.43
C LEU C 216 -20.24 34.44 34.42
N GLU C 217 -20.25 33.10 34.50
CA GLU C 217 -19.31 32.44 35.41
C GLU C 217 -17.97 32.39 34.68
N GLY C 218 -18.04 32.07 33.39
CA GLY C 218 -16.83 32.00 32.58
C GLY C 218 -16.20 33.37 32.48
N GLU C 219 -17.02 34.38 32.18
CA GLU C 219 -16.51 35.73 32.08
C GLU C 219 -15.72 36.10 33.33
N ALA C 220 -16.39 36.02 34.47
CA ALA C 220 -15.75 36.33 35.75
C ALA C 220 -14.47 35.51 35.93
N THR C 221 -14.55 34.20 35.76
CA THR C 221 -13.37 33.36 35.92
C THR C 221 -12.22 33.86 35.06
N GLY C 222 -12.55 34.39 33.88
CA GLY C 222 -11.52 34.91 32.99
C GLY C 222 -10.79 36.11 33.58
N ARG C 223 -11.56 37.09 34.05
CA ARG C 223 -10.97 38.29 34.66
C ARG C 223 -10.04 37.86 35.77
N ALA C 224 -10.57 37.09 36.72
CA ALA C 224 -9.77 36.62 37.84
C ALA C 224 -8.43 36.12 37.32
N CYS C 225 -8.48 35.32 36.27
CA CYS C 225 -7.27 34.74 35.68
C CYS C 225 -6.37 35.81 35.07
N GLN C 226 -6.92 36.57 34.14
CA GLN C 226 -6.15 37.63 33.48
C GLN C 226 -5.49 38.51 34.55
N LEU C 227 -6.28 38.93 35.55
CA LEU C 227 -5.72 39.75 36.59
C LEU C 227 -4.66 38.98 37.35
N THR C 228 -4.92 37.72 37.68
CA THR C 228 -3.92 36.95 38.41
C THR C 228 -2.61 36.89 37.65
N GLU C 229 -2.73 36.92 36.33
CA GLU C 229 -1.57 36.90 35.45
C GLU C 229 -0.82 38.22 35.58
N LEU C 230 -1.53 39.33 35.34
CA LEU C 230 -0.96 40.68 35.47
C LEU C 230 -0.23 40.81 36.81
N ALA C 231 -0.90 40.45 37.89
CA ALA C 231 -0.31 40.54 39.22
C ALA C 231 0.80 39.53 39.43
N GLY C 232 0.80 38.45 38.67
CA GLY C 232 1.83 37.44 38.83
C GLY C 232 1.69 36.61 40.10
N SER C 233 0.48 36.53 40.67
CA SER C 233 0.28 35.77 41.91
C SER C 233 -0.36 34.40 41.69
N GLN C 234 -1.14 33.94 42.66
CA GLN C 234 -1.81 32.65 42.56
C GLN C 234 -3.32 32.74 42.77
N LEU C 235 -4.06 32.02 41.93
CA LEU C 235 -5.53 32.00 42.00
C LEU C 235 -6.06 30.60 42.32
N TYR C 236 -7.25 30.56 42.90
CA TYR C 236 -7.92 29.31 43.24
C TYR C 236 -9.40 29.60 43.06
N VAL C 237 -9.95 29.19 41.92
CA VAL C 237 -11.37 29.43 41.63
C VAL C 237 -12.23 28.41 42.38
N VAL C 238 -13.11 28.89 43.25
CA VAL C 238 -13.95 27.99 44.01
C VAL C 238 -15.16 27.58 43.19
N HIS C 239 -15.71 26.41 43.52
CA HIS C 239 -16.86 25.86 42.82
C HIS C 239 -17.00 26.17 41.32
N VAL C 240 -16.14 25.54 40.53
CA VAL C 240 -16.20 25.67 39.08
C VAL C 240 -17.43 24.87 38.67
N THR C 241 -18.31 25.51 37.94
CA THR C 241 -19.58 24.91 37.57
C THR C 241 -19.81 24.55 36.12
N CYS C 242 -19.68 25.55 35.25
CA CYS C 242 -19.91 25.36 33.81
C CYS C 242 -18.65 25.06 33.03
N ALA C 243 -18.83 24.72 31.76
CA ALA C 243 -17.74 24.40 30.86
C ALA C 243 -16.91 25.65 30.64
N GLN C 244 -17.61 26.76 30.31
CA GLN C 244 -16.96 28.04 30.07
C GLN C 244 -15.91 28.34 31.13
N ALA C 245 -16.25 28.12 32.39
CA ALA C 245 -15.32 28.37 33.48
C ALA C 245 -14.14 27.40 33.39
N VAL C 246 -14.43 26.12 33.19
CA VAL C 246 -13.38 25.11 33.12
C VAL C 246 -12.40 25.52 32.04
N GLU C 247 -12.94 26.01 30.93
CA GLU C 247 -12.12 26.42 29.81
C GLU C 247 -11.12 27.53 30.18
N LYS C 248 -11.62 28.61 30.79
CA LYS C 248 -10.77 29.71 31.22
C LYS C 248 -9.65 29.20 32.09
N ILE C 249 -10.00 28.38 33.07
CA ILE C 249 -8.98 27.84 33.95
C ILE C 249 -7.98 26.97 33.19
N ALA C 250 -8.44 26.32 32.13
CA ALA C 250 -7.56 25.45 31.36
C ALA C 250 -6.54 26.29 30.62
N GLU C 251 -7.02 27.37 29.99
CA GLU C 251 -6.14 28.28 29.28
C GLU C 251 -5.06 28.82 30.23
N ALA C 252 -5.51 29.33 31.38
CA ALA C 252 -4.61 29.87 32.39
C ALA C 252 -3.47 28.90 32.69
N ARG C 253 -3.81 27.69 33.13
CA ARG C 253 -2.80 26.71 33.46
C ARG C 253 -1.91 26.34 32.29
N ASN C 254 -2.42 26.52 31.08
CA ASN C 254 -1.63 26.22 29.88
C ASN C 254 -0.52 27.25 29.77
N LYS C 255 -0.85 28.51 30.05
CA LYS C 255 0.11 29.62 30.00
C LYS C 255 1.08 29.55 31.17
N GLY C 256 1.02 28.48 31.97
CA GLY C 256 1.91 28.35 33.11
C GLY C 256 1.44 29.15 34.32
N LEU C 257 0.35 29.90 34.16
CA LEU C 257 -0.18 30.71 35.24
C LEU C 257 -0.45 29.80 36.42
N ASP C 258 -0.32 30.33 37.63
CA ASP C 258 -0.55 29.54 38.83
C ASP C 258 -2.01 29.63 39.27
N VAL C 259 -2.89 29.02 38.48
CA VAL C 259 -4.32 29.02 38.75
C VAL C 259 -4.80 27.62 39.14
N TRP C 260 -5.80 27.56 40.02
CA TRP C 260 -6.35 26.29 40.45
C TRP C 260 -7.86 26.35 40.42
N GLY C 261 -8.47 25.19 40.19
CA GLY C 261 -9.91 25.08 40.13
C GLY C 261 -10.45 24.00 41.07
N GLU C 262 -11.63 24.27 41.60
CA GLU C 262 -12.27 23.37 42.54
C GLU C 262 -13.74 23.21 42.13
N THR C 263 -14.31 22.04 42.42
CA THR C 263 -15.72 21.80 42.13
C THR C 263 -16.36 21.17 43.36
N CYS C 264 -17.66 20.94 43.25
CA CYS C 264 -18.41 20.35 44.33
C CYS C 264 -19.33 19.29 43.77
N PRO C 265 -19.55 18.21 44.53
CA PRO C 265 -20.41 17.11 44.12
C PRO C 265 -21.72 17.53 43.46
N GLN C 266 -22.45 18.44 44.09
CA GLN C 266 -23.72 18.90 43.52
C GLN C 266 -23.64 19.33 42.07
N TYR C 267 -22.48 19.81 41.63
CA TYR C 267 -22.34 20.25 40.25
C TYR C 267 -21.89 19.09 39.37
N LEU C 268 -21.41 18.05 40.01
CA LEU C 268 -20.91 16.85 39.34
C LEU C 268 -22.06 15.85 39.12
N VAL C 269 -23.02 15.84 40.02
CA VAL C 269 -24.14 14.90 39.98
C VAL C 269 -25.53 15.49 39.73
N LEU C 270 -25.86 16.62 40.34
CA LEU C 270 -27.18 17.22 40.14
C LEU C 270 -27.13 18.16 38.94
N ASP C 271 -28.29 18.69 38.56
CA ASP C 271 -28.34 19.61 37.43
C ASP C 271 -29.54 20.55 37.48
N GLN C 272 -29.55 21.51 36.55
CA GLN C 272 -30.58 22.54 36.49
C GLN C 272 -32.03 22.12 36.66
N SER C 273 -32.40 20.97 36.12
CA SER C 273 -33.78 20.52 36.21
C SER C 273 -34.30 20.48 37.64
N TYR C 274 -33.48 20.02 38.58
CA TYR C 274 -33.90 19.95 39.97
C TYR C 274 -34.49 21.24 40.49
N LEU C 275 -34.23 22.35 39.82
CA LEU C 275 -34.75 23.64 40.29
C LEU C 275 -36.19 23.84 39.86
N GLU C 276 -36.64 23.02 38.92
CA GLU C 276 -38.02 23.11 38.41
C GLU C 276 -38.92 22.14 39.16
N LYS C 277 -38.31 21.06 39.60
CA LYS C 277 -39.00 20.03 40.34
C LYS C 277 -39.45 20.59 41.69
N PRO C 278 -40.72 21.05 41.82
CA PRO C 278 -42.09 21.41 41.45
C PRO C 278 -42.64 22.01 42.75
N ASN C 279 -43.76 22.70 42.72
CA ASN C 279 -44.26 23.30 43.96
C ASN C 279 -43.20 24.32 44.41
N PHE C 280 -42.40 23.96 45.41
CA PHE C 280 -41.35 24.85 45.88
C PHE C 280 -40.10 24.05 46.14
N GLU C 281 -40.19 22.75 45.90
CA GLU C 281 -39.07 21.84 46.07
C GLU C 281 -37.79 22.38 45.45
N GLY C 282 -37.94 23.18 44.40
CA GLY C 282 -36.79 23.75 43.71
C GLY C 282 -35.82 24.39 44.67
N ALA C 283 -36.34 25.20 45.57
CA ALA C 283 -35.55 25.91 46.56
C ALA C 283 -34.53 25.04 47.29
N LYS C 284 -34.76 23.74 47.34
CA LYS C 284 -33.82 22.85 48.01
C LYS C 284 -32.48 22.86 47.30
N TYR C 285 -32.50 23.20 46.02
CA TYR C 285 -31.30 23.19 45.18
C TYR C 285 -30.75 24.57 44.83
N VAL C 286 -31.25 25.60 45.50
CA VAL C 286 -30.79 26.97 45.26
C VAL C 286 -29.47 27.30 45.98
N TRP C 287 -28.44 27.54 45.17
CA TRP C 287 -27.11 27.89 45.64
C TRP C 287 -26.37 28.51 44.45
N SER C 288 -25.29 29.27 44.72
CA SER C 288 -24.55 29.89 43.63
C SER C 288 -23.11 29.42 43.56
N PRO C 289 -22.58 29.19 42.33
CA PRO C 289 -23.30 29.34 41.06
C PRO C 289 -24.42 28.31 40.98
N PRO C 290 -25.43 28.58 40.15
CA PRO C 290 -26.57 27.67 39.98
C PRO C 290 -26.24 26.38 39.25
N LEU C 291 -27.04 25.34 39.48
CA LEU C 291 -26.82 24.07 38.80
C LEU C 291 -27.01 24.36 37.31
N ARG C 292 -26.17 23.74 36.49
CA ARG C 292 -26.24 23.96 35.05
C ARG C 292 -26.91 22.80 34.34
N GLU C 293 -26.87 22.82 33.01
CA GLU C 293 -27.49 21.76 32.23
C GLU C 293 -26.63 20.52 32.35
N LYS C 294 -27.31 19.38 32.52
CA LYS C 294 -26.70 18.08 32.67
C LYS C 294 -25.38 17.88 31.90
N TRP C 295 -25.30 18.41 30.69
CA TRP C 295 -24.11 18.23 29.85
C TRP C 295 -22.77 18.77 30.36
N HIS C 296 -22.79 19.75 31.24
CA HIS C 296 -21.55 20.32 31.78
C HIS C 296 -20.83 19.31 32.66
N GLN C 297 -21.60 18.46 33.31
CA GLN C 297 -21.06 17.44 34.20
C GLN C 297 -19.90 16.68 33.59
N GLU C 298 -20.00 16.37 32.29
CA GLU C 298 -18.96 15.63 31.62
C GLU C 298 -17.69 16.43 31.69
N VAL C 299 -17.81 17.66 31.20
CA VAL C 299 -16.70 18.59 31.17
C VAL C 299 -16.02 18.62 32.51
N LEU C 300 -16.81 18.75 33.57
CA LEU C 300 -16.25 18.77 34.91
C LEU C 300 -15.48 17.49 35.14
N TRP C 301 -16.12 16.33 34.99
CA TRP C 301 -15.43 15.07 35.20
C TRP C 301 -14.12 14.97 34.41
N ASN C 302 -14.14 15.34 33.14
CA ASN C 302 -12.93 15.27 32.32
C ASN C 302 -11.85 16.17 32.88
N ALA C 303 -12.29 17.37 33.31
CA ALA C 303 -11.37 18.34 33.89
C ALA C 303 -10.71 17.70 35.08
N LEU C 304 -11.53 17.02 35.88
CA LEU C 304 -11.07 16.32 37.07
C LEU C 304 -10.13 15.17 36.70
N LYS C 305 -10.49 14.46 35.65
CA LYS C 305 -9.72 13.34 35.16
C LYS C 305 -8.35 13.77 34.67
N ASN C 306 -8.33 14.76 33.78
CA ASN C 306 -7.10 15.26 33.19
C ASN C 306 -6.35 16.34 33.96
N GLY C 307 -6.95 16.87 35.03
CA GLY C 307 -6.26 17.87 35.81
C GLY C 307 -6.62 19.35 35.65
N GLN C 308 -7.56 19.69 34.78
CA GLN C 308 -7.91 21.10 34.64
C GLN C 308 -8.45 21.56 36.00
N LEU C 309 -9.19 20.66 36.66
CA LEU C 309 -9.74 20.93 37.99
C LEU C 309 -8.98 19.97 38.92
N GLN C 310 -8.61 20.43 40.12
CA GLN C 310 -7.84 19.58 40.99
C GLN C 310 -8.28 19.37 42.43
N THR C 311 -9.39 19.99 42.83
CA THR C 311 -9.88 19.80 44.20
C THR C 311 -11.40 19.75 44.29
N LEU C 312 -11.92 19.02 45.28
CA LEU C 312 -13.35 18.91 45.47
C LEU C 312 -13.76 19.48 46.82
N GLY C 313 -14.66 20.45 46.79
CA GLY C 313 -15.13 21.06 48.02
C GLY C 313 -16.62 20.86 48.12
N SER C 314 -17.19 21.09 49.29
CA SER C 314 -18.61 20.90 49.48
C SER C 314 -19.44 22.13 49.28
N ASP C 315 -18.91 23.25 49.74
CA ASP C 315 -19.61 24.52 49.70
C ASP C 315 -20.81 24.38 50.63
N GLN C 316 -20.56 23.66 51.73
CA GLN C 316 -21.54 23.38 52.77
C GLN C 316 -22.16 24.67 53.32
N CYS C 317 -23.48 24.78 53.24
CA CYS C 317 -24.18 25.95 53.73
C CYS C 317 -25.65 25.56 53.89
N SER C 318 -25.93 24.80 54.93
CA SER C 318 -27.25 24.30 55.20
C SER C 318 -28.37 25.25 55.66
N PHE C 319 -29.57 24.95 55.19
CA PHE C 319 -30.78 25.71 55.52
C PHE C 319 -32.00 24.80 55.45
N ASP C 320 -32.76 24.70 56.55
CA ASP C 320 -33.96 23.87 56.56
C ASP C 320 -34.89 24.31 55.44
N PHE C 321 -35.35 23.34 54.64
CA PHE C 321 -36.27 23.63 53.56
C PHE C 321 -37.51 24.25 54.17
N LYS C 322 -37.82 23.80 55.39
CA LYS C 322 -38.97 24.28 56.13
C LYS C 322 -38.98 25.77 56.38
N GLY C 323 -38.35 26.19 57.48
CA GLY C 323 -38.33 27.60 57.82
C GLY C 323 -37.48 28.51 56.94
N GLN C 324 -36.20 28.14 56.85
CA GLN C 324 -35.25 28.89 56.06
C GLN C 324 -35.54 29.04 54.58
N LYS C 325 -35.34 27.99 53.80
CA LYS C 325 -35.58 28.07 52.36
C LYS C 325 -36.87 28.76 51.97
N GLU C 326 -37.91 28.61 52.79
CA GLU C 326 -39.20 29.22 52.50
C GLU C 326 -39.23 30.73 52.61
N LEU C 327 -38.19 31.31 53.19
CA LEU C 327 -38.12 32.77 53.32
C LEU C 327 -38.29 33.44 51.96
N GLY C 328 -37.93 32.73 50.90
CA GLY C 328 -38.06 33.26 49.56
C GLY C 328 -39.15 32.58 48.75
N ARG C 329 -40.40 32.74 49.17
CA ARG C 329 -41.50 32.12 48.48
C ARG C 329 -41.76 32.79 47.15
N GLY C 330 -42.43 33.94 47.18
CA GLY C 330 -42.72 34.65 45.95
C GLY C 330 -41.53 35.47 45.45
N ASP C 331 -40.34 35.11 45.93
CA ASP C 331 -39.12 35.81 45.56
C ASP C 331 -37.93 34.87 45.68
N PHE C 332 -37.43 34.37 44.55
CA PHE C 332 -36.31 33.45 44.59
C PHE C 332 -35.09 34.10 45.20
N THR C 333 -34.89 35.38 44.91
CA THR C 333 -33.71 36.10 45.42
C THR C 333 -33.68 36.11 46.94
N LYS C 334 -34.78 35.70 47.56
CA LYS C 334 -34.86 35.67 49.02
C LYS C 334 -34.67 34.27 49.61
N ILE C 335 -34.38 33.30 48.75
CA ILE C 335 -34.14 31.93 49.20
C ILE C 335 -32.68 31.93 49.63
N PRO C 336 -32.38 31.53 50.86
CA PRO C 336 -30.97 31.52 51.26
C PRO C 336 -30.16 30.52 50.45
N ASN C 337 -29.09 30.99 49.81
CA ASN C 337 -28.26 30.12 48.99
C ASN C 337 -27.40 29.20 49.81
N GLY C 338 -27.33 27.94 49.38
CA GLY C 338 -26.51 26.97 50.09
C GLY C 338 -27.16 25.61 50.21
N GLY C 339 -26.34 24.56 50.16
CA GLY C 339 -26.85 23.22 50.27
C GLY C 339 -26.14 22.37 51.32
N PRO C 340 -26.84 21.36 51.88
CA PRO C 340 -26.31 20.45 52.91
C PRO C 340 -25.42 19.42 52.22
N ILE C 341 -24.13 19.71 52.15
CA ILE C 341 -23.22 18.83 51.42
C ILE C 341 -21.99 18.33 52.15
N ILE C 342 -21.63 18.98 53.23
CA ILE C 342 -20.43 18.59 53.96
C ILE C 342 -20.28 17.11 54.30
N GLU C 343 -21.38 16.34 54.29
CA GLU C 343 -21.33 14.93 54.66
C GLU C 343 -21.13 13.89 53.58
N ASP C 344 -21.72 14.12 52.42
CA ASP C 344 -21.61 13.15 51.34
C ASP C 344 -20.54 13.45 50.29
N ARG C 345 -19.81 14.54 50.47
CA ARG C 345 -18.76 14.95 49.53
C ARG C 345 -17.86 13.79 49.14
N VAL C 346 -17.09 13.32 50.10
CA VAL C 346 -16.16 12.23 49.86
C VAL C 346 -16.80 11.01 49.22
N SER C 347 -17.83 10.48 49.88
CA SER C 347 -18.53 9.27 49.40
C SER C 347 -18.97 9.35 47.94
N ILE C 348 -19.65 10.43 47.57
CA ILE C 348 -20.09 10.64 46.20
C ILE C 348 -18.97 10.58 45.18
N LEU C 349 -17.82 11.17 45.47
CA LEU C 349 -16.71 11.14 44.51
C LEU C 349 -16.19 9.71 44.34
N PHE C 350 -16.11 8.98 45.45
CA PHE C 350 -15.64 7.61 45.39
C PHE C 350 -16.61 6.80 44.55
N SER C 351 -17.89 6.90 44.89
CA SER C 351 -18.93 6.18 44.18
C SER C 351 -19.03 6.62 42.71
N GLU C 352 -19.48 7.86 42.48
CA GLU C 352 -19.62 8.38 41.13
C GLU C 352 -18.32 8.48 40.35
N GLY C 353 -17.23 8.74 41.05
CA GLY C 353 -15.96 8.86 40.38
C GLY C 353 -15.24 7.54 40.28
N VAL C 354 -14.52 7.18 41.34
CA VAL C 354 -13.76 5.93 41.36
C VAL C 354 -14.51 4.72 40.84
N LYS C 355 -15.50 4.28 41.61
CA LYS C 355 -16.32 3.13 41.28
C LYS C 355 -16.90 3.06 39.87
N LYS C 356 -17.03 4.21 39.20
CA LYS C 356 -17.61 4.22 37.86
C LYS C 356 -16.65 4.42 36.69
N GLY C 357 -15.35 4.48 36.94
CA GLY C 357 -14.44 4.65 35.82
C GLY C 357 -13.75 6.00 35.71
N ARG C 358 -14.35 7.05 36.26
CA ARG C 358 -13.72 8.36 36.23
C ARG C 358 -12.76 8.39 37.43
N ILE C 359 -11.76 9.26 37.43
CA ILE C 359 -10.86 9.29 38.58
C ILE C 359 -10.24 7.91 38.85
N THR C 360 -9.26 7.89 39.74
CA THR C 360 -8.58 6.67 40.12
C THR C 360 -8.67 6.59 41.62
N LEU C 361 -8.40 5.42 42.15
CA LEU C 361 -8.46 5.27 43.59
C LEU C 361 -7.47 6.29 44.16
N ASN C 362 -6.38 6.53 43.44
CA ASN C 362 -5.37 7.50 43.88
C ASN C 362 -5.80 8.94 43.58
N GLN C 363 -6.33 9.18 42.39
CA GLN C 363 -6.79 10.52 42.04
C GLN C 363 -7.81 10.94 43.08
N PHE C 364 -8.63 9.97 43.48
CA PHE C 364 -9.68 10.19 44.47
C PHE C 364 -9.07 10.82 45.74
N VAL C 365 -8.11 10.11 46.32
CA VAL C 365 -7.46 10.58 47.53
C VAL C 365 -6.85 11.94 47.32
N ASP C 366 -6.28 12.14 46.13
CA ASP C 366 -5.67 13.42 45.82
C ASP C 366 -6.73 14.51 45.76
N ILE C 367 -7.76 14.30 44.97
CA ILE C 367 -8.81 15.30 44.82
C ILE C 367 -9.57 15.65 46.09
N VAL C 368 -9.64 14.72 47.03
CA VAL C 368 -10.41 14.96 48.23
C VAL C 368 -9.58 15.26 49.47
N SER C 369 -8.29 14.96 49.41
CA SER C 369 -7.46 15.20 50.58
C SER C 369 -6.08 15.85 50.32
N THR C 370 -5.13 15.05 49.83
CA THR C 370 -3.78 15.51 49.55
C THR C 370 -3.63 16.87 48.82
N ARG C 371 -4.02 16.91 47.55
CA ARG C 371 -3.92 18.13 46.76
C ARG C 371 -4.37 19.37 47.55
N ILE C 372 -5.44 19.22 48.31
CA ILE C 372 -5.98 20.30 49.11
C ILE C 372 -5.03 20.67 50.23
N ALA C 373 -4.59 19.66 50.99
CA ALA C 373 -3.66 19.88 52.10
C ALA C 373 -2.47 20.69 51.60
N LYS C 374 -1.97 20.33 50.42
CA LYS C 374 -0.84 21.01 49.83
C LYS C 374 -1.16 22.46 49.47
N LEU C 375 -2.18 22.66 48.65
CA LEU C 375 -2.52 24.02 48.28
C LEU C 375 -2.77 24.93 49.45
N PHE C 376 -3.28 24.42 50.57
CA PHE C 376 -3.60 25.29 51.70
C PHE C 376 -2.67 25.20 52.92
N GLY C 377 -1.44 24.74 52.66
CA GLY C 377 -0.45 24.61 53.70
C GLY C 377 -0.81 23.77 54.91
N LEU C 378 -1.19 22.51 54.69
CA LEU C 378 -1.53 21.63 55.80
C LEU C 378 -0.76 20.33 55.61
N PHE C 379 0.03 20.28 54.55
CA PHE C 379 0.83 19.09 54.25
C PHE C 379 2.21 19.19 54.89
N PRO C 380 2.73 18.09 55.43
CA PRO C 380 2.14 16.76 55.52
C PRO C 380 1.47 16.46 56.86
N LYS C 381 1.07 17.51 57.58
CA LYS C 381 0.41 17.28 58.87
C LYS C 381 -0.87 16.55 58.54
N LYS C 382 -1.54 17.05 57.50
CA LYS C 382 -2.79 16.51 57.02
C LYS C 382 -2.60 16.11 55.55
N GLY C 383 -3.57 15.39 55.00
CA GLY C 383 -3.51 15.01 53.60
C GLY C 383 -2.77 13.75 53.17
N THR C 384 -2.26 12.97 54.11
CA THR C 384 -1.57 11.75 53.71
C THR C 384 -1.39 10.71 54.83
N ILE C 385 -1.07 9.49 54.46
CA ILE C 385 -0.87 8.43 55.44
C ILE C 385 0.58 8.07 55.39
N VAL C 386 1.39 8.79 56.17
CA VAL C 386 2.82 8.55 56.22
C VAL C 386 3.44 8.84 57.58
N VAL C 387 4.53 8.14 57.90
CA VAL C 387 5.23 8.32 59.16
C VAL C 387 5.44 9.81 59.45
N GLY C 388 4.91 10.27 60.58
CA GLY C 388 5.06 11.66 60.95
C GLY C 388 3.80 12.49 60.80
N SER C 389 2.94 12.10 59.86
CA SER C 389 1.69 12.83 59.62
C SER C 389 0.68 12.53 60.72
N ASP C 390 -0.25 13.45 60.92
CA ASP C 390 -1.27 13.25 61.93
C ASP C 390 -2.05 11.99 61.56
N ALA C 391 -2.54 11.27 62.56
CA ALA C 391 -3.29 10.06 62.32
C ALA C 391 -4.74 10.35 61.95
N ASP C 392 -4.93 11.16 60.91
CA ASP C 392 -6.27 11.47 60.41
C ASP C 392 -6.55 10.41 59.36
N LEU C 393 -7.27 9.37 59.76
CA LEU C 393 -7.58 8.26 58.87
C LEU C 393 -9.05 7.96 58.70
N VAL C 394 -9.35 7.25 57.63
CA VAL C 394 -10.72 6.83 57.35
C VAL C 394 -10.68 5.37 56.93
N ILE C 395 -11.39 4.53 57.69
CA ILE C 395 -11.46 3.11 57.35
C ILE C 395 -12.74 3.04 56.55
N PHE C 396 -12.56 2.90 55.25
CA PHE C 396 -13.64 2.90 54.27
C PHE C 396 -14.04 1.52 53.71
N ASP C 397 -15.35 1.31 53.55
CA ASP C 397 -15.86 0.07 52.97
C ASP C 397 -16.30 0.41 51.56
N PRO C 398 -15.54 -0.07 50.56
CA PRO C 398 -15.78 0.15 49.14
C PRO C 398 -16.92 -0.61 48.47
N ASN C 399 -17.57 -1.52 49.19
CA ASN C 399 -18.65 -2.29 48.58
C ASN C 399 -20.05 -2.01 49.10
N ILE C 400 -20.16 -1.58 50.34
CA ILE C 400 -21.48 -1.29 50.92
C ILE C 400 -22.29 -0.42 49.98
N GLU C 401 -23.44 -0.93 49.51
CA GLU C 401 -24.30 -0.13 48.65
C GLU C 401 -25.34 0.46 49.58
N ARG C 402 -25.72 1.70 49.32
CA ARG C 402 -26.69 2.35 50.18
C ARG C 402 -27.38 3.49 49.49
N VAL C 403 -28.29 4.15 50.19
CA VAL C 403 -29.03 5.25 49.61
C VAL C 403 -28.96 6.47 50.52
N ILE C 404 -28.49 7.57 49.96
CA ILE C 404 -28.39 8.79 50.72
C ILE C 404 -29.79 9.29 51.03
N SER C 405 -30.05 9.46 52.32
CA SER C 405 -31.35 9.94 52.76
C SER C 405 -31.20 10.83 53.97
N ALA C 406 -32.01 11.89 54.00
CA ALA C 406 -31.98 12.81 55.12
C ALA C 406 -32.42 12.03 56.33
N GLU C 407 -33.03 10.87 56.10
CA GLU C 407 -33.50 10.03 57.17
C GLU C 407 -32.29 9.41 57.85
N THR C 408 -31.15 9.50 57.18
CA THR C 408 -29.92 8.92 57.71
C THR C 408 -28.76 9.89 57.90
N HIS C 409 -28.70 10.96 57.12
CA HIS C 409 -27.59 11.89 57.23
C HIS C 409 -27.48 12.45 58.64
N HIS C 410 -26.29 12.92 59.00
CA HIS C 410 -26.06 13.45 60.32
C HIS C 410 -25.97 14.96 60.35
N MET C 411 -26.50 15.62 59.34
CA MET C 411 -26.47 17.07 59.30
C MET C 411 -27.78 17.50 59.95
N ALA C 412 -27.81 18.70 60.54
CA ALA C 412 -29.01 19.16 61.21
C ALA C 412 -30.10 19.69 60.27
N VAL C 413 -29.94 19.48 58.97
CA VAL C 413 -30.93 19.97 58.01
C VAL C 413 -32.09 19.01 57.81
N ASP C 414 -33.26 19.55 57.51
CA ASP C 414 -34.42 18.72 57.32
C ASP C 414 -34.45 18.01 55.97
N TYR C 415 -33.41 18.19 55.16
CA TYR C 415 -33.37 17.52 53.87
C TYR C 415 -31.96 17.27 53.39
N ASN C 416 -31.82 16.52 52.30
CA ASN C 416 -30.52 16.19 51.74
C ASN C 416 -30.62 16.27 50.21
N ALA C 417 -29.80 17.13 49.61
CA ALA C 417 -29.81 17.32 48.16
C ALA C 417 -29.65 16.04 47.33
N PHE C 418 -29.13 14.98 47.94
CA PHE C 418 -28.93 13.73 47.23
C PHE C 418 -29.87 12.62 47.72
N GLU C 419 -31.05 13.04 48.18
CA GLU C 419 -32.06 12.12 48.69
C GLU C 419 -32.41 11.04 47.68
N GLY C 420 -32.36 9.79 48.13
CA GLY C 420 -32.69 8.69 47.25
C GLY C 420 -31.56 8.24 46.37
N MET C 421 -30.48 9.00 46.35
CA MET C 421 -29.35 8.62 45.52
C MET C 421 -28.66 7.36 46.01
N LYS C 422 -28.44 6.42 45.10
CA LYS C 422 -27.76 5.19 45.47
C LYS C 422 -26.26 5.44 45.42
N VAL C 423 -25.53 4.97 46.42
CA VAL C 423 -24.10 5.18 46.49
C VAL C 423 -23.37 3.93 46.92
N THR C 424 -22.20 3.70 46.33
CA THR C 424 -21.40 2.56 46.70
C THR C 424 -20.21 3.04 47.52
N GLY C 425 -19.97 2.36 48.64
CA GLY C 425 -18.88 2.72 49.53
C GLY C 425 -19.37 3.58 50.68
N GLU C 426 -18.79 3.37 51.86
CA GLU C 426 -19.16 4.13 53.03
C GLU C 426 -18.11 4.10 54.12
N PRO C 427 -17.92 5.23 54.83
CA PRO C 427 -16.94 5.31 55.91
C PRO C 427 -17.40 4.46 57.09
N VAL C 428 -16.50 3.65 57.63
CA VAL C 428 -16.84 2.80 58.76
C VAL C 428 -16.28 3.37 60.04
N SER C 429 -15.01 3.73 60.01
CA SER C 429 -14.37 4.33 61.16
C SER C 429 -13.57 5.53 60.69
N VAL C 430 -13.74 6.65 61.37
CA VAL C 430 -13.02 7.87 61.02
C VAL C 430 -12.32 8.38 62.26
N LEU C 431 -10.99 8.41 62.26
CA LEU C 431 -10.26 8.94 63.41
C LEU C 431 -9.38 10.13 63.07
N CYS C 432 -9.41 11.11 63.95
CA CYS C 432 -8.64 12.35 63.81
C CYS C 432 -7.51 12.36 64.84
N ARG C 433 -6.28 12.39 64.35
CA ARG C 433 -5.11 12.40 65.23
C ARG C 433 -5.15 11.24 66.22
N GLY C 434 -5.17 10.03 65.68
CA GLY C 434 -5.16 8.85 66.52
C GLY C 434 -6.41 8.51 67.33
N GLU C 435 -7.32 9.45 67.46
CA GLU C 435 -8.52 9.20 68.24
C GLU C 435 -9.73 9.01 67.36
N PHE C 436 -10.55 8.01 67.67
CA PHE C 436 -11.75 7.77 66.88
C PHE C 436 -12.73 8.91 67.07
N VAL C 437 -13.39 9.29 65.98
CA VAL C 437 -14.38 10.36 66.03
C VAL C 437 -15.67 9.63 65.66
N VAL C 438 -15.51 8.57 64.87
CA VAL C 438 -16.61 7.73 64.42
C VAL C 438 -16.10 6.31 64.29
N ARG C 439 -16.55 5.44 65.18
CA ARG C 439 -16.15 4.03 65.13
C ARG C 439 -17.37 3.19 64.79
N ASP C 440 -17.19 2.31 63.81
CA ASP C 440 -18.26 1.44 63.36
C ASP C 440 -19.55 2.21 63.14
N LYS C 441 -19.48 3.19 62.23
CA LYS C 441 -20.62 4.00 61.85
C LYS C 441 -21.38 4.57 63.03
N GLN C 442 -20.68 4.74 64.14
CA GLN C 442 -21.29 5.29 65.34
C GLN C 442 -20.40 6.40 65.93
N PHE C 443 -20.99 7.55 66.25
CA PHE C 443 -20.24 8.69 66.80
C PHE C 443 -19.66 8.46 68.19
N VAL C 444 -18.38 8.79 68.36
CA VAL C 444 -17.71 8.61 69.63
C VAL C 444 -16.77 9.77 69.97
N GLY C 445 -16.89 10.87 69.23
CA GLY C 445 -16.04 12.02 69.48
C GLY C 445 -16.61 12.91 70.56
N LYS C 446 -16.03 14.09 70.73
CA LYS C 446 -16.48 15.05 71.74
C LYS C 446 -16.26 16.45 71.22
N PRO C 447 -17.32 17.26 71.13
CA PRO C 447 -17.13 18.62 70.64
C PRO C 447 -16.04 19.35 71.43
N GLY C 448 -15.08 19.90 70.71
CA GLY C 448 -13.98 20.60 71.34
C GLY C 448 -12.68 19.87 71.08
N TYR C 449 -12.76 18.59 70.71
CA TYR C 449 -11.57 17.80 70.44
C TYR C 449 -10.84 18.37 69.24
N GLY C 450 -11.63 18.92 68.32
CA GLY C 450 -11.06 19.51 67.13
C GLY C 450 -10.30 20.77 67.50
N GLN C 451 -9.13 20.94 66.91
CA GLN C 451 -8.34 22.10 67.21
C GLN C 451 -8.08 22.97 65.96
N TYR C 452 -7.92 24.26 66.18
CA TYR C 452 -7.66 25.21 65.09
C TYR C 452 -6.32 24.89 64.43
N LEU C 453 -6.18 25.24 63.15
CA LEU C 453 -4.96 24.97 62.42
C LEU C 453 -4.36 26.20 61.80
N LYS C 454 -3.13 26.52 62.17
CA LYS C 454 -2.43 27.64 61.57
C LYS C 454 -1.87 27.00 60.32
N ARG C 455 -1.99 27.66 59.17
CA ARG C 455 -1.52 27.07 57.92
C ARG C 455 -0.27 27.70 57.29
N ALA C 456 0.49 26.86 56.58
CA ALA C 456 1.72 27.28 55.89
C ALA C 456 1.49 28.47 54.97
N LYS C 457 2.56 29.19 54.72
CA LYS C 457 2.53 30.40 53.89
C LYS C 457 2.45 30.12 52.40
N TYR C 458 1.85 29.00 52.00
CA TYR C 458 1.76 28.67 50.59
C TYR C 458 3.18 28.18 50.23
N GLY C 459 3.90 27.76 51.28
CA GLY C 459 5.26 27.24 51.15
C GLY C 459 5.32 25.86 51.80
N THR C 460 6.51 25.39 52.20
CA THR C 460 6.65 24.03 52.80
C THR C 460 5.69 23.72 53.98
N MET D 1 19.05 -11.29 53.35
CA MET D 1 19.82 -10.71 54.48
C MET D 1 19.36 -9.27 54.77
N THR D 2 18.56 -9.15 55.85
CA THR D 2 17.98 -7.89 56.31
C THR D 2 18.92 -6.67 56.35
N LYS D 3 18.38 -5.51 56.00
CA LYS D 3 19.13 -4.26 56.01
C LYS D 3 18.27 -3.14 56.57
N ILE D 4 18.90 -2.07 57.04
CA ILE D 4 18.17 -0.92 57.58
C ILE D 4 18.83 0.38 57.15
N ILE D 5 18.11 1.18 56.36
CA ILE D 5 18.64 2.46 55.94
C ILE D 5 18.05 3.51 56.89
N LYS D 6 18.89 4.01 57.78
CA LYS D 6 18.46 4.98 58.79
C LYS D 6 18.93 6.42 58.61
N ASN D 7 18.24 7.31 59.31
CA ASN D 7 18.57 8.73 59.32
C ASN D 7 18.47 9.44 57.98
N GLY D 8 17.71 8.88 57.05
CA GLY D 8 17.58 9.52 55.76
C GLY D 8 16.28 10.29 55.68
N THR D 9 16.18 11.15 54.67
CA THR D 9 14.96 11.90 54.47
C THR D 9 14.29 11.23 53.28
N ILE D 10 13.16 10.58 53.55
CA ILE D 10 12.43 9.88 52.52
C ILE D 10 11.62 10.85 51.67
N VAL D 11 11.72 10.69 50.36
CA VAL D 11 11.00 11.56 49.44
C VAL D 11 10.32 10.78 48.32
N THR D 12 9.02 10.57 48.45
CA THR D 12 8.27 9.86 47.43
C THR D 12 7.65 10.91 46.54
N ALA D 13 6.80 10.48 45.62
CA ALA D 13 6.16 11.42 44.70
C ALA D 13 5.18 12.31 45.47
N THR D 14 4.88 11.92 46.71
CA THR D 14 3.95 12.69 47.53
C THR D 14 4.50 13.08 48.88
N ASP D 15 5.16 12.15 49.54
CA ASP D 15 5.67 12.40 50.86
C ASP D 15 7.14 12.80 50.96
N THR D 16 7.45 13.43 52.09
CA THR D 16 8.79 13.89 52.43
C THR D 16 8.84 13.82 53.95
N TYR D 17 9.49 12.79 54.48
CA TYR D 17 9.56 12.62 55.90
C TYR D 17 10.87 11.94 56.28
N GLU D 18 11.13 11.88 57.58
CA GLU D 18 12.33 11.23 58.08
C GLU D 18 11.95 9.96 58.78
N ALA D 19 12.62 8.87 58.40
CA ALA D 19 12.34 7.57 59.00
C ALA D 19 13.39 6.59 58.52
N HIS D 20 13.29 5.36 59.00
CA HIS D 20 14.22 4.33 58.60
C HIS D 20 13.45 3.31 57.82
N LEU D 21 14.14 2.64 56.91
CA LEU D 21 13.52 1.62 56.11
C LEU D 21 14.12 0.27 56.49
N LEU D 22 13.25 -0.68 56.80
CA LEU D 22 13.72 -2.00 57.12
C LEU D 22 13.50 -2.81 55.85
N ILE D 23 14.58 -3.18 55.17
CA ILE D 23 14.46 -3.96 53.94
C ILE D 23 14.49 -5.43 54.31
N LYS D 24 13.62 -6.22 53.71
CA LYS D 24 13.58 -7.63 54.04
C LYS D 24 13.83 -8.54 52.85
N ASP D 25 12.77 -9.07 52.28
CA ASP D 25 12.90 -9.98 51.13
C ASP D 25 13.21 -9.23 49.85
N GLY D 26 14.12 -8.26 49.93
CA GLY D 26 14.45 -7.48 48.75
C GLY D 26 13.36 -6.45 48.56
N LYS D 27 12.45 -6.41 49.52
CA LYS D 27 11.34 -5.49 49.49
C LYS D 27 11.36 -4.69 50.76
N ILE D 28 10.56 -3.63 50.80
CA ILE D 28 10.48 -2.78 51.97
C ILE D 28 9.53 -3.45 52.95
N ALA D 29 10.09 -3.89 54.07
CA ALA D 29 9.33 -4.57 55.12
C ALA D 29 8.56 -3.59 55.99
N MET D 30 9.23 -2.54 56.45
CA MET D 30 8.56 -1.54 57.25
C MET D 30 9.31 -0.23 57.35
N ILE D 31 8.54 0.82 57.61
CA ILE D 31 9.07 2.16 57.72
C ILE D 31 8.70 2.72 59.10
N GLY D 32 9.64 3.45 59.68
CA GLY D 32 9.43 4.04 60.99
C GLY D 32 10.74 4.62 61.45
N GLN D 33 10.76 5.13 62.67
CA GLN D 33 11.98 5.72 63.21
C GLN D 33 12.61 4.86 64.30
N ASN D 34 13.93 4.97 64.43
CA ASN D 34 14.70 4.21 65.41
C ASN D 34 14.42 2.74 65.28
N LEU D 35 14.53 2.23 64.06
CA LEU D 35 14.29 0.84 63.80
C LEU D 35 15.50 0.04 64.26
N GLU D 36 15.28 -1.21 64.67
CA GLU D 36 16.35 -2.07 65.12
C GLU D 36 16.01 -3.54 64.88
N GLU D 37 17.05 -4.33 64.66
CA GLU D 37 16.89 -5.76 64.41
C GLU D 37 18.28 -6.39 64.30
N LYS D 38 18.65 -7.19 65.31
CA LYS D 38 19.97 -7.84 65.30
C LYS D 38 20.28 -8.40 63.92
N GLY D 39 21.43 -8.02 63.39
CA GLY D 39 21.83 -8.46 62.07
C GLY D 39 21.00 -7.69 61.07
N ALA D 40 21.54 -6.58 60.57
CA ALA D 40 20.81 -5.77 59.62
C ALA D 40 21.73 -4.90 58.75
N GLU D 41 23.02 -5.00 59.00
CA GLU D 41 23.98 -4.21 58.23
C GLU D 41 23.80 -2.71 58.44
N VAL D 42 22.64 -2.31 58.95
CA VAL D 42 22.35 -0.91 59.22
C VAL D 42 23.15 0.12 58.42
N ILE D 43 22.54 0.65 57.35
CA ILE D 43 23.18 1.65 56.50
C ILE D 43 22.80 3.03 57.03
N ASP D 44 23.76 3.95 57.07
CA ASP D 44 23.49 5.30 57.58
C ASP D 44 23.30 6.27 56.43
N ALA D 45 22.19 6.97 56.42
CA ALA D 45 21.89 7.93 55.35
C ALA D 45 21.79 9.38 55.79
N LYS D 46 22.34 9.70 56.96
CA LYS D 46 22.29 11.06 57.48
C LYS D 46 22.59 12.08 56.37
N GLY D 47 21.90 13.21 56.41
CA GLY D 47 22.12 14.24 55.42
C GLY D 47 21.95 13.77 53.98
N CYS D 48 20.99 12.88 53.77
CA CYS D 48 20.73 12.37 52.43
C CYS D 48 19.25 12.14 52.20
N TYR D 49 18.86 12.14 50.92
CA TYR D 49 17.48 11.87 50.55
C TYR D 49 17.45 10.41 50.16
N VAL D 50 16.27 9.79 50.25
CA VAL D 50 16.16 8.41 49.84
C VAL D 50 15.00 8.39 48.85
N PHE D 51 15.35 8.29 47.57
CA PHE D 51 14.37 8.27 46.49
C PHE D 51 14.06 6.89 45.97
N PRO D 52 12.90 6.75 45.34
CA PRO D 52 12.58 5.43 44.80
C PRO D 52 13.50 5.39 43.58
N GLY D 53 14.18 4.28 43.34
CA GLY D 53 15.05 4.18 42.18
C GLY D 53 14.39 4.79 40.95
N GLY D 54 15.18 5.45 40.10
CA GLY D 54 14.61 6.06 38.91
C GLY D 54 14.26 5.02 37.86
N ILE D 55 13.33 5.37 36.98
CA ILE D 55 12.93 4.46 35.93
C ILE D 55 13.07 5.16 34.59
N ASP D 56 13.90 4.61 33.71
CA ASP D 56 14.12 5.19 32.39
C ASP D 56 13.31 4.42 31.34
N PRO D 57 12.17 4.99 30.91
CA PRO D 57 11.35 4.31 29.92
C PRO D 57 11.83 4.48 28.49
N HIS D 58 12.92 5.20 28.28
CA HIS D 58 13.40 5.42 26.93
C HIS D 58 14.84 5.00 26.76
N THR D 59 15.07 3.72 26.51
CA THR D 59 16.41 3.16 26.37
C THR D 59 16.66 2.41 25.06
N HIS D 60 17.88 2.54 24.55
CA HIS D 60 18.32 1.87 23.32
C HIS D 60 19.73 1.37 23.60
N LEU D 61 19.86 0.18 24.18
CA LEU D 61 21.18 -0.32 24.52
C LEU D 61 21.95 -1.09 23.44
N ASP D 62 21.64 -2.37 23.23
CA ASP D 62 22.38 -3.10 22.22
C ASP D 62 21.82 -2.81 20.82
N MET D 63 21.06 -1.72 20.69
CA MET D 63 20.46 -1.39 19.41
C MET D 63 21.49 -0.99 18.36
N PRO D 64 21.26 -1.40 17.10
CA PRO D 64 22.14 -1.12 15.96
C PRO D 64 21.63 -0.01 15.05
N LEU D 65 22.34 1.11 14.97
CA LEU D 65 21.91 2.20 14.10
C LEU D 65 22.93 2.47 12.99
N GLY D 66 22.97 1.55 12.02
CA GLY D 66 23.89 1.67 10.91
C GLY D 66 24.66 0.38 10.80
N GLY D 67 25.87 0.47 10.26
CA GLY D 67 26.71 -0.69 10.16
C GLY D 67 27.32 -0.90 11.51
N THR D 68 26.97 0.04 12.40
CA THR D 68 27.45 0.05 13.75
C THR D 68 26.35 -0.18 14.79
N VAL D 69 26.78 -0.32 16.02
CA VAL D 69 25.89 -0.56 17.14
C VAL D 69 26.27 0.37 18.30
N THR D 70 25.28 0.67 19.15
CA THR D 70 25.50 1.53 20.32
C THR D 70 26.76 1.11 21.07
N LYS D 71 27.56 2.10 21.46
CA LYS D 71 28.80 1.82 22.20
C LYS D 71 28.46 1.15 23.54
N ASP D 72 27.36 1.57 24.15
CA ASP D 72 26.94 0.98 25.40
C ASP D 72 25.97 -0.16 25.16
N ASP D 73 26.30 -1.34 25.69
CA ASP D 73 25.45 -2.51 25.54
C ASP D 73 24.61 -2.63 26.81
N PHE D 74 23.83 -3.69 26.94
CA PHE D 74 23.01 -3.85 28.13
C PHE D 74 23.80 -3.94 29.42
N GLU D 75 25.08 -4.29 29.34
CA GLU D 75 25.86 -4.39 30.56
C GLU D 75 26.35 -3.03 31.05
N SER D 76 27.09 -2.33 30.18
CA SER D 76 27.62 -1.02 30.53
C SER D 76 26.49 -0.05 30.83
N GLY D 77 25.50 -0.04 29.93
CA GLY D 77 24.36 0.85 30.09
C GLY D 77 23.67 0.68 31.41
N THR D 78 23.54 -0.57 31.85
CA THR D 78 22.89 -0.87 33.12
C THR D 78 23.65 -0.27 34.27
N ILE D 79 24.97 -0.47 34.26
CA ILE D 79 25.82 0.07 35.29
C ILE D 79 25.74 1.60 35.28
N ALA D 80 25.84 2.18 34.09
CA ALA D 80 25.76 3.63 33.97
C ALA D 80 24.49 4.11 34.66
N ALA D 81 23.35 3.62 34.20
CA ALA D 81 22.08 4.01 34.79
C ALA D 81 22.11 3.79 36.30
N ALA D 82 22.74 2.70 36.74
CA ALA D 82 22.82 2.39 38.17
C ALA D 82 23.49 3.54 38.93
N PHE D 83 24.60 4.01 38.39
CA PHE D 83 25.31 5.10 39.02
C PHE D 83 24.48 6.36 38.96
N GLY D 84 23.74 6.52 37.87
CA GLY D 84 22.90 7.71 37.71
C GLY D 84 21.65 7.78 38.57
N GLY D 85 21.44 6.74 39.38
CA GLY D 85 20.26 6.71 40.25
C GLY D 85 19.07 6.02 39.64
N THR D 86 19.26 5.40 38.49
CA THR D 86 18.19 4.71 37.79
C THR D 86 18.34 3.21 38.07
N THR D 87 17.28 2.58 38.54
CA THR D 87 17.32 1.14 38.85
C THR D 87 16.43 0.24 37.98
N THR D 88 15.75 0.83 37.02
CA THR D 88 14.88 0.07 36.12
C THR D 88 14.81 0.77 34.78
N ILE D 89 15.03 0.02 33.71
CA ILE D 89 14.96 0.60 32.37
C ILE D 89 14.00 -0.18 31.50
N ILE D 90 13.46 0.47 30.49
CA ILE D 90 12.55 -0.18 29.55
C ILE D 90 13.11 0.13 28.18
N ASP D 91 13.81 -0.84 27.61
CA ASP D 91 14.45 -0.69 26.31
C ASP D 91 13.48 -1.01 25.17
N PHE D 92 13.71 -0.40 24.01
CA PHE D 92 12.86 -0.60 22.84
C PHE D 92 13.30 -1.75 21.95
N CYS D 93 12.56 -2.85 22.04
CA CYS D 93 12.84 -4.03 21.23
C CYS D 93 12.37 -3.80 19.81
N LEU D 94 13.33 -3.63 18.90
CA LEU D 94 13.01 -3.37 17.51
C LEU D 94 12.46 -4.57 16.72
N THR D 95 11.66 -4.26 15.70
CA THR D 95 11.01 -5.28 14.88
C THR D 95 11.23 -5.11 13.39
N ASN D 96 11.26 -6.23 12.68
CA ASN D 96 11.44 -6.25 11.22
C ASN D 96 10.15 -6.76 10.58
N LYS D 97 9.80 -6.21 9.42
CA LYS D 97 8.58 -6.62 8.71
C LYS D 97 8.62 -8.07 8.24
N GLY D 98 7.45 -8.70 8.20
CA GLY D 98 7.37 -10.08 7.77
C GLY D 98 7.89 -11.09 8.76
N GLU D 99 8.83 -10.64 9.59
CA GLU D 99 9.45 -11.48 10.61
C GLU D 99 8.59 -11.52 11.87
N PRO D 100 8.32 -12.72 12.41
CA PRO D 100 7.52 -12.92 13.63
C PRO D 100 8.02 -12.17 14.85
N LEU D 101 7.11 -11.47 15.53
CA LEU D 101 7.45 -10.66 16.71
C LEU D 101 8.21 -11.36 17.82
N LYS D 102 7.91 -12.63 18.05
CA LYS D 102 8.58 -13.37 19.12
C LYS D 102 10.03 -13.63 18.78
N LYS D 103 10.37 -13.44 17.51
CA LYS D 103 11.74 -13.62 17.06
C LYS D 103 12.54 -12.50 17.71
N ALA D 104 12.13 -11.27 17.42
CA ALA D 104 12.78 -10.07 17.96
C ALA D 104 12.81 -10.08 19.48
N ILE D 105 11.67 -10.37 20.09
CA ILE D 105 11.58 -10.39 21.54
C ILE D 105 12.65 -11.28 22.18
N GLU D 106 12.95 -12.40 21.55
CA GLU D 106 13.97 -13.28 22.12
C GLU D 106 15.36 -12.75 21.83
N THR D 107 15.51 -12.10 20.67
CA THR D 107 16.79 -11.50 20.30
C THR D 107 17.15 -10.52 21.41
N TRP D 108 16.15 -9.73 21.81
CA TRP D 108 16.35 -8.76 22.85
C TRP D 108 16.62 -9.41 24.20
N HIS D 109 15.83 -10.42 24.54
CA HIS D 109 16.04 -11.13 25.79
C HIS D 109 17.49 -11.60 25.87
N ASN D 110 18.07 -11.94 24.72
CA ASN D 110 19.47 -12.38 24.68
C ASN D 110 20.41 -11.21 24.97
N LYS D 111 20.13 -10.08 24.33
CA LYS D 111 20.94 -8.88 24.53
C LYS D 111 21.04 -8.55 26.02
N ALA D 112 19.92 -8.68 26.72
CA ALA D 112 19.86 -8.38 28.14
C ALA D 112 20.32 -9.50 29.04
N ASN D 113 19.88 -10.72 28.73
CA ASN D 113 20.21 -11.92 29.49
C ASN D 113 21.56 -11.96 30.20
N GLY D 114 21.54 -12.06 31.51
CA GLY D 114 22.75 -12.14 32.29
C GLY D 114 23.73 -10.96 32.28
N LYS D 115 23.36 -9.85 31.65
CA LYS D 115 24.24 -8.68 31.60
C LYS D 115 23.68 -7.49 32.37
N ALA D 116 22.38 -7.52 32.64
CA ALA D 116 21.75 -6.42 33.37
C ALA D 116 22.15 -6.41 34.84
N VAL D 117 22.50 -5.23 35.32
CA VAL D 117 22.89 -5.04 36.71
C VAL D 117 21.67 -4.66 37.52
N ILE D 118 20.67 -4.10 36.84
CA ILE D 118 19.39 -3.70 37.44
C ILE D 118 18.25 -4.30 36.61
N ASP D 119 17.02 -4.15 37.06
CA ASP D 119 15.90 -4.71 36.32
C ASP D 119 15.55 -3.96 35.04
N TYR D 120 14.82 -4.61 34.15
CA TYR D 120 14.47 -4.03 32.85
C TYR D 120 13.24 -4.68 32.23
N GLY D 121 12.71 -4.02 31.20
CA GLY D 121 11.55 -4.51 30.48
C GLY D 121 11.70 -4.09 29.03
N PHE D 122 10.70 -4.37 28.20
CA PHE D 122 10.81 -4.00 26.81
C PHE D 122 9.57 -3.34 26.25
N HIS D 123 9.78 -2.65 25.14
CA HIS D 123 8.71 -1.99 24.40
C HIS D 123 8.78 -2.76 23.09
N LEU D 124 7.65 -3.04 22.46
CA LEU D 124 7.72 -3.74 21.19
C LEU D 124 7.49 -2.77 20.04
N MET D 125 8.44 -2.74 19.11
CA MET D 125 8.30 -1.84 17.97
C MET D 125 7.30 -2.43 17.00
N ILE D 126 6.58 -1.56 16.31
CA ILE D 126 5.60 -2.01 15.34
C ILE D 126 5.73 -1.21 14.07
N SER D 127 6.03 -1.90 12.98
CA SER D 127 6.21 -1.28 11.66
C SER D 127 5.11 -1.66 10.68
N GLU D 128 4.28 -2.60 11.10
CA GLU D 128 3.16 -3.08 10.28
C GLU D 128 2.20 -3.91 11.10
N ILE D 129 0.94 -3.86 10.70
CA ILE D 129 -0.11 -4.64 11.35
C ILE D 129 -0.60 -5.74 10.41
N THR D 130 -0.09 -6.95 10.62
CA THR D 130 -0.44 -8.12 9.81
C THR D 130 -1.37 -9.00 10.62
N ASP D 131 -2.06 -9.90 9.93
CA ASP D 131 -2.96 -10.80 10.63
C ASP D 131 -2.09 -11.59 11.60
N ASP D 132 -0.86 -11.87 11.17
CA ASP D 132 0.07 -12.62 12.00
C ASP D 132 0.41 -11.80 13.23
N VAL D 133 0.57 -10.50 13.04
CA VAL D 133 0.89 -9.59 14.13
C VAL D 133 -0.28 -9.56 15.09
N LEU D 134 -1.48 -9.39 14.57
CA LEU D 134 -2.68 -9.35 15.40
C LEU D 134 -2.84 -10.60 16.26
N GLU D 135 -2.33 -11.72 15.77
CA GLU D 135 -2.41 -12.97 16.51
C GLU D 135 -1.41 -13.05 17.63
N GLU D 136 -0.23 -12.48 17.41
CA GLU D 136 0.82 -12.48 18.43
C GLU D 136 0.62 -11.47 19.56
N LEU D 137 0.23 -10.24 19.21
CA LEU D 137 0.03 -9.20 20.21
C LEU D 137 -0.58 -9.70 21.50
N PRO D 138 -1.78 -10.31 21.44
CA PRO D 138 -2.40 -10.81 22.67
C PRO D 138 -1.48 -11.73 23.46
N LYS D 139 -0.71 -12.53 22.74
CA LYS D 139 0.23 -13.45 23.39
C LYS D 139 1.37 -12.62 23.95
N VAL D 140 1.81 -11.63 23.18
CA VAL D 140 2.88 -10.73 23.58
C VAL D 140 2.52 -10.03 24.87
N LEU D 141 1.23 -9.90 25.16
CA LEU D 141 0.80 -9.26 26.40
C LEU D 141 0.88 -10.23 27.57
N GLU D 142 0.21 -11.38 27.45
CA GLU D 142 0.22 -12.40 28.52
C GLU D 142 1.58 -13.02 28.75
N GLU D 143 2.14 -13.64 27.72
CA GLU D 143 3.47 -14.22 27.84
C GLU D 143 4.38 -13.08 27.43
N GLU D 144 5.27 -12.66 28.31
CA GLU D 144 6.16 -11.51 28.06
C GLU D 144 5.32 -10.30 28.46
N GLY D 145 5.68 -9.64 29.55
CA GLY D 145 4.90 -8.50 29.97
C GLY D 145 5.07 -7.27 29.11
N ILE D 146 4.99 -7.43 27.79
CA ILE D 146 5.15 -6.29 26.89
C ILE D 146 3.79 -5.65 26.67
N THR D 147 3.50 -4.59 27.42
CA THR D 147 2.21 -3.92 27.31
C THR D 147 2.28 -2.52 26.73
N SER D 148 3.40 -2.19 26.09
CA SER D 148 3.57 -0.88 25.47
C SER D 148 4.14 -1.11 24.08
N LEU D 149 3.44 -0.96 23.09
CA LEU D 149 3.72 -1.03 21.67
C LEU D 149 4.17 0.36 21.12
N VAL D 151 5.75 3.39 17.95
CA VAL D 151 5.57 3.58 16.46
C VAL D 151 6.34 4.81 15.93
N PHE D 152 7.14 4.63 14.90
CA PHE D 152 7.90 5.76 14.35
C PHE D 152 7.16 6.44 13.23
N MET D 153 6.93 7.74 13.38
CA MET D 153 6.22 8.49 12.35
C MET D 153 7.24 9.05 11.40
N ALA D 154 8.49 8.99 11.81
CA ALA D 154 9.60 9.48 11.00
C ALA D 154 10.54 8.32 10.68
N TYR D 155 11.72 8.63 10.15
CA TYR D 155 12.69 7.61 9.78
C TYR D 155 12.14 6.78 8.62
N LYS D 156 11.73 7.47 7.57
CA LYS D 156 11.18 6.86 6.37
C LYS D 156 12.08 5.72 5.91
N ASN D 157 11.45 4.66 5.40
CA ASN D 157 12.16 3.49 4.90
C ASN D 157 13.11 2.87 5.92
N VAL D 158 12.81 3.02 7.21
CA VAL D 158 13.67 2.46 8.25
C VAL D 158 12.89 1.99 9.48
N PHE D 159 11.86 2.75 9.85
CA PHE D 159 11.03 2.43 11.00
C PHE D 159 9.62 2.95 10.79
N GLN D 160 9.52 4.01 10.00
CA GLN D 160 8.26 4.68 9.70
C GLN D 160 7.06 3.80 9.38
N ALA D 161 5.87 4.27 9.76
CA ALA D 161 4.62 3.56 9.52
C ALA D 161 3.55 4.57 9.12
N ASP D 162 2.67 4.18 8.20
CA ASP D 162 1.63 5.10 7.75
C ASP D 162 0.60 5.26 8.84
N ASP D 163 -0.23 6.29 8.72
CA ASP D 163 -1.26 6.56 9.71
C ASP D 163 -2.20 5.38 9.89
N GLY D 164 -2.35 4.59 8.83
CA GLY D 164 -3.20 3.41 8.89
C GLY D 164 -2.63 2.42 9.87
N THR D 165 -1.31 2.24 9.82
CA THR D 165 -0.63 1.32 10.72
C THR D 165 -0.76 1.89 12.14
N LEU D 166 -0.54 3.20 12.27
CA LEU D 166 -0.63 3.86 13.56
C LEU D 166 -2.04 3.70 14.08
N TYR D 167 -3.01 4.02 13.24
CA TYR D 167 -4.39 3.93 13.67
C TYR D 167 -4.82 2.54 14.13
N CYS D 168 -4.54 1.51 13.33
CA CYS D 168 -4.93 0.15 13.71
C CYS D 168 -4.17 -0.28 14.97
N THR D 169 -2.97 0.27 15.16
CA THR D 169 -2.20 -0.08 16.35
C THR D 169 -2.93 0.50 17.58
N LEU D 170 -3.39 1.73 17.43
CA LEU D 170 -4.09 2.39 18.49
C LEU D 170 -5.28 1.56 18.89
N LEU D 171 -6.03 1.04 17.91
CA LEU D 171 -7.21 0.21 18.18
C LEU D 171 -6.79 -1.08 18.88
N ALA D 172 -5.89 -1.81 18.24
CA ALA D 172 -5.40 -3.04 18.81
C ALA D 172 -5.04 -2.79 20.27
N ALA D 173 -4.31 -1.69 20.48
CA ALA D 173 -3.85 -1.29 21.80
C ALA D 173 -5.00 -1.07 22.78
N LYS D 174 -5.98 -0.27 22.37
CA LYS D 174 -7.13 0.00 23.21
C LYS D 174 -7.79 -1.31 23.58
N GLU D 175 -7.96 -2.16 22.57
CA GLU D 175 -8.58 -3.47 22.71
C GLU D 175 -7.78 -4.38 23.64
N LEU D 176 -6.53 -4.63 23.28
CA LEU D 176 -5.67 -5.50 24.08
C LEU D 176 -5.22 -4.94 25.44
N GLY D 177 -5.24 -3.62 25.60
CA GLY D 177 -4.83 -3.02 26.86
C GLY D 177 -3.35 -2.69 26.87
N ALA D 178 -2.90 -1.98 25.84
CA ALA D 178 -1.49 -1.60 25.74
C ALA D 178 -1.44 -0.10 25.51
N LEU D 179 -0.27 0.47 25.73
CA LEU D 179 -0.09 1.89 25.54
C LEU D 179 0.71 2.10 24.27
N VAL D 180 0.20 2.95 23.38
CA VAL D 180 0.90 3.24 22.14
C VAL D 180 1.89 4.37 22.35
N MET D 181 3.14 4.12 22.00
CA MET D 181 4.16 5.15 22.12
C MET D 181 4.43 5.64 20.72
N VAL D 182 4.83 6.91 20.58
CA VAL D 182 5.05 7.45 19.26
C VAL D 182 6.23 8.41 19.14
N HIS D 183 7.01 8.26 18.06
CA HIS D 183 8.12 9.17 17.77
C HIS D 183 7.46 10.10 16.76
N ALA D 184 6.98 11.25 17.23
CA ALA D 184 6.25 12.20 16.39
C ALA D 184 7.01 13.23 15.58
N GLU D 185 7.40 12.84 14.37
CA GLU D 185 8.09 13.74 13.45
C GLU D 185 7.60 13.37 12.07
N ASN D 186 7.27 14.35 11.26
CA ASN D 186 6.79 14.06 9.92
C ASN D 186 7.89 13.54 8.99
N GLY D 187 8.13 12.24 9.02
CA GLY D 187 9.15 11.61 8.20
C GLY D 187 9.18 11.96 6.72
N ASP D 188 8.03 11.97 6.05
CA ASP D 188 8.00 12.28 4.62
C ASP D 188 8.54 13.66 4.26
N VAL D 189 8.21 14.68 5.07
CA VAL D 189 8.72 16.02 4.78
C VAL D 189 10.19 16.12 5.18
N ILE D 190 10.53 15.61 6.35
CA ILE D 190 11.91 15.64 6.80
C ILE D 190 12.75 15.04 5.69
N ASP D 191 12.21 14.01 5.06
CA ASP D 191 12.91 13.33 3.98
C ASP D 191 13.29 14.24 2.81
N TYR D 192 12.31 14.93 2.23
CA TYR D 192 12.61 15.81 1.12
C TYR D 192 13.60 16.85 1.55
N LEU D 193 13.39 17.42 2.73
CA LEU D 193 14.28 18.45 3.26
C LEU D 193 15.70 17.92 3.34
N THR D 194 15.83 16.72 3.87
CA THR D 194 17.12 16.08 4.00
C THR D 194 17.78 15.95 2.63
N LYS D 195 17.06 15.33 1.69
CA LYS D 195 17.60 15.14 0.35
C LYS D 195 18.04 16.46 -0.28
N LYS D 196 17.19 17.47 -0.23
CA LYS D 196 17.53 18.77 -0.81
C LYS D 196 18.76 19.40 -0.13
N ALA D 197 18.82 19.33 1.20
CA ALA D 197 19.94 19.88 1.95
C ALA D 197 21.23 19.35 1.35
N LEU D 198 21.33 18.02 1.25
CA LEU D 198 22.49 17.38 0.67
C LEU D 198 22.70 17.87 -0.77
N ALA D 199 21.65 17.83 -1.56
CA ALA D 199 21.72 18.27 -2.95
C ALA D 199 22.29 19.69 -3.07
N ASP D 200 22.27 20.46 -1.98
CA ASP D 200 22.80 21.82 -2.02
C ASP D 200 24.11 21.96 -1.27
N GLY D 201 24.69 20.83 -0.92
CA GLY D 201 25.97 20.85 -0.23
C GLY D 201 25.93 21.09 1.26
N ASN D 202 24.75 21.28 1.83
CA ASN D 202 24.65 21.49 3.27
C ASN D 202 24.78 20.14 3.94
N THR D 203 25.98 19.85 4.45
CA THR D 203 26.22 18.56 5.08
C THR D 203 26.61 18.59 6.54
N ASP D 204 26.94 19.77 7.04
CA ASP D 204 27.34 19.90 8.44
C ASP D 204 26.28 19.41 9.43
N PRO D 205 26.72 19.03 10.65
CA PRO D 205 25.83 18.54 11.69
C PRO D 205 24.61 19.42 11.93
N ILE D 206 24.74 20.72 11.77
CA ILE D 206 23.61 21.60 12.01
C ILE D 206 22.42 21.38 11.07
N TYR D 207 22.69 20.96 9.84
CA TYR D 207 21.59 20.75 8.91
C TYR D 207 20.73 19.59 9.34
N HIS D 208 21.21 18.83 10.32
CA HIS D 208 20.44 17.72 10.83
C HIS D 208 19.23 18.34 11.51
N ALA D 209 19.46 19.44 12.20
CA ALA D 209 18.39 20.16 12.90
C ALA D 209 17.53 20.98 11.93
N LEU D 210 18.17 21.81 11.10
CA LEU D 210 17.45 22.65 10.15
C LEU D 210 16.62 21.82 9.16
N THR D 211 17.10 20.61 8.91
CA THR D 211 16.44 19.72 7.98
C THR D 211 15.12 19.21 8.55
N ARG D 212 14.91 19.41 9.85
CA ARG D 212 13.69 18.97 10.52
C ARG D 212 13.13 19.96 11.55
N PRO D 213 12.49 21.04 11.07
CA PRO D 213 11.88 22.11 11.87
C PRO D 213 10.83 21.64 12.86
N PRO D 214 10.70 22.32 14.00
CA PRO D 214 9.73 21.95 15.03
C PRO D 214 8.27 21.89 14.52
N GLU D 215 7.98 22.56 13.41
CA GLU D 215 6.64 22.54 12.84
C GLU D 215 6.29 21.11 12.50
N LEU D 216 7.28 20.38 12.01
CA LEU D 216 7.09 19.00 11.67
C LEU D 216 6.92 18.10 12.90
N GLU D 217 7.43 18.53 14.06
CA GLU D 217 7.28 17.71 15.26
C GLU D 217 5.87 17.95 15.77
N GLY D 218 5.47 19.21 15.74
CA GLY D 218 4.15 19.57 16.19
C GLY D 218 3.13 18.92 15.30
N GLU D 219 3.32 19.03 13.98
CA GLU D 219 2.38 18.44 13.03
C GLU D 219 2.18 16.96 13.35
N ALA D 220 3.27 16.21 13.35
CA ALA D 220 3.21 14.80 13.65
C ALA D 220 2.50 14.56 14.96
N THR D 221 2.94 15.22 16.03
CA THR D 221 2.31 15.06 17.35
C THR D 221 0.79 15.23 17.28
N GLY D 222 0.34 16.17 16.46
CA GLY D 222 -1.08 16.41 16.31
C GLY D 222 -1.82 15.21 15.73
N ARG D 223 -1.30 14.64 14.63
CA ARG D 223 -1.93 13.48 14.00
C ARG D 223 -2.07 12.39 15.04
N ALA D 224 -0.95 12.05 15.65
CA ALA D 224 -0.94 11.02 16.66
C ALA D 224 -2.11 11.25 17.60
N CYS D 225 -2.26 12.48 18.06
CA CYS D 225 -3.33 12.82 18.97
C CYS D 225 -4.70 12.63 18.35
N GLN D 226 -4.94 13.35 17.25
CA GLN D 226 -6.23 13.28 16.56
C GLN D 226 -6.61 11.82 16.31
N LEU D 227 -5.65 11.04 15.82
CA LEU D 227 -5.90 9.63 15.59
C LEU D 227 -6.20 8.92 16.90
N THR D 228 -5.39 9.17 17.92
CA THR D 228 -5.62 8.53 19.21
C THR D 228 -7.03 8.82 19.68
N GLU D 229 -7.53 10.00 19.34
CA GLU D 229 -8.86 10.42 19.73
C GLU D 229 -9.87 9.55 18.99
N LEU D 230 -9.76 9.54 17.66
CA LEU D 230 -10.65 8.75 16.80
C LEU D 230 -10.72 7.32 17.31
N ALA D 231 -9.56 6.72 17.53
CA ALA D 231 -9.49 5.35 18.03
C ALA D 231 -9.96 5.21 19.46
N GLY D 232 -9.96 6.30 20.21
CA GLY D 232 -10.37 6.23 21.59
C GLY D 232 -9.41 5.48 22.49
N SER D 233 -8.13 5.39 22.12
CA SER D 233 -7.16 4.68 22.96
C SER D 233 -6.24 5.60 23.75
N GLN D 234 -5.02 5.15 24.00
CA GLN D 234 -4.05 5.94 24.75
C GLN D 234 -2.74 6.19 24.04
N LEU D 235 -2.27 7.43 24.13
CA LEU D 235 -1.02 7.82 23.47
C LEU D 235 0.05 8.25 24.47
N TYR D 236 1.30 8.12 24.07
CA TYR D 236 2.44 8.50 24.90
C TYR D 236 3.51 9.02 23.92
N VAL D 237 3.56 10.34 23.77
CA VAL D 237 4.52 10.97 22.86
C VAL D 237 5.91 10.99 23.50
N VAL D 238 6.86 10.28 22.90
CA VAL D 238 8.22 10.24 23.42
C VAL D 238 9.00 11.50 23.02
N HIS D 239 10.01 11.82 23.84
CA HIS D 239 10.85 12.99 23.63
C HIS D 239 10.17 14.22 22.97
N VAL D 240 9.34 14.90 23.75
CA VAL D 240 8.67 16.11 23.30
C VAL D 240 9.78 17.16 23.34
N THR D 241 9.96 17.83 22.22
CA THR D 241 11.06 18.76 22.07
C THR D 241 10.71 20.24 21.96
N CYS D 242 9.87 20.57 20.98
CA CYS D 242 9.48 21.96 20.72
C CYS D 242 8.18 22.36 21.43
N ALA D 243 7.90 23.65 21.35
CA ALA D 243 6.71 24.20 21.97
C ALA D 243 5.52 23.65 21.20
N GLN D 244 5.57 23.74 19.87
CA GLN D 244 4.47 23.27 19.03
C GLN D 244 3.96 21.90 19.46
N ALA D 245 4.90 21.01 19.76
CA ALA D 245 4.55 19.68 20.21
C ALA D 245 3.85 19.77 21.56
N VAL D 246 4.46 20.49 22.50
CA VAL D 246 3.88 20.64 23.84
C VAL D 246 2.43 21.13 23.72
N GLU D 247 2.22 22.05 22.80
CA GLU D 247 0.91 22.61 22.60
C GLU D 247 -0.12 21.57 22.20
N LYS D 248 0.20 20.78 21.18
CA LYS D 248 -0.71 19.73 20.70
C LYS D 248 -1.08 18.81 21.87
N ILE D 249 -0.08 18.36 22.62
CA ILE D 249 -0.32 17.49 23.74
C ILE D 249 -1.17 18.18 24.79
N ALA D 250 -1.04 19.49 24.91
CA ALA D 250 -1.83 20.21 25.89
C ALA D 250 -3.29 20.21 25.49
N GLU D 251 -3.55 20.49 24.21
CA GLU D 251 -4.92 20.51 23.69
C GLU D 251 -5.56 19.14 23.93
N ALA D 252 -4.85 18.09 23.55
CA ALA D 252 -5.33 16.74 23.71
C ALA D 252 -5.83 16.50 25.13
N ARG D 253 -4.93 16.64 26.11
CA ARG D 253 -5.29 16.41 27.50
C ARG D 253 -6.42 17.32 27.96
N ASN D 254 -6.60 18.47 27.32
CA ASN D 254 -7.67 19.38 27.70
C ASN D 254 -8.99 18.74 27.32
N LYS D 255 -9.02 18.09 26.15
CA LYS D 255 -10.21 17.42 25.65
C LYS D 255 -10.49 16.13 26.40
N GLY D 256 -9.73 15.85 27.45
CA GLY D 256 -9.95 14.63 28.19
C GLY D 256 -9.29 13.43 27.53
N LEU D 257 -8.70 13.63 26.35
CA LEU D 257 -8.03 12.55 25.66
C LEU D 257 -6.93 11.96 26.55
N ASP D 258 -6.71 10.66 26.45
CA ASP D 258 -5.72 9.99 27.25
C ASP D 258 -4.34 10.03 26.58
N VAL D 259 -3.76 11.22 26.53
CA VAL D 259 -2.45 11.44 25.91
C VAL D 259 -1.38 11.79 26.95
N TRP D 260 -0.15 11.32 26.74
CA TRP D 260 0.93 11.62 27.67
C TRP D 260 2.16 12.10 26.91
N GLY D 261 2.95 12.94 27.58
CA GLY D 261 4.15 13.49 26.98
C GLY D 261 5.36 13.23 27.84
N GLU D 262 6.49 13.05 27.18
CA GLU D 262 7.76 12.77 27.84
C GLU D 262 8.82 13.65 27.21
N THR D 263 9.84 13.99 27.98
CA THR D 263 10.97 14.79 27.49
C THR D 263 12.25 14.17 27.98
N CYS D 264 13.35 14.75 27.55
CA CYS D 264 14.66 14.26 27.94
C CYS D 264 15.53 15.45 28.30
N PRO D 265 16.42 15.27 29.29
CA PRO D 265 17.32 16.32 29.75
C PRO D 265 17.96 17.16 28.63
N GLN D 266 18.54 16.50 27.64
CA GLN D 266 19.18 17.19 26.52
C GLN D 266 18.31 18.27 25.89
N TYR D 267 17.00 18.09 25.93
CA TYR D 267 16.12 19.08 25.33
C TYR D 267 15.77 20.15 26.33
N LEU D 268 16.04 19.85 27.60
CA LEU D 268 15.73 20.73 28.72
C LEU D 268 16.90 21.65 29.02
N VAL D 269 18.10 21.16 28.75
CA VAL D 269 19.33 21.91 29.02
C VAL D 269 20.15 22.37 27.80
N LEU D 270 20.35 21.50 26.82
CA LEU D 270 21.12 21.85 25.62
C LEU D 270 20.22 22.49 24.60
N ASP D 271 20.81 23.01 23.53
CA ASP D 271 20.03 23.64 22.47
C ASP D 271 20.73 23.60 21.11
N GLN D 272 20.01 24.07 20.10
CA GLN D 272 20.48 24.05 18.71
C GLN D 272 21.91 24.49 18.42
N SER D 273 22.35 25.55 19.09
CA SER D 273 23.70 26.06 18.89
C SER D 273 24.78 24.98 18.98
N TYR D 274 24.69 24.09 19.97
CA TYR D 274 25.67 23.03 20.12
C TYR D 274 25.95 22.25 18.84
N LEU D 275 25.05 22.33 17.87
CA LEU D 275 25.25 21.62 16.62
C LEU D 275 26.18 22.36 15.68
N GLU D 276 26.42 23.64 15.95
CA GLU D 276 27.30 24.46 15.13
C GLU D 276 28.71 24.44 15.71
N LYS D 277 28.76 24.32 17.02
CA LYS D 277 30.03 24.27 17.73
C LYS D 277 30.82 23.01 17.34
N PRO D 278 31.76 23.10 16.38
CA PRO D 278 32.59 23.71 15.34
C PRO D 278 33.43 22.52 14.83
N ASN D 279 34.11 22.65 13.70
CA ASN D 279 34.87 21.50 13.21
C ASN D 279 33.86 20.39 12.91
N PHE D 280 33.76 19.40 13.80
CA PHE D 280 32.79 18.32 13.65
C PHE D 280 32.15 18.01 14.99
N GLU D 281 32.57 18.75 16.01
CA GLU D 281 32.02 18.59 17.36
C GLU D 281 30.49 18.53 17.36
N GLY D 282 29.87 19.20 16.38
CA GLY D 282 28.42 19.22 16.28
C GLY D 282 27.81 17.82 16.41
N ALA D 283 28.36 16.89 15.63
CA ALA D 283 27.91 15.51 15.61
C ALA D 283 27.69 14.89 17.00
N LYS D 284 28.36 15.43 18.01
CA LYS D 284 28.19 14.90 19.36
C LYS D 284 26.76 15.10 19.83
N TYR D 285 26.09 16.10 19.26
CA TYR D 285 24.74 16.44 19.65
C TYR D 285 23.66 16.06 18.64
N VAL D 286 24.02 15.19 17.69
CA VAL D 286 23.05 14.77 16.68
C VAL D 286 22.17 13.62 17.16
N TRP D 287 20.87 13.91 17.26
CA TRP D 287 19.85 12.94 17.68
C TRP D 287 18.50 13.52 17.28
N SER D 288 17.49 12.67 17.16
CA SER D 288 16.17 13.12 16.73
C SER D 288 15.09 12.90 17.78
N PRO D 289 14.19 13.90 17.97
CA PRO D 289 14.18 15.19 17.25
C PRO D 289 15.44 16.01 17.59
N PRO D 290 15.81 16.93 16.71
CA PRO D 290 16.99 17.78 16.91
C PRO D 290 16.82 18.81 18.03
N LEU D 291 17.94 19.25 18.60
CA LEU D 291 17.89 20.27 19.64
C LEU D 291 17.25 21.51 18.99
N ARG D 292 16.42 22.20 19.74
CA ARG D 292 15.75 23.39 19.21
C ARG D 292 16.41 24.66 19.76
N GLU D 293 15.77 25.79 19.46
CA GLU D 293 16.27 27.07 19.93
C GLU D 293 16.05 27.18 21.43
N LYS D 294 17.08 27.67 22.12
CA LYS D 294 17.09 27.86 23.56
C LYS D 294 15.72 28.19 24.18
N TRP D 295 14.93 29.02 23.51
CA TRP D 295 13.64 29.44 24.06
C TRP D 295 12.57 28.39 24.33
N HIS D 296 12.65 27.25 23.65
CA HIS D 296 11.68 26.19 23.85
C HIS D 296 11.83 25.59 25.23
N GLN D 297 13.04 25.61 25.75
CA GLN D 297 13.34 25.05 27.06
C GLN D 297 12.39 25.53 28.14
N GLU D 298 11.98 26.78 28.08
CA GLU D 298 11.06 27.32 29.07
C GLU D 298 9.77 26.55 28.99
N VAL D 299 9.21 26.56 27.79
CA VAL D 299 7.96 25.88 27.51
C VAL D 299 8.02 24.46 28.08
N LEU D 300 9.12 23.76 27.80
CA LEU D 300 9.23 22.42 28.32
C LEU D 300 9.12 22.44 29.83
N TRP D 301 9.96 23.24 30.50
CA TRP D 301 9.92 23.31 31.96
C TRP D 301 8.52 23.64 32.49
N ASN D 302 7.85 24.64 31.91
CA ASN D 302 6.50 24.97 32.38
C ASN D 302 5.57 23.78 32.21
N ALA D 303 5.71 23.10 31.08
CA ALA D 303 4.87 21.94 30.77
C ALA D 303 5.09 20.94 31.89
N LEU D 304 6.36 20.73 32.23
CA LEU D 304 6.74 19.83 33.28
C LEU D 304 6.20 20.31 34.63
N LYS D 305 6.24 21.62 34.84
CA LYS D 305 5.76 22.22 36.07
C LYS D 305 4.28 22.07 36.25
N ASN D 306 3.52 22.46 35.22
CA ASN D 306 2.06 22.41 35.26
C ASN D 306 1.43 21.09 34.83
N GLY D 307 2.22 20.15 34.32
CA GLY D 307 1.66 18.87 33.96
C GLY D 307 1.37 18.55 32.50
N GLN D 308 1.65 19.46 31.58
CA GLN D 308 1.40 19.17 30.17
C GLN D 308 2.29 17.99 29.81
N LEU D 309 3.50 17.95 30.37
CA LEU D 309 4.43 16.85 30.15
C LEU D 309 4.54 16.20 31.51
N GLN D 310 4.62 14.86 31.54
CA GLN D 310 4.67 14.17 32.83
C GLN D 310 5.76 13.13 33.09
N THR D 311 6.65 12.90 32.14
CA THR D 311 7.73 11.94 32.38
C THR D 311 9.04 12.38 31.73
N LEU D 312 10.16 11.96 32.32
CA LEU D 312 11.47 12.29 31.79
C LEU D 312 12.24 11.02 31.41
N GLY D 313 12.61 10.93 30.13
CA GLY D 313 13.35 9.78 29.63
C GLY D 313 14.71 10.23 29.13
N SER D 314 15.62 9.28 28.95
CA SER D 314 16.95 9.63 28.49
C SER D 314 17.11 9.59 26.98
N ASP D 315 16.51 8.58 26.36
CA ASP D 315 16.61 8.33 24.92
C ASP D 315 18.06 7.94 24.67
N GLN D 316 18.60 7.22 25.64
CA GLN D 316 19.97 6.72 25.64
C GLN D 316 20.27 5.95 24.37
N CYS D 317 21.28 6.38 23.64
CA CYS D 317 21.69 5.76 22.38
C CYS D 317 23.12 6.23 22.08
N SER D 318 24.08 5.66 22.82
CA SER D 318 25.48 6.05 22.71
C SER D 318 26.28 5.65 21.48
N PHE D 319 27.17 6.56 21.07
CA PHE D 319 28.05 6.34 19.92
C PHE D 319 29.35 7.12 20.12
N ASP D 320 30.48 6.43 20.07
CA ASP D 320 31.76 7.10 20.21
C ASP D 320 31.89 8.19 19.17
N PHE D 321 32.22 9.41 19.62
CA PHE D 321 32.41 10.52 18.71
C PHE D 321 33.49 10.12 17.72
N LYS D 322 34.44 9.34 18.22
CA LYS D 322 35.57 8.86 17.43
C LYS D 322 35.16 8.08 16.20
N GLY D 323 35.02 6.76 16.35
CA GLY D 323 34.67 5.94 15.20
C GLY D 323 33.27 6.10 14.65
N GLN D 324 32.29 5.92 15.54
CA GLN D 324 30.89 6.02 15.19
C GLN D 324 30.42 7.35 14.60
N LYS D 325 30.28 8.36 15.44
CA LYS D 325 29.80 9.67 14.97
C LYS D 325 30.46 10.14 13.68
N GLU D 326 31.74 9.82 13.51
CA GLU D 326 32.46 10.23 12.31
C GLU D 326 32.01 9.57 11.02
N LEU D 327 31.22 8.50 11.12
CA LEU D 327 30.73 7.81 9.94
C LEU D 327 30.04 8.80 9.00
N GLY D 328 29.51 9.88 9.57
CA GLY D 328 28.84 10.88 8.78
C GLY D 328 29.61 12.19 8.70
N ARG D 329 30.78 12.16 8.06
CA ARG D 329 31.59 13.35 7.92
C ARG D 329 30.97 14.33 6.93
N GLY D 330 31.13 14.04 5.64
CA GLY D 330 30.60 14.94 4.63
C GLY D 330 29.12 14.70 4.38
N ASP D 331 28.47 14.03 5.34
CA ASP D 331 27.05 13.71 5.23
C ASP D 331 26.46 13.61 6.63
N PHE D 332 25.69 14.61 7.04
CA PHE D 332 25.10 14.58 8.37
C PHE D 332 24.12 13.43 8.53
N THR D 333 23.37 13.14 7.46
CA THR D 333 22.40 12.05 7.50
C THR D 333 23.05 10.71 7.81
N LYS D 334 24.38 10.67 7.77
CA LYS D 334 25.10 9.43 8.08
C LYS D 334 25.69 9.40 9.49
N ILE D 335 25.42 10.44 10.26
CA ILE D 335 25.88 10.50 11.65
C ILE D 335 24.86 9.68 12.42
N PRO D 336 25.30 8.65 13.17
CA PRO D 336 24.31 7.86 13.91
C PRO D 336 23.64 8.71 15.00
N ASN D 337 22.31 8.78 14.95
CA ASN D 337 21.54 9.57 15.91
C ASN D 337 21.50 8.92 17.29
N GLY D 338 21.69 9.73 18.32
CA GLY D 338 21.68 9.21 19.67
C GLY D 338 22.73 9.82 20.57
N GLY D 339 22.37 10.02 21.83
CA GLY D 339 23.30 10.59 22.78
C GLY D 339 23.50 9.78 24.05
N PRO D 340 24.65 9.92 24.71
CA PRO D 340 24.99 9.20 25.96
C PRO D 340 24.29 9.95 27.10
N ILE D 341 23.09 9.50 27.46
CA ILE D 341 22.31 10.19 28.47
C ILE D 341 21.79 9.36 29.65
N ILE D 342 21.74 8.05 29.48
CA ILE D 342 21.22 7.19 30.53
C ILE D 342 21.78 7.40 31.94
N GLU D 343 22.93 8.06 32.08
CA GLU D 343 23.52 8.24 33.41
C GLU D 343 23.22 9.53 34.15
N ASP D 344 23.11 10.64 33.43
CA ASP D 344 22.89 11.91 34.09
C ASP D 344 21.45 12.40 34.10
N ARG D 345 20.55 11.58 33.56
CA ARG D 345 19.13 11.91 33.49
C ARG D 345 18.62 12.45 34.83
N VAL D 346 18.52 11.54 35.80
CA VAL D 346 18.03 11.88 37.13
C VAL D 346 18.72 13.11 37.73
N SER D 347 20.04 13.03 37.87
CA SER D 347 20.82 14.13 38.45
C SER D 347 20.47 15.49 37.87
N ILE D 348 20.53 15.62 36.54
CA ILE D 348 20.23 16.88 35.89
C ILE D 348 18.87 17.45 36.26
N LEU D 349 17.84 16.62 36.36
CA LEU D 349 16.51 17.11 36.68
C LEU D 349 16.48 17.63 38.10
N PHE D 350 17.17 16.93 39.00
CA PHE D 350 17.22 17.35 40.39
C PHE D 350 17.90 18.71 40.47
N SER D 351 19.09 18.77 39.87
CA SER D 351 19.89 19.98 39.83
C SER D 351 19.18 21.12 39.08
N GLU D 352 19.00 20.97 37.77
CA GLU D 352 18.34 21.98 36.97
C GLU D 352 16.89 22.23 37.30
N GLY D 353 16.22 21.20 37.80
CA GLY D 353 14.83 21.33 38.13
C GLY D 353 14.61 21.70 39.58
N VAL D 354 14.64 20.69 40.44
CA VAL D 354 14.43 20.90 41.87
C VAL D 354 15.22 22.06 42.43
N LYS D 355 16.54 21.87 42.50
CA LYS D 355 17.48 22.87 43.03
C LYS D 355 17.35 24.29 42.52
N LYS D 356 16.78 24.48 41.34
CA LYS D 356 16.65 25.83 40.81
C LYS D 356 15.27 26.48 40.83
N GLY D 357 14.26 25.83 41.44
CA GLY D 357 12.95 26.44 41.49
C GLY D 357 11.87 25.81 40.63
N ARG D 358 12.25 25.11 39.57
CA ARG D 358 11.27 24.45 38.73
C ARG D 358 11.02 23.11 39.41
N ILE D 359 9.89 22.47 39.14
CA ILE D 359 9.65 21.17 39.77
C ILE D 359 9.72 21.28 41.30
N THR D 360 9.33 20.21 41.97
CA THR D 360 9.34 20.13 43.41
C THR D 360 10.12 18.89 43.73
N LEU D 361 10.54 18.78 44.97
CA LEU D 361 11.28 17.59 45.37
C LEU D 361 10.36 16.38 45.07
N ASN D 362 9.05 16.59 45.23
CA ASN D 362 8.06 15.54 44.97
C ASN D 362 7.79 15.36 43.48
N GLN D 363 7.64 16.48 42.76
CA GLN D 363 7.41 16.45 41.32
C GLN D 363 8.59 15.70 40.68
N PHE D 364 9.78 15.97 41.20
CA PHE D 364 11.00 15.33 40.75
C PHE D 364 10.84 13.81 40.76
N VAL D 365 10.56 13.27 41.94
CA VAL D 365 10.38 11.83 42.11
C VAL D 365 9.31 11.32 41.18
N ASP D 366 8.25 12.12 41.03
CA ASP D 366 7.17 11.69 40.16
C ASP D 366 7.63 11.63 38.72
N ILE D 367 8.22 12.71 38.23
CA ILE D 367 8.67 12.80 36.85
C ILE D 367 9.75 11.80 36.45
N VAL D 368 10.54 11.35 37.41
CA VAL D 368 11.62 10.43 37.10
C VAL D 368 11.38 9.00 37.50
N SER D 369 10.38 8.76 38.34
CA SER D 369 10.14 7.40 38.78
C SER D 369 8.66 6.97 38.80
N THR D 370 7.95 7.39 39.83
CA THR D 370 6.55 7.03 40.01
C THR D 370 5.64 7.10 38.78
N ARG D 371 5.40 8.31 38.27
CA ARG D 371 4.53 8.52 37.11
C ARG D 371 4.83 7.51 36.02
N ILE D 372 6.11 7.23 35.82
CA ILE D 372 6.53 6.29 34.80
C ILE D 372 6.11 4.87 35.16
N ALA D 373 6.43 4.44 36.37
CA ALA D 373 6.09 3.10 36.85
C ALA D 373 4.60 2.86 36.64
N LYS D 374 3.80 3.88 36.92
CA LYS D 374 2.37 3.79 36.76
C LYS D 374 1.96 3.63 35.30
N LEU D 375 2.37 4.56 34.46
CA LEU D 375 2.03 4.49 33.04
C LEU D 375 2.47 3.19 32.36
N PHE D 376 3.55 2.57 32.81
CA PHE D 376 4.03 1.36 32.17
C PHE D 376 3.85 0.07 32.97
N GLY D 377 2.86 0.08 33.86
CA GLY D 377 2.54 -1.08 34.67
C GLY D 377 3.65 -1.70 35.48
N LEU D 378 4.30 -0.90 36.32
CA LEU D 378 5.38 -1.42 37.15
C LEU D 378 5.10 -1.02 38.60
N PHE D 379 4.01 -0.30 38.79
CA PHE D 379 3.63 0.17 40.11
C PHE D 379 2.72 -0.85 40.79
N PRO D 380 2.90 -1.08 42.11
CA PRO D 380 3.89 -0.47 42.99
C PRO D 380 5.13 -1.32 43.22
N LYS D 381 5.42 -2.23 42.30
CA LYS D 381 6.62 -3.06 42.46
C LYS D 381 7.80 -2.11 42.40
N LYS D 382 7.71 -1.17 41.45
CA LYS D 382 8.72 -0.15 41.22
C LYS D 382 8.05 1.22 41.33
N GLY D 383 8.86 2.27 41.37
CA GLY D 383 8.31 3.61 41.44
C GLY D 383 7.96 4.26 42.76
N THR D 384 8.20 3.57 43.88
CA THR D 384 7.87 4.17 45.16
C THR D 384 8.56 3.54 46.35
N ILE D 385 8.57 4.25 47.48
CA ILE D 385 9.18 3.73 48.70
C ILE D 385 8.06 3.45 49.68
N VAL D 386 7.51 2.24 49.61
CA VAL D 386 6.43 1.85 50.49
C VAL D 386 6.43 0.37 50.82
N VAL D 387 5.90 0.04 51.99
CA VAL D 387 5.84 -1.35 52.44
C VAL D 387 5.30 -2.24 51.33
N GLY D 388 6.09 -3.23 50.92
CA GLY D 388 5.64 -4.13 49.86
C GLY D 388 6.33 -3.92 48.54
N SER D 389 6.73 -2.69 48.26
CA SER D 389 7.40 -2.38 47.01
C SER D 389 8.82 -2.90 47.01
N ASP D 390 9.37 -3.14 45.84
CA ASP D 390 10.75 -3.61 45.75
C ASP D 390 11.66 -2.58 46.40
N ALA D 391 12.76 -3.03 47.00
CA ALA D 391 13.69 -2.13 47.65
C ALA D 391 14.63 -1.48 46.63
N ASP D 392 14.04 -0.81 45.63
CA ASP D 392 14.82 -0.11 44.63
C ASP D 392 14.95 1.30 45.17
N LEU D 393 16.08 1.57 45.82
CA LEU D 393 16.33 2.87 46.45
C LEU D 393 17.57 3.60 45.97
N VAL D 394 17.59 4.89 46.23
CA VAL D 394 18.72 5.73 45.88
C VAL D 394 19.01 6.64 47.08
N ILE D 395 20.23 6.51 47.63
CA ILE D 395 20.64 7.36 48.73
C ILE D 395 21.38 8.50 48.02
N PHE D 396 20.70 9.63 47.98
CA PHE D 396 21.16 10.81 47.26
C PHE D 396 21.69 11.94 48.14
N ASP D 397 22.77 12.56 47.69
CA ASP D 397 23.36 13.70 48.38
C ASP D 397 22.97 14.95 47.57
N PRO D 398 22.07 15.76 48.13
CA PRO D 398 21.56 16.99 47.52
C PRO D 398 22.47 18.21 47.49
N ASN D 399 23.64 18.13 48.11
CA ASN D 399 24.52 19.30 48.15
C ASN D 399 25.83 19.19 47.39
N ILE D 400 26.34 17.98 47.23
CA ILE D 400 27.59 17.77 46.50
C ILE D 400 27.54 18.50 45.15
N GLU D 401 28.45 19.45 44.96
CA GLU D 401 28.51 20.17 43.70
C GLU D 401 29.56 19.46 42.89
N ARG D 402 29.35 19.35 41.59
CA ARG D 402 30.31 18.65 40.74
C ARG D 402 30.16 19.04 39.29
N VAL D 403 30.99 18.44 38.45
CA VAL D 403 30.96 18.75 37.03
C VAL D 403 30.88 17.47 36.23
N ILE D 404 29.87 17.40 35.36
CA ILE D 404 29.72 16.23 34.53
C ILE D 404 30.85 16.19 33.52
N SER D 405 31.56 15.07 33.51
CA SER D 405 32.68 14.91 32.60
C SER D 405 32.80 13.48 32.15
N ALA D 406 33.10 13.29 30.88
CA ALA D 406 33.27 11.97 30.32
C ALA D 406 34.44 11.34 31.04
N GLU D 407 35.23 12.20 31.68
CA GLU D 407 36.39 11.72 32.42
C GLU D 407 35.90 10.98 33.68
N THR D 408 34.63 11.17 33.99
CA THR D 408 34.06 10.56 35.18
C THR D 408 32.87 9.63 34.92
N HIS D 409 32.09 9.94 33.88
CA HIS D 409 30.91 9.12 33.62
C HIS D 409 31.26 7.64 33.48
N HIS D 410 30.27 6.78 33.71
CA HIS D 410 30.49 5.35 33.64
C HIS D 410 29.88 4.70 32.40
N MET D 411 29.65 5.50 31.36
CA MET D 411 29.12 4.99 30.12
C MET D 411 30.34 4.66 29.27
N ALA D 412 30.22 3.69 28.37
CA ALA D 412 31.34 3.31 27.52
C ALA D 412 31.63 4.27 26.36
N VAL D 413 31.01 5.44 26.36
CA VAL D 413 31.24 6.40 25.27
C VAL D 413 32.45 7.28 25.51
N ASP D 414 33.11 7.71 24.44
CA ASP D 414 34.28 8.55 24.57
C ASP D 414 33.93 10.00 24.88
N TYR D 415 32.64 10.30 25.04
CA TYR D 415 32.26 11.68 25.36
C TYR D 415 30.95 11.75 26.14
N ASN D 416 30.62 12.96 26.62
CA ASN D 416 29.40 13.18 27.39
C ASN D 416 28.77 14.50 26.97
N ALA D 417 27.54 14.44 26.47
CA ALA D 417 26.84 15.64 26.00
C ALA D 417 26.77 16.80 27.00
N PHE D 418 27.00 16.53 28.28
CA PHE D 418 26.93 17.57 29.30
C PHE D 418 28.29 17.84 29.92
N GLU D 419 29.34 17.64 29.11
CA GLU D 419 30.72 17.86 29.54
C GLU D 419 30.93 19.26 30.08
N GLY D 420 31.52 19.33 31.26
CA GLY D 420 31.79 20.62 31.86
C GLY D 420 30.62 21.22 32.60
N MET D 421 29.44 20.61 32.46
CA MET D 421 28.26 21.12 33.14
C MET D 421 28.35 20.94 34.64
N LYS D 422 28.09 22.02 35.38
CA LYS D 422 28.12 21.97 36.82
C LYS D 422 26.76 21.46 37.30
N VAL D 423 26.77 20.54 38.25
CA VAL D 423 25.54 19.96 38.75
C VAL D 423 25.56 19.82 40.26
N THR D 424 24.42 20.08 40.88
CA THR D 424 24.32 19.94 42.32
C THR D 424 23.54 18.67 42.64
N GLY D 425 24.06 17.89 43.57
CA GLY D 425 23.41 16.65 43.95
C GLY D 425 24.03 15.47 43.23
N GLU D 426 24.12 14.33 43.92
CA GLU D 426 24.71 13.13 43.34
C GLU D 426 24.35 11.86 44.10
N PRO D 427 24.11 10.76 43.36
CA PRO D 427 23.74 9.48 43.98
C PRO D 427 24.94 8.93 44.74
N VAL D 428 24.72 8.48 45.96
CA VAL D 428 25.81 7.93 46.76
C VAL D 428 25.74 6.42 46.81
N SER D 429 24.54 5.91 47.07
CA SER D 429 24.31 4.48 47.11
C SER D 429 23.01 4.18 46.37
N VAL D 430 23.09 3.21 45.47
CA VAL D 430 21.93 2.82 44.69
C VAL D 430 21.71 1.33 44.82
N LEU D 431 20.60 0.93 45.43
CA LEU D 431 20.33 -0.51 45.55
C LEU D 431 19.04 -0.93 44.87
N CYS D 432 19.12 -2.08 44.21
CA CYS D 432 18.00 -2.66 43.47
C CYS D 432 17.52 -3.90 44.20
N ARG D 433 16.27 -3.88 44.65
CA ARG D 433 15.70 -5.01 45.37
C ARG D 433 16.55 -5.42 46.58
N GLY D 434 16.74 -4.48 47.50
CA GLY D 434 17.51 -4.76 48.70
C GLY D 434 19.01 -4.97 48.58
N GLU D 435 19.52 -5.17 47.36
CA GLU D 435 20.95 -5.37 47.17
C GLU D 435 21.62 -4.13 46.59
N PHE D 436 22.78 -3.76 47.12
CA PHE D 436 23.50 -2.61 46.60
C PHE D 436 24.01 -2.90 45.19
N VAL D 437 23.93 -1.90 44.32
CA VAL D 437 24.42 -2.04 42.97
C VAL D 437 25.58 -1.05 42.91
N VAL D 438 25.45 0.00 43.72
CA VAL D 438 26.46 1.04 43.84
C VAL D 438 26.46 1.54 45.27
N ARG D 439 27.52 1.24 46.00
CA ARG D 439 27.63 1.70 47.38
C ARG D 439 28.78 2.71 47.46
N ASP D 440 28.48 3.85 48.07
CA ASP D 440 29.48 4.90 48.23
C ASP D 440 30.19 5.21 46.92
N LYS D 441 29.39 5.59 45.92
CA LYS D 441 29.88 5.96 44.61
C LYS D 441 30.85 4.95 44.00
N GLN D 442 30.71 3.69 44.41
CA GLN D 442 31.57 2.63 43.90
C GLN D 442 30.72 1.43 43.51
N PHE D 443 30.96 0.89 42.32
CA PHE D 443 30.20 -0.25 41.82
C PHE D 443 30.41 -1.55 42.58
N VAL D 444 29.32 -2.24 42.91
CA VAL D 444 29.38 -3.49 43.67
C VAL D 444 28.35 -4.51 43.17
N GLY D 445 27.73 -4.24 42.04
CA GLY D 445 26.75 -5.17 41.51
C GLY D 445 27.40 -6.27 40.70
N LYS D 446 26.59 -7.05 40.00
CA LYS D 446 27.09 -8.14 39.17
C LYS D 446 26.19 -8.28 37.95
N PRO D 447 26.77 -8.22 36.74
CA PRO D 447 25.92 -8.36 35.54
C PRO D 447 25.13 -9.67 35.59
N GLY D 448 23.81 -9.55 35.44
CA GLY D 448 22.96 -10.72 35.48
C GLY D 448 22.00 -10.64 36.66
N TYR D 449 22.34 -9.79 37.64
CA TYR D 449 21.50 -9.61 38.83
C TYR D 449 20.19 -9.00 38.43
N GLY D 450 20.23 -8.16 37.40
CA GLY D 450 19.02 -7.52 36.91
C GLY D 450 18.13 -8.57 36.27
N GLN D 451 16.83 -8.47 36.51
CA GLN D 451 15.92 -9.44 35.94
C GLN D 451 14.85 -8.77 35.08
N TYR D 452 14.37 -9.51 34.09
CA TYR D 452 13.35 -9.00 33.18
C TYR D 452 12.06 -8.70 33.95
N LEU D 453 11.27 -7.78 33.43
CA LEU D 453 10.02 -7.42 34.08
C LEU D 453 8.82 -7.54 33.14
N LYS D 454 7.86 -8.36 33.54
CA LYS D 454 6.62 -8.50 32.78
C LYS D 454 5.81 -7.33 33.33
N ARG D 455 5.18 -6.54 32.46
CA ARG D 455 4.44 -5.38 32.94
C ARG D 455 2.92 -5.45 32.85
N ALA D 456 2.27 -4.73 33.75
CA ALA D 456 0.81 -4.68 33.82
C ALA D 456 0.18 -4.26 32.51
N LYS D 457 -1.08 -4.65 32.34
CA LYS D 457 -1.83 -4.39 31.12
C LYS D 457 -2.34 -2.95 31.03
N TYR D 458 -1.62 -2.00 31.61
CA TYR D 458 -2.09 -0.63 31.56
C TYR D 458 -3.26 -0.58 32.57
N GLY D 459 -3.24 -1.55 33.48
CA GLY D 459 -4.23 -1.67 34.55
C GLY D 459 -3.51 -1.70 35.88
N THR D 460 -4.14 -2.22 36.93
CA THR D 460 -3.55 -2.28 38.29
C THR D 460 -2.14 -2.90 38.37
N MET E 1 -23.25 43.36 -31.39
CA MET E 1 -24.61 43.96 -31.44
C MET E 1 -25.07 44.41 -30.05
N THR E 2 -25.00 45.73 -29.83
CA THR E 2 -25.38 46.37 -28.57
C THR E 2 -26.68 45.91 -27.91
N LYS E 3 -26.65 45.83 -26.58
CA LYS E 3 -27.82 45.42 -25.80
C LYS E 3 -27.95 46.31 -24.56
N ILE E 4 -29.15 46.36 -23.99
CA ILE E 4 -29.39 47.15 -22.79
C ILE E 4 -30.34 46.41 -21.83
N ILE E 5 -29.84 46.06 -20.65
CA ILE E 5 -30.67 45.37 -19.67
C ILE E 5 -31.14 46.46 -18.71
N LYS E 6 -32.41 46.80 -18.79
CA LYS E 6 -32.96 47.87 -17.97
C LYS E 6 -33.92 47.42 -16.88
N ASN E 7 -34.17 48.34 -15.94
CA ASN E 7 -35.08 48.14 -14.83
C ASN E 7 -34.75 47.01 -13.88
N GLY E 8 -33.48 46.60 -13.87
CA GLY E 8 -33.10 45.53 -12.96
C GLY E 8 -32.43 46.06 -11.73
N THR E 9 -32.31 45.22 -10.70
CA THR E 9 -31.66 45.64 -9.49
C THR E 9 -30.31 44.98 -9.55
N ILE E 10 -29.28 45.79 -9.70
CA ILE E 10 -27.93 45.27 -9.77
C ILE E 10 -27.41 44.90 -8.40
N VAL E 11 -26.79 43.72 -8.31
CA VAL E 11 -26.25 43.23 -7.05
C VAL E 11 -24.87 42.64 -7.22
N THR E 12 -23.84 43.41 -6.87
CA THR E 12 -22.48 42.91 -6.95
C THR E 12 -22.10 42.39 -5.59
N ALA E 13 -20.83 42.06 -5.40
CA ALA E 13 -20.35 41.56 -4.12
C ALA E 13 -20.39 42.69 -3.09
N THR E 14 -20.55 43.92 -3.55
CA THR E 14 -20.59 45.05 -2.66
C THR E 14 -21.80 45.92 -2.83
N ASP E 15 -22.16 46.19 -4.06
CA ASP E 15 -23.27 47.07 -4.32
C ASP E 15 -24.61 46.43 -4.62
N THR E 16 -25.66 47.24 -4.45
CA THR E 16 -27.03 46.83 -4.70
C THR E 16 -27.74 48.12 -5.09
N TYR E 17 -27.97 48.29 -6.39
CA TYR E 17 -28.60 49.50 -6.87
C TYR E 17 -29.42 49.21 -8.09
N GLU E 18 -30.18 50.22 -8.50
CA GLU E 18 -31.00 50.10 -9.69
C GLU E 18 -30.41 50.94 -10.82
N ALA E 19 -30.23 50.32 -11.98
CA ALA E 19 -29.67 51.00 -13.12
C ALA E 19 -29.80 50.10 -14.34
N HIS E 20 -29.35 50.59 -15.49
CA HIS E 20 -29.40 49.81 -16.70
C HIS E 20 -27.96 49.54 -17.11
N LEU E 21 -27.76 48.43 -17.79
CA LEU E 21 -26.43 48.09 -18.25
C LEU E 21 -26.41 48.16 -19.76
N LEU E 22 -25.45 48.89 -20.30
CA LEU E 22 -25.31 48.98 -21.74
C LEU E 22 -24.18 48.02 -22.09
N ILE E 23 -24.52 46.91 -22.73
CA ILE E 23 -23.51 45.94 -23.11
C ILE E 23 -23.03 46.29 -24.50
N LYS E 24 -21.71 46.23 -24.70
CA LYS E 24 -21.15 46.58 -25.99
C LYS E 24 -20.36 45.45 -26.62
N ASP E 25 -19.04 45.50 -26.53
CA ASP E 25 -18.22 44.47 -27.12
C ASP E 25 -18.23 43.19 -26.35
N GLY E 26 -19.42 42.77 -25.91
CA GLY E 26 -19.54 41.56 -25.12
C GLY E 26 -19.09 41.88 -23.70
N LYS E 27 -18.84 43.17 -23.47
CA LYS E 27 -18.41 43.66 -22.17
C LYS E 27 -19.38 44.73 -21.73
N ILE E 28 -19.30 45.12 -20.46
CA ILE E 28 -20.17 46.15 -19.96
C ILE E 28 -19.58 47.48 -20.36
N ALA E 29 -20.31 48.20 -21.20
CA ALA E 29 -19.89 49.50 -21.71
C ALA E 29 -20.14 50.61 -20.69
N MET E 30 -21.35 50.64 -20.13
CA MET E 30 -21.67 51.65 -19.14
C MET E 30 -22.91 51.32 -18.33
N ILE E 31 -22.96 51.91 -17.14
CA ILE E 31 -24.05 51.71 -16.20
C ILE E 31 -24.66 53.06 -15.84
N GLY E 32 -25.98 53.08 -15.72
CA GLY E 32 -26.67 54.30 -15.40
C GLY E 32 -28.14 54.04 -15.56
N GLN E 33 -28.96 55.07 -15.37
CA GLN E 33 -30.40 54.92 -15.50
C GLN E 33 -30.97 55.57 -16.75
N ASN E 34 -32.08 55.02 -17.23
CA ASN E 34 -32.74 55.52 -18.43
C ASN E 34 -31.76 55.57 -19.60
N LEU E 35 -31.07 54.47 -19.82
CA LEU E 35 -30.12 54.41 -20.91
C LEU E 35 -30.87 54.24 -22.22
N GLU E 36 -30.28 54.74 -23.30
CA GLU E 36 -30.88 54.63 -24.62
C GLU E 36 -29.82 54.63 -25.71
N GLU E 37 -30.11 53.94 -26.80
CA GLU E 37 -29.21 53.85 -27.95
C GLU E 37 -29.91 53.10 -29.06
N LYS E 38 -30.27 53.81 -30.14
CA LYS E 38 -30.96 53.18 -31.26
C LYS E 38 -30.30 51.86 -31.59
N GLY E 39 -31.11 50.81 -31.66
CA GLY E 39 -30.59 49.49 -31.94
C GLY E 39 -29.87 49.01 -30.69
N ALA E 40 -30.58 48.28 -29.83
CA ALA E 40 -29.99 47.78 -28.60
C ALA E 40 -30.70 46.54 -28.05
N GLU E 41 -31.76 46.12 -28.73
CA GLU E 41 -32.52 44.95 -28.31
C GLU E 41 -33.20 45.18 -26.95
N VAL E 42 -32.73 46.18 -26.20
CA VAL E 42 -33.30 46.53 -24.90
C VAL E 42 -34.03 45.41 -24.16
N ILE E 43 -33.34 44.74 -23.24
CA ILE E 43 -33.92 43.66 -22.44
C ILE E 43 -34.53 44.25 -21.16
N ASP E 44 -35.72 43.79 -20.79
CA ASP E 44 -36.38 44.30 -19.60
C ASP E 44 -36.19 43.38 -18.42
N ALA E 45 -35.68 43.91 -17.32
CA ALA E 45 -35.43 43.09 -16.14
C ALA E 45 -36.24 43.49 -14.90
N LYS E 46 -37.33 44.22 -15.10
CA LYS E 46 -38.16 44.65 -13.98
C LYS E 46 -38.37 43.50 -13.00
N GLY E 47 -38.42 43.82 -11.71
CA GLY E 47 -38.63 42.81 -10.68
C GLY E 47 -37.64 41.67 -10.71
N CYS E 48 -36.38 41.97 -11.01
CA CYS E 48 -35.34 40.94 -11.07
C CYS E 48 -34.00 41.49 -10.61
N TYR E 49 -33.14 40.59 -10.18
CA TYR E 49 -31.81 40.96 -9.76
C TYR E 49 -30.91 40.69 -10.95
N VAL E 50 -29.77 41.37 -11.02
CA VAL E 50 -28.85 41.13 -12.10
C VAL E 50 -27.51 40.84 -11.41
N PHE E 51 -27.14 39.56 -11.39
CA PHE E 51 -25.91 39.12 -10.75
C PHE E 51 -24.79 38.86 -11.73
N PRO E 52 -23.56 38.90 -11.23
CA PRO E 52 -22.44 38.62 -12.13
C PRO E 52 -22.57 37.11 -12.29
N GLY E 53 -22.46 36.59 -13.50
CA GLY E 53 -22.57 35.15 -13.70
C GLY E 53 -21.80 34.39 -12.64
N GLY E 54 -22.32 33.25 -12.22
CA GLY E 54 -21.63 32.47 -11.20
C GLY E 54 -20.40 31.77 -11.74
N ILE E 55 -19.47 31.45 -10.85
CA ILE E 55 -18.25 30.77 -11.26
C ILE E 55 -18.09 29.52 -10.42
N ASP E 56 -18.04 28.37 -11.07
CA ASP E 56 -17.90 27.11 -10.37
C ASP E 56 -16.47 26.63 -10.50
N PRO E 57 -15.68 26.77 -9.42
CA PRO E 57 -14.28 26.35 -9.45
C PRO E 57 -14.08 24.86 -9.23
N HIS E 58 -15.15 24.13 -9.00
CA HIS E 58 -15.03 22.70 -8.73
C HIS E 58 -15.87 21.85 -9.68
N THR E 59 -15.30 21.54 -10.83
CA THR E 59 -15.98 20.79 -11.88
C THR E 59 -15.22 19.56 -12.36
N HIS E 60 -15.95 18.50 -12.66
CA HIS E 60 -15.41 17.24 -13.18
C HIS E 60 -16.38 16.81 -14.27
N LEU E 61 -16.18 17.27 -15.51
CA LEU E 61 -17.10 16.93 -16.58
C LEU E 61 -16.82 15.65 -17.37
N ASP E 62 -15.88 15.66 -18.30
CA ASP E 62 -15.66 14.44 -19.04
C ASP E 62 -14.75 13.51 -18.25
N MET E 63 -14.64 13.73 -16.94
CA MET E 63 -13.76 12.90 -16.14
C MET E 63 -14.24 11.46 -16.00
N PRO E 64 -13.30 10.50 -16.01
CA PRO E 64 -13.57 9.06 -15.89
C PRO E 64 -13.30 8.48 -14.50
N LEU E 65 -14.35 8.05 -13.80
CA LEU E 65 -14.13 7.46 -12.48
C LEU E 65 -14.50 6.00 -12.45
N GLY E 66 -13.65 5.19 -13.07
CA GLY E 66 -13.86 3.74 -13.14
C GLY E 66 -13.81 3.29 -14.58
N GLY E 67 -14.53 2.22 -14.90
CA GLY E 67 -14.57 1.74 -16.26
C GLY E 67 -15.59 2.62 -16.96
N THR E 68 -16.18 3.53 -16.20
CA THR E 68 -17.19 4.44 -16.69
C THR E 68 -16.71 5.89 -16.65
N VAL E 69 -17.53 6.77 -17.20
CA VAL E 69 -17.25 8.19 -17.27
C VAL E 69 -18.48 8.99 -16.86
N THR E 70 -18.26 10.20 -16.35
CA THR E 70 -19.35 11.08 -15.92
C THR E 70 -20.45 11.13 -16.97
N LYS E 71 -21.70 11.05 -16.53
CA LYS E 71 -22.82 11.09 -17.45
C LYS E 71 -22.85 12.42 -18.17
N ASP E 72 -22.49 13.49 -17.47
CA ASP E 72 -22.47 14.82 -18.08
C ASP E 72 -21.08 15.11 -18.61
N ASP E 73 -21.00 15.47 -19.91
CA ASP E 73 -19.72 15.79 -20.55
C ASP E 73 -19.62 17.32 -20.57
N PHE E 74 -18.57 17.84 -21.20
CA PHE E 74 -18.42 19.29 -21.23
C PHE E 74 -19.56 20.01 -21.91
N GLU E 75 -20.33 19.32 -22.74
CA GLU E 75 -21.44 19.98 -23.42
C GLU E 75 -22.68 20.12 -22.55
N SER E 76 -23.16 18.98 -22.05
CA SER E 76 -24.34 18.97 -21.19
C SER E 76 -24.08 19.75 -19.92
N GLY E 77 -22.94 19.49 -19.30
CA GLY E 77 -22.56 20.16 -18.08
C GLY E 77 -22.55 21.67 -18.22
N THR E 78 -22.04 22.16 -19.34
CA THR E 78 -21.99 23.59 -19.60
C THR E 78 -23.38 24.19 -19.64
N ILE E 79 -24.27 23.52 -20.37
CA ILE E 79 -25.64 23.96 -20.50
C ILE E 79 -26.29 23.94 -19.13
N ALA E 80 -26.10 22.85 -18.39
CA ALA E 80 -26.68 22.73 -17.05
C ALA E 80 -26.26 23.96 -16.24
N ALA E 81 -24.96 24.14 -16.07
CA ALA E 81 -24.45 25.27 -15.33
C ALA E 81 -25.06 26.56 -15.85
N ALA E 82 -25.18 26.68 -17.17
CA ALA E 82 -25.74 27.88 -17.76
C ALA E 82 -27.14 28.17 -17.22
N PHE E 83 -27.96 27.13 -17.15
CA PHE E 83 -29.31 27.29 -16.65
C PHE E 83 -29.26 27.61 -15.17
N GLY E 84 -28.26 27.07 -14.50
CA GLY E 84 -28.13 27.30 -13.07
C GLY E 84 -27.63 28.65 -12.65
N GLY E 85 -27.33 29.50 -13.63
CA GLY E 85 -26.83 30.83 -13.31
C GLY E 85 -25.31 30.89 -13.28
N THR E 86 -24.65 29.81 -13.65
CA THR E 86 -23.20 29.77 -13.68
C THR E 86 -22.71 29.99 -15.11
N THR E 87 -21.80 30.94 -15.32
CA THR E 87 -21.31 31.23 -16.67
C THR E 87 -19.83 30.95 -16.90
N THR E 88 -19.16 30.42 -15.89
CA THR E 88 -17.73 30.11 -15.99
C THR E 88 -17.39 28.97 -15.07
N ILE E 89 -16.72 27.95 -15.59
CA ILE E 89 -16.35 26.83 -14.76
C ILE E 89 -14.87 26.56 -14.86
N ILE E 90 -14.32 25.94 -13.83
CA ILE E 90 -12.91 25.61 -13.84
C ILE E 90 -12.86 24.12 -13.51
N ASP E 91 -12.66 23.30 -14.54
CA ASP E 91 -12.64 21.86 -14.40
C ASP E 91 -11.26 21.34 -14.03
N PHE E 92 -11.19 20.20 -13.35
CA PHE E 92 -9.93 19.60 -12.93
C PHE E 92 -9.31 18.67 -13.94
N CYS E 93 -8.28 19.14 -14.63
CA CYS E 93 -7.56 18.34 -15.61
C CYS E 93 -6.66 17.34 -14.90
N LEU E 94 -7.05 16.06 -14.95
CA LEU E 94 -6.31 14.99 -14.29
C LEU E 94 -4.98 14.62 -14.94
N THR E 95 -4.07 14.12 -14.12
CA THR E 95 -2.71 13.76 -14.55
C THR E 95 -2.27 12.35 -14.19
N ASN E 96 -1.45 11.75 -15.04
CA ASN E 96 -0.92 10.41 -14.82
C ASN E 96 0.57 10.50 -14.59
N LYS E 97 1.10 9.65 -13.72
CA LYS E 97 2.53 9.67 -13.42
C LYS E 97 3.40 9.29 -14.60
N GLY E 98 4.61 9.83 -14.64
CA GLY E 98 5.54 9.55 -15.73
C GLY E 98 5.15 10.18 -17.05
N GLU E 99 3.88 10.46 -17.22
CA GLU E 99 3.37 11.06 -18.44
C GLU E 99 3.45 12.58 -18.38
N PRO E 100 3.97 13.21 -19.44
CA PRO E 100 4.12 14.66 -19.53
C PRO E 100 2.81 15.45 -19.33
N LEU E 101 2.86 16.47 -18.47
CA LEU E 101 1.71 17.29 -18.14
C LEU E 101 0.97 17.90 -19.33
N LYS E 102 1.70 18.31 -20.36
CA LYS E 102 1.06 18.93 -21.52
C LYS E 102 0.23 17.93 -22.31
N LYS E 103 0.46 16.65 -22.03
CA LYS E 103 -0.29 15.58 -22.66
C LYS E 103 -1.72 15.72 -22.15
N ALA E 104 -1.87 15.61 -20.83
CA ALA E 104 -3.17 15.72 -20.18
C ALA E 104 -3.86 17.04 -20.51
N ILE E 105 -3.12 18.14 -20.43
CA ILE E 105 -3.69 19.45 -20.71
C ILE E 105 -4.36 19.51 -22.07
N GLU E 106 -3.78 18.85 -23.05
CA GLU E 106 -4.38 18.84 -24.38
C GLU E 106 -5.57 17.90 -24.43
N THR E 107 -5.47 16.78 -23.71
CA THR E 107 -6.56 15.81 -23.66
C THR E 107 -7.80 16.56 -23.19
N TRP E 108 -7.61 17.38 -22.14
CA TRP E 108 -8.70 18.16 -21.59
C TRP E 108 -9.19 19.21 -22.56
N HIS E 109 -8.26 19.92 -23.18
CA HIS E 109 -8.65 20.94 -24.15
C HIS E 109 -9.57 20.30 -25.20
N ASN E 110 -9.32 19.03 -25.51
CA ASN E 110 -10.15 18.35 -26.49
C ASN E 110 -11.53 18.10 -25.91
N LYS E 111 -11.57 17.60 -24.68
CA LYS E 111 -12.84 17.35 -24.01
C LYS E 111 -13.75 18.58 -24.06
N ALA E 112 -13.17 19.75 -23.86
CA ALA E 112 -13.92 21.00 -23.85
C ALA E 112 -14.12 21.63 -25.23
N ASN E 113 -13.08 21.56 -26.06
CA ASN E 113 -13.10 22.13 -27.40
C ASN E 113 -14.41 22.06 -28.17
N GLY E 114 -14.95 23.23 -28.50
CA GLY E 114 -16.18 23.29 -29.27
C GLY E 114 -17.46 22.76 -28.65
N LYS E 115 -17.41 22.36 -27.39
CA LYS E 115 -18.60 21.84 -26.72
C LYS E 115 -19.09 22.75 -25.60
N ALA E 116 -18.22 23.62 -25.11
CA ALA E 116 -18.59 24.52 -24.04
C ALA E 116 -19.56 25.59 -24.51
N VAL E 117 -20.62 25.80 -23.73
CA VAL E 117 -21.63 26.81 -24.03
C VAL E 117 -21.25 28.11 -23.34
N ILE E 118 -20.44 28.00 -22.28
CA ILE E 118 -19.94 29.14 -21.50
C ILE E 118 -18.43 28.98 -21.35
N ASP E 119 -17.76 30.00 -20.81
CA ASP E 119 -16.30 29.95 -20.66
C ASP E 119 -15.82 28.99 -19.57
N TYR E 120 -14.57 28.58 -19.68
CA TYR E 120 -14.01 27.62 -18.73
C TYR E 120 -12.49 27.70 -18.64
N GLY E 121 -11.95 27.05 -17.62
CA GLY E 121 -10.51 27.02 -17.41
C GLY E 121 -10.17 25.67 -16.80
N PHE E 122 -8.91 25.46 -16.44
CA PHE E 122 -8.52 24.18 -15.86
C PHE E 122 -7.65 24.31 -14.63
N HIS E 123 -7.62 23.22 -13.87
CA HIS E 123 -6.80 23.10 -12.68
C HIS E 123 -5.91 21.95 -13.11
N LEU E 124 -4.64 21.95 -12.73
CA LEU E 124 -3.80 20.84 -13.13
C LEU E 124 -3.57 19.92 -11.95
N MET E 125 -3.89 18.64 -12.11
CA MET E 125 -3.69 17.67 -11.04
C MET E 125 -2.21 17.32 -10.91
N ILE E 126 -1.77 17.08 -9.69
CA ILE E 126 -0.38 16.74 -9.46
C ILE E 126 -0.28 15.55 -8.51
N SER E 127 0.33 14.48 -9.01
CA SER E 127 0.47 13.24 -8.26
C SER E 127 1.91 12.95 -7.92
N GLU E 128 2.81 13.76 -8.49
CA GLU E 128 4.24 13.59 -8.28
C GLU E 128 5.00 14.80 -8.77
N ILE E 129 6.14 15.08 -8.12
CA ILE E 129 6.99 16.20 -8.49
C ILE E 129 8.30 15.65 -9.07
N THR E 130 8.39 15.65 -10.39
CA THR E 130 9.56 15.16 -11.11
C THR E 130 10.32 16.36 -11.63
N ASP E 131 11.58 16.14 -11.99
CA ASP E 131 12.39 17.21 -12.55
C ASP E 131 11.67 17.65 -13.81
N ASP E 132 11.08 16.68 -14.49
CA ASP E 132 10.34 16.95 -15.72
C ASP E 132 9.14 17.81 -15.41
N VAL E 133 8.50 17.52 -14.28
CA VAL E 133 7.34 18.29 -13.85
C VAL E 133 7.76 19.71 -13.53
N LEU E 134 8.84 19.84 -12.76
CA LEU E 134 9.33 21.15 -12.38
C LEU E 134 9.66 22.01 -13.60
N GLU E 135 10.03 21.37 -14.70
CA GLU E 135 10.35 22.09 -15.92
C GLU E 135 9.12 22.57 -16.66
N GLU E 136 8.06 21.78 -16.61
CA GLU E 136 6.82 22.15 -17.28
C GLU E 136 6.02 23.21 -16.54
N LEU E 137 5.86 23.03 -15.23
CA LEU E 137 5.08 23.96 -14.43
C LEU E 137 5.19 25.41 -14.88
N PRO E 138 6.42 25.96 -14.90
CA PRO E 138 6.56 27.36 -15.34
C PRO E 138 5.94 27.61 -16.70
N LYS E 139 6.07 26.64 -17.59
CA LYS E 139 5.49 26.76 -18.93
C LYS E 139 3.98 26.66 -18.83
N VAL E 140 3.52 25.75 -17.97
CA VAL E 140 2.10 25.53 -17.73
C VAL E 140 1.46 26.81 -17.23
N LEU E 141 2.24 27.70 -16.61
CA LEU E 141 1.71 28.96 -16.12
C LEU E 141 1.59 29.96 -17.25
N GLU E 142 2.70 30.22 -17.95
CA GLU E 142 2.70 31.18 -19.07
C GLU E 142 1.86 30.74 -20.26
N GLU E 143 2.18 29.59 -20.82
CA GLU E 143 1.40 29.06 -21.92
C GLU E 143 0.36 28.22 -21.20
N GLU E 144 -0.92 28.53 -21.42
CA GLU E 144 -2.02 27.84 -20.74
C GLU E 144 -2.14 28.56 -19.40
N GLY E 145 -3.21 29.32 -19.22
CA GLY E 145 -3.35 30.04 -17.97
C GLY E 145 -3.67 29.17 -16.77
N ILE E 146 -2.94 28.06 -16.60
CA ILE E 146 -3.18 27.16 -15.47
C ILE E 146 -2.35 27.62 -14.29
N THR E 147 -2.97 28.38 -13.40
CA THR E 147 -2.27 28.89 -12.22
C THR E 147 -2.74 28.30 -10.90
N SER E 148 -3.45 27.18 -10.97
CA SER E 148 -3.93 26.51 -9.77
C SER E 148 -3.62 25.03 -9.91
N LEU E 149 -2.70 24.54 -9.23
CA LEU E 149 -2.25 23.16 -9.15
C LEU E 149 -2.97 22.41 -8.00
N VAL E 151 -4.13 18.82 -5.38
CA VAL E 151 -3.53 17.55 -4.81
C VAL E 151 -4.48 16.70 -3.93
N PHE E 152 -4.53 15.39 -4.20
CA PHE E 152 -5.36 14.50 -3.40
C PHE E 152 -4.58 13.94 -2.23
N MET E 153 -5.12 14.10 -1.04
CA MET E 153 -4.49 13.52 0.12
C MET E 153 -5.09 12.15 0.40
N ALA E 154 -6.20 11.88 -0.28
CA ALA E 154 -6.93 10.61 -0.15
C ALA E 154 -6.92 9.91 -1.50
N TYR E 155 -7.73 8.87 -1.63
CA TYR E 155 -7.81 8.09 -2.86
C TYR E 155 -6.48 7.39 -3.10
N LYS E 156 -6.03 6.66 -2.09
CA LYS E 156 -4.78 5.90 -2.15
C LYS E 156 -4.70 5.10 -3.43
N ASN E 157 -3.50 5.02 -4.00
CA ASN E 157 -3.25 4.27 -5.24
C ASN E 157 -4.13 4.71 -6.40
N VAL E 158 -4.55 5.97 -6.44
CA VAL E 158 -5.39 6.43 -7.52
C VAL E 158 -5.16 7.91 -7.83
N PHE E 159 -4.91 8.72 -6.80
CA PHE E 159 -4.65 10.15 -6.96
C PHE E 159 -3.73 10.66 -5.87
N GLN E 160 -3.80 9.99 -4.72
CA GLN E 160 -3.05 10.33 -3.52
C GLN E 160 -1.57 10.67 -3.74
N ALA E 161 -1.07 11.56 -2.87
CA ALA E 161 0.32 12.01 -2.91
C ALA E 161 0.83 12.15 -1.49
N ASP E 162 2.09 11.78 -1.25
CA ASP E 162 2.64 11.88 0.09
C ASP E 162 2.86 13.35 0.45
N ASP E 163 3.08 13.61 1.73
CA ASP E 163 3.27 14.98 2.20
C ASP E 163 4.46 15.63 1.52
N GLY E 164 5.45 14.82 1.13
CA GLY E 164 6.62 15.33 0.43
C GLY E 164 6.19 15.94 -0.89
N THR E 165 5.32 15.23 -1.61
CA THR E 165 4.83 15.73 -2.89
C THR E 165 4.00 16.97 -2.63
N LEU E 166 3.16 16.93 -1.60
CA LEU E 166 2.33 18.08 -1.26
C LEU E 166 3.22 19.27 -0.90
N TYR E 167 4.20 19.01 -0.05
CA TYR E 167 5.12 20.06 0.39
C TYR E 167 5.88 20.71 -0.76
N CYS E 168 6.56 19.92 -1.59
CA CYS E 168 7.30 20.50 -2.71
C CYS E 168 6.36 21.24 -3.69
N THR E 169 5.10 20.81 -3.78
CA THR E 169 4.16 21.45 -4.66
C THR E 169 3.89 22.83 -4.09
N LEU E 170 3.72 22.89 -2.77
CA LEU E 170 3.45 24.16 -2.11
C LEU E 170 4.57 25.14 -2.42
N LEU E 171 5.81 24.65 -2.34
CA LEU E 171 6.95 25.49 -2.63
C LEU E 171 6.90 25.93 -4.06
N ALA E 172 6.90 24.95 -4.97
CA ALA E 172 6.86 25.26 -6.40
C ALA E 172 5.78 26.31 -6.64
N ALA E 173 4.64 26.11 -6.01
CA ALA E 173 3.53 27.01 -6.15
C ALA E 173 3.87 28.41 -5.69
N LYS E 174 4.42 28.52 -4.49
CA LYS E 174 4.79 29.82 -3.92
C LYS E 174 5.72 30.52 -4.87
N GLU E 175 6.71 29.76 -5.31
CA GLU E 175 7.73 30.24 -6.23
C GLU E 175 7.13 30.69 -7.56
N LEU E 176 6.45 29.77 -8.25
CA LEU E 176 5.86 30.05 -9.55
C LEU E 176 4.65 30.99 -9.54
N GLY E 177 3.98 31.10 -8.40
CA GLY E 177 2.82 31.97 -8.33
C GLY E 177 1.52 31.25 -8.67
N ALA E 178 1.31 30.10 -8.04
CA ALA E 178 0.12 29.29 -8.26
C ALA E 178 -0.52 29.00 -6.92
N LEU E 179 -1.80 28.62 -6.95
CA LEU E 179 -2.53 28.29 -5.73
C LEU E 179 -2.67 26.79 -5.61
N VAL E 180 -2.26 26.23 -4.48
CA VAL E 180 -2.36 24.80 -4.27
C VAL E 180 -3.74 24.46 -3.73
N MET E 181 -4.42 23.55 -4.42
CA MET E 181 -5.75 23.12 -3.98
C MET E 181 -5.55 21.75 -3.37
N VAL E 182 -6.39 21.39 -2.40
CA VAL E 182 -6.24 20.11 -1.73
C VAL E 182 -7.53 19.39 -1.38
N HIS E 183 -7.55 18.08 -1.60
CA HIS E 183 -8.69 17.22 -1.24
C HIS E 183 -8.17 16.64 0.08
N ALA E 184 -8.60 17.25 1.19
CA ALA E 184 -8.11 16.86 2.51
C ALA E 184 -8.80 15.75 3.26
N GLU E 185 -8.38 14.51 3.02
CA GLU E 185 -8.93 13.35 3.71
C GLU E 185 -7.76 12.42 3.90
N ASN E 186 -7.64 11.81 5.07
CA ASN E 186 -6.52 10.91 5.30
C ASN E 186 -6.70 9.58 4.56
N GLY E 187 -6.23 9.54 3.32
CA GLY E 187 -6.33 8.35 2.52
C GLY E 187 -5.84 7.05 3.13
N ASP E 188 -4.68 7.05 3.77
CA ASP E 188 -4.16 5.81 4.36
C ASP E 188 -5.05 5.19 5.42
N VAL E 189 -5.68 6.01 6.24
CA VAL E 189 -6.55 5.48 7.26
C VAL E 189 -7.88 5.07 6.63
N ILE E 190 -8.44 5.94 5.79
CA ILE E 190 -9.70 5.64 5.13
C ILE E 190 -9.55 4.27 4.48
N ASP E 191 -8.36 4.02 3.95
CA ASP E 191 -8.08 2.77 3.28
C ASP E 191 -8.29 1.55 4.15
N TYR E 192 -7.60 1.49 5.29
CA TYR E 192 -7.75 0.35 6.18
C TYR E 192 -9.21 0.20 6.59
N LEU E 193 -9.83 1.32 6.95
CA LEU E 193 -11.22 1.30 7.36
C LEU E 193 -12.08 0.67 6.26
N THR E 194 -11.82 1.09 5.03
CA THR E 194 -12.57 0.59 3.89
C THR E 194 -12.40 -0.91 3.78
N LYS E 195 -11.15 -1.35 3.73
CA LYS E 195 -10.86 -2.78 3.64
C LYS E 195 -11.55 -3.58 4.75
N LYS E 196 -11.40 -3.15 6.00
CA LYS E 196 -12.02 -3.87 7.09
C LYS E 196 -13.54 -3.89 6.95
N ALA E 197 -14.14 -2.76 6.61
CA ALA E 197 -15.59 -2.68 6.46
C ALA E 197 -16.06 -3.83 5.57
N LEU E 198 -15.44 -3.93 4.41
CA LEU E 198 -15.76 -4.98 3.45
C LEU E 198 -15.53 -6.35 4.09
N ALA E 199 -14.34 -6.52 4.68
CA ALA E 199 -13.99 -7.78 5.32
C ALA E 199 -15.04 -8.22 6.34
N ASP E 200 -15.88 -7.30 6.80
CA ASP E 200 -16.91 -7.63 7.78
C ASP E 200 -18.29 -7.64 7.17
N GLY E 201 -18.36 -7.59 5.85
CA GLY E 201 -19.65 -7.61 5.19
C GLY E 201 -20.42 -6.31 5.11
N ASN E 202 -19.87 -5.23 5.65
CA ASN E 202 -20.54 -3.93 5.60
C ASN E 202 -20.29 -3.38 4.20
N THR E 203 -21.28 -3.51 3.33
CA THR E 203 -21.12 -3.06 1.95
C THR E 203 -22.09 -1.98 1.50
N ASP E 204 -23.13 -1.75 2.29
CA ASP E 204 -24.13 -0.74 1.94
C ASP E 204 -23.54 0.66 1.75
N PRO E 205 -24.27 1.51 0.99
CA PRO E 205 -23.81 2.87 0.74
C PRO E 205 -23.40 3.65 1.98
N ILE E 206 -24.06 3.40 3.10
CA ILE E 206 -23.72 4.14 4.30
C ILE E 206 -22.31 3.91 4.82
N TYR E 207 -21.76 2.74 4.58
CA TYR E 207 -20.40 2.48 5.05
C TYR E 207 -19.37 3.32 4.30
N HIS E 208 -19.83 3.96 3.25
CA HIS E 208 -18.95 4.83 2.49
C HIS E 208 -18.64 6.00 3.42
N ALA E 209 -19.65 6.45 4.14
CA ALA E 209 -19.51 7.55 5.07
C ALA E 209 -18.81 7.12 6.34
N LEU E 210 -19.30 6.06 6.97
CA LEU E 210 -18.74 5.56 8.23
C LEU E 210 -17.29 5.12 8.06
N THR E 211 -16.95 4.75 6.83
CA THR E 211 -15.61 4.29 6.52
C THR E 211 -14.61 5.45 6.53
N ARG E 212 -15.14 6.68 6.54
CA ARG E 212 -14.29 7.86 6.53
C ARG E 212 -14.83 8.99 7.42
N PRO E 213 -14.63 8.87 8.74
CA PRO E 213 -15.06 9.82 9.77
C PRO E 213 -14.47 11.23 9.61
N PRO E 214 -15.21 12.26 10.03
CA PRO E 214 -14.76 13.64 9.91
C PRO E 214 -13.40 13.93 10.56
N GLU E 215 -13.01 13.10 11.52
CA GLU E 215 -11.74 13.25 12.20
C GLU E 215 -10.65 13.21 11.15
N LEU E 216 -10.82 12.30 10.19
CA LEU E 216 -9.85 12.15 9.13
C LEU E 216 -9.87 13.32 8.13
N GLU E 217 -10.97 14.06 8.06
CA GLU E 217 -11.01 15.20 7.15
C GLU E 217 -10.26 16.31 7.86
N GLY E 218 -10.56 16.48 9.14
CA GLY E 218 -9.91 17.51 9.93
C GLY E 218 -8.41 17.26 9.99
N GLU E 219 -8.04 16.04 10.32
CA GLU E 219 -6.63 15.69 10.39
C GLU E 219 -5.93 16.13 9.12
N ALA E 220 -6.39 15.62 8.00
CA ALA E 220 -5.81 15.95 6.70
C ALA E 220 -5.75 17.47 6.49
N THR E 221 -6.89 18.15 6.68
CA THR E 221 -6.92 19.59 6.50
C THR E 221 -5.83 20.28 7.34
N GLY E 222 -5.57 19.74 8.53
CA GLY E 222 -4.55 20.32 9.38
C GLY E 222 -3.15 20.21 8.77
N ARG E 223 -2.76 19.01 8.31
CA ARG E 223 -1.45 18.82 7.69
C ARG E 223 -1.30 19.80 6.55
N ALA E 224 -2.28 19.81 5.66
CA ALA E 224 -2.24 20.71 4.51
C ALA E 224 -1.87 22.10 5.01
N CYS E 225 -2.55 22.56 6.05
CA CYS E 225 -2.31 23.88 6.63
C CYS E 225 -0.90 24.01 7.20
N GLN E 226 -0.57 23.15 8.15
CA GLN E 226 0.74 23.20 8.78
C GLN E 226 1.81 23.22 7.70
N LEU E 227 1.68 22.35 6.71
CA LEU E 227 2.66 22.32 5.64
C LEU E 227 2.62 23.62 4.87
N THR E 228 1.43 24.10 4.55
CA THR E 228 1.33 25.35 3.81
C THR E 228 2.04 26.48 4.54
N GLU E 229 2.03 26.39 5.87
CA GLU E 229 2.67 27.37 6.74
C GLU E 229 4.18 27.22 6.57
N LEU E 230 4.69 26.02 6.82
CA LEU E 230 6.12 25.72 6.67
C LEU E 230 6.64 26.24 5.33
N ALA E 231 5.93 25.89 4.25
CA ALA E 231 6.32 26.31 2.91
C ALA E 231 6.11 27.80 2.68
N GLY E 232 5.21 28.40 3.44
CA GLY E 232 4.96 29.82 3.28
C GLY E 232 4.18 30.15 2.02
N SER E 233 3.42 29.20 1.49
CA SER E 233 2.65 29.47 0.26
C SER E 233 1.17 29.69 0.50
N GLN E 234 0.35 29.31 -0.47
CA GLN E 234 -1.10 29.47 -0.35
C GLN E 234 -1.87 28.16 -0.55
N LEU E 235 -2.88 27.96 0.30
CA LEU E 235 -3.73 26.77 0.26
C LEU E 235 -5.19 27.10 -0.02
N TYR E 236 -5.89 26.14 -0.61
CA TYR E 236 -7.32 26.29 -0.90
C TYR E 236 -7.92 24.91 -0.69
N VAL E 237 -8.55 24.70 0.47
CA VAL E 237 -9.14 23.41 0.81
C VAL E 237 -10.47 23.26 0.09
N VAL E 238 -10.58 22.25 -0.77
CA VAL E 238 -11.82 22.05 -1.51
C VAL E 238 -12.84 21.28 -0.66
N HIS E 239 -14.10 21.48 -0.98
CA HIS E 239 -15.21 20.85 -0.26
C HIS E 239 -14.99 20.58 1.22
N VAL E 240 -15.06 21.65 2.02
CA VAL E 240 -14.92 21.55 3.46
C VAL E 240 -16.28 20.99 3.89
N THR E 241 -16.22 19.89 4.63
CA THR E 241 -17.41 19.18 5.04
C THR E 241 -17.81 19.21 6.51
N CYS E 242 -16.89 18.77 7.37
CA CYS E 242 -17.15 18.71 8.79
C CYS E 242 -16.68 19.94 9.55
N ALA E 243 -17.06 19.99 10.83
CA ALA E 243 -16.68 21.09 11.70
C ALA E 243 -15.18 21.03 11.92
N GLN E 244 -14.66 19.85 12.24
CA GLN E 244 -13.22 19.69 12.47
C GLN E 244 -12.39 20.36 11.40
N ALA E 245 -12.80 20.20 10.15
CA ALA E 245 -12.09 20.81 9.03
C ALA E 245 -12.22 22.33 9.11
N VAL E 246 -13.44 22.82 9.30
CA VAL E 246 -13.68 24.25 9.39
C VAL E 246 -12.78 24.84 10.45
N GLU E 247 -12.65 24.14 11.55
CA GLU E 247 -11.82 24.60 12.66
C GLU E 247 -10.36 24.78 12.24
N LYS E 248 -9.77 23.76 11.63
CA LYS E 248 -8.38 23.83 11.19
C LYS E 248 -8.17 25.04 10.30
N ILE E 249 -9.07 25.23 9.35
CA ILE E 249 -8.96 26.34 8.44
C ILE E 249 -9.10 27.65 9.19
N ALA E 250 -9.92 27.68 10.23
CA ALA E 250 -10.11 28.90 11.02
C ALA E 250 -8.80 29.25 11.71
N GLU E 251 -8.19 28.26 12.36
CA GLU E 251 -6.93 28.47 13.05
C GLU E 251 -5.90 29.05 12.08
N ALA E 252 -5.76 28.40 10.94
CA ALA E 252 -4.81 28.82 9.92
C ALA E 252 -4.97 30.31 9.60
N ARG E 253 -6.16 30.71 9.18
CA ARG E 253 -6.40 32.10 8.83
C ARG E 253 -6.18 33.05 10.01
N ASN E 254 -6.32 32.55 11.23
CA ASN E 254 -6.10 33.37 12.41
C ASN E 254 -4.62 33.71 12.50
N LYS E 255 -3.77 32.73 12.19
CA LYS E 255 -2.33 32.90 12.20
C LYS E 255 -1.86 33.73 11.02
N GLY E 256 -2.78 34.28 10.25
CA GLY E 256 -2.39 35.06 9.11
C GLY E 256 -1.98 34.22 7.90
N LEU E 257 -1.98 32.91 8.07
CA LEU E 257 -1.64 32.00 6.98
C LEU E 257 -2.58 32.27 5.82
N ASP E 258 -2.09 32.09 4.59
CA ASP E 258 -2.89 32.32 3.39
C ASP E 258 -3.64 31.03 3.00
N VAL E 259 -4.65 30.67 3.78
CA VAL E 259 -5.44 29.48 3.55
C VAL E 259 -6.88 29.84 3.19
N TRP E 260 -7.49 29.07 2.29
CA TRP E 260 -8.87 29.32 1.91
C TRP E 260 -9.70 28.05 1.96
N GLY E 261 -10.98 28.21 2.20
CA GLY E 261 -11.88 27.08 2.29
C GLY E 261 -13.09 27.22 1.39
N GLU E 262 -13.53 26.08 0.87
CA GLU E 262 -14.66 26.04 -0.04
C GLU E 262 -15.61 24.93 0.42
N THR E 263 -16.90 25.09 0.12
CA THR E 263 -17.90 24.07 0.46
C THR E 263 -18.83 23.91 -0.74
N CYS E 264 -19.72 22.95 -0.65
CA CYS E 264 -20.64 22.67 -1.72
C CYS E 264 -22.03 22.50 -1.12
N PRO E 265 -23.06 22.93 -1.85
CA PRO E 265 -24.46 22.84 -1.40
C PRO E 265 -24.83 21.52 -0.71
N GLN E 266 -24.50 20.40 -1.34
CA GLN E 266 -24.82 19.09 -0.78
C GLN E 266 -24.39 18.94 0.68
N TYR E 267 -23.32 19.61 1.08
CA TYR E 267 -22.86 19.51 2.45
C TYR E 267 -23.55 20.54 3.34
N LEU E 268 -24.19 21.50 2.69
CA LEU E 268 -24.88 22.58 3.36
C LEU E 268 -26.34 22.23 3.61
N VAL E 269 -26.90 21.41 2.73
CA VAL E 269 -28.30 21.03 2.80
C VAL E 269 -28.61 19.54 3.08
N LEU E 270 -27.86 18.62 2.48
CA LEU E 270 -28.10 17.20 2.69
C LEU E 270 -27.27 16.73 3.87
N ASP E 271 -27.45 15.48 4.28
CA ASP E 271 -26.70 14.93 5.39
C ASP E 271 -26.59 13.41 5.35
N GLN E 272 -25.82 12.86 6.28
CA GLN E 272 -25.55 11.43 6.35
C GLN E 272 -26.72 10.46 6.19
N SER E 273 -27.85 10.80 6.79
CA SER E 273 -29.01 9.93 6.72
C SER E 273 -29.35 9.52 5.29
N TYR E 274 -29.28 10.44 4.34
CA TYR E 274 -29.60 10.13 2.95
C TYR E 274 -28.87 8.91 2.43
N LEU E 275 -27.78 8.51 3.07
CA LEU E 275 -27.05 7.36 2.62
C LEU E 275 -27.68 6.04 3.06
N GLU E 276 -28.61 6.13 4.03
CA GLU E 276 -29.29 4.95 4.56
C GLU E 276 -30.60 4.75 3.83
N LYS E 277 -31.16 5.85 3.40
CA LYS E 277 -32.41 5.85 2.68
C LYS E 277 -32.23 5.16 1.33
N PRO E 278 -32.56 3.85 1.21
CA PRO E 278 -33.03 2.52 1.62
C PRO E 278 -32.86 1.70 0.32
N ASN E 279 -32.93 0.38 0.36
CA ASN E 279 -32.74 -0.39 -0.88
C ASN E 279 -31.31 -0.10 -1.36
N PHE E 280 -31.18 0.75 -2.38
CA PHE E 280 -29.86 1.13 -2.88
C PHE E 280 -29.82 2.62 -3.14
N GLU E 281 -30.94 3.29 -2.90
CA GLU E 281 -31.05 4.73 -3.09
C GLU E 281 -29.87 5.49 -2.48
N GLY E 282 -29.29 4.91 -1.43
CA GLY E 282 -28.17 5.55 -0.77
C GLY E 282 -27.11 5.98 -1.77
N ALA E 283 -26.73 5.08 -2.66
CA ALA E 283 -25.71 5.33 -3.66
C ALA E 283 -25.88 6.66 -4.40
N LYS E 284 -27.10 7.18 -4.43
CA LYS E 284 -27.32 8.46 -5.10
C LYS E 284 -26.56 9.58 -4.43
N TYR E 285 -26.25 9.39 -3.14
CA TYR E 285 -25.56 10.40 -2.34
C TYR E 285 -24.11 10.06 -2.00
N VAL E 286 -23.54 9.09 -2.71
CA VAL E 286 -22.16 8.70 -2.47
C VAL E 286 -21.15 9.58 -3.20
N TRP E 287 -20.36 10.31 -2.42
CA TRP E 287 -19.32 11.22 -2.93
C TRP E 287 -18.37 11.50 -1.76
N SER E 288 -17.15 11.92 -2.05
CA SER E 288 -16.20 12.21 -0.98
C SER E 288 -15.78 13.68 -0.92
N PRO E 289 -15.66 14.24 0.30
CA PRO E 289 -15.90 13.57 1.58
C PRO E 289 -17.38 13.25 1.69
N PRO E 290 -17.72 12.27 2.54
CA PRO E 290 -19.10 11.84 2.75
C PRO E 290 -19.97 12.84 3.49
N LEU E 291 -21.28 12.79 3.25
CA LEU E 291 -22.21 13.67 3.95
C LEU E 291 -22.03 13.38 5.44
N ARG E 292 -22.08 14.42 6.26
CA ARG E 292 -21.90 14.25 7.70
C ARG E 292 -23.22 14.36 8.43
N GLU E 293 -23.15 14.38 9.76
CA GLU E 293 -24.35 14.49 10.56
C GLU E 293 -24.92 15.89 10.44
N LYS E 294 -26.23 15.96 10.28
CA LYS E 294 -26.97 17.20 10.13
C LYS E 294 -26.38 18.40 10.88
N TRP E 295 -25.86 18.18 12.09
CA TRP E 295 -25.33 19.28 12.90
C TRP E 295 -24.14 20.09 12.38
N HIS E 296 -23.35 19.50 11.48
CA HIS E 296 -22.21 20.19 10.90
C HIS E 296 -22.65 21.34 10.01
N GLN E 297 -23.83 21.18 9.41
CA GLN E 297 -24.37 22.20 8.53
C GLN E 297 -24.37 23.60 9.13
N GLU E 298 -24.65 23.69 10.42
CA GLU E 298 -24.65 24.99 11.07
C GLU E 298 -23.27 25.57 10.96
N VAL E 299 -22.31 24.81 11.47
CA VAL E 299 -20.91 25.21 11.47
C VAL E 299 -20.53 25.74 10.11
N LEU E 300 -20.90 24.99 9.07
CA LEU E 300 -20.59 25.42 7.71
C LEU E 300 -21.21 26.79 7.46
N TRP E 301 -22.52 26.91 7.66
CA TRP E 301 -23.17 28.19 7.43
C TRP E 301 -22.51 29.32 8.19
N ASN E 302 -22.20 29.13 9.47
CA ASN E 302 -21.56 30.18 10.26
C ASN E 302 -20.21 30.54 9.66
N ALA E 303 -19.48 29.52 9.24
CA ALA E 303 -18.16 29.71 8.64
C ALA E 303 -18.34 30.60 7.43
N LEU E 304 -19.38 30.31 6.67
CA LEU E 304 -19.71 31.06 5.47
C LEU E 304 -20.11 32.49 5.84
N LYS E 305 -20.87 32.59 6.91
CA LYS E 305 -21.36 33.87 7.40
C LYS E 305 -20.24 34.78 7.87
N ASN E 306 -19.39 34.25 8.74
CA ASN E 306 -18.27 34.99 9.30
C ASN E 306 -16.98 34.98 8.49
N GLY E 307 -16.91 34.18 7.45
CA GLY E 307 -15.71 34.18 6.64
C GLY E 307 -14.71 33.06 6.79
N GLN E 308 -14.93 32.10 7.68
CA GLN E 308 -13.96 31.02 7.80
C GLN E 308 -13.89 30.30 6.46
N LEU E 309 -15.04 30.19 5.80
CA LEU E 309 -15.13 29.56 4.48
C LEU E 309 -15.53 30.71 3.56
N GLN E 310 -14.96 30.74 2.35
CA GLN E 310 -15.26 31.86 1.46
C GLN E 310 -15.73 31.60 0.02
N THR E 311 -15.82 30.34 -0.37
CA THR E 311 -16.29 30.03 -1.73
C THR E 311 -17.18 28.79 -1.78
N LEU E 312 -18.11 28.78 -2.73
CA LEU E 312 -19.01 27.65 -2.91
C LEU E 312 -18.80 26.97 -4.26
N GLY E 313 -18.45 25.70 -4.22
CA GLY E 313 -18.26 24.92 -5.44
C GLY E 313 -19.30 23.81 -5.51
N SER E 314 -19.44 23.21 -6.68
CA SER E 314 -20.42 22.13 -6.84
C SER E 314 -19.84 20.74 -6.62
N ASP E 315 -18.64 20.55 -7.14
CA ASP E 315 -17.96 19.27 -7.08
C ASP E 315 -18.77 18.35 -7.99
N GLN E 316 -19.26 18.94 -9.07
CA GLN E 316 -20.04 18.27 -10.11
C GLN E 316 -19.33 17.05 -10.64
N CYS E 317 -19.97 15.90 -10.55
CA CYS E 317 -19.40 14.64 -11.04
C CYS E 317 -20.55 13.64 -11.16
N SER E 318 -21.37 13.83 -12.20
CA SER E 318 -22.56 13.02 -12.43
C SER E 318 -22.41 11.56 -12.89
N PHE E 319 -23.33 10.74 -12.39
CA PHE E 319 -23.36 9.31 -12.70
C PHE E 319 -24.81 8.83 -12.61
N ASP E 320 -25.33 8.24 -13.69
CA ASP E 320 -26.69 7.72 -13.68
C ASP E 320 -26.84 6.71 -12.55
N PHE E 321 -27.88 6.89 -11.74
CA PHE E 321 -28.13 5.97 -10.62
C PHE E 321 -28.30 4.60 -11.21
N LYS E 322 -28.89 4.56 -12.42
CA LYS E 322 -29.15 3.34 -13.16
C LYS E 322 -27.92 2.49 -13.43
N GLY E 323 -27.25 2.77 -14.54
CA GLY E 323 -26.09 1.97 -14.88
C GLY E 323 -24.86 2.18 -14.02
N GLN E 324 -24.43 3.43 -13.95
CA GLN E 324 -23.25 3.81 -13.20
C GLN E 324 -23.25 3.51 -11.71
N LYS E 325 -24.02 4.27 -10.93
CA LYS E 325 -24.07 4.05 -9.49
C LYS E 325 -24.19 2.59 -9.07
N GLU E 326 -24.93 1.81 -9.84
CA GLU E 326 -25.13 0.40 -9.55
C GLU E 326 -23.90 -0.47 -9.66
N LEU E 327 -22.85 0.04 -10.28
CA LEU E 327 -21.62 -0.72 -10.43
C LEU E 327 -21.14 -1.23 -9.08
N GLY E 328 -21.53 -0.52 -8.03
CA GLY E 328 -21.12 -0.92 -6.69
C GLY E 328 -22.28 -1.41 -5.85
N ARG E 329 -22.86 -2.53 -6.25
CA ARG E 329 -23.99 -3.09 -5.52
C ARG E 329 -23.55 -3.68 -4.19
N GLY E 330 -22.96 -4.87 -4.25
CA GLY E 330 -22.52 -5.49 -3.01
C GLY E 330 -21.17 -4.96 -2.54
N ASP E 331 -20.81 -3.80 -3.05
CA ASP E 331 -19.54 -3.18 -2.69
C ASP E 331 -19.66 -1.67 -2.81
N PHE E 332 -19.75 -0.96 -1.69
CA PHE E 332 -19.89 0.49 -1.75
C PHE E 332 -18.67 1.14 -2.38
N THR E 333 -17.48 0.59 -2.09
CA THR E 333 -16.25 1.14 -2.63
C THR E 333 -16.24 1.15 -4.16
N LYS E 334 -17.21 0.46 -4.77
CA LYS E 334 -17.31 0.41 -6.22
C LYS E 334 -18.38 1.33 -6.80
N ILE E 335 -19.01 2.10 -5.93
CA ILE E 335 -20.01 3.07 -6.37
C ILE E 335 -19.20 4.27 -6.83
N PRO E 336 -19.39 4.74 -8.07
CA PRO E 336 -18.59 5.91 -8.49
C PRO E 336 -18.95 7.17 -7.69
N ASN E 337 -17.95 7.78 -7.06
CA ASN E 337 -18.16 8.98 -6.25
C ASN E 337 -18.46 10.22 -7.07
N GLY E 338 -19.47 10.97 -6.66
CA GLY E 338 -19.83 12.18 -7.37
C GLY E 338 -21.31 12.41 -7.46
N GLY E 339 -21.71 13.67 -7.43
CA GLY E 339 -23.12 14.01 -7.52
C GLY E 339 -23.45 15.05 -8.57
N PRO E 340 -24.68 15.05 -9.09
CA PRO E 340 -25.15 15.99 -10.11
C PRO E 340 -25.50 17.31 -9.42
N ILE E 341 -24.53 18.22 -9.38
CA ILE E 341 -24.72 19.47 -8.66
C ILE E 341 -24.47 20.76 -9.42
N ILE E 342 -23.73 20.69 -10.51
CA ILE E 342 -23.40 21.89 -11.27
C ILE E 342 -24.55 22.83 -11.60
N GLU E 343 -25.79 22.35 -11.55
CA GLU E 343 -26.93 23.20 -11.92
C GLU E 343 -27.66 23.95 -10.82
N ASP E 344 -27.77 23.35 -9.65
CA ASP E 344 -28.51 24.00 -8.59
C ASP E 344 -27.65 24.72 -7.55
N ARG E 345 -26.34 24.73 -7.77
CA ARG E 345 -25.39 25.37 -6.85
C ARG E 345 -25.84 26.76 -6.45
N VAL E 346 -25.81 27.65 -7.42
CA VAL E 346 -26.18 29.04 -7.17
C VAL E 346 -27.55 29.20 -6.52
N SER E 347 -28.57 28.62 -7.16
CA SER E 347 -29.94 28.74 -6.65
C SER E 347 -30.09 28.36 -5.18
N ILE E 348 -29.56 27.20 -4.82
CA ILE E 348 -29.64 26.72 -3.45
C ILE E 348 -29.06 27.70 -2.44
N LEU E 349 -27.93 28.31 -2.75
CA LEU E 349 -27.32 29.25 -1.81
C LEU E 349 -28.19 30.49 -1.65
N PHE E 350 -28.78 30.93 -2.74
CA PHE E 350 -29.64 32.09 -2.68
C PHE E 350 -30.83 31.77 -1.82
N SER E 351 -31.47 30.65 -2.13
CA SER E 351 -32.65 30.19 -1.39
C SER E 351 -32.33 29.87 0.06
N GLU E 352 -31.51 28.83 0.28
CA GLU E 352 -31.13 28.43 1.62
C GLU E 352 -30.32 29.44 2.39
N GLY E 353 -29.49 30.19 1.68
CA GLY E 353 -28.66 31.19 2.33
C GLY E 353 -29.36 32.54 2.41
N VAL E 354 -29.29 33.32 1.35
CA VAL E 354 -29.89 34.64 1.31
C VAL E 354 -31.30 34.69 1.86
N LYS E 355 -32.23 34.11 1.11
CA LYS E 355 -33.64 34.08 1.48
C LYS E 355 -34.00 33.67 2.89
N LYS E 356 -33.11 32.94 3.56
CA LYS E 356 -33.42 32.48 4.90
C LYS E 356 -32.69 33.17 6.06
N GLY E 357 -31.90 34.21 5.78
CA GLY E 357 -31.22 34.88 6.87
C GLY E 357 -29.71 34.68 6.97
N ARG E 358 -29.19 33.61 6.41
CA ARG E 358 -27.75 33.36 6.42
C ARG E 358 -27.21 34.13 5.22
N ILE E 359 -25.94 34.46 5.20
CA ILE E 359 -25.43 35.17 4.02
C ILE E 359 -26.23 36.45 3.75
N THR E 360 -25.70 37.27 2.85
CA THR E 360 -26.33 38.52 2.46
C THR E 360 -26.48 38.48 0.97
N LEU E 361 -27.34 39.32 0.44
CA LEU E 361 -27.52 39.35 -1.00
C LEU E 361 -26.13 39.61 -1.60
N ASN E 362 -25.29 40.36 -0.88
CA ASN E 362 -23.93 40.67 -1.34
C ASN E 362 -22.97 39.52 -1.06
N GLN E 363 -23.06 38.95 0.13
CA GLN E 363 -22.20 37.82 0.49
C GLN E 363 -22.44 36.71 -0.52
N PHE E 364 -23.71 36.59 -0.92
CA PHE E 364 -24.13 35.61 -1.90
C PHE E 364 -23.29 35.75 -3.16
N VAL E 365 -23.36 36.92 -3.78
CA VAL E 365 -22.62 37.18 -5.00
C VAL E 365 -21.15 36.93 -4.79
N ASP E 366 -20.65 37.30 -3.63
CA ASP E 366 -19.24 37.10 -3.36
C ASP E 366 -18.91 35.61 -3.28
N ILE E 367 -19.68 34.86 -2.51
CA ILE E 367 -19.43 33.42 -2.32
C ILE E 367 -19.58 32.59 -3.57
N VAL E 368 -20.42 33.04 -4.49
CA VAL E 368 -20.67 32.27 -5.70
C VAL E 368 -19.96 32.77 -6.94
N SER E 369 -19.48 34.00 -6.91
CA SER E 369 -18.83 34.54 -8.09
C SER E 369 -17.52 35.28 -7.85
N THR E 370 -17.64 36.53 -7.37
CA THR E 370 -16.48 37.41 -7.13
C THR E 370 -15.27 36.79 -6.42
N ARG E 371 -15.44 36.44 -5.14
CA ARG E 371 -14.37 35.86 -4.35
C ARG E 371 -13.60 34.80 -5.14
N ILE E 372 -14.35 34.01 -5.91
CA ILE E 372 -13.78 32.92 -6.70
C ILE E 372 -12.96 33.48 -7.85
N ALA E 373 -13.55 34.39 -8.60
CA ALA E 373 -12.87 35.03 -9.73
C ALA E 373 -11.51 35.57 -9.25
N LYS E 374 -11.53 36.21 -8.09
CA LYS E 374 -10.32 36.76 -7.51
C LYS E 374 -9.29 35.68 -7.18
N LEU E 375 -9.67 34.74 -6.33
CA LEU E 375 -8.74 33.70 -5.96
C LEU E 375 -8.15 32.93 -7.14
N PHE E 376 -8.88 32.82 -8.24
CA PHE E 376 -8.36 32.04 -9.37
C PHE E 376 -7.94 32.87 -10.60
N GLY E 377 -7.64 34.14 -10.36
CA GLY E 377 -7.20 35.00 -11.42
C GLY E 377 -8.12 35.19 -12.61
N LEU E 378 -9.37 35.58 -12.37
CA LEU E 378 -10.30 35.79 -13.47
C LEU E 378 -10.94 37.15 -13.29
N PHE E 379 -10.53 37.83 -12.23
CA PHE E 379 -11.06 39.17 -11.94
C PHE E 379 -10.19 40.26 -12.60
N PRO E 380 -10.81 41.29 -13.16
CA PRO E 380 -12.24 41.54 -13.21
C PRO E 380 -12.88 41.16 -14.52
N LYS E 381 -12.26 40.23 -15.26
CA LYS E 381 -12.85 39.81 -16.53
C LYS E 381 -14.16 39.16 -16.18
N LYS E 382 -14.11 38.33 -15.14
CA LYS E 382 -15.27 37.61 -14.63
C LYS E 382 -15.45 38.00 -13.17
N GLY E 383 -16.58 37.61 -12.58
CA GLY E 383 -16.80 37.89 -11.17
C GLY E 383 -17.44 39.20 -10.75
N THR E 384 -17.83 40.06 -11.68
CA THR E 384 -18.45 41.32 -11.30
C THR E 384 -19.21 42.04 -12.40
N ILE E 385 -20.06 42.99 -12.02
CA ILE E 385 -20.82 43.76 -12.98
C ILE E 385 -20.30 45.16 -12.95
N VAL E 386 -19.28 45.43 -13.77
CA VAL E 386 -18.67 46.75 -13.83
C VAL E 386 -18.10 47.06 -15.21
N VAL E 387 -18.09 48.35 -15.54
CA VAL E 387 -17.55 48.82 -16.83
C VAL E 387 -16.20 48.15 -17.13
N GLY E 388 -16.14 47.46 -18.28
CA GLY E 388 -14.91 46.79 -18.67
C GLY E 388 -14.93 45.27 -18.50
N SER E 389 -15.71 44.80 -17.53
CA SER E 389 -15.83 43.36 -17.26
C SER E 389 -16.66 42.68 -18.33
N ASP E 390 -16.43 41.39 -18.54
CA ASP E 390 -17.20 40.65 -19.53
C ASP E 390 -18.66 40.73 -19.13
N ALA E 391 -19.55 40.71 -20.12
CA ALA E 391 -20.97 40.79 -19.84
C ALA E 391 -21.53 39.43 -19.45
N ASP E 392 -20.94 38.81 -18.43
CA ASP E 392 -21.42 37.53 -17.90
C ASP E 392 -22.44 37.92 -16.83
N LEU E 393 -23.71 37.89 -17.20
CA LEU E 393 -24.79 38.28 -16.30
C LEU E 393 -25.88 37.21 -16.11
N VAL E 394 -26.63 37.39 -15.03
CA VAL E 394 -27.72 36.49 -14.72
C VAL E 394 -28.91 37.33 -14.29
N ILE E 395 -30.00 37.24 -15.04
CA ILE E 395 -31.20 37.99 -14.68
C ILE E 395 -31.95 36.96 -13.86
N PHE E 396 -31.97 37.21 -12.55
CA PHE E 396 -32.57 36.31 -11.56
C PHE E 396 -33.92 36.77 -10.98
N ASP E 397 -34.81 35.82 -10.78
CA ASP E 397 -36.13 36.09 -10.19
C ASP E 397 -36.07 35.57 -8.77
N PRO E 398 -36.02 36.47 -7.79
CA PRO E 398 -35.95 36.14 -6.36
C PRO E 398 -37.21 35.64 -5.66
N ASN E 399 -38.34 35.59 -6.38
CA ASN E 399 -39.57 35.16 -5.74
C ASN E 399 -40.16 33.85 -6.22
N ILE E 400 -39.88 33.48 -7.47
CA ILE E 400 -40.40 32.24 -8.02
C ILE E 400 -40.10 31.09 -7.08
N GLU E 401 -41.16 30.42 -6.60
CA GLU E 401 -40.99 29.26 -5.73
C GLU E 401 -41.09 28.06 -6.62
N ARG E 402 -40.27 27.05 -6.37
CA ARG E 402 -40.30 25.88 -7.22
C ARG E 402 -39.73 24.69 -6.51
N VAL E 403 -39.72 23.56 -7.20
CA VAL E 403 -39.20 22.31 -6.64
C VAL E 403 -38.17 21.68 -7.55
N ILE E 404 -36.98 21.47 -7.02
CA ILE E 404 -35.92 20.86 -7.80
C ILE E 404 -36.31 19.42 -8.09
N SER E 405 -36.32 19.07 -9.37
CA SER E 405 -36.67 17.74 -9.78
C SER E 405 -35.88 17.35 -11.00
N ALA E 406 -35.46 16.09 -11.04
CA ALA E 406 -34.70 15.57 -12.16
C ALA E 406 -35.62 15.63 -13.37
N GLU E 407 -36.90 15.79 -13.11
CA GLU E 407 -37.88 15.87 -14.17
C GLU E 407 -37.71 17.21 -14.84
N THR E 408 -36.99 18.11 -14.20
CA THR E 408 -36.80 19.46 -14.74
C THR E 408 -35.35 19.87 -14.98
N HIS E 409 -34.42 19.32 -14.20
CA HIS E 409 -33.04 19.71 -14.35
C HIS E 409 -32.53 19.45 -15.76
N HIS E 410 -31.49 20.16 -16.16
CA HIS E 410 -30.95 20.03 -17.49
C HIS E 410 -29.65 19.27 -17.53
N MET E 411 -29.39 18.48 -16.51
CA MET E 411 -28.15 17.69 -16.49
C MET E 411 -28.53 16.37 -17.12
N ALA E 412 -27.57 15.66 -17.69
CA ALA E 412 -27.86 14.39 -18.35
C ALA E 412 -28.02 13.21 -17.40
N VAL E 413 -28.10 13.47 -16.10
CA VAL E 413 -28.24 12.38 -15.13
C VAL E 413 -29.68 11.96 -14.90
N ASP E 414 -29.88 10.69 -14.60
CA ASP E 414 -31.23 10.20 -14.37
C ASP E 414 -31.80 10.58 -13.01
N TYR E 415 -31.07 11.37 -12.23
CA TYR E 415 -31.57 11.79 -10.93
C TYR E 415 -30.97 13.10 -10.49
N ASN E 416 -31.49 13.65 -9.39
CA ASN E 416 -31.02 14.91 -8.84
C ASN E 416 -30.97 14.81 -7.32
N ALA E 417 -29.79 14.98 -6.73
CA ALA E 417 -29.63 14.88 -5.29
C ALA E 417 -30.56 15.74 -4.46
N PHE E 418 -31.18 16.76 -5.06
CA PHE E 418 -32.09 17.65 -4.34
C PHE E 418 -33.53 17.48 -4.79
N GLU E 419 -33.86 16.27 -5.23
CA GLU E 419 -35.20 15.95 -5.70
C GLU E 419 -36.27 16.27 -4.68
N GLY E 420 -37.28 17.01 -5.12
CA GLY E 420 -38.36 17.35 -4.22
C GLY E 420 -38.09 18.56 -3.36
N MET E 421 -36.85 19.04 -3.36
CA MET E 421 -36.51 20.20 -2.55
C MET E 421 -37.17 21.47 -3.06
N LYS E 422 -37.81 22.20 -2.16
CA LYS E 422 -38.46 23.46 -2.53
C LYS E 422 -37.40 24.55 -2.50
N VAL E 423 -37.40 25.40 -3.53
CA VAL E 423 -36.42 26.45 -3.62
C VAL E 423 -37.05 27.76 -4.04
N THR E 424 -36.58 28.86 -3.47
CA THR E 424 -37.08 30.17 -3.85
C THR E 424 -36.03 30.87 -4.70
N GLY E 425 -36.47 31.44 -5.81
CA GLY E 425 -35.58 32.12 -6.71
C GLY E 425 -35.15 31.23 -7.87
N GLU E 426 -35.02 31.81 -9.05
CA GLU E 426 -34.63 31.06 -10.24
C GLU E 426 -34.09 31.95 -11.35
N PRO E 427 -33.05 31.47 -12.06
CA PRO E 427 -32.44 32.22 -13.16
C PRO E 427 -33.42 32.31 -14.32
N VAL E 428 -33.61 33.50 -14.88
CA VAL E 428 -34.54 33.68 -15.98
C VAL E 428 -33.78 33.81 -17.29
N SER E 429 -32.74 34.63 -17.29
CA SER E 429 -31.90 34.84 -18.46
C SER E 429 -30.46 34.84 -18.00
N VAL E 430 -29.63 34.08 -18.69
CA VAL E 430 -28.23 33.99 -18.36
C VAL E 430 -27.42 34.26 -19.62
N LEU E 431 -26.66 35.35 -19.63
CA LEU E 431 -25.83 35.63 -20.80
C LEU E 431 -24.35 35.67 -20.49
N CYS E 432 -23.56 35.10 -21.38
CA CYS E 432 -22.11 35.03 -21.26
C CYS E 432 -21.49 35.96 -22.31
N ARG E 433 -20.76 36.97 -21.85
CA ARG E 433 -20.11 37.90 -22.75
C ARG E 433 -21.11 38.53 -23.72
N GLY E 434 -22.11 39.20 -23.16
CA GLY E 434 -23.09 39.87 -23.98
C GLY E 434 -24.07 39.04 -24.78
N GLU E 435 -23.81 37.75 -24.92
CA GLU E 435 -24.70 36.88 -25.67
C GLU E 435 -25.54 35.99 -24.75
N PHE E 436 -26.84 35.89 -25.02
CA PHE E 436 -27.69 35.03 -24.21
C PHE E 436 -27.29 33.57 -24.39
N VAL E 437 -27.34 32.82 -23.32
CA VAL E 437 -27.03 31.40 -23.36
C VAL E 437 -28.34 30.75 -22.97
N VAL E 438 -29.11 31.48 -22.18
CA VAL E 438 -30.42 31.06 -21.71
C VAL E 438 -31.31 32.27 -21.57
N ARG E 439 -32.29 32.40 -22.45
CA ARG E 439 -33.21 33.51 -22.37
C ARG E 439 -34.59 32.99 -21.99
N ASP E 440 -35.21 33.64 -21.01
CA ASP E 440 -36.52 33.25 -20.53
C ASP E 440 -36.61 31.75 -20.28
N LYS E 441 -35.74 31.26 -19.40
CA LYS E 441 -35.70 29.87 -19.01
C LYS E 441 -35.67 28.90 -20.19
N GLN E 442 -35.16 29.37 -21.32
CA GLN E 442 -35.08 28.54 -22.51
C GLN E 442 -33.68 28.65 -23.13
N PHE E 443 -33.06 27.51 -23.45
CA PHE E 443 -31.72 27.49 -24.02
C PHE E 443 -31.62 28.08 -25.42
N VAL E 444 -30.62 28.94 -25.62
CA VAL E 444 -30.40 29.60 -26.90
C VAL E 444 -28.92 29.71 -27.27
N GLY E 445 -28.07 29.00 -26.53
CA GLY E 445 -26.64 29.06 -26.81
C GLY E 445 -26.25 28.08 -27.88
N LYS E 446 -24.96 27.89 -28.06
CA LYS E 446 -24.43 26.98 -29.06
C LYS E 446 -23.13 26.37 -28.56
N PRO E 447 -23.06 25.04 -28.48
CA PRO E 447 -21.82 24.43 -28.00
C PRO E 447 -20.62 24.91 -28.82
N GLY E 448 -19.61 25.41 -28.12
CA GLY E 448 -18.43 25.92 -28.79
C GLY E 448 -18.28 27.42 -28.56
N TYR E 449 -19.38 28.08 -28.17
CA TYR E 449 -19.37 29.50 -27.90
C TYR E 449 -18.45 29.79 -26.72
N GLY E 450 -18.44 28.86 -25.77
CA GLY E 450 -17.61 29.02 -24.61
C GLY E 450 -16.16 28.92 -25.01
N GLN E 451 -15.33 29.78 -24.44
CA GLN E 451 -13.92 29.78 -24.76
C GLN E 451 -13.04 29.54 -23.52
N TYR E 452 -11.88 28.93 -23.75
CA TYR E 452 -10.94 28.63 -22.69
C TYR E 452 -10.44 29.92 -22.05
N LEU E 453 -10.06 29.85 -20.78
CA LEU E 453 -9.57 31.02 -20.06
C LEU E 453 -8.20 30.80 -19.46
N LYS E 454 -7.26 31.65 -19.85
CA LYS E 454 -5.91 31.60 -19.29
C LYS E 454 -6.11 32.44 -18.03
N ARG E 455 -5.60 31.97 -16.90
CA ARG E 455 -5.81 32.70 -15.66
C ARG E 455 -4.58 33.39 -15.04
N ALA E 456 -4.84 34.50 -14.33
CA ALA E 456 -3.81 35.28 -13.67
C ALA E 456 -2.93 34.43 -12.76
N LYS E 457 -1.72 34.91 -12.54
CA LYS E 457 -0.73 34.20 -11.73
C LYS E 457 -0.98 34.31 -10.23
N TYR E 458 -2.23 34.46 -9.81
CA TYR E 458 -2.52 34.59 -8.39
C TYR E 458 -2.13 36.05 -8.04
N GLY E 459 -2.10 36.87 -9.11
CA GLY E 459 -1.77 38.28 -9.02
C GLY E 459 -2.90 39.09 -9.64
N THR E 460 -2.64 40.33 -10.06
CA THR E 460 -3.67 41.21 -10.64
C THR E 460 -4.47 40.59 -11.81
N MET F 1 -25.24 71.56 -10.97
CA MET F 1 -24.37 71.83 -12.15
C MET F 1 -23.49 70.62 -12.46
N THR F 2 -23.88 69.88 -13.50
CA THR F 2 -23.18 68.68 -13.95
C THR F 2 -21.66 68.74 -14.04
N LYS F 3 -21.00 67.63 -13.70
CA LYS F 3 -19.54 67.53 -13.76
C LYS F 3 -19.14 66.16 -14.31
N ILE F 4 -17.91 66.05 -14.79
CA ILE F 4 -17.43 64.78 -15.34
C ILE F 4 -15.97 64.58 -14.97
N ILE F 5 -15.70 63.56 -14.16
CA ILE F 5 -14.32 63.27 -13.78
C ILE F 5 -13.84 62.17 -14.72
N LYS F 6 -12.97 62.54 -15.67
CA LYS F 6 -12.47 61.62 -16.67
C LYS F 6 -11.02 61.19 -16.51
N ASN F 7 -10.69 60.11 -17.21
CA ASN F 7 -9.33 59.56 -17.25
C ASN F 7 -8.77 59.08 -15.92
N GLY F 8 -9.64 58.81 -14.95
CA GLY F 8 -9.15 58.35 -13.66
C GLY F 8 -9.28 56.84 -13.55
N THR F 9 -8.58 56.27 -12.58
CA THR F 9 -8.68 54.83 -12.35
C THR F 9 -9.57 54.71 -11.14
N ILE F 10 -10.77 54.16 -11.37
CA ILE F 10 -11.73 53.97 -10.30
C ILE F 10 -11.37 52.77 -9.42
N VAL F 11 -11.41 52.97 -8.11
CA VAL F 11 -11.07 51.91 -7.18
C VAL F 11 -12.07 51.84 -6.02
N THR F 12 -13.00 50.89 -6.11
CA THR F 12 -13.97 50.68 -5.05
C THR F 12 -13.44 49.58 -4.16
N ALA F 13 -14.27 49.13 -3.22
CA ALA F 13 -13.86 48.10 -2.29
C ALA F 13 -13.70 46.78 -3.04
N THR F 14 -14.23 46.73 -4.26
CA THR F 14 -14.16 45.52 -5.06
C THR F 14 -13.54 45.72 -6.42
N ASP F 15 -13.97 46.77 -7.10
CA ASP F 15 -13.49 47.02 -8.44
C ASP F 15 -12.32 47.99 -8.61
N THR F 16 -11.66 47.85 -9.75
CA THR F 16 -10.52 48.69 -10.12
C THR F 16 -10.59 48.75 -11.64
N TYR F 17 -11.11 49.85 -12.16
CA TYR F 17 -11.25 50.01 -13.60
C TYR F 17 -11.09 51.47 -14.01
N GLU F 18 -10.99 51.69 -15.32
CA GLU F 18 -10.85 53.02 -15.87
C GLU F 18 -12.13 53.44 -16.53
N ALA F 19 -12.65 54.60 -16.14
CA ALA F 19 -13.88 55.11 -16.71
C ALA F 19 -14.06 56.55 -16.25
N HIS F 20 -15.14 57.17 -16.71
CA HIS F 20 -15.42 58.53 -16.34
C HIS F 20 -16.68 58.52 -15.50
N LEU F 21 -16.79 59.48 -14.60
CA LEU F 21 -17.97 59.56 -13.76
C LEU F 21 -18.73 60.82 -14.13
N LEU F 22 -20.00 60.66 -14.41
CA LEU F 22 -20.84 61.80 -14.74
C LEU F 22 -21.59 62.10 -13.45
N ILE F 23 -21.24 63.20 -12.79
CA ILE F 23 -21.91 63.59 -11.55
C ILE F 23 -23.12 64.44 -11.90
N LYS F 24 -24.24 64.19 -11.25
CA LYS F 24 -25.44 64.96 -11.56
C LYS F 24 -26.00 65.69 -10.36
N ASP F 25 -27.03 65.14 -9.75
CA ASP F 25 -27.65 65.78 -8.60
C ASP F 25 -26.82 65.63 -7.34
N GLY F 26 -25.51 65.82 -7.46
CA GLY F 26 -24.64 65.68 -6.31
C GLY F 26 -24.41 64.21 -6.09
N LYS F 27 -24.94 63.41 -7.01
CA LYS F 27 -24.82 61.97 -6.95
C LYS F 27 -24.17 61.51 -8.24
N ILE F 28 -23.76 60.24 -8.27
CA ILE F 28 -23.18 59.68 -9.46
C ILE F 28 -24.31 59.27 -10.40
N ALA F 29 -24.38 59.95 -11.53
CA ALA F 29 -25.40 59.72 -12.54
C ALA F 29 -25.07 58.51 -13.41
N MET F 30 -23.84 58.43 -13.89
CA MET F 30 -23.44 57.30 -14.69
C MET F 30 -21.94 57.15 -14.83
N ILE F 31 -21.53 55.91 -15.10
CA ILE F 31 -20.13 55.57 -15.24
C ILE F 31 -19.92 54.94 -16.62
N GLY F 32 -18.82 55.29 -17.25
CA GLY F 32 -18.51 54.75 -18.56
C GLY F 32 -17.29 55.47 -19.07
N GLN F 33 -16.89 55.18 -20.30
CA GLN F 33 -15.73 55.83 -20.88
C GLN F 33 -16.10 56.83 -21.96
N ASN F 34 -15.25 57.82 -22.14
CA ASN F 34 -15.46 58.86 -23.14
C ASN F 34 -16.83 59.47 -22.96
N LEU F 35 -17.13 59.88 -21.74
CA LEU F 35 -18.40 60.50 -21.47
C LEU F 35 -18.37 61.94 -21.96
N GLU F 36 -19.54 62.46 -22.33
CA GLU F 36 -19.65 63.84 -22.81
C GLU F 36 -21.03 64.41 -22.53
N GLU F 37 -21.08 65.72 -22.31
CA GLU F 37 -22.33 66.41 -22.06
C GLU F 37 -22.05 67.92 -21.99
N LYS F 38 -22.53 68.67 -22.98
CA LYS F 38 -22.31 70.11 -23.01
C LYS F 38 -22.54 70.70 -21.63
N GLY F 39 -21.56 71.46 -21.15
CA GLY F 39 -21.65 72.06 -19.83
C GLY F 39 -21.46 70.94 -18.81
N ALA F 40 -20.22 70.76 -18.36
CA ALA F 40 -19.95 69.71 -17.40
C ALA F 40 -18.67 69.97 -16.58
N GLU F 41 -18.00 71.08 -16.87
CA GLU F 41 -16.80 71.44 -16.15
C GLU F 41 -15.67 70.42 -16.38
N VAL F 42 -16.03 69.22 -16.85
CA VAL F 42 -15.07 68.17 -17.15
C VAL F 42 -13.74 68.24 -16.38
N ILE F 43 -13.62 67.47 -15.30
CA ILE F 43 -12.40 67.44 -14.49
C ILE F 43 -11.50 66.33 -15.04
N ASP F 44 -10.20 66.58 -15.12
CA ASP F 44 -9.27 65.59 -15.64
C ASP F 44 -8.55 64.88 -14.50
N ALA F 45 -8.62 63.56 -14.46
CA ALA F 45 -7.98 62.79 -13.40
C ALA F 45 -6.85 61.87 -13.85
N LYS F 46 -6.33 62.10 -15.05
CA LYS F 46 -5.26 61.27 -15.58
C LYS F 46 -4.23 60.96 -14.49
N GLY F 47 -3.67 59.75 -14.54
CA GLY F 47 -2.66 59.36 -13.56
C GLY F 47 -3.10 59.51 -12.12
N CYS F 48 -4.37 59.23 -11.84
CA CYS F 48 -4.92 59.34 -10.50
C CYS F 48 -5.96 58.26 -10.20
N TYR F 49 -6.12 57.96 -8.92
CA TYR F 49 -7.13 56.99 -8.50
C TYR F 49 -8.34 57.82 -8.09
N VAL F 50 -9.51 57.21 -8.13
CA VAL F 50 -10.71 57.91 -7.70
C VAL F 50 -11.36 57.00 -6.68
N PHE F 51 -11.19 57.36 -5.40
CA PHE F 51 -11.73 56.59 -4.29
C PHE F 51 -13.02 57.14 -3.75
N PRO F 52 -13.78 56.30 -3.08
CA PRO F 52 -15.02 56.81 -2.51
C PRO F 52 -14.49 57.60 -1.32
N GLY F 53 -15.04 58.79 -1.07
CA GLY F 53 -14.55 59.57 0.07
C GLY F 53 -14.39 58.71 1.32
N GLY F 54 -13.37 58.98 2.12
CA GLY F 54 -13.14 58.21 3.32
C GLY F 54 -14.15 58.52 4.39
N ILE F 55 -14.37 57.58 5.30
CA ILE F 55 -15.33 57.80 6.38
C ILE F 55 -14.63 57.54 7.70
N ASP F 56 -14.58 58.54 8.56
CA ASP F 56 -13.94 58.41 9.85
C ASP F 56 -15.00 58.21 10.93
N PRO F 57 -15.19 56.97 11.39
CA PRO F 57 -16.19 56.70 12.42
C PRO F 57 -15.74 57.05 13.84
N HIS F 58 -14.50 57.50 13.98
CA HIS F 58 -14.00 57.81 15.31
C HIS F 58 -13.47 59.24 15.44
N THR F 59 -14.40 60.16 15.72
CA THR F 59 -14.10 61.58 15.83
C THR F 59 -14.54 62.24 17.14
N HIS F 60 -13.71 63.17 17.62
CA HIS F 60 -13.97 63.93 18.85
C HIS F 60 -13.55 65.35 18.53
N LEU F 61 -14.49 66.14 17.99
CA LEU F 61 -14.15 67.50 17.60
C LEU F 61 -14.30 68.59 18.67
N ASP F 62 -15.50 69.07 18.90
CA ASP F 62 -15.66 70.11 19.91
C ASP F 62 -15.71 69.52 21.31
N MET F 63 -15.24 68.28 21.43
CA MET F 63 -15.29 67.61 22.72
C MET F 63 -14.33 68.25 23.74
N PRO F 64 -14.76 68.32 25.01
CA PRO F 64 -13.99 68.89 26.12
C PRO F 64 -13.35 67.85 27.02
N LEU F 65 -12.02 67.78 27.06
CA LEU F 65 -11.34 66.81 27.94
C LEU F 65 -10.50 67.52 29.01
N GLY F 66 -11.19 68.09 29.99
CA GLY F 66 -10.56 68.80 31.08
C GLY F 66 -11.17 70.18 31.18
N GLY F 67 -10.38 71.13 31.68
CA GLY F 67 -10.86 72.50 31.78
C GLY F 67 -10.70 73.09 30.39
N THR F 68 -10.15 72.25 29.51
CA THR F 68 -9.90 72.61 28.13
C THR F 68 -10.75 71.84 27.14
N VAL F 69 -10.66 72.26 25.88
CA VAL F 69 -11.40 71.65 24.80
C VAL F 69 -10.46 71.39 23.61
N THR F 70 -10.80 70.40 22.79
CA THR F 70 -10.02 70.05 21.62
C THR F 70 -9.66 71.30 20.82
N LYS F 71 -8.40 71.37 20.40
CA LYS F 71 -7.95 72.53 19.62
C LYS F 71 -8.74 72.61 18.31
N ASP F 72 -9.04 71.47 17.72
CA ASP F 72 -9.81 71.44 16.49
C ASP F 72 -11.29 71.32 16.79
N ASP F 73 -12.08 72.25 16.26
CA ASP F 73 -13.52 72.23 16.45
C ASP F 73 -14.13 71.59 15.21
N PHE F 74 -15.46 71.58 15.12
CA PHE F 74 -16.11 70.98 13.96
C PHE F 74 -15.77 71.66 12.64
N GLU F 75 -15.30 72.90 12.68
CA GLU F 75 -14.96 73.59 11.44
C GLU F 75 -13.59 73.19 10.93
N SER F 76 -12.57 73.40 11.77
CA SER F 76 -11.20 73.07 11.40
C SER F 76 -11.06 71.58 11.11
N GLY F 77 -11.59 70.77 12.04
CA GLY F 77 -11.54 69.32 11.90
C GLY F 77 -12.14 68.84 10.59
N THR F 78 -13.27 69.42 10.19
CA THR F 78 -13.91 69.05 8.95
C THR F 78 -13.00 69.31 7.75
N ILE F 79 -12.41 70.50 7.72
CA ILE F 79 -11.51 70.88 6.65
C ILE F 79 -10.31 69.94 6.65
N ALA F 80 -9.74 69.70 7.83
CA ALA F 80 -8.59 68.81 7.93
C ALA F 80 -8.92 67.49 7.27
N ALA F 81 -9.98 66.84 7.75
CA ALA F 81 -10.43 65.57 7.20
C ALA F 81 -10.63 65.71 5.70
N ALA F 82 -11.22 66.81 5.27
CA ALA F 82 -11.46 67.02 3.84
C ALA F 82 -10.15 66.93 3.04
N PHE F 83 -9.09 67.56 3.53
CA PHE F 83 -7.80 67.51 2.88
C PHE F 83 -7.23 66.09 2.93
N GLY F 84 -7.50 65.42 4.05
CA GLY F 84 -7.02 64.06 4.23
C GLY F 84 -7.70 63.00 3.39
N GLY F 85 -8.71 63.39 2.61
CA GLY F 85 -9.41 62.44 1.78
C GLY F 85 -10.66 61.86 2.43
N THR F 86 -11.02 62.39 3.59
CA THR F 86 -12.20 61.93 4.33
C THR F 86 -13.34 62.89 4.07
N THR F 87 -14.48 62.39 3.65
CA THR F 87 -15.63 63.26 3.36
C THR F 87 -16.85 63.07 4.26
N THR F 88 -16.71 62.20 5.26
CA THR F 88 -17.81 61.95 6.18
C THR F 88 -17.23 61.51 7.52
N ILE F 89 -17.69 62.15 8.58
CA ILE F 89 -17.21 61.77 9.92
C ILE F 89 -18.39 61.46 10.83
N ILE F 90 -18.13 60.63 11.85
CA ILE F 90 -19.15 60.29 12.82
C ILE F 90 -18.52 60.60 14.16
N ASP F 91 -18.93 61.72 14.73
CA ASP F 91 -18.40 62.19 16.00
C ASP F 91 -19.19 61.61 17.19
N PHE F 92 -18.50 61.45 18.33
CA PHE F 92 -19.09 60.91 19.54
C PHE F 92 -19.77 61.93 20.42
N CYS F 93 -21.10 61.97 20.37
CA CYS F 93 -21.87 62.90 21.18
C CYS F 93 -21.90 62.41 22.62
N LEU F 94 -21.17 63.08 23.50
CA LEU F 94 -21.11 62.69 24.91
C LEU F 94 -22.38 62.94 25.72
N THR F 95 -22.54 62.15 26.78
CA THR F 95 -23.73 62.23 27.62
C THR F 95 -23.42 62.33 29.12
N ASN F 96 -24.31 63.01 29.84
CA ASN F 96 -24.16 63.17 31.29
C ASN F 96 -25.30 62.44 31.98
N LYS F 97 -25.02 61.85 33.14
CA LYS F 97 -26.03 61.12 33.89
C LYS F 97 -27.18 62.00 34.39
N GLY F 98 -28.37 61.40 34.49
CA GLY F 98 -29.54 62.13 34.95
C GLY F 98 -30.08 63.12 33.94
N GLU F 99 -29.21 63.60 33.07
CA GLU F 99 -29.57 64.57 32.04
C GLU F 99 -30.14 63.87 30.80
N PRO F 100 -31.30 64.34 30.30
CA PRO F 100 -31.96 63.76 29.12
C PRO F 100 -31.07 63.72 27.87
N LEU F 101 -31.06 62.57 27.20
CA LEU F 101 -30.24 62.36 26.00
C LEU F 101 -30.42 63.38 24.86
N LYS F 102 -31.64 63.84 24.66
CA LYS F 102 -31.89 64.80 23.59
C LYS F 102 -31.24 66.14 23.88
N LYS F 103 -30.88 66.34 25.13
CA LYS F 103 -30.21 67.58 25.56
C LYS F 103 -28.85 67.56 24.85
N ALA F 104 -28.06 66.53 25.14
CA ALA F 104 -26.73 66.36 24.56
C ALA F 104 -26.77 66.35 23.04
N ILE F 105 -27.70 65.59 22.47
CA ILE F 105 -27.81 65.50 21.02
C ILE F 105 -27.94 66.86 20.37
N GLU F 106 -28.68 67.77 20.99
CA GLU F 106 -28.82 69.10 20.42
C GLU F 106 -27.55 69.92 20.66
N THR F 107 -26.91 69.71 21.80
CA THR F 107 -25.70 70.41 22.11
C THR F 107 -24.72 70.12 20.99
N TRP F 108 -24.66 68.84 20.61
CA TRP F 108 -23.78 68.43 19.53
C TRP F 108 -24.21 69.02 18.20
N HIS F 109 -25.50 68.93 17.90
CA HIS F 109 -25.98 69.49 16.66
C HIS F 109 -25.52 70.94 16.53
N ASN F 110 -25.45 71.65 17.66
CA ASN F 110 -25.00 73.03 17.65
C ASN F 110 -23.52 73.09 17.33
N LYS F 111 -22.73 72.25 17.97
CA LYS F 111 -21.30 72.23 17.72
C LYS F 111 -21.00 72.09 16.23
N ALA F 112 -21.78 71.26 15.56
CA ALA F 112 -21.59 70.99 14.13
C ALA F 112 -22.30 72.00 13.23
N ASN F 113 -23.53 72.35 13.60
CA ASN F 113 -24.34 73.29 12.82
C ASN F 113 -23.61 74.40 12.08
N GLY F 114 -23.76 74.42 10.75
CA GLY F 114 -23.14 75.44 9.93
C GLY F 114 -21.62 75.57 9.91
N LYS F 115 -20.91 74.63 10.54
CA LYS F 115 -19.45 74.70 10.54
C LYS F 115 -18.82 73.54 9.78
N ALA F 116 -19.61 72.50 9.53
CA ALA F 116 -19.10 71.33 8.82
C ALA F 116 -18.90 71.63 7.35
N VAL F 117 -17.74 71.22 6.83
CA VAL F 117 -17.41 71.41 5.43
C VAL F 117 -17.86 70.17 4.64
N ILE F 118 -17.92 69.04 5.34
CA ILE F 118 -18.35 67.75 4.78
C ILE F 118 -19.46 67.18 5.66
N ASP F 119 -20.06 66.08 5.25
CA ASP F 119 -21.14 65.49 6.04
C ASP F 119 -20.69 64.78 7.31
N TYR F 120 -21.62 64.63 8.25
CA TYR F 120 -21.29 64.01 9.53
C TYR F 120 -22.52 63.38 10.20
N GLY F 121 -22.24 62.59 11.24
CA GLY F 121 -23.29 61.95 12.00
C GLY F 121 -22.80 61.83 13.43
N PHE F 122 -23.60 61.22 14.31
CA PHE F 122 -23.19 61.09 15.69
C PHE F 122 -23.34 59.71 16.28
N HIS F 123 -22.62 59.48 17.36
CA HIS F 123 -22.67 58.27 18.13
C HIS F 123 -23.22 58.79 19.44
N LEU F 124 -24.09 58.04 20.12
CA LEU F 124 -24.59 58.52 21.39
C LEU F 124 -23.87 57.80 22.54
N MET F 125 -23.27 58.56 23.44
CA MET F 125 -22.57 57.97 24.57
C MET F 125 -23.59 57.49 25.59
N ILE F 126 -23.28 56.40 26.28
CA ILE F 126 -24.18 55.89 27.30
C ILE F 126 -23.38 55.57 28.54
N SER F 127 -23.77 56.21 29.64
CA SER F 127 -23.11 56.02 30.92
C SER F 127 -24.03 55.37 31.95
N GLU F 128 -25.30 55.21 31.56
CA GLU F 128 -26.29 54.60 32.44
C GLU F 128 -27.56 54.28 31.67
N ILE F 129 -28.24 53.23 32.11
CA ILE F 129 -29.50 52.82 31.49
C ILE F 129 -30.64 53.09 32.48
N THR F 130 -31.35 54.18 32.25
CA THR F 130 -32.47 54.58 33.10
C THR F 130 -33.75 54.30 32.33
N ASP F 131 -34.87 54.26 33.06
CA ASP F 131 -36.14 54.04 32.41
C ASP F 131 -36.33 55.18 31.43
N ASP F 132 -35.85 56.35 31.81
CA ASP F 132 -35.94 57.52 30.97
C ASP F 132 -35.10 57.31 29.72
N VAL F 133 -33.94 56.69 29.89
CA VAL F 133 -33.06 56.42 28.79
C VAL F 133 -33.74 55.45 27.85
N LEU F 134 -34.27 54.36 28.41
CA LEU F 134 -34.94 53.35 27.61
C LEU F 134 -36.07 53.92 26.77
N GLU F 135 -36.69 54.99 27.26
CA GLU F 135 -37.79 55.62 26.55
C GLU F 135 -37.31 56.48 25.39
N GLU F 136 -36.16 57.11 25.56
CA GLU F 136 -35.60 57.96 24.53
C GLU F 136 -34.95 57.17 23.39
N LEU F 137 -34.14 56.18 23.74
CA LEU F 137 -33.43 55.39 22.74
C LEU F 137 -34.23 55.15 21.46
N PRO F 138 -35.41 54.55 21.58
CA PRO F 138 -36.22 54.29 20.37
C PRO F 138 -36.45 55.56 19.57
N LYS F 139 -36.65 56.67 20.26
CA LYS F 139 -36.88 57.94 19.60
C LYS F 139 -35.57 58.38 18.99
N VAL F 140 -34.49 58.18 19.74
CA VAL F 140 -33.15 58.53 19.28
C VAL F 140 -32.83 57.81 17.99
N LEU F 141 -33.50 56.69 17.74
CA LEU F 141 -33.25 55.95 16.50
C LEU F 141 -34.03 56.56 15.34
N GLU F 142 -35.35 56.67 15.51
CA GLU F 142 -36.21 57.23 14.46
C GLU F 142 -35.91 58.70 14.19
N GLU F 143 -36.08 59.55 15.20
CA GLU F 143 -35.79 60.97 15.05
C GLU F 143 -34.31 61.05 15.41
N GLU F 144 -33.49 61.52 14.48
CA GLU F 144 -32.03 61.59 14.68
C GLU F 144 -31.54 60.22 14.29
N GLY F 145 -30.83 60.11 13.18
CA GLY F 145 -30.35 58.81 12.78
C GLY F 145 -29.22 58.27 13.63
N ILE F 146 -29.36 58.29 14.95
CA ILE F 146 -28.31 57.78 15.82
C ILE F 146 -28.57 56.31 16.09
N THR F 147 -27.89 55.44 15.34
CA THR F 147 -28.07 54.01 15.48
C THR F 147 -26.86 53.29 16.01
N SER F 148 -25.95 54.02 16.63
CA SER F 148 -24.75 53.41 17.22
C SER F 148 -24.58 54.02 18.61
N LEU F 149 -24.85 53.29 19.59
CA LEU F 149 -24.69 53.67 20.99
C LEU F 149 -23.30 53.29 21.53
N VAL F 151 -19.88 52.92 24.61
CA VAL F 151 -19.68 52.68 26.07
C VAL F 151 -18.20 52.57 26.50
N PHE F 152 -17.86 53.32 27.57
CA PHE F 152 -16.48 53.32 28.09
C PHE F 152 -16.35 52.30 29.21
N MET F 153 -15.39 51.40 29.05
CA MET F 153 -15.17 50.43 30.08
C MET F 153 -14.08 50.95 30.98
N ALA F 154 -13.41 52.00 30.52
CA ALA F 154 -12.34 52.64 31.29
C ALA F 154 -12.74 54.08 31.60
N TYR F 155 -11.79 54.87 32.10
CA TYR F 155 -12.06 56.26 32.47
C TYR F 155 -13.03 56.31 33.66
N LYS F 156 -12.63 55.60 34.71
CA LYS F 156 -13.41 55.52 35.94
C LYS F 156 -13.82 56.92 36.39
N ASN F 157 -15.06 57.01 36.91
CA ASN F 157 -15.61 58.27 37.42
C ASN F 157 -15.62 59.40 36.37
N VAL F 158 -15.72 59.05 35.10
CA VAL F 158 -15.72 60.06 34.04
C VAL F 158 -16.56 59.66 32.84
N PHE F 159 -16.52 58.38 32.50
CA PHE F 159 -17.30 57.86 31.37
C PHE F 159 -17.68 56.40 31.63
N GLN F 160 -16.83 55.72 32.39
CA GLN F 160 -16.99 54.32 32.72
C GLN F 160 -18.41 53.85 33.09
N ALA F 161 -18.71 52.61 32.75
CA ALA F 161 -20.01 52.00 33.03
C ALA F 161 -19.78 50.55 33.47
N ASP F 162 -20.57 50.06 34.43
CA ASP F 162 -20.40 48.70 34.90
C ASP F 162 -20.90 47.74 33.83
N ASP F 163 -20.52 46.47 33.95
CA ASP F 163 -20.93 45.46 33.00
C ASP F 163 -22.47 45.37 32.88
N GLY F 164 -23.16 45.74 33.94
CA GLY F 164 -24.60 45.69 33.92
C GLY F 164 -25.12 46.71 32.94
N THR F 165 -24.49 47.89 32.96
CA THR F 165 -24.88 48.96 32.06
C THR F 165 -24.53 48.52 30.64
N LEU F 166 -23.34 47.95 30.49
CA LEU F 166 -22.90 47.47 29.18
C LEU F 166 -23.85 46.40 28.70
N TYR F 167 -24.14 45.42 29.56
CA TYR F 167 -25.02 44.33 29.20
C TYR F 167 -26.43 44.79 28.78
N CYS F 168 -27.08 45.62 29.60
CA CYS F 168 -28.42 46.08 29.24
C CYS F 168 -28.38 46.91 27.96
N THR F 169 -27.26 47.57 27.70
CA THR F 169 -27.14 48.38 26.49
C THR F 169 -27.12 47.44 25.29
N LEU F 170 -26.33 46.38 25.41
CA LEU F 170 -26.25 45.39 24.35
C LEU F 170 -27.65 44.87 24.01
N LEU F 171 -28.44 44.59 25.04
CA LEU F 171 -29.80 44.10 24.83
C LEU F 171 -30.62 45.16 24.14
N ALA F 172 -30.68 46.34 24.75
CA ALA F 172 -31.45 47.45 24.20
C ALA F 172 -31.07 47.58 22.73
N ALA F 173 -29.76 47.52 22.48
CA ALA F 173 -29.23 47.64 21.14
C ALA F 173 -29.76 46.57 20.21
N LYS F 174 -29.64 45.32 20.61
CA LYS F 174 -30.12 44.20 19.81
C LYS F 174 -31.59 44.40 19.48
N GLU F 175 -32.32 44.77 20.52
CA GLU F 175 -33.75 45.01 20.42
C GLU F 175 -34.07 46.16 19.48
N LEU F 176 -33.54 47.33 19.77
CA LEU F 176 -33.79 48.52 18.97
C LEU F 176 -33.13 48.56 17.58
N GLY F 177 -32.06 47.77 17.40
CA GLY F 177 -31.37 47.73 16.12
C GLY F 177 -30.24 48.75 16.04
N ALA F 178 -29.37 48.74 17.04
CA ALA F 178 -28.25 49.66 17.10
C ALA F 178 -26.99 48.85 17.31
N LEU F 179 -25.85 49.47 17.04
CA LEU F 179 -24.57 48.80 17.21
C LEU F 179 -23.89 49.35 18.46
N VAL F 180 -23.47 48.48 19.36
CA VAL F 180 -22.81 48.92 20.57
C VAL F 180 -21.34 49.05 20.31
N MET F 181 -20.80 50.23 20.62
CA MET F 181 -19.37 50.46 20.45
C MET F 181 -18.77 50.43 21.83
N VAL F 182 -17.51 50.02 21.92
CA VAL F 182 -16.89 49.93 23.23
C VAL F 182 -15.42 50.36 23.30
N HIS F 183 -15.08 51.09 24.36
CA HIS F 183 -13.69 51.48 24.62
C HIS F 183 -13.27 50.40 25.63
N ALA F 184 -12.60 49.38 25.15
CA ALA F 184 -12.21 48.26 25.98
C ALA F 184 -10.93 48.32 26.76
N GLU F 185 -10.98 48.88 27.95
CA GLU F 185 -9.82 48.93 28.85
C GLU F 185 -10.34 48.75 30.25
N ASN F 186 -9.67 47.94 31.06
CA ASN F 186 -10.16 47.73 32.41
C ASN F 186 -9.93 48.96 33.30
N GLY F 187 -10.90 49.87 33.29
CA GLY F 187 -10.81 51.09 34.09
C GLY F 187 -10.43 50.93 35.56
N ASP F 188 -11.08 50.01 36.29
CA ASP F 188 -10.78 49.81 37.71
C ASP F 188 -9.33 49.47 38.02
N VAL F 189 -8.71 48.62 37.19
CA VAL F 189 -7.32 48.26 37.45
C VAL F 189 -6.41 49.41 37.01
N ILE F 190 -6.67 49.95 35.83
CA ILE F 190 -5.85 51.07 35.34
C ILE F 190 -5.83 52.12 36.44
N ASP F 191 -6.95 52.27 37.10
CA ASP F 191 -7.09 53.25 38.16
C ASP F 191 -6.08 53.06 39.28
N TYR F 192 -6.08 51.87 39.91
CA TYR F 192 -5.14 51.63 40.99
C TYR F 192 -3.71 51.83 40.53
N LEU F 193 -3.41 51.30 39.34
CA LEU F 193 -2.07 51.43 38.78
C LEU F 193 -1.69 52.89 38.67
N THR F 194 -2.62 53.68 38.15
CA THR F 194 -2.42 55.11 37.98
C THR F 194 -2.10 55.76 39.32
N LYS F 195 -2.98 55.57 40.29
CA LYS F 195 -2.78 56.13 41.61
C LYS F 195 -1.43 55.74 42.20
N LYS F 196 -1.09 54.45 42.16
CA LYS F 196 0.18 53.99 42.70
C LYS F 196 1.36 54.61 41.98
N ALA F 197 1.29 54.67 40.64
CA ALA F 197 2.37 55.27 39.86
C ALA F 197 2.71 56.65 40.42
N LEU F 198 1.69 57.49 40.53
CA LEU F 198 1.84 58.82 41.09
C LEU F 198 2.41 58.75 42.50
N ALA F 199 1.80 57.92 43.34
CA ALA F 199 2.24 57.74 44.72
C ALA F 199 3.72 57.40 44.81
N ASP F 200 4.31 56.91 43.72
CA ASP F 200 5.74 56.57 43.73
C ASP F 200 6.57 57.56 42.91
N GLY F 201 5.97 58.69 42.57
CA GLY F 201 6.69 59.70 41.81
C GLY F 201 6.82 59.50 40.32
N ASN F 202 6.28 58.40 39.78
CA ASN F 202 6.36 58.16 38.35
C ASN F 202 5.30 59.04 37.69
N THR F 203 5.73 60.18 37.15
CA THR F 203 4.78 61.11 36.55
C THR F 203 4.98 61.39 35.08
N ASP F 204 6.13 60.96 34.55
CA ASP F 204 6.43 61.20 33.13
C ASP F 204 5.39 60.61 32.19
N PRO F 205 5.33 61.15 30.96
CA PRO F 205 4.37 60.68 29.95
C PRO F 205 4.37 59.16 29.75
N ILE F 206 5.54 58.53 29.89
CA ILE F 206 5.58 57.09 29.67
C ILE F 206 4.76 56.27 30.65
N TYR F 207 4.61 56.74 31.88
CA TYR F 207 3.83 55.98 32.85
C TYR F 207 2.37 55.95 32.45
N HIS F 208 2.00 56.77 31.47
CA HIS F 208 0.62 56.77 31.00
C HIS F 208 0.40 55.41 30.34
N ALA F 209 1.43 54.95 29.63
CA ALA F 209 1.38 53.65 28.96
C ALA F 209 1.59 52.49 29.95
N LEU F 210 2.67 52.55 30.74
CA LEU F 210 2.97 51.49 31.70
C LEU F 210 1.85 51.33 32.74
N THR F 211 1.12 52.41 32.97
CA THR F 211 0.03 52.41 33.93
C THR F 211 -1.17 51.62 33.41
N ARG F 212 -1.15 51.31 32.12
CA ARG F 212 -2.25 50.54 31.52
C ARG F 212 -1.79 49.50 30.48
N PRO F 213 -1.24 48.36 30.97
CA PRO F 213 -0.74 47.22 30.17
C PRO F 213 -1.77 46.61 29.24
N PRO F 214 -1.31 46.09 28.08
CA PRO F 214 -2.21 45.48 27.08
C PRO F 214 -3.09 44.33 27.64
N GLU F 215 -2.66 43.73 28.76
CA GLU F 215 -3.42 42.67 29.38
C GLU F 215 -4.79 43.22 29.72
N LEU F 216 -4.82 44.45 30.21
CA LEU F 216 -6.07 45.07 30.59
C LEU F 216 -6.92 45.45 29.38
N GLU F 217 -6.31 45.56 28.19
CA GLU F 217 -7.09 45.92 27.00
C GLU F 217 -7.73 44.64 26.52
N GLY F 218 -6.94 43.57 26.55
CA GLY F 218 -7.42 42.27 26.13
C GLY F 218 -8.52 41.83 27.08
N GLU F 219 -8.26 41.93 28.38
CA GLU F 219 -9.24 41.55 29.37
C GLU F 219 -10.57 42.22 29.07
N ALA F 220 -10.55 43.54 29.06
CA ALA F 220 -11.77 44.30 28.79
C ALA F 220 -12.45 43.87 27.50
N THR F 221 -11.68 43.79 26.41
CA THR F 221 -12.22 43.37 25.10
C THR F 221 -12.94 42.01 25.22
N GLY F 222 -12.37 41.11 26.02
CA GLY F 222 -12.98 39.81 26.22
C GLY F 222 -14.37 39.94 26.86
N ARG F 223 -14.48 40.69 27.95
CA ARG F 223 -15.77 40.85 28.62
C ARG F 223 -16.78 41.34 27.64
N ALA F 224 -16.43 42.41 26.94
CA ALA F 224 -17.32 43.02 25.96
C ALA F 224 -17.84 41.93 25.05
N CYS F 225 -16.92 41.08 24.59
CA CYS F 225 -17.31 39.99 23.70
C CYS F 225 -18.24 38.99 24.38
N GLN F 226 -17.76 38.39 25.48
CA GLN F 226 -18.53 37.41 26.22
C GLN F 226 -19.92 37.96 26.49
N LEU F 227 -19.99 39.19 26.96
CA LEU F 227 -21.29 39.79 27.22
C LEU F 227 -22.07 39.94 25.93
N THR F 228 -21.43 40.41 24.89
CA THR F 228 -22.14 40.58 23.62
C THR F 228 -22.75 39.25 23.19
N GLU F 229 -22.03 38.18 23.48
CA GLU F 229 -22.48 36.83 23.17
C GLU F 229 -23.75 36.52 23.98
N LEU F 230 -23.64 36.64 25.30
CA LEU F 230 -24.76 36.39 26.18
C LEU F 230 -25.98 37.14 25.72
N ALA F 231 -25.81 38.42 25.45
CA ALA F 231 -26.92 39.26 24.99
C ALA F 231 -27.36 38.93 23.56
N GLY F 232 -26.47 38.32 22.80
CA GLY F 232 -26.79 37.98 21.43
C GLY F 232 -26.93 39.19 20.51
N SER F 233 -26.25 40.30 20.82
CA SER F 233 -26.31 41.50 19.96
C SER F 233 -25.05 41.70 19.14
N GLN F 234 -24.72 42.95 18.85
CA GLN F 234 -23.53 43.25 18.05
C GLN F 234 -22.55 44.20 18.75
N LEU F 235 -21.26 43.91 18.60
CA LEU F 235 -20.21 44.70 19.21
C LEU F 235 -19.28 45.31 18.18
N TYR F 236 -18.67 46.41 18.53
CA TYR F 236 -17.71 47.11 17.68
C TYR F 236 -16.66 47.69 18.62
N VAL F 237 -15.54 46.99 18.72
CA VAL F 237 -14.44 47.43 19.59
C VAL F 237 -13.64 48.53 18.91
N VAL F 238 -13.64 49.73 19.50
CA VAL F 238 -12.91 50.86 18.93
C VAL F 238 -11.42 50.78 19.28
N HIS F 239 -10.60 51.38 18.43
CA HIS F 239 -9.15 51.40 18.59
C HIS F 239 -8.51 50.18 19.23
N VAL F 240 -8.45 49.10 18.46
CA VAL F 240 -7.83 47.87 18.93
C VAL F 240 -6.35 48.19 18.86
N THR F 241 -5.68 47.93 19.97
CA THR F 241 -4.27 48.29 20.08
C THR F 241 -3.25 47.17 20.18
N CYS F 242 -3.43 46.30 21.16
CA CYS F 242 -2.51 45.19 21.40
C CYS F 242 -2.96 43.89 20.74
N ALA F 243 -2.08 42.91 20.79
CA ALA F 243 -2.32 41.59 20.22
C ALA F 243 -3.44 40.93 21.03
N GLN F 244 -3.29 40.94 22.37
CA GLN F 244 -4.29 40.36 23.25
C GLN F 244 -5.70 40.75 22.85
N ALA F 245 -5.90 42.01 22.53
CA ALA F 245 -7.21 42.46 22.12
C ALA F 245 -7.59 41.84 20.77
N VAL F 246 -6.66 41.89 19.81
CA VAL F 246 -6.92 41.32 18.49
C VAL F 246 -7.37 39.86 18.65
N GLU F 247 -6.69 39.16 19.55
CA GLU F 247 -6.99 37.76 19.80
C GLU F 247 -8.42 37.54 20.26
N LYS F 248 -8.84 38.27 21.29
CA LYS F 248 -10.19 38.14 21.79
C LYS F 248 -11.20 38.34 20.67
N ILE F 249 -10.99 39.38 19.88
CA ILE F 249 -11.89 39.67 18.79
C ILE F 249 -11.87 38.55 17.76
N ALA F 250 -10.71 37.92 17.59
CA ALA F 250 -10.60 36.83 16.62
C ALA F 250 -11.45 35.67 17.09
N GLU F 251 -11.32 35.31 18.37
CA GLU F 251 -12.09 34.20 18.94
C GLU F 251 -13.57 34.46 18.74
N ALA F 252 -14.01 35.65 19.12
CA ALA F 252 -15.41 36.02 18.99
C ALA F 252 -15.94 35.75 17.58
N ARG F 253 -15.31 36.35 16.58
CA ARG F 253 -15.75 36.18 15.21
C ARG F 253 -15.69 34.72 14.75
N ASN F 254 -14.81 33.93 15.38
CA ASN F 254 -14.70 32.52 15.03
C ASN F 254 -16.00 31.81 15.46
N LYS F 255 -16.50 32.17 16.64
CA LYS F 255 -17.71 31.61 17.19
C LYS F 255 -18.94 32.11 16.47
N GLY F 256 -18.76 32.87 15.40
CA GLY F 256 -19.90 33.39 14.68
C GLY F 256 -20.50 34.61 15.35
N LEU F 257 -19.93 35.02 16.48
CA LEU F 257 -20.42 36.19 17.19
C LEU F 257 -20.30 37.41 16.27
N ASP F 258 -21.24 38.35 16.40
CA ASP F 258 -21.25 39.54 15.56
C ASP F 258 -20.41 40.65 16.19
N VAL F 259 -19.09 40.45 16.19
CA VAL F 259 -18.16 41.39 16.77
C VAL F 259 -17.30 42.03 15.69
N TRP F 260 -16.97 43.32 15.86
CA TRP F 260 -16.11 44.02 14.90
C TRP F 260 -15.00 44.78 15.61
N GLY F 261 -13.86 44.91 14.92
CA GLY F 261 -12.70 45.58 15.47
C GLY F 261 -12.26 46.70 14.57
N GLU F 262 -11.73 47.75 15.20
CA GLU F 262 -11.26 48.93 14.50
C GLU F 262 -9.91 49.34 15.08
N THR F 263 -9.06 49.95 14.27
CA THR F 263 -7.75 50.41 14.73
C THR F 263 -7.54 51.81 14.17
N CYS F 264 -6.41 52.38 14.54
CA CYS F 264 -6.09 53.72 14.13
C CYS F 264 -4.62 53.73 13.71
N PRO F 265 -4.29 54.56 12.72
CA PRO F 265 -2.91 54.69 12.21
C PRO F 265 -1.83 54.75 13.28
N GLN F 266 -2.02 55.62 14.28
CA GLN F 266 -1.05 55.77 15.37
C GLN F 266 -0.60 54.45 16.00
N TYR F 267 -1.51 53.47 16.03
CA TYR F 267 -1.20 52.19 16.64
C TYR F 267 -0.56 51.26 15.63
N LEU F 268 -0.71 51.63 14.37
CA LEU F 268 -0.19 50.87 13.24
C LEU F 268 1.25 51.28 12.89
N VAL F 269 1.54 52.56 13.11
CA VAL F 269 2.84 53.12 12.79
C VAL F 269 3.73 53.57 13.97
N LEU F 270 3.15 54.23 14.96
CA LEU F 270 3.91 54.69 16.12
C LEU F 270 3.97 53.60 17.19
N ASP F 271 4.76 53.83 18.22
CA ASP F 271 4.87 52.84 19.28
C ASP F 271 5.24 53.46 20.62
N GLN F 272 5.26 52.62 21.66
CA GLN F 272 5.55 53.03 23.03
C GLN F 272 6.76 53.95 23.26
N SER F 273 7.86 53.68 22.57
CA SER F 273 9.07 54.50 22.72
C SER F 273 8.80 56.01 22.60
N TYR F 274 7.99 56.42 21.63
CA TYR F 274 7.68 57.84 21.46
C TYR F 274 7.25 58.52 22.75
N LEU F 275 6.82 57.75 23.74
CA LEU F 275 6.39 58.34 25.00
C LEU F 275 7.55 58.70 25.92
N GLU F 276 8.73 58.16 25.60
CA GLU F 276 9.94 58.42 26.37
C GLU F 276 10.72 59.56 25.75
N LYS F 277 10.58 59.68 24.44
CA LYS F 277 11.25 60.73 23.67
C LYS F 277 10.68 62.11 24.06
N PRO F 278 11.33 62.85 25.00
CA PRO F 278 12.36 63.17 26.01
C PRO F 278 11.87 64.54 26.51
N ASN F 279 12.41 65.04 27.61
CA ASN F 279 11.92 66.35 28.09
C ASN F 279 10.43 66.17 28.44
N PHE F 280 9.55 66.65 27.55
CA PHE F 280 8.13 66.48 27.78
C PHE F 280 7.46 66.10 26.47
N GLU F 281 8.27 66.00 25.41
CA GLU F 281 7.80 65.62 24.09
C GLU F 281 6.86 64.40 24.14
N GLY F 282 7.09 63.52 25.12
CA GLY F 282 6.27 62.34 25.27
C GLY F 282 4.77 62.65 25.20
N ALA F 283 4.34 63.63 25.98
CA ALA F 283 2.94 64.05 26.03
C ALA F 283 2.27 64.22 24.66
N LYS F 284 3.08 64.40 23.61
CA LYS F 284 2.51 64.57 22.27
C LYS F 284 1.83 63.29 21.83
N TYR F 285 2.28 62.18 22.40
CA TYR F 285 1.76 60.85 22.07
C TYR F 285 0.86 60.21 23.12
N VAL F 286 0.38 61.03 24.05
CA VAL F 286 -0.49 60.52 25.11
C VAL F 286 -1.96 60.44 24.67
N TRP F 287 -2.46 59.21 24.59
CA TRP F 287 -3.85 58.92 24.23
C TRP F 287 -4.15 57.49 24.68
N SER F 288 -5.44 57.16 24.85
CA SER F 288 -5.79 55.81 25.30
C SER F 288 -6.61 55.04 24.29
N PRO F 289 -6.32 53.73 24.11
CA PRO F 289 -5.25 52.99 24.81
C PRO F 289 -3.88 53.53 24.42
N PRO F 290 -2.87 53.32 25.28
CA PRO F 290 -1.51 53.79 25.03
C PRO F 290 -0.81 53.05 23.89
N LEU F 291 0.18 53.70 23.28
CA LEU F 291 0.97 53.04 22.23
C LEU F 291 1.64 51.83 22.89
N ARG F 292 1.71 50.73 22.16
CA ARG F 292 2.31 49.52 22.71
C ARG F 292 3.68 49.29 22.13
N GLU F 293 4.26 48.15 22.42
CA GLU F 293 5.58 47.82 21.90
C GLU F 293 5.51 47.56 20.40
N LYS F 294 6.49 48.09 19.68
CA LYS F 294 6.60 47.96 18.23
C LYS F 294 6.06 46.65 17.64
N TRP F 295 6.32 45.53 18.31
CA TRP F 295 5.89 44.22 17.82
C TRP F 295 4.39 43.95 17.62
N HIS F 296 3.53 44.69 18.30
CA HIS F 296 2.09 44.49 18.14
C HIS F 296 1.65 44.93 16.76
N GLN F 297 2.36 45.91 16.20
CA GLN F 297 2.03 46.45 14.90
C GLN F 297 1.82 45.37 13.85
N GLU F 298 2.64 44.33 13.89
CA GLU F 298 2.50 43.25 12.92
C GLU F 298 1.12 42.66 13.06
N VAL F 299 0.85 42.19 14.28
CA VAL F 299 -0.41 41.57 14.61
C VAL F 299 -1.54 42.42 14.06
N LEU F 300 -1.49 43.72 14.32
CA LEU F 300 -2.53 44.58 13.81
C LEU F 300 -2.63 44.46 12.29
N TRP F 301 -1.52 44.67 11.59
CA TRP F 301 -1.52 44.58 10.14
C TRP F 301 -2.08 43.24 9.65
N ASN F 302 -1.62 42.13 10.22
CA ASN F 302 -2.13 40.83 9.81
C ASN F 302 -3.65 40.74 10.03
N ALA F 303 -4.08 41.28 11.16
CA ALA F 303 -5.49 41.27 11.51
C ALA F 303 -6.23 42.00 10.40
N LEU F 304 -5.65 43.12 10.00
CA LEU F 304 -6.23 43.95 8.96
C LEU F 304 -6.21 43.19 7.64
N LYS F 305 -5.11 42.49 7.40
CA LYS F 305 -4.92 41.72 6.19
C LYS F 305 -5.92 40.59 6.06
N ASN F 306 -6.00 39.78 7.11
CA ASN F 306 -6.89 38.63 7.12
C ASN F 306 -8.31 38.87 7.58
N GLY F 307 -8.61 40.05 8.09
CA GLY F 307 -9.98 40.30 8.49
C GLY F 307 -10.36 40.30 9.94
N GLN F 308 -9.41 39.99 10.85
CA GLN F 308 -9.74 40.02 12.27
C GLN F 308 -10.20 41.44 12.62
N LEU F 309 -9.52 42.43 12.04
CA LEU F 309 -9.87 43.83 12.22
C LEU F 309 -10.40 44.29 10.86
N GLN F 310 -11.45 45.11 10.84
CA GLN F 310 -12.03 45.53 9.57
C GLN F 310 -12.26 47.01 9.26
N THR F 311 -11.94 47.90 10.21
CA THR F 311 -12.10 49.33 9.97
C THR F 311 -10.97 50.15 10.56
N LEU F 312 -10.69 51.29 9.96
CA LEU F 312 -9.63 52.19 10.45
C LEU F 312 -10.23 53.55 10.82
N GLY F 313 -10.03 53.92 12.08
CA GLY F 313 -10.54 55.20 12.56
C GLY F 313 -9.38 56.05 12.99
N SER F 314 -9.62 57.35 13.18
CA SER F 314 -8.54 58.25 13.60
C SER F 314 -8.42 58.43 15.10
N ASP F 315 -9.59 58.56 15.75
CA ASP F 315 -9.70 58.79 17.19
C ASP F 315 -9.17 60.21 17.39
N GLN F 316 -9.50 61.05 16.44
CA GLN F 316 -9.14 62.46 16.40
C GLN F 316 -9.55 63.17 17.67
N CYS F 317 -8.57 63.74 18.37
CA CYS F 317 -8.82 64.46 19.63
C CYS F 317 -7.60 65.36 19.88
N SER F 318 -7.54 66.46 19.12
CA SER F 318 -6.41 67.40 19.18
C SER F 318 -6.25 68.32 20.39
N PHE F 319 -4.98 68.51 20.76
CA PHE F 319 -4.60 69.36 21.88
C PHE F 319 -3.24 69.98 21.61
N ASP F 320 -3.15 71.32 21.66
CA ASP F 320 -1.87 71.97 21.44
C ASP F 320 -0.85 71.46 22.45
N PHE F 321 0.31 71.02 21.96
CA PHE F 321 1.35 70.55 22.84
C PHE F 321 1.69 71.67 23.80
N LYS F 322 1.58 72.90 23.29
CA LYS F 322 1.86 74.12 24.05
C LYS F 322 1.03 74.27 25.31
N GLY F 323 -0.13 74.91 25.18
CA GLY F 323 -0.97 75.11 26.35
C GLY F 323 -1.62 73.87 26.94
N GLN F 324 -2.38 73.16 26.10
CA GLN F 324 -3.10 71.97 26.50
C GLN F 324 -2.25 70.82 27.08
N LYS F 325 -1.51 70.12 26.23
CA LYS F 325 -0.70 68.99 26.69
C LYS F 325 0.09 69.27 27.94
N GLU F 326 0.57 70.50 28.08
CA GLU F 326 1.36 70.87 29.24
C GLU F 326 0.59 70.90 30.56
N LEU F 327 -0.74 70.87 30.50
CA LEU F 327 -1.55 70.89 31.71
C LEU F 327 -1.10 69.78 32.66
N GLY F 328 -0.52 68.73 32.09
CA GLY F 328 -0.07 67.61 32.90
C GLY F 328 1.44 67.49 32.93
N ARG F 329 2.08 68.49 33.53
CA ARG F 329 3.52 68.45 33.63
C ARG F 329 4.02 67.41 34.61
N GLY F 330 3.92 67.71 35.91
CA GLY F 330 4.37 66.78 36.93
C GLY F 330 3.32 65.71 37.22
N ASP F 331 2.39 65.56 36.30
CA ASP F 331 1.32 64.58 36.45
C ASP F 331 0.85 64.13 35.06
N PHE F 332 1.23 62.92 34.66
CA PHE F 332 0.82 62.42 33.35
C PHE F 332 -0.71 62.29 33.26
N THR F 333 -1.34 61.85 34.34
CA THR F 333 -2.78 61.69 34.35
C THR F 333 -3.51 62.98 34.05
N LYS F 334 -2.76 64.09 34.03
CA LYS F 334 -3.37 65.38 33.73
C LYS F 334 -3.12 65.87 32.31
N ILE F 335 -2.44 65.04 31.52
CA ILE F 335 -2.19 65.36 30.11
C ILE F 335 -3.49 64.98 29.40
N PRO F 336 -4.09 65.92 28.64
CA PRO F 336 -5.33 65.55 27.96
C PRO F 336 -5.07 64.49 26.87
N ASN F 337 -5.77 63.36 26.97
CA ASN F 337 -5.61 62.25 26.01
C ASN F 337 -6.19 62.57 24.65
N GLY F 338 -5.44 62.23 23.61
CA GLY F 338 -5.92 62.50 22.26
C GLY F 338 -4.82 62.98 21.32
N GLY F 339 -4.92 62.58 20.06
CA GLY F 339 -3.93 62.98 19.06
C GLY F 339 -4.55 63.59 17.82
N PRO F 340 -3.79 64.45 17.10
CA PRO F 340 -4.21 65.13 15.86
C PRO F 340 -4.03 64.12 14.74
N ILE F 341 -5.11 63.39 14.43
CA ILE F 341 -5.03 62.33 13.42
C ILE F 341 -6.04 62.36 12.28
N ILE F 342 -7.13 63.08 12.48
CA ILE F 342 -8.17 63.12 11.46
C ILE F 342 -7.73 63.42 10.03
N GLU F 343 -6.54 63.98 9.84
CA GLU F 343 -6.08 64.33 8.50
C GLU F 343 -5.21 63.33 7.74
N ASP F 344 -4.33 62.63 8.43
CA ASP F 344 -3.45 61.70 7.75
C ASP F 344 -3.89 60.23 7.79
N ARG F 345 -5.06 59.98 8.36
CA ARG F 345 -5.60 58.62 8.48
C ARG F 345 -5.52 57.87 7.16
N VAL F 346 -6.33 58.32 6.20
CA VAL F 346 -6.38 57.69 4.89
C VAL F 346 -5.01 57.53 4.23
N SER F 347 -4.31 58.65 4.08
CA SER F 347 -2.99 58.65 3.46
C SER F 347 -2.05 57.59 4.01
N ILE F 348 -1.90 57.58 5.34
CA ILE F 348 -1.02 56.62 5.98
C ILE F 348 -1.33 55.16 5.64
N LEU F 349 -2.61 54.82 5.61
CA LEU F 349 -2.98 53.44 5.30
C LEU F 349 -2.59 53.10 3.87
N PHE F 350 -2.83 54.03 2.96
CA PHE F 350 -2.48 53.81 1.56
C PHE F 350 -0.97 53.60 1.44
N SER F 351 -0.22 54.53 2.03
CA SER F 351 1.23 54.49 2.03
C SER F 351 1.77 53.28 2.77
N GLU F 352 1.57 53.23 4.08
CA GLU F 352 2.06 52.13 4.89
C GLU F 352 1.42 50.79 4.58
N GLY F 353 0.17 50.83 4.17
CA GLY F 353 -0.53 49.60 3.85
C GLY F 353 -0.37 49.19 2.40
N VAL F 354 -1.23 49.76 1.55
CA VAL F 354 -1.22 49.46 0.12
C VAL F 354 0.17 49.43 -0.48
N LYS F 355 0.76 50.62 -0.60
CA LYS F 355 2.10 50.81 -1.18
C LYS F 355 3.21 49.89 -0.70
N LYS F 356 3.08 49.34 0.51
CA LYS F 356 4.12 48.47 1.03
C LYS F 356 3.84 46.96 1.05
N GLY F 357 2.72 46.51 0.48
CA GLY F 357 2.47 45.08 0.48
C GLY F 357 1.36 44.58 1.38
N ARG F 358 1.05 45.32 2.44
CA ARG F 358 -0.04 44.92 3.33
C ARG F 358 -1.30 45.46 2.67
N ILE F 359 -2.47 44.91 2.99
CA ILE F 359 -3.67 45.45 2.38
C ILE F 359 -3.59 45.42 0.85
N THR F 360 -4.72 45.73 0.22
CA THR F 360 -4.82 45.73 -1.23
C THR F 360 -5.40 47.07 -1.56
N LEU F 361 -5.30 47.45 -2.82
CA LEU F 361 -5.85 48.72 -3.23
C LEU F 361 -7.35 48.67 -2.89
N ASN F 362 -7.94 47.48 -2.99
CA ASN F 362 -9.36 47.29 -2.69
C ASN F 362 -9.61 47.20 -1.18
N GLN F 363 -8.76 46.43 -0.48
CA GLN F 363 -8.89 46.30 0.97
C GLN F 363 -8.83 47.69 1.57
N PHE F 364 -7.93 48.49 1.01
CA PHE F 364 -7.72 49.87 1.41
C PHE F 364 -9.06 50.62 1.43
N VAL F 365 -9.71 50.67 0.27
CA VAL F 365 -10.98 51.37 0.15
C VAL F 365 -11.99 50.80 1.11
N ASP F 366 -11.92 49.49 1.32
CA ASP F 366 -12.87 48.87 2.21
C ASP F 366 -12.60 49.32 3.64
N ILE F 367 -11.35 49.18 4.08
CA ILE F 367 -10.98 49.53 5.45
C ILE F 367 -11.17 50.98 5.86
N VAL F 368 -11.13 51.87 4.88
CA VAL F 368 -11.24 53.30 5.14
C VAL F 368 -12.57 53.93 4.78
N SER F 369 -13.37 53.23 3.98
CA SER F 369 -14.65 53.80 3.57
C SER F 369 -15.86 52.86 3.61
N THR F 370 -15.95 51.98 2.62
CA THR F 370 -17.06 51.04 2.47
C THR F 370 -17.48 50.27 3.73
N ARG F 371 -16.61 49.39 4.21
CA ARG F 371 -16.90 48.58 5.40
C ARG F 371 -17.52 49.42 6.49
N ILE F 372 -17.00 50.62 6.67
CA ILE F 372 -17.49 51.54 7.68
C ILE F 372 -18.90 52.01 7.35
N ALA F 373 -19.10 52.48 6.13
CA ALA F 373 -20.41 52.95 5.68
C ALA F 373 -21.47 51.89 5.95
N LYS F 374 -21.10 50.65 5.68
CA LYS F 374 -22.00 49.52 5.90
C LYS F 374 -22.31 49.31 7.37
N LEU F 375 -21.27 49.11 8.19
CA LEU F 375 -21.48 48.91 9.62
C LEU F 375 -22.26 50.03 10.30
N PHE F 376 -22.16 51.27 9.81
CA PHE F 376 -22.86 52.38 10.44
C PHE F 376 -24.05 52.94 9.68
N GLY F 377 -24.62 52.12 8.81
CA GLY F 377 -25.80 52.53 8.06
C GLY F 377 -25.72 53.77 7.21
N LEU F 378 -24.70 53.84 6.35
CA LEU F 378 -24.52 54.99 5.49
C LEU F 378 -24.40 54.51 4.04
N PHE F 379 -24.43 53.19 3.87
CA PHE F 379 -24.32 52.58 2.56
C PHE F 379 -25.70 52.40 1.92
N PRO F 380 -25.83 52.66 0.61
CA PRO F 380 -24.78 53.11 -0.30
C PRO F 380 -24.79 54.62 -0.57
N LYS F 381 -25.32 55.40 0.36
CA LYS F 381 -25.31 56.86 0.18
C LYS F 381 -23.85 57.27 0.21
N LYS F 382 -23.13 56.66 1.12
CA LYS F 382 -21.70 56.91 1.30
C LYS F 382 -20.98 55.57 1.16
N GLY F 383 -19.66 55.62 1.11
CA GLY F 383 -18.88 54.40 1.05
C GLY F 383 -18.59 53.73 -0.28
N THR F 384 -19.06 54.29 -1.40
CA THR F 384 -18.79 53.65 -2.69
C THR F 384 -18.95 54.58 -3.91
N ILE F 385 -18.40 54.15 -5.04
CA ILE F 385 -18.50 54.92 -6.27
C ILE F 385 -19.41 54.16 -7.21
N VAL F 386 -20.71 54.41 -7.11
CA VAL F 386 -21.67 53.73 -7.95
C VAL F 386 -22.92 54.55 -8.23
N VAL F 387 -23.53 54.29 -9.38
CA VAL F 387 -24.72 55.03 -9.80
C VAL F 387 -25.71 55.14 -8.65
N GLY F 388 -26.05 56.36 -8.26
CA GLY F 388 -27.01 56.53 -7.18
C GLY F 388 -26.40 57.01 -5.88
N SER F 389 -25.15 56.63 -5.63
CA SER F 389 -24.47 57.02 -4.40
C SER F 389 -24.09 58.49 -4.45
N ASP F 390 -23.93 59.10 -3.28
CA ASP F 390 -23.51 60.49 -3.22
C ASP F 390 -22.15 60.64 -3.92
N ALA F 391 -21.93 61.79 -4.56
CA ALA F 391 -20.67 62.03 -5.25
C ALA F 391 -19.54 62.41 -4.30
N ASP F 392 -19.30 61.59 -3.28
CA ASP F 392 -18.23 61.81 -2.30
C ASP F 392 -17.02 61.10 -2.88
N LEU F 393 -16.20 61.85 -3.58
CA LEU F 393 -15.02 61.30 -4.24
C LEU F 393 -13.70 61.90 -3.80
N VAL F 394 -12.62 61.19 -4.09
CA VAL F 394 -11.30 61.66 -3.77
C VAL F 394 -10.41 61.35 -4.98
N ILE F 395 -9.84 62.39 -5.57
CA ILE F 395 -8.93 62.22 -6.71
C ILE F 395 -7.57 62.18 -6.05
N PHE F 396 -7.02 60.96 -6.00
CA PHE F 396 -5.78 60.68 -5.32
C PHE F 396 -4.58 60.44 -6.23
N ASP F 397 -3.43 60.96 -5.82
CA ASP F 397 -2.19 60.79 -6.55
C ASP F 397 -1.38 59.77 -5.76
N PRO F 398 -1.22 58.56 -6.30
CA PRO F 398 -0.49 57.45 -5.69
C PRO F 398 1.02 57.49 -5.69
N ASN F 399 1.60 58.48 -6.38
CA ASN F 399 3.06 58.53 -6.46
C ASN F 399 3.77 59.67 -5.73
N ILE F 400 3.06 60.79 -5.57
CA ILE F 400 3.62 61.94 -4.87
C ILE F 400 4.24 61.52 -3.55
N GLU F 401 5.54 61.70 -3.42
CA GLU F 401 6.21 61.36 -2.15
C GLU F 401 6.27 62.66 -1.36
N ARG F 402 6.11 62.58 -0.05
CA ARG F 402 6.13 63.78 0.76
C ARG F 402 6.43 63.46 2.20
N VAL F 403 6.41 64.50 3.03
CA VAL F 403 6.69 64.32 4.45
C VAL F 403 5.62 65.00 5.28
N ILE F 404 5.01 64.22 6.17
CA ILE F 404 3.97 64.79 7.02
C ILE F 404 4.64 65.75 8.00
N SER F 405 4.13 66.98 8.03
CA SER F 405 4.66 67.99 8.91
C SER F 405 3.57 68.92 9.37
N ALA F 406 3.64 69.29 10.64
CA ALA F 406 2.65 70.19 11.21
C ALA F 406 2.78 71.51 10.46
N GLU F 407 3.92 71.67 9.78
CA GLU F 407 4.19 72.87 8.99
C GLU F 407 3.27 72.88 7.77
N THR F 408 2.68 71.73 7.49
CA THR F 408 1.81 71.59 6.32
C THR F 408 0.39 71.15 6.63
N HIS F 409 0.20 70.37 7.70
CA HIS F 409 -1.13 69.88 8.02
C HIS F 409 -2.13 71.01 8.18
N HIS F 410 -3.41 70.70 7.99
CA HIS F 410 -4.45 71.71 8.08
C HIS F 410 -5.27 71.61 9.35
N MET F 411 -4.70 70.96 10.36
CA MET F 411 -5.39 70.85 11.65
C MET F 411 -4.92 72.05 12.48
N ALA F 412 -5.78 72.52 13.38
CA ALA F 412 -5.44 73.67 14.21
C ALA F 412 -4.46 73.38 15.35
N VAL F 413 -3.85 72.20 15.34
CA VAL F 413 -2.89 71.86 16.40
C VAL F 413 -1.47 72.33 16.09
N ASP F 414 -0.73 72.64 17.15
CA ASP F 414 0.63 73.11 16.96
C ASP F 414 1.61 72.00 16.64
N TYR F 415 1.11 70.76 16.51
CA TYR F 415 2.01 69.64 16.18
C TYR F 415 1.29 68.53 15.43
N ASN F 416 2.07 67.56 14.94
CA ASN F 416 1.53 66.43 14.21
C ASN F 416 2.27 65.15 14.64
N ALA F 417 1.52 64.18 15.17
CA ALA F 417 2.10 62.92 15.65
C ALA F 417 2.98 62.17 14.65
N PHE F 418 2.83 62.49 13.36
CA PHE F 418 3.61 61.84 12.31
C PHE F 418 4.61 62.79 11.66
N GLU F 419 5.08 63.75 12.45
CA GLU F 419 6.05 64.75 11.98
C GLU F 419 7.31 64.11 11.40
N GLY F 420 7.66 64.53 10.20
CA GLY F 420 8.86 64.00 9.55
C GLY F 420 8.64 62.69 8.85
N MET F 421 7.47 62.08 9.05
CA MET F 421 7.19 60.81 8.40
C MET F 421 7.05 60.97 6.89
N LYS F 422 7.76 60.12 6.16
CA LYS F 422 7.69 60.13 4.70
C LYS F 422 6.46 59.30 4.27
N VAL F 423 5.68 59.83 3.35
CA VAL F 423 4.49 59.17 2.90
C VAL F 423 4.33 59.22 1.40
N THR F 424 3.87 58.13 0.81
CA THR F 424 3.65 58.09 -0.63
C THR F 424 2.16 58.19 -0.90
N GLY F 425 1.81 59.05 -1.85
CA GLY F 425 0.42 59.25 -2.21
C GLY F 425 -0.16 60.43 -1.48
N GLU F 426 -1.08 61.14 -2.13
CA GLU F 426 -1.71 62.31 -1.54
C GLU F 426 -2.98 62.72 -2.27
N PRO F 427 -3.99 63.17 -1.52
CA PRO F 427 -5.26 63.62 -2.10
C PRO F 427 -5.04 64.89 -2.91
N VAL F 428 -5.58 64.96 -4.11
CA VAL F 428 -5.43 66.15 -4.94
C VAL F 428 -6.73 66.94 -4.97
N SER F 429 -7.83 66.25 -5.19
CA SER F 429 -9.14 66.90 -5.18
C SER F 429 -10.10 66.02 -4.39
N VAL F 430 -10.84 66.65 -3.49
CA VAL F 430 -11.80 65.94 -2.65
C VAL F 430 -13.14 66.62 -2.76
N LEU F 431 -14.13 65.94 -3.32
CA LEU F 431 -15.45 66.54 -3.41
C LEU F 431 -16.50 65.74 -2.67
N CYS F 432 -17.40 66.47 -2.01
CA CYS F 432 -18.48 65.89 -1.23
C CYS F 432 -19.80 66.22 -1.93
N ARG F 433 -20.51 65.18 -2.31
CA ARG F 433 -21.78 65.36 -2.99
C ARG F 433 -21.68 66.27 -4.21
N GLY F 434 -20.83 65.88 -5.15
CA GLY F 434 -20.64 66.64 -6.38
C GLY F 434 -19.93 67.98 -6.31
N GLU F 435 -19.78 68.55 -5.12
CA GLU F 435 -19.11 69.83 -4.97
C GLU F 435 -17.70 69.69 -4.42
N PHE F 436 -16.75 70.40 -5.01
CA PHE F 436 -15.37 70.31 -4.52
C PHE F 436 -15.29 70.91 -3.14
N VAL F 437 -14.46 70.30 -2.31
CA VAL F 437 -14.26 70.80 -0.95
C VAL F 437 -12.79 71.17 -0.95
N VAL F 438 -12.03 70.47 -1.79
CA VAL F 438 -10.60 70.70 -1.92
C VAL F 438 -10.24 70.40 -3.35
N ARG F 439 -9.91 71.44 -4.11
CA ARG F 439 -9.50 71.22 -5.50
C ARG F 439 -8.03 71.57 -5.63
N ASP F 440 -7.29 70.67 -6.26
CA ASP F 440 -5.86 70.86 -6.46
C ASP F 440 -5.15 71.30 -5.19
N LYS F 441 -5.25 70.45 -4.17
CA LYS F 441 -4.63 70.67 -2.87
C LYS F 441 -4.90 72.05 -2.30
N GLN F 442 -6.03 72.62 -2.66
CA GLN F 442 -6.39 73.94 -2.18
C GLN F 442 -7.85 73.95 -1.76
N PHE F 443 -8.11 74.46 -0.55
CA PHE F 443 -9.46 74.52 0.00
C PHE F 443 -10.43 75.44 -0.75
N VAL F 444 -11.63 74.94 -1.04
CA VAL F 444 -12.62 75.71 -1.77
C VAL F 444 -14.03 75.46 -1.23
N GLY F 445 -14.11 74.85 -0.06
CA GLY F 445 -15.41 74.57 0.52
C GLY F 445 -15.92 75.73 1.34
N LYS F 446 -17.03 75.52 2.04
CA LYS F 446 -17.60 76.56 2.87
C LYS F 446 -18.20 75.94 4.13
N PRO F 447 -17.77 76.39 5.32
CA PRO F 447 -18.34 75.79 6.53
C PRO F 447 -19.87 75.91 6.51
N GLY F 448 -20.54 74.78 6.73
CA GLY F 448 -21.99 74.76 6.72
C GLY F 448 -22.49 73.91 5.58
N TYR F 449 -21.65 73.67 4.58
CA TYR F 449 -22.02 72.86 3.43
C TYR F 449 -22.28 71.45 3.87
N GLY F 450 -21.49 70.99 4.85
CA GLY F 450 -21.65 69.66 5.39
C GLY F 450 -22.99 69.54 6.08
N GLN F 451 -23.68 68.42 5.87
CA GLN F 451 -24.98 68.24 6.48
C GLN F 451 -25.00 67.00 7.37
N TYR F 452 -25.86 67.05 8.39
CA TYR F 452 -26.01 65.95 9.32
C TYR F 452 -26.54 64.71 8.59
N LEU F 453 -26.22 63.53 9.12
CA LEU F 453 -26.67 62.30 8.49
C LEU F 453 -27.42 61.40 9.46
N LYS F 454 -28.67 61.09 9.12
CA LYS F 454 -29.46 60.17 9.92
C LYS F 454 -28.99 58.82 9.38
N ARG F 455 -28.68 57.86 10.24
CA ARG F 455 -28.16 56.58 9.77
C ARG F 455 -29.09 55.39 9.91
N ALA F 456 -28.91 54.42 9.01
CA ALA F 456 -29.71 53.19 9.00
C ALA F 456 -29.68 52.44 10.33
N LYS F 457 -30.75 51.67 10.56
CA LYS F 457 -30.92 50.92 11.78
C LYS F 457 -30.03 49.68 11.88
N TYR F 458 -28.87 49.71 11.26
CA TYR F 458 -27.98 48.54 11.30
C TYR F 458 -28.63 47.53 10.33
N GLY F 459 -29.46 48.09 9.44
CA GLY F 459 -30.16 47.33 8.41
C GLY F 459 -29.82 47.89 7.04
N THR F 460 -30.67 47.67 6.02
CA THR F 460 -30.39 48.17 4.65
C THR F 460 -30.09 49.69 4.54
N MET G 1 -26.46 0.06 -57.84
CA MET G 1 -26.29 1.55 -57.79
C MET G 1 -24.95 1.93 -57.14
N THR G 2 -23.99 2.29 -57.98
CA THR G 2 -22.63 2.68 -57.57
C THR G 2 -22.51 3.63 -56.38
N LYS G 3 -21.49 3.40 -55.55
CA LYS G 3 -21.23 4.23 -54.38
C LYS G 3 -19.73 4.46 -54.25
N ILE G 4 -19.35 5.50 -53.52
CA ILE G 4 -17.94 5.83 -53.30
C ILE G 4 -17.70 6.29 -51.87
N ILE G 5 -16.93 5.52 -51.12
CA ILE G 5 -16.61 5.90 -49.74
C ILE G 5 -15.23 6.57 -49.80
N LYS G 6 -15.23 7.89 -49.64
CA LYS G 6 -14.02 8.67 -49.72
C LYS G 6 -13.50 9.25 -48.40
N ASN G 7 -12.23 9.63 -48.43
CA ASN G 7 -11.55 10.25 -47.30
C ASN G 7 -11.43 9.41 -46.03
N GLY G 8 -11.53 8.09 -46.19
CA GLY G 8 -11.43 7.24 -45.02
C GLY G 8 -10.06 6.62 -44.93
N THR G 9 -9.72 6.08 -43.76
CA THR G 9 -8.44 5.43 -43.58
C THR G 9 -8.76 3.95 -43.62
N ILE G 10 -8.30 3.28 -44.67
CA ILE G 10 -8.53 1.87 -44.85
C ILE G 10 -7.60 1.04 -43.97
N VAL G 11 -8.19 0.08 -43.28
CA VAL G 11 -7.42 -0.78 -42.39
C VAL G 11 -7.79 -2.26 -42.57
N THR G 12 -6.95 -2.99 -43.28
CA THR G 12 -7.19 -4.41 -43.47
C THR G 12 -6.36 -5.13 -42.42
N ALA G 13 -6.29 -6.45 -42.54
CA ALA G 13 -5.52 -7.24 -41.59
C ALA G 13 -4.03 -6.97 -41.79
N THR G 14 -3.68 -6.32 -42.90
CA THR G 14 -2.28 -6.05 -43.19
C THR G 14 -2.01 -4.60 -43.50
N ASP G 15 -2.88 -4.00 -44.29
CA ASP G 15 -2.66 -2.62 -44.68
C ASP G 15 -3.41 -1.55 -43.90
N THR G 16 -2.89 -0.33 -44.00
CA THR G 16 -3.47 0.83 -43.34
C THR G 16 -3.09 1.97 -44.27
N TYR G 17 -4.05 2.45 -45.04
CA TYR G 17 -3.76 3.52 -45.98
C TYR G 17 -4.98 4.37 -46.20
N GLU G 18 -4.79 5.47 -46.92
CA GLU G 18 -5.90 6.37 -47.21
C GLU G 18 -6.23 6.28 -48.70
N ALA G 19 -7.52 6.08 -48.98
CA ALA G 19 -7.97 5.98 -50.35
C ALA G 19 -9.48 5.95 -50.36
N HIS G 20 -10.05 5.88 -51.55
CA HIS G 20 -11.49 5.82 -51.68
C HIS G 20 -11.85 4.47 -52.24
N LEU G 21 -13.04 4.01 -51.90
CA LEU G 21 -13.49 2.74 -52.39
C LEU G 21 -14.63 2.97 -53.34
N LEU G 22 -14.53 2.40 -54.54
CA LEU G 22 -15.61 2.51 -55.51
C LEU G 22 -16.36 1.18 -55.43
N ILE G 23 -17.57 1.21 -54.87
CA ILE G 23 -18.35 0.00 -54.75
C ILE G 23 -19.20 -0.14 -55.99
N LYS G 24 -19.27 -1.34 -56.55
CA LYS G 24 -20.04 -1.54 -57.76
C LYS G 24 -21.16 -2.56 -57.60
N ASP G 25 -20.91 -3.79 -58.05
CA ASP G 25 -21.92 -4.83 -57.95
C ASP G 25 -22.07 -5.39 -56.54
N GLY G 26 -22.09 -4.49 -55.56
CA GLY G 26 -22.20 -4.93 -54.19
C GLY G 26 -20.83 -5.42 -53.77
N LYS G 27 -19.87 -5.26 -54.66
CA LYS G 27 -18.50 -5.66 -54.41
C LYS G 27 -17.61 -4.44 -54.55
N ILE G 28 -16.35 -4.58 -54.15
CA ILE G 28 -15.40 -3.49 -54.27
C ILE G 28 -14.85 -3.52 -55.69
N ALA G 29 -15.18 -2.47 -56.45
CA ALA G 29 -14.77 -2.35 -57.85
C ALA G 29 -13.33 -1.86 -57.95
N MET G 30 -13.00 -0.81 -57.22
CA MET G 30 -11.64 -0.31 -57.24
C MET G 30 -11.30 0.60 -56.08
N ILE G 31 -10.00 0.67 -55.79
CA ILE G 31 -9.49 1.48 -54.70
C ILE G 31 -8.46 2.44 -55.25
N GLY G 32 -8.47 3.65 -54.71
CA GLY G 32 -7.54 4.66 -55.15
C GLY G 32 -7.96 5.97 -54.51
N GLN G 33 -7.29 7.05 -54.87
CA GLN G 33 -7.60 8.35 -54.30
C GLN G 33 -8.27 9.28 -55.30
N ASN G 34 -9.08 10.20 -54.78
CA ASN G 34 -9.81 11.15 -55.60
C ASN G 34 -10.59 10.44 -56.67
N LEU G 35 -11.36 9.44 -56.26
CA LEU G 35 -12.18 8.70 -57.20
C LEU G 35 -13.40 9.53 -57.57
N GLU G 36 -13.92 9.32 -58.77
CA GLU G 36 -15.09 10.04 -59.25
C GLU G 36 -15.86 9.22 -60.27
N GLU G 37 -17.17 9.42 -60.31
CA GLU G 37 -18.03 8.72 -61.25
C GLU G 37 -19.44 9.26 -61.10
N LYS G 38 -19.92 10.00 -62.12
CA LYS G 38 -21.26 10.59 -62.08
C LYS G 38 -22.25 9.56 -61.54
N GLY G 39 -23.00 9.98 -60.53
CA GLY G 39 -23.96 9.09 -59.90
C GLY G 39 -23.19 8.07 -59.09
N ALA G 40 -23.03 8.34 -57.79
CA ALA G 40 -22.28 7.43 -56.94
C ALA G 40 -22.64 7.59 -55.46
N GLU G 41 -23.54 8.53 -55.17
CA GLU G 41 -23.96 8.76 -53.79
C GLU G 41 -22.80 9.26 -52.91
N VAL G 42 -21.57 9.09 -53.37
CA VAL G 42 -20.37 9.53 -52.65
C VAL G 42 -20.53 9.72 -51.14
N ILE G 43 -20.11 8.72 -50.38
CA ILE G 43 -20.18 8.77 -48.92
C ILE G 43 -18.86 9.36 -48.40
N ASP G 44 -18.96 10.24 -47.41
CA ASP G 44 -17.76 10.85 -46.84
C ASP G 44 -17.34 10.17 -45.55
N ALA G 45 -16.09 9.71 -45.49
CA ALA G 45 -15.61 9.01 -44.29
C ALA G 45 -14.47 9.71 -43.54
N LYS G 46 -14.30 11.01 -43.79
CA LYS G 46 -13.23 11.78 -43.13
C LYS G 46 -13.16 11.42 -41.66
N GLY G 47 -11.94 11.39 -41.13
CA GLY G 47 -11.75 11.08 -39.72
C GLY G 47 -12.37 9.77 -39.26
N CYS G 48 -12.33 8.76 -40.13
CA CYS G 48 -12.88 7.45 -39.82
C CYS G 48 -12.04 6.34 -40.42
N TYR G 49 -12.15 5.16 -39.82
CA TYR G 49 -11.45 3.99 -40.33
C TYR G 49 -12.50 3.24 -41.14
N VAL G 50 -12.04 2.41 -42.07
CA VAL G 50 -12.95 1.63 -42.88
C VAL G 50 -12.44 0.20 -42.75
N PHE G 51 -13.16 -0.58 -41.95
CA PHE G 51 -12.80 -1.98 -41.70
C PHE G 51 -13.63 -2.95 -42.50
N PRO G 52 -13.10 -4.15 -42.68
CA PRO G 52 -13.86 -5.15 -43.41
C PRO G 52 -14.90 -5.54 -42.36
N GLY G 53 -16.17 -5.60 -42.72
CA GLY G 53 -17.18 -5.98 -41.76
C GLY G 53 -16.71 -7.11 -40.86
N GLY G 54 -17.12 -7.10 -39.61
CA GLY G 54 -16.70 -8.16 -38.72
C GLY G 54 -17.43 -9.47 -38.97
N ILE G 55 -16.82 -10.57 -38.57
CA ILE G 55 -17.44 -11.87 -38.75
C ILE G 55 -17.49 -12.59 -37.40
N ASP G 56 -18.70 -12.90 -36.94
CA ASP G 56 -18.88 -13.59 -35.66
C ASP G 56 -19.13 -15.07 -35.91
N PRO G 57 -18.11 -15.92 -35.70
CA PRO G 57 -18.26 -17.36 -35.91
C PRO G 57 -18.95 -18.09 -34.78
N HIS G 58 -19.32 -17.37 -33.72
CA HIS G 58 -19.94 -18.03 -32.59
C HIS G 58 -21.26 -17.39 -32.22
N THR G 59 -22.32 -17.86 -32.89
CA THR G 59 -23.66 -17.34 -32.69
C THR G 59 -24.72 -18.37 -32.35
N HIS G 60 -25.65 -18.00 -31.48
CA HIS G 60 -26.76 -18.86 -31.07
C HIS G 60 -27.98 -17.95 -31.04
N LEU G 61 -28.66 -17.81 -32.18
CA LEU G 61 -29.82 -16.92 -32.23
C LEU G 61 -31.18 -17.50 -31.85
N ASP G 62 -31.83 -18.22 -32.73
CA ASP G 62 -33.13 -18.77 -32.37
C ASP G 62 -32.98 -20.05 -31.56
N MET G 63 -31.79 -20.27 -31.01
CA MET G 63 -31.54 -21.49 -30.26
C MET G 63 -32.35 -21.54 -28.96
N PRO G 64 -32.83 -22.75 -28.60
CA PRO G 64 -33.63 -23.02 -27.39
C PRO G 64 -32.85 -23.68 -26.26
N LEU G 65 -32.66 -22.98 -25.14
CA LEU G 65 -31.92 -23.57 -24.02
C LEU G 65 -32.81 -23.70 -22.79
N GLY G 66 -33.71 -24.67 -22.88
CA GLY G 66 -34.65 -24.94 -21.80
C GLY G 66 -36.05 -24.95 -22.35
N GLY G 67 -37.02 -24.61 -21.50
CA GLY G 67 -38.40 -24.56 -21.94
C GLY G 67 -38.54 -23.22 -22.64
N THR G 68 -37.42 -22.48 -22.63
CA THR G 68 -37.34 -21.16 -23.22
C THR G 68 -36.38 -21.10 -24.41
N VAL G 69 -36.41 -19.96 -25.09
CA VAL G 69 -35.58 -19.71 -26.25
C VAL G 69 -34.89 -18.34 -26.14
N THR G 70 -33.75 -18.20 -26.80
CA THR G 70 -32.99 -16.96 -26.78
C THR G 70 -33.89 -15.77 -27.04
N LYS G 71 -33.72 -14.71 -26.24
CA LYS G 71 -34.54 -13.51 -26.41
C LYS G 71 -34.33 -12.92 -27.79
N ASP G 72 -33.09 -12.98 -28.29
CA ASP G 72 -32.79 -12.47 -29.62
C ASP G 72 -32.91 -13.58 -30.65
N ASP G 73 -33.73 -13.32 -31.69
CA ASP G 73 -33.92 -14.29 -32.77
C ASP G 73 -33.01 -13.86 -33.91
N PHE G 74 -33.09 -14.57 -35.03
CA PHE G 74 -32.24 -14.21 -36.16
C PHE G 74 -32.46 -12.79 -36.67
N GLU G 75 -33.61 -12.20 -36.37
CA GLU G 75 -33.86 -10.85 -36.86
C GLU G 75 -33.17 -9.79 -35.99
N SER G 76 -33.53 -9.77 -34.71
CA SER G 76 -32.98 -8.80 -33.77
C SER G 76 -31.47 -8.97 -33.69
N GLY G 77 -31.05 -10.23 -33.54
CA GLY G 77 -29.63 -10.53 -33.46
C GLY G 77 -28.84 -9.99 -34.64
N THR G 78 -29.42 -10.11 -35.83
CA THR G 78 -28.76 -9.65 -37.04
C THR G 78 -28.56 -8.16 -37.01
N ILE G 79 -29.63 -7.45 -36.62
CA ILE G 79 -29.57 -6.00 -36.53
C ILE G 79 -28.53 -5.60 -35.47
N ALA G 80 -28.61 -6.25 -34.31
CA ALA G 80 -27.66 -5.95 -33.24
C ALA G 80 -26.24 -6.05 -33.80
N ALA G 81 -25.88 -7.22 -34.32
CA ALA G 81 -24.54 -7.40 -34.88
C ALA G 81 -24.23 -6.33 -35.91
N ALA G 82 -25.24 -5.97 -36.71
CA ALA G 82 -25.06 -4.95 -37.73
C ALA G 82 -24.59 -3.64 -37.11
N PHE G 83 -25.24 -3.23 -36.01
CA PHE G 83 -24.85 -2.01 -35.33
C PHE G 83 -23.47 -2.19 -34.74
N GLY G 84 -23.19 -3.40 -34.26
CA GLY G 84 -21.90 -3.66 -33.66
C GLY G 84 -20.71 -3.72 -34.60
N GLY G 85 -20.96 -3.55 -35.89
CA GLY G 85 -19.87 -3.60 -36.86
C GLY G 85 -19.64 -4.98 -37.44
N THR G 86 -20.52 -5.92 -37.11
CA THR G 86 -20.44 -7.28 -37.62
C THR G 86 -21.42 -7.44 -38.79
N THR G 87 -20.92 -7.92 -39.93
CA THR G 87 -21.77 -8.07 -41.11
C THR G 87 -21.98 -9.51 -41.58
N THR G 88 -21.42 -10.47 -40.86
CA THR G 88 -21.54 -11.88 -41.22
C THR G 88 -21.47 -12.72 -39.96
N ILE G 89 -22.45 -13.60 -39.77
CA ILE G 89 -22.42 -14.47 -38.60
C ILE G 89 -22.50 -15.92 -39.02
N ILE G 90 -22.01 -16.81 -38.17
CA ILE G 90 -22.08 -18.23 -38.44
C ILE G 90 -22.70 -18.83 -37.18
N ASP G 91 -24.00 -19.11 -37.26
CA ASP G 91 -24.76 -19.69 -36.14
C ASP G 91 -24.62 -21.20 -36.08
N PHE G 92 -24.76 -21.75 -34.87
CA PHE G 92 -24.64 -23.19 -34.63
C PHE G 92 -25.96 -23.93 -34.78
N CYS G 93 -26.10 -24.63 -35.89
CA CYS G 93 -27.30 -25.42 -36.15
C CYS G 93 -27.25 -26.72 -35.32
N LEU G 94 -28.10 -26.79 -34.29
CA LEU G 94 -28.13 -27.94 -33.40
C LEU G 94 -28.76 -29.20 -34.00
N THR G 95 -28.31 -30.34 -33.49
CA THR G 95 -28.75 -31.65 -33.99
C THR G 95 -29.26 -32.59 -32.90
N ASN G 96 -30.22 -33.44 -33.27
CA ASN G 96 -30.80 -34.44 -32.35
C ASN G 96 -30.41 -35.83 -32.83
N LYS G 97 -30.15 -36.73 -31.90
CA LYS G 97 -29.76 -38.09 -32.24
C LYS G 97 -30.86 -38.86 -32.98
N GLY G 98 -30.45 -39.80 -33.83
CA GLY G 98 -31.40 -40.58 -34.58
C GLY G 98 -32.10 -39.82 -35.69
N GLU G 99 -32.22 -38.51 -35.51
CA GLU G 99 -32.87 -37.64 -36.47
C GLU G 99 -31.91 -37.21 -37.59
N PRO G 100 -32.32 -37.31 -38.86
CA PRO G 100 -31.51 -36.94 -40.02
C PRO G 100 -31.02 -35.50 -40.01
N LEU G 101 -29.72 -35.33 -40.26
CA LEU G 101 -29.08 -34.00 -40.25
C LEU G 101 -29.74 -32.94 -41.12
N LYS G 102 -30.24 -33.31 -42.28
CA LYS G 102 -30.85 -32.33 -43.17
C LYS G 102 -32.15 -31.80 -42.60
N LYS G 103 -32.66 -32.49 -41.59
CA LYS G 103 -33.89 -32.07 -40.91
C LYS G 103 -33.54 -30.77 -40.19
N ALA G 104 -32.57 -30.87 -39.29
CA ALA G 104 -32.10 -29.73 -38.52
C ALA G 104 -31.65 -28.59 -39.43
N ILE G 105 -30.83 -28.89 -40.42
CA ILE G 105 -30.35 -27.86 -41.33
C ILE G 105 -31.47 -27.00 -41.94
N GLU G 106 -32.59 -27.62 -42.24
CA GLU G 106 -33.71 -26.87 -42.80
C GLU G 106 -34.42 -26.10 -41.71
N THR G 107 -34.49 -26.68 -40.51
CA THR G 107 -35.14 -26.02 -39.38
C THR G 107 -34.43 -24.69 -39.20
N TRP G 108 -33.10 -24.74 -39.26
CA TRP G 108 -32.28 -23.55 -39.10
C TRP G 108 -32.48 -22.60 -40.25
N HIS G 109 -32.45 -23.12 -41.47
CA HIS G 109 -32.67 -22.25 -42.63
C HIS G 109 -33.97 -21.48 -42.45
N ASN G 110 -34.94 -22.09 -41.81
CA ASN G 110 -36.21 -21.41 -41.57
C ASN G 110 -36.04 -20.30 -40.57
N LYS G 111 -35.36 -20.60 -39.47
CA LYS G 111 -35.09 -19.62 -38.41
C LYS G 111 -34.49 -18.33 -39.00
N ALA G 112 -33.58 -18.52 -39.95
CA ALA G 112 -32.89 -17.40 -40.59
C ALA G 112 -33.65 -16.79 -41.76
N ASN G 113 -34.23 -17.65 -42.60
CA ASN G 113 -34.98 -17.24 -43.78
C ASN G 113 -35.75 -15.93 -43.70
N GLY G 114 -35.36 -14.98 -44.54
CA GLY G 114 -36.03 -13.69 -44.60
C GLY G 114 -36.00 -12.79 -43.38
N LYS G 115 -35.21 -13.15 -42.37
CA LYS G 115 -35.12 -12.33 -41.16
C LYS G 115 -33.73 -11.74 -40.99
N ALA G 116 -32.75 -12.32 -41.67
CA ALA G 116 -31.40 -11.82 -41.56
C ALA G 116 -31.24 -10.48 -42.24
N VAL G 117 -30.57 -9.55 -41.55
CA VAL G 117 -30.32 -8.22 -42.09
C VAL G 117 -28.94 -8.22 -42.78
N ILE G 118 -28.09 -9.16 -42.35
CA ILE G 118 -26.74 -9.35 -42.91
C ILE G 118 -26.57 -10.83 -43.27
N ASP G 119 -25.46 -11.17 -43.91
CA ASP G 119 -25.24 -12.56 -44.32
C ASP G 119 -24.91 -13.50 -43.16
N TYR G 120 -25.11 -14.78 -43.39
CA TYR G 120 -24.87 -15.79 -42.36
C TYR G 120 -24.60 -17.18 -42.93
N GLY G 121 -24.13 -18.07 -42.06
CA GLY G 121 -23.82 -19.44 -42.43
C GLY G 121 -24.11 -20.31 -41.22
N PHE G 122 -23.83 -21.60 -41.31
CA PHE G 122 -24.11 -22.48 -40.18
C PHE G 122 -22.98 -23.42 -39.87
N HIS G 123 -23.03 -23.93 -38.65
CA HIS G 123 -22.10 -24.92 -38.15
C HIS G 123 -23.05 -26.08 -37.89
N LEU G 124 -22.62 -27.30 -38.14
CA LEU G 124 -23.50 -28.41 -37.88
C LEU G 124 -23.07 -29.11 -36.60
N MET G 125 -24.00 -29.24 -35.66
CA MET G 125 -23.70 -29.92 -34.40
C MET G 125 -23.66 -31.43 -34.62
N ILE G 126 -22.80 -32.11 -33.89
CA ILE G 126 -22.69 -33.55 -34.00
C ILE G 126 -22.65 -34.17 -32.62
N SER G 127 -23.63 -35.04 -32.35
CA SER G 127 -23.77 -35.72 -31.06
C SER G 127 -23.53 -37.22 -31.19
N GLU G 128 -23.38 -37.68 -32.43
CA GLU G 128 -23.17 -39.08 -32.71
C GLU G 128 -22.76 -39.29 -34.15
N ILE G 129 -21.96 -40.33 -34.38
CA ILE G 129 -21.52 -40.68 -35.73
C ILE G 129 -22.18 -42.01 -36.15
N THR G 130 -23.25 -41.91 -36.94
CA THR G 130 -23.99 -43.05 -37.42
C THR G 130 -23.65 -43.28 -38.87
N ASP G 131 -23.93 -44.48 -39.38
CA ASP G 131 -23.67 -44.77 -40.77
C ASP G 131 -24.48 -43.77 -41.57
N ASP G 132 -25.65 -43.43 -41.04
CA ASP G 132 -26.54 -42.47 -41.69
C ASP G 132 -25.89 -41.11 -41.71
N VAL G 133 -25.23 -40.78 -40.61
CA VAL G 133 -24.54 -39.50 -40.49
C VAL G 133 -23.40 -39.46 -41.50
N LEU G 134 -22.59 -40.51 -41.52
CA LEU G 134 -21.46 -40.59 -42.44
C LEU G 134 -21.89 -40.42 -43.89
N GLU G 135 -23.11 -40.81 -44.21
CA GLU G 135 -23.63 -40.69 -45.56
C GLU G 135 -24.05 -39.27 -45.90
N GLU G 136 -24.58 -38.57 -44.91
CA GLU G 136 -25.02 -37.19 -45.10
C GLU G 136 -23.89 -36.17 -45.14
N LEU G 137 -22.95 -36.28 -44.20
CA LEU G 137 -21.83 -35.37 -44.12
C LEU G 137 -21.33 -34.90 -45.47
N PRO G 138 -20.89 -35.84 -46.34
CA PRO G 138 -20.39 -35.45 -47.66
C PRO G 138 -21.37 -34.59 -48.42
N LYS G 139 -22.66 -34.90 -48.27
CA LYS G 139 -23.70 -34.14 -48.94
C LYS G 139 -23.80 -32.77 -48.26
N VAL G 140 -23.72 -32.79 -46.93
CA VAL G 140 -23.79 -31.60 -46.12
C VAL G 140 -22.70 -30.63 -46.53
N LEU G 141 -21.61 -31.15 -47.08
CA LEU G 141 -20.53 -30.29 -47.52
C LEU G 141 -20.84 -29.65 -48.86
N GLU G 142 -21.13 -30.48 -49.88
CA GLU G 142 -21.44 -29.99 -51.22
C GLU G 142 -22.73 -29.19 -51.27
N GLU G 143 -23.84 -29.81 -50.89
CA GLU G 143 -25.11 -29.10 -50.87
C GLU G 143 -25.13 -28.53 -49.46
N GLU G 144 -25.26 -27.21 -49.35
CA GLU G 144 -25.23 -26.52 -48.05
C GLU G 144 -23.74 -26.36 -47.74
N GLY G 145 -23.25 -25.12 -47.77
CA GLY G 145 -21.84 -24.94 -47.50
C GLY G 145 -21.45 -25.11 -46.06
N ILE G 146 -21.89 -26.19 -45.42
CA ILE G 146 -21.55 -26.44 -44.02
C ILE G 146 -20.25 -27.23 -43.96
N THR G 147 -19.14 -26.53 -43.77
CA THR G 147 -17.83 -27.18 -43.72
C THR G 147 -17.17 -27.15 -42.35
N SER G 148 -17.96 -26.85 -41.33
CA SER G 148 -17.45 -26.82 -39.96
C SER G 148 -18.42 -27.59 -39.09
N LEU G 149 -18.13 -28.71 -38.63
CA LEU G 149 -18.80 -29.62 -37.71
C LEU G 149 -18.39 -29.32 -36.25
N VAL G 151 -18.55 -29.97 -31.67
CA VAL G 151 -18.78 -31.08 -30.69
C VAL G 151 -18.69 -30.63 -29.24
N PHE G 152 -19.69 -30.98 -28.41
CA PHE G 152 -19.65 -30.58 -27.01
C PHE G 152 -19.03 -31.66 -26.16
N MET G 153 -18.00 -31.30 -25.41
CA MET G 153 -17.35 -32.27 -24.55
C MET G 153 -17.99 -32.16 -23.18
N ALA G 154 -18.82 -31.14 -23.02
CA ALA G 154 -19.52 -30.93 -21.76
C ALA G 154 -21.02 -30.97 -22.04
N TYR G 155 -21.81 -30.60 -21.05
CA TYR G 155 -23.26 -30.60 -21.17
C TYR G 155 -23.76 -32.05 -21.28
N LYS G 156 -23.33 -32.87 -20.33
CA LYS G 156 -23.71 -34.28 -20.27
C LYS G 156 -25.23 -34.43 -20.46
N ASN G 157 -25.62 -35.50 -21.17
CA ASN G 157 -27.02 -35.82 -21.44
C ASN G 157 -27.78 -34.67 -22.12
N VAL G 158 -27.08 -33.85 -22.90
CA VAL G 158 -27.74 -32.74 -23.57
C VAL G 158 -27.09 -32.42 -24.91
N PHE G 159 -25.76 -32.53 -24.98
CA PHE G 159 -25.03 -32.25 -26.21
C PHE G 159 -23.78 -33.09 -26.26
N GLN G 160 -23.30 -33.43 -25.07
CA GLN G 160 -22.07 -34.19 -24.89
C GLN G 160 -21.85 -35.40 -25.80
N ALA G 161 -20.58 -35.68 -26.12
CA ALA G 161 -20.21 -36.80 -26.98
C ALA G 161 -18.94 -37.43 -26.42
N ASP G 162 -18.84 -38.76 -26.48
CA ASP G 162 -17.66 -39.43 -25.98
C ASP G 162 -16.48 -39.19 -26.91
N ASP G 163 -15.29 -39.49 -26.44
CA ASP G 163 -14.09 -39.26 -27.23
C ASP G 163 -14.12 -40.04 -28.53
N GLY G 164 -14.86 -41.14 -28.53
CA GLY G 164 -14.98 -41.94 -29.73
C GLY G 164 -15.72 -41.13 -30.77
N THR G 165 -16.79 -40.47 -30.34
CA THR G 165 -17.56 -39.69 -31.29
C THR G 165 -16.69 -38.54 -31.76
N LEU G 166 -15.97 -37.93 -30.84
CA LEU G 166 -15.09 -36.81 -31.17
C LEU G 166 -14.02 -37.29 -32.14
N TYR G 167 -13.39 -38.40 -31.80
CA TYR G 167 -12.33 -38.94 -32.63
C TYR G 167 -12.78 -39.26 -34.06
N CYS G 168 -13.88 -40.00 -34.22
CA CYS G 168 -14.35 -40.35 -35.56
C CYS G 168 -14.77 -39.09 -36.31
N THR G 169 -15.23 -38.07 -35.60
CA THR G 169 -15.62 -36.82 -36.24
C THR G 169 -14.37 -36.17 -36.80
N LEU G 170 -13.31 -36.17 -36.01
CA LEU G 170 -12.06 -35.61 -36.47
C LEU G 170 -11.63 -36.28 -37.76
N LEU G 171 -11.72 -37.61 -37.81
CA LEU G 171 -11.34 -38.35 -39.02
C LEU G 171 -12.24 -37.96 -40.19
N ALA G 172 -13.54 -38.12 -39.97
CA ALA G 172 -14.49 -37.78 -41.00
C ALA G 172 -14.14 -36.41 -41.53
N ALA G 173 -13.91 -35.48 -40.60
CA ALA G 173 -13.57 -34.10 -40.93
C ALA G 173 -12.32 -34.01 -41.79
N LYS G 174 -11.24 -34.66 -41.36
CA LYS G 174 -9.99 -34.62 -42.10
C LYS G 174 -10.24 -35.12 -43.51
N GLU G 175 -10.98 -36.21 -43.58
CA GLU G 175 -11.33 -36.87 -44.83
C GLU G 175 -12.19 -35.97 -45.73
N LEU G 176 -13.34 -35.56 -45.22
CA LEU G 176 -14.25 -34.72 -45.98
C LEU G 176 -13.80 -33.29 -46.22
N GLY G 177 -12.88 -32.79 -45.39
CA GLY G 177 -12.41 -31.42 -45.54
C GLY G 177 -13.25 -30.43 -44.75
N ALA G 178 -13.43 -30.72 -43.46
CA ALA G 178 -14.19 -29.86 -42.56
C ALA G 178 -13.35 -29.55 -41.34
N LEU G 179 -13.77 -28.53 -40.60
CA LEU G 179 -13.04 -28.13 -39.41
C LEU G 179 -13.86 -28.54 -38.21
N VAL G 180 -13.23 -29.26 -37.29
CA VAL G 180 -13.93 -29.69 -36.09
C VAL G 180 -13.85 -28.61 -35.03
N MET G 181 -14.99 -28.18 -34.53
CA MET G 181 -15.02 -27.18 -33.49
C MET G 181 -15.33 -27.92 -32.18
N VAL G 182 -14.84 -27.43 -31.06
CA VAL G 182 -15.06 -28.11 -29.80
C VAL G 182 -15.34 -27.22 -28.60
N HIS G 183 -16.31 -27.62 -27.78
CA HIS G 183 -16.61 -26.89 -26.54
C HIS G 183 -15.85 -27.74 -25.54
N ALA G 184 -14.63 -27.34 -25.19
CA ALA G 184 -13.78 -28.11 -24.30
C ALA G 184 -13.90 -27.97 -22.79
N GLU G 185 -14.79 -28.74 -22.18
CA GLU G 185 -14.98 -28.74 -20.74
C GLU G 185 -15.29 -30.18 -20.39
N ASN G 186 -14.70 -30.68 -19.31
CA ASN G 186 -14.95 -32.06 -18.91
C ASN G 186 -16.36 -32.25 -18.29
N GLY G 187 -17.33 -32.50 -19.16
CA GLY G 187 -18.70 -32.68 -18.72
C GLY G 187 -18.92 -33.68 -17.61
N ASP G 188 -18.31 -34.86 -17.67
CA ASP G 188 -18.52 -35.87 -16.63
C ASP G 188 -18.15 -35.39 -15.23
N VAL G 189 -17.05 -34.65 -15.11
CA VAL G 189 -16.64 -34.17 -13.79
C VAL G 189 -17.51 -33.00 -13.39
N ILE G 190 -17.69 -32.05 -14.29
CA ILE G 190 -18.52 -30.90 -13.99
C ILE G 190 -19.84 -31.40 -13.44
N ASP G 191 -20.29 -32.52 -13.99
CA ASP G 191 -21.56 -33.11 -13.59
C ASP G 191 -21.61 -33.50 -12.12
N TYR G 192 -20.66 -34.31 -11.67
CA TYR G 192 -20.65 -34.70 -10.26
C TYR G 192 -20.56 -33.47 -9.39
N LEU G 193 -19.67 -32.55 -9.75
CA LEU G 193 -19.49 -31.31 -9.00
C LEU G 193 -20.80 -30.57 -8.88
N THR G 194 -21.51 -30.47 -10.00
CA THR G 194 -22.80 -29.79 -10.03
C THR G 194 -23.78 -30.45 -9.07
N LYS G 195 -23.95 -31.76 -9.24
CA LYS G 195 -24.85 -32.49 -8.37
C LYS G 195 -24.50 -32.29 -6.90
N LYS G 196 -23.24 -32.48 -6.55
CA LYS G 196 -22.84 -32.31 -5.16
C LYS G 196 -23.11 -30.89 -4.65
N ALA G 197 -22.78 -29.90 -5.47
CA ALA G 197 -22.99 -28.50 -5.08
C ALA G 197 -24.42 -28.34 -4.60
N LEU G 198 -25.37 -28.77 -5.44
CA LEU G 198 -26.78 -28.69 -5.11
C LEU G 198 -27.07 -29.49 -3.83
N ALA G 199 -26.57 -30.72 -3.78
CA ALA G 199 -26.76 -31.59 -2.63
C ALA G 199 -26.31 -30.92 -1.33
N ASP G 200 -25.48 -29.89 -1.42
CA ASP G 200 -25.01 -29.21 -0.23
C ASP G 200 -25.63 -27.84 -0.08
N GLY G 201 -26.66 -27.56 -0.87
CA GLY G 201 -27.32 -26.27 -0.77
C GLY G 201 -26.67 -25.10 -1.49
N ASN G 202 -25.55 -25.32 -2.16
CA ASN G 202 -24.89 -24.23 -2.89
C ASN G 202 -25.64 -24.05 -4.20
N THR G 203 -26.51 -23.06 -4.26
CA THR G 203 -27.32 -22.85 -5.45
C THR G 203 -27.12 -21.51 -6.14
N ASP G 204 -26.45 -20.58 -5.45
CA ASP G 204 -26.22 -19.26 -6.02
C ASP G 204 -25.50 -19.28 -7.35
N PRO G 205 -25.67 -18.22 -8.14
CA PRO G 205 -25.03 -18.14 -9.45
C PRO G 205 -23.54 -18.43 -9.43
N ILE G 206 -22.86 -18.06 -8.37
CA ILE G 206 -21.43 -18.30 -8.32
C ILE G 206 -21.01 -19.75 -8.38
N TYR G 207 -21.84 -20.64 -7.88
CA TYR G 207 -21.48 -22.06 -7.90
C TYR G 207 -21.48 -22.59 -9.32
N HIS G 208 -22.00 -21.80 -10.24
CA HIS G 208 -22.01 -22.20 -11.62
C HIS G 208 -20.56 -22.23 -12.05
N ALA G 209 -19.79 -21.26 -11.56
CA ALA G 209 -18.37 -21.15 -11.88
C ALA G 209 -17.53 -22.13 -11.07
N LEU G 210 -17.72 -22.13 -9.75
CA LEU G 210 -16.95 -23.01 -8.87
C LEU G 210 -17.19 -24.47 -9.18
N THR G 211 -18.38 -24.76 -9.72
CA THR G 211 -18.78 -26.11 -10.07
C THR G 211 -18.00 -26.63 -11.29
N ARG G 212 -17.31 -25.73 -11.99
CA ARG G 212 -16.52 -26.08 -13.16
C ARG G 212 -15.19 -25.33 -13.27
N PRO G 213 -14.20 -25.75 -12.46
CA PRO G 213 -12.84 -25.19 -12.40
C PRO G 213 -12.07 -25.24 -13.72
N PRO G 214 -11.21 -24.24 -13.97
CA PRO G 214 -10.43 -24.16 -15.21
C PRO G 214 -9.62 -25.41 -15.49
N GLU G 215 -9.34 -26.21 -14.47
CA GLU G 215 -8.58 -27.44 -14.67
C GLU G 215 -9.35 -28.33 -15.63
N LEU G 216 -10.66 -28.30 -15.49
CA LEU G 216 -11.51 -29.10 -16.35
C LEU G 216 -11.57 -28.54 -17.76
N GLU G 217 -11.33 -27.25 -17.95
CA GLU G 217 -11.35 -26.69 -19.31
C GLU G 217 -10.03 -27.06 -19.99
N GLY G 218 -8.96 -26.98 -19.22
CA GLY G 218 -7.65 -27.31 -19.74
C GLY G 218 -7.61 -28.78 -20.08
N GLU G 219 -8.05 -29.60 -19.14
CA GLU G 219 -8.06 -31.05 -19.35
C GLU G 219 -8.76 -31.36 -20.68
N ALA G 220 -10.00 -30.93 -20.80
CA ALA G 220 -10.79 -31.16 -21.99
C ALA G 220 -10.04 -30.69 -23.23
N THR G 221 -9.58 -29.44 -23.20
CA THR G 221 -8.84 -28.87 -24.32
C THR G 221 -7.67 -29.78 -24.73
N GLY G 222 -7.02 -30.38 -23.75
CA GLY G 222 -5.91 -31.25 -24.04
C GLY G 222 -6.33 -32.48 -24.83
N ARG G 223 -7.40 -33.14 -24.39
CA ARG G 223 -7.87 -34.33 -25.08
C ARG G 223 -8.17 -33.99 -26.54
N ALA G 224 -8.99 -32.95 -26.72
CA ALA G 224 -9.35 -32.52 -28.05
C ALA G 224 -8.10 -32.45 -28.89
N CYS G 225 -7.07 -31.82 -28.34
CA CYS G 225 -5.79 -31.68 -29.06
C CYS G 225 -5.13 -33.01 -29.32
N GLN G 226 -4.83 -33.75 -28.26
CA GLN G 226 -4.18 -35.06 -28.40
C GLN G 226 -4.92 -35.91 -29.43
N LEU G 227 -6.25 -35.93 -29.34
CA LEU G 227 -7.03 -36.69 -30.31
C LEU G 227 -6.87 -36.08 -31.70
N THR G 228 -6.96 -34.76 -31.80
CA THR G 228 -6.82 -34.12 -33.10
C THR G 228 -5.49 -34.51 -33.72
N GLU G 229 -4.49 -34.69 -32.87
CA GLU G 229 -3.18 -35.10 -33.33
C GLU G 229 -3.27 -36.52 -33.88
N LEU G 230 -3.71 -37.46 -33.05
CA LEU G 230 -3.85 -38.85 -33.46
C LEU G 230 -4.57 -38.95 -34.79
N ALA G 231 -5.69 -38.26 -34.92
CA ALA G 231 -6.47 -38.27 -36.14
C ALA G 231 -5.78 -37.55 -37.28
N GLY G 232 -4.88 -36.64 -36.93
CA GLY G 232 -4.20 -35.87 -37.95
C GLY G 232 -5.10 -34.86 -38.66
N SER G 233 -6.17 -34.38 -38.02
CA SER G 233 -7.06 -33.41 -38.66
C SER G 233 -6.88 -31.98 -38.15
N GLN G 234 -7.96 -31.21 -38.12
CA GLN G 234 -7.91 -29.84 -37.64
C GLN G 234 -8.91 -29.52 -36.52
N LEU G 235 -8.44 -28.82 -35.50
CA LEU G 235 -9.28 -28.44 -34.37
C LEU G 235 -9.44 -26.92 -34.26
N TYR G 236 -10.52 -26.51 -33.63
CA TYR G 236 -10.80 -25.10 -33.39
C TYR G 236 -11.51 -25.05 -32.04
N VAL G 237 -10.78 -24.70 -30.99
CA VAL G 237 -11.35 -24.63 -29.65
C VAL G 237 -12.14 -23.36 -29.47
N VAL G 238 -13.43 -23.46 -29.20
CA VAL G 238 -14.25 -22.27 -29.04
C VAL G 238 -14.11 -21.74 -27.63
N HIS G 239 -14.39 -20.46 -27.49
CA HIS G 239 -14.29 -19.73 -26.22
C HIS G 239 -13.25 -20.24 -25.24
N VAL G 240 -11.98 -19.96 -25.54
CA VAL G 240 -10.89 -20.33 -24.65
C VAL G 240 -10.99 -19.33 -23.50
N THR G 241 -11.04 -19.87 -22.29
CA THR G 241 -11.25 -19.06 -21.11
C THR G 241 -10.11 -18.91 -20.11
N CYS G 242 -9.58 -20.03 -19.64
CA CYS G 242 -8.53 -20.01 -18.64
C CYS G 242 -7.14 -20.12 -19.26
N ALA G 243 -6.13 -19.96 -18.42
CA ALA G 243 -4.75 -20.08 -18.84
C ALA G 243 -4.47 -21.50 -19.24
N GLN G 244 -4.87 -22.45 -18.40
CA GLN G 244 -4.67 -23.88 -18.66
C GLN G 244 -5.05 -24.29 -20.08
N ALA G 245 -6.18 -23.77 -20.55
CA ALA G 245 -6.64 -24.04 -21.90
C ALA G 245 -5.67 -23.41 -22.90
N VAL G 246 -5.36 -22.14 -22.71
CA VAL G 246 -4.44 -21.44 -23.61
C VAL G 246 -3.15 -22.23 -23.73
N GLU G 247 -2.68 -22.75 -22.61
CA GLU G 247 -1.45 -23.51 -22.60
C GLU G 247 -1.51 -24.73 -23.51
N LYS G 248 -2.57 -25.53 -23.35
CA LYS G 248 -2.74 -26.74 -24.16
C LYS G 248 -2.71 -26.39 -25.63
N ILE G 249 -3.47 -25.37 -25.99
CA ILE G 249 -3.51 -24.93 -27.38
C ILE G 249 -2.13 -24.46 -27.84
N ALA G 250 -1.35 -23.85 -26.94
CA ALA G 250 -0.03 -23.39 -27.29
C ALA G 250 0.86 -24.58 -27.62
N GLU G 251 0.85 -25.57 -26.75
CA GLU G 251 1.65 -26.77 -26.98
C GLU G 251 1.31 -27.38 -28.33
N ALA G 252 0.02 -27.52 -28.58
CA ALA G 252 -0.46 -28.11 -29.83
C ALA G 252 0.17 -27.42 -31.03
N ARG G 253 -0.04 -26.12 -31.14
CA ARG G 253 0.49 -25.36 -32.25
C ARG G 253 2.00 -25.41 -32.34
N ASN G 254 2.66 -25.65 -31.21
CA ASN G 254 4.12 -25.75 -31.19
C ASN G 254 4.53 -27.01 -31.93
N LYS G 255 3.78 -28.09 -31.72
CA LYS G 255 4.05 -29.39 -32.37
C LYS G 255 3.65 -29.37 -33.83
N GLY G 256 3.23 -28.22 -34.32
CA GLY G 256 2.84 -28.14 -35.71
C GLY G 256 1.41 -28.61 -35.94
N LEU G 257 0.76 -29.07 -34.87
CA LEU G 257 -0.61 -29.54 -34.98
C LEU G 257 -1.47 -28.40 -35.50
N ASP G 258 -2.51 -28.74 -36.25
CA ASP G 258 -3.40 -27.75 -36.85
C ASP G 258 -4.53 -27.42 -35.90
N VAL G 259 -4.20 -26.76 -34.79
CA VAL G 259 -5.19 -26.40 -33.78
C VAL G 259 -5.42 -24.87 -33.75
N TRP G 260 -6.64 -24.45 -33.44
CA TRP G 260 -6.92 -23.02 -33.36
C TRP G 260 -7.71 -22.73 -32.10
N GLY G 261 -7.53 -21.50 -31.59
CA GLY G 261 -8.22 -21.07 -30.40
C GLY G 261 -8.99 -19.78 -30.61
N GLU G 262 -10.11 -19.66 -29.91
CA GLU G 262 -10.98 -18.51 -30.02
C GLU G 262 -11.37 -18.08 -28.62
N THR G 263 -11.65 -16.79 -28.44
CA THR G 263 -12.08 -16.26 -27.15
C THR G 263 -13.22 -15.31 -27.39
N CYS G 264 -13.74 -14.78 -26.31
CA CYS G 264 -14.86 -13.87 -26.41
C CYS G 264 -14.61 -12.73 -25.43
N PRO G 265 -15.06 -11.52 -25.80
CA PRO G 265 -14.89 -10.32 -24.97
C PRO G 265 -15.15 -10.54 -23.48
N GLN G 266 -16.30 -11.11 -23.14
CA GLN G 266 -16.66 -11.36 -21.75
C GLN G 266 -15.57 -12.04 -20.92
N TYR G 267 -14.72 -12.82 -21.58
CA TYR G 267 -13.64 -13.51 -20.87
C TYR G 267 -12.39 -12.65 -20.84
N LEU G 268 -12.39 -11.63 -21.69
CA LEU G 268 -11.29 -10.72 -21.84
C LEU G 268 -11.43 -9.51 -20.90
N VAL G 269 -12.68 -9.14 -20.63
CA VAL G 269 -12.97 -8.00 -19.80
C VAL G 269 -13.64 -8.28 -18.45
N LEU G 270 -14.61 -9.19 -18.41
CA LEU G 270 -15.31 -9.53 -17.16
C LEU G 270 -14.59 -10.65 -16.44
N ASP G 271 -15.00 -10.93 -15.21
CA ASP G 271 -14.38 -11.98 -14.42
C ASP G 271 -15.32 -12.59 -13.38
N GLN G 272 -14.85 -13.65 -12.75
CA GLN G 272 -15.62 -14.41 -11.76
C GLN G 272 -16.40 -13.62 -10.73
N SER G 273 -15.84 -12.54 -10.23
CA SER G 273 -16.53 -11.75 -9.22
C SER G 273 -17.95 -11.36 -9.62
N TYR G 274 -18.15 -11.00 -10.88
CA TYR G 274 -19.47 -10.60 -11.33
C TYR G 274 -20.56 -11.60 -11.01
N LEU G 275 -20.17 -12.84 -10.74
CA LEU G 275 -21.15 -13.87 -10.42
C LEU G 275 -21.61 -13.80 -8.97
N GLU G 276 -20.90 -13.05 -8.14
CA GLU G 276 -21.25 -12.91 -6.74
C GLU G 276 -22.07 -11.65 -6.57
N LYS G 277 -21.81 -10.69 -7.43
CA LYS G 277 -22.52 -9.43 -7.38
C LYS G 277 -23.98 -9.61 -7.72
N PRO G 278 -24.89 -9.74 -6.72
CA PRO G 278 -25.40 -9.85 -5.35
C PRO G 278 -26.90 -10.09 -5.57
N ASN G 279 -27.65 -10.48 -4.56
CA ASN G 279 -29.07 -10.75 -4.81
C ASN G 279 -29.15 -11.90 -5.83
N PHE G 280 -29.44 -11.57 -7.09
CA PHE G 280 -29.48 -12.59 -8.11
C PHE G 280 -28.81 -12.08 -9.36
N GLU G 281 -28.32 -10.85 -9.29
CA GLU G 281 -27.64 -10.22 -10.40
C GLU G 281 -26.61 -11.14 -11.04
N GLY G 282 -26.06 -12.02 -10.22
CA GLY G 282 -25.04 -12.94 -10.72
C GLY G 282 -25.45 -13.63 -11.99
N ALA G 283 -26.65 -14.17 -11.99
CA ALA G 283 -27.22 -14.88 -13.14
C ALA G 283 -27.03 -14.16 -14.47
N LYS G 284 -26.87 -12.83 -14.44
CA LYS G 284 -26.67 -12.08 -15.67
C LYS G 284 -25.38 -12.50 -16.37
N TYR G 285 -24.43 -13.03 -15.58
CA TYR G 285 -23.14 -13.45 -16.09
C TYR G 285 -22.93 -14.96 -16.18
N VAL G 286 -24.02 -15.71 -16.11
CA VAL G 286 -23.94 -17.17 -16.17
C VAL G 286 -23.90 -17.70 -17.60
N TRP G 287 -22.77 -18.30 -17.95
CA TRP G 287 -22.52 -18.88 -19.26
C TRP G 287 -21.34 -19.82 -19.13
N SER G 288 -21.18 -20.75 -20.07
CA SER G 288 -20.08 -21.70 -20.01
C SER G 288 -19.13 -21.61 -21.19
N PRO G 289 -17.81 -21.70 -20.95
CA PRO G 289 -17.22 -21.88 -19.62
C PRO G 289 -17.48 -20.65 -18.77
N PRO G 290 -17.43 -20.79 -17.44
CA PRO G 290 -17.66 -19.68 -16.51
C PRO G 290 -16.54 -18.64 -16.49
N LEU G 291 -16.88 -17.42 -16.08
CA LEU G 291 -15.88 -16.36 -15.98
C LEU G 291 -14.85 -16.84 -14.96
N ARG G 292 -13.57 -16.58 -15.23
CA ARG G 292 -12.50 -17.01 -14.34
C ARG G 292 -11.99 -15.84 -13.52
N GLU G 293 -10.91 -16.10 -12.79
CA GLU G 293 -10.32 -15.07 -11.95
C GLU G 293 -9.64 -14.04 -12.84
N LYS G 294 -9.84 -12.77 -12.50
CA LYS G 294 -9.28 -11.64 -13.23
C LYS G 294 -7.90 -11.89 -13.87
N TRP G 295 -7.02 -12.61 -13.18
CA TRP G 295 -5.68 -12.84 -13.69
C TRP G 295 -5.52 -13.60 -15.00
N HIS G 296 -6.52 -14.36 -15.40
CA HIS G 296 -6.44 -15.11 -16.64
C HIS G 296 -6.49 -14.17 -17.84
N GLN G 297 -7.20 -13.06 -17.66
CA GLN G 297 -7.35 -12.07 -18.72
C GLN G 297 -6.04 -11.69 -19.38
N GLU G 298 -4.97 -11.61 -18.60
CA GLU G 298 -3.68 -11.26 -19.16
C GLU G 298 -3.28 -12.33 -20.14
N VAL G 299 -3.25 -13.56 -19.64
CA VAL G 299 -2.87 -14.70 -20.45
C VAL G 299 -3.62 -14.67 -21.76
N LEU G 300 -4.92 -14.41 -21.69
CA LEU G 300 -5.70 -14.36 -22.91
C LEU G 300 -5.14 -13.29 -23.83
N TRP G 301 -5.08 -12.05 -23.35
CA TRP G 301 -4.54 -10.96 -24.16
C TRP G 301 -3.18 -11.30 -24.77
N ASN G 302 -2.26 -11.86 -23.99
CA ASN G 302 -0.95 -12.21 -24.52
C ASN G 302 -1.06 -13.26 -25.62
N ALA G 303 -1.97 -14.21 -25.39
CA ALA G 303 -2.21 -15.29 -26.35
C ALA G 303 -2.68 -14.63 -27.64
N LEU G 304 -3.54 -13.64 -27.50
CA LEU G 304 -4.07 -12.89 -28.63
C LEU G 304 -2.96 -12.07 -29.29
N LYS G 305 -2.12 -11.47 -28.47
CA LYS G 305 -1.02 -10.66 -28.94
C LYS G 305 0.00 -11.48 -29.71
N ASN G 306 0.46 -12.57 -29.12
CA ASN G 306 1.46 -13.41 -29.75
C ASN G 306 0.95 -14.50 -30.70
N GLY G 307 -0.36 -14.69 -30.76
CA GLY G 307 -0.91 -15.69 -31.66
C GLY G 307 -1.36 -17.05 -31.15
N GLN G 308 -1.26 -17.31 -29.85
CA GLN G 308 -1.70 -18.60 -29.32
C GLN G 308 -3.20 -18.69 -29.62
N LEU G 309 -3.88 -17.56 -29.50
CA LEU G 309 -5.29 -17.50 -29.79
C LEU G 309 -5.38 -16.61 -31.01
N GLN G 310 -6.27 -16.95 -31.95
CA GLN G 310 -6.37 -16.16 -33.18
C GLN G 310 -7.71 -15.62 -33.65
N THR G 311 -8.79 -15.89 -32.92
CA THR G 311 -10.09 -15.36 -33.32
C THR G 311 -10.96 -14.94 -32.14
N LEU G 312 -11.82 -13.95 -32.36
CA LEU G 312 -12.71 -13.47 -31.31
C LEU G 312 -14.18 -13.69 -31.68
N GLY G 313 -14.87 -14.45 -30.84
CA GLY G 313 -16.28 -14.73 -31.07
C GLY G 313 -17.09 -14.15 -29.93
N SER G 314 -18.40 -14.06 -30.11
CA SER G 314 -19.25 -13.49 -29.09
C SER G 314 -19.87 -14.53 -28.19
N ASP G 315 -20.25 -15.65 -28.78
CA ASP G 315 -20.93 -16.73 -28.06
C ASP G 315 -22.28 -16.17 -27.62
N GLN G 316 -22.84 -15.35 -28.50
CA GLN G 316 -24.14 -14.71 -28.32
C GLN G 316 -25.24 -15.71 -28.01
N CYS G 317 -25.92 -15.52 -26.90
CA CYS G 317 -26.99 -16.41 -26.48
C CYS G 317 -27.81 -15.66 -25.42
N SER G 318 -28.59 -14.70 -25.87
CA SER G 318 -29.38 -13.85 -24.99
C SER G 318 -30.58 -14.41 -24.23
N PHE G 319 -30.75 -13.92 -23.00
CA PHE G 319 -31.86 -14.33 -22.14
C PHE G 319 -32.22 -13.19 -21.20
N ASP G 320 -33.46 -12.72 -21.25
CA ASP G 320 -33.88 -11.66 -20.37
C ASP G 320 -33.60 -12.02 -18.91
N PHE G 321 -32.93 -11.13 -18.19
CA PHE G 321 -32.64 -11.39 -16.80
C PHE G 321 -33.96 -11.59 -16.08
N LYS G 322 -34.98 -10.89 -16.55
CA LYS G 322 -36.31 -10.96 -15.98
C LYS G 322 -36.90 -12.36 -15.97
N GLY G 323 -37.58 -12.73 -17.04
CA GLY G 323 -38.20 -14.04 -17.06
C GLY G 323 -37.26 -15.22 -17.18
N GLN G 324 -36.44 -15.20 -18.21
CA GLN G 324 -35.51 -16.27 -18.49
C GLN G 324 -34.50 -16.59 -17.40
N LYS G 325 -33.50 -15.74 -17.21
CA LYS G 325 -32.48 -15.98 -16.20
C LYS G 325 -33.06 -16.42 -14.85
N GLU G 326 -34.20 -15.87 -14.48
CA GLU G 326 -34.81 -16.21 -13.20
C GLU G 326 -35.29 -17.65 -13.09
N LEU G 327 -35.39 -18.36 -14.22
CA LEU G 327 -35.83 -19.75 -14.21
C LEU G 327 -35.00 -20.57 -13.22
N GLY G 328 -33.77 -20.12 -12.99
CA GLY G 328 -32.91 -20.84 -12.06
C GLY G 328 -32.67 -20.05 -10.78
N ARG G 329 -33.72 -19.81 -10.00
CA ARG G 329 -33.56 -19.09 -8.76
C ARG G 329 -32.82 -19.90 -7.72
N GLY G 330 -33.51 -20.87 -7.11
CA GLY G 330 -32.89 -21.69 -6.09
C GLY G 330 -32.07 -22.81 -6.68
N ASP G 331 -31.74 -22.66 -7.96
CA ASP G 331 -30.97 -23.67 -8.65
C ASP G 331 -30.19 -23.00 -9.78
N PHE G 332 -28.87 -22.86 -9.60
CA PHE G 332 -28.06 -22.23 -10.62
C PHE G 332 -28.05 -23.04 -11.91
N THR G 333 -28.03 -24.36 -11.78
CA THR G 333 -28.01 -25.24 -12.95
C THR G 333 -29.23 -25.01 -13.84
N LYS G 334 -30.21 -24.27 -13.34
CA LYS G 334 -31.41 -23.99 -14.13
C LYS G 334 -31.43 -22.60 -14.74
N ILE G 335 -30.32 -21.88 -14.57
CA ILE G 335 -30.20 -20.56 -15.16
C ILE G 335 -29.76 -20.83 -16.60
N PRO G 336 -30.50 -20.29 -17.59
CA PRO G 336 -30.08 -20.56 -18.98
C PRO G 336 -28.73 -19.92 -19.30
N ASN G 337 -27.76 -20.73 -19.71
CA ASN G 337 -26.43 -20.22 -20.01
C ASN G 337 -26.39 -19.39 -21.26
N GLY G 338 -25.69 -18.27 -21.21
CA GLY G 338 -25.56 -17.41 -22.38
C GLY G 338 -25.63 -15.94 -22.07
N GLY G 339 -24.89 -15.13 -22.84
CA GLY G 339 -24.91 -13.70 -22.62
C GLY G 339 -25.16 -12.88 -23.88
N PRO G 340 -25.70 -11.66 -23.74
CA PRO G 340 -26.00 -10.74 -24.83
C PRO G 340 -24.70 -10.06 -25.26
N ILE G 341 -24.03 -10.64 -26.25
CA ILE G 341 -22.72 -10.15 -26.66
C ILE G 341 -22.52 -9.83 -28.14
N ILE G 342 -23.37 -10.37 -29.00
CA ILE G 342 -23.22 -10.16 -30.43
C ILE G 342 -23.03 -8.70 -30.90
N GLU G 343 -23.42 -7.73 -30.08
CA GLU G 343 -23.30 -6.32 -30.50
C GLU G 343 -22.04 -5.55 -30.13
N ASP G 344 -21.47 -5.81 -28.97
CA ASP G 344 -20.30 -5.08 -28.54
C ASP G 344 -18.98 -5.79 -28.75
N ARG G 345 -19.02 -6.98 -29.37
CA ARG G 345 -17.83 -7.77 -29.62
C ARG G 345 -16.72 -6.94 -30.22
N VAL G 346 -16.94 -6.51 -31.46
CA VAL G 346 -15.96 -5.72 -32.21
C VAL G 346 -15.48 -4.50 -31.45
N SER G 347 -16.43 -3.64 -31.06
CA SER G 347 -16.09 -2.42 -30.32
C SER G 347 -15.14 -2.65 -29.13
N ILE G 348 -15.52 -3.56 -28.25
CA ILE G 348 -14.72 -3.86 -27.09
C ILE G 348 -13.28 -4.22 -27.43
N LEU G 349 -13.06 -4.99 -28.48
CA LEU G 349 -11.69 -5.39 -28.83
C LEU G 349 -10.89 -4.18 -29.32
N PHE G 350 -11.56 -3.31 -30.06
CA PHE G 350 -10.89 -2.13 -30.55
C PHE G 350 -10.50 -1.28 -29.36
N SER G 351 -11.49 -0.99 -28.50
CA SER G 351 -11.29 -0.19 -27.31
C SER G 351 -10.28 -0.83 -26.34
N GLU G 352 -10.66 -1.94 -25.73
CA GLU G 352 -9.78 -2.62 -24.80
C GLU G 352 -8.49 -3.14 -25.39
N GLY G 353 -8.54 -3.48 -26.67
CA GLY G 353 -7.36 -4.03 -27.31
C GLY G 353 -6.53 -2.97 -27.98
N VAL G 354 -6.93 -2.60 -29.19
CA VAL G 354 -6.21 -1.59 -29.97
C VAL G 354 -5.88 -0.35 -29.16
N LYS G 355 -6.90 0.43 -28.85
CA LYS G 355 -6.76 1.66 -28.10
C LYS G 355 -5.92 1.62 -26.83
N LYS G 356 -5.74 0.45 -26.24
CA LYS G 356 -4.98 0.37 -25.01
C LYS G 356 -3.60 -0.25 -25.09
N GLY G 357 -3.14 -0.59 -26.29
CA GLY G 357 -1.78 -1.14 -26.38
C GLY G 357 -1.66 -2.60 -26.73
N ARG G 358 -2.70 -3.37 -26.47
CA ARG G 358 -2.69 -4.79 -26.81
C ARG G 358 -3.15 -4.84 -28.26
N ILE G 359 -2.82 -5.89 -28.99
CA ILE G 359 -3.29 -5.95 -30.38
C ILE G 359 -2.81 -4.73 -31.18
N THR G 360 -3.00 -4.79 -32.49
CA THR G 360 -2.64 -3.72 -33.39
C THR G 360 -3.87 -3.37 -34.17
N LEU G 361 -3.86 -2.22 -34.81
CA LEU G 361 -5.01 -1.84 -35.60
C LEU G 361 -5.22 -2.96 -36.62
N ASN G 362 -4.11 -3.56 -37.07
CA ASN G 362 -4.17 -4.65 -38.04
C ASN G 362 -4.55 -5.98 -37.39
N GLN G 363 -3.93 -6.29 -36.26
CA GLN G 363 -4.25 -7.51 -35.52
C GLN G 363 -5.74 -7.50 -35.24
N PHE G 364 -6.24 -6.32 -34.90
CA PHE G 364 -7.65 -6.12 -34.61
C PHE G 364 -8.50 -6.67 -35.75
N VAL G 365 -8.28 -6.13 -36.95
CA VAL G 365 -9.03 -6.55 -38.14
C VAL G 365 -8.88 -8.04 -38.38
N ASP G 366 -7.68 -8.55 -38.13
CA ASP G 366 -7.46 -9.96 -38.34
C ASP G 366 -8.26 -10.78 -37.34
N ILE G 367 -8.14 -10.45 -36.06
CA ILE G 367 -8.84 -11.20 -35.01
C ILE G 367 -10.36 -11.16 -35.07
N VAL G 368 -10.89 -10.09 -35.64
CA VAL G 368 -12.33 -9.95 -35.69
C VAL G 368 -12.97 -10.23 -37.03
N SER G 369 -12.16 -10.28 -38.08
CA SER G 369 -12.71 -10.52 -39.40
C SER G 369 -11.95 -11.49 -40.29
N THR G 370 -10.85 -11.03 -40.86
CA THR G 370 -10.03 -11.83 -41.78
C THR G 370 -9.71 -13.27 -41.35
N ARG G 371 -8.92 -13.41 -40.29
CA ARG G 371 -8.53 -14.73 -39.79
C ARG G 371 -9.73 -15.69 -39.75
N ILE G 372 -10.87 -15.17 -39.32
CA ILE G 372 -12.09 -15.95 -39.23
C ILE G 372 -12.57 -16.35 -40.62
N ALA G 373 -12.72 -15.37 -41.51
CA ALA G 373 -13.18 -15.64 -42.87
C ALA G 373 -12.34 -16.76 -43.46
N LYS G 374 -11.05 -16.70 -43.23
CA LYS G 374 -10.14 -17.71 -43.76
C LYS G 374 -10.42 -19.08 -43.17
N LEU G 375 -10.37 -19.19 -41.85
CA LEU G 375 -10.59 -20.49 -41.20
C LEU G 375 -11.93 -21.12 -41.55
N PHE G 376 -12.94 -20.32 -41.82
CA PHE G 376 -14.24 -20.87 -42.14
C PHE G 376 -14.69 -20.78 -43.60
N GLY G 377 -13.71 -20.70 -44.50
CA GLY G 377 -13.98 -20.62 -45.93
C GLY G 377 -14.92 -19.53 -46.41
N LEU G 378 -14.62 -18.29 -46.09
CA LEU G 378 -15.46 -17.19 -46.53
C LEU G 378 -14.56 -16.15 -47.19
N PHE G 379 -13.27 -16.45 -47.24
CA PHE G 379 -12.31 -15.55 -47.83
C PHE G 379 -12.12 -15.87 -49.32
N PRO G 380 -12.01 -14.85 -50.19
CA PRO G 380 -12.03 -13.42 -49.87
C PRO G 380 -13.38 -12.76 -50.12
N LYS G 381 -14.44 -13.55 -50.11
CA LYS G 381 -15.76 -12.97 -50.33
C LYS G 381 -16.00 -12.04 -49.16
N LYS G 382 -15.63 -12.53 -47.98
CA LYS G 382 -15.78 -11.77 -46.76
C LYS G 382 -14.40 -11.68 -46.12
N GLY G 383 -14.28 -10.83 -45.10
CA GLY G 383 -13.02 -10.73 -44.39
C GLY G 383 -11.93 -9.77 -44.84
N THR G 384 -12.20 -8.97 -45.85
CA THR G 384 -11.18 -8.03 -46.32
C THR G 384 -11.73 -6.92 -47.20
N ILE G 385 -10.92 -5.88 -47.39
CA ILE G 385 -11.31 -4.75 -48.22
C ILE G 385 -10.40 -4.74 -49.42
N VAL G 386 -10.81 -5.45 -50.47
CA VAL G 386 -10.03 -5.56 -51.68
C VAL G 386 -10.88 -5.78 -52.91
N VAL G 387 -10.37 -5.32 -54.06
CA VAL G 387 -11.07 -5.46 -55.33
C VAL G 387 -11.58 -6.88 -55.50
N GLY G 388 -12.89 -7.02 -55.68
CA GLY G 388 -13.49 -8.33 -55.86
C GLY G 388 -14.27 -8.86 -54.66
N SER G 389 -13.85 -8.45 -53.47
CA SER G 389 -14.50 -8.88 -52.24
C SER G 389 -15.83 -8.18 -52.06
N ASP G 390 -16.74 -8.82 -51.33
CA ASP G 390 -18.05 -8.21 -51.09
C ASP G 390 -17.82 -6.88 -50.39
N ALA G 391 -18.71 -5.93 -50.64
CA ALA G 391 -18.59 -4.63 -50.02
C ALA G 391 -19.13 -4.63 -48.61
N ASP G 392 -18.62 -5.53 -47.78
CA ASP G 392 -19.02 -5.61 -46.37
C ASP G 392 -18.06 -4.68 -45.64
N LEU G 393 -18.50 -3.45 -45.38
CA LEU G 393 -17.64 -2.47 -44.75
C LEU G 393 -18.20 -1.87 -43.49
N VAL G 394 -17.31 -1.27 -42.70
CA VAL G 394 -17.68 -0.61 -41.46
C VAL G 394 -16.95 0.72 -41.39
N ILE G 395 -17.71 1.81 -41.34
CA ILE G 395 -17.11 3.13 -41.24
C ILE G 395 -17.13 3.36 -39.74
N PHE G 396 -15.94 3.27 -39.17
CA PHE G 396 -15.73 3.36 -37.74
C PHE G 396 -15.13 4.69 -37.24
N ASP G 397 -15.63 5.18 -36.10
CA ASP G 397 -15.12 6.38 -35.49
C ASP G 397 -14.30 5.93 -34.29
N PRO G 398 -12.97 6.06 -34.38
CA PRO G 398 -12.03 5.66 -33.33
C PRO G 398 -11.91 6.55 -32.09
N ASN G 399 -12.59 7.68 -32.09
CA ASN G 399 -12.45 8.60 -30.95
C ASN G 399 -13.67 8.76 -30.08
N ILE G 400 -14.85 8.57 -30.65
CA ILE G 400 -16.09 8.68 -29.88
C ILE G 400 -16.00 7.87 -28.58
N GLU G 401 -16.11 8.55 -27.45
CA GLU G 401 -16.09 7.87 -26.17
C GLU G 401 -17.55 7.68 -25.79
N ARG G 402 -17.87 6.55 -25.19
CA ARG G 402 -19.24 6.30 -24.81
C ARG G 402 -19.34 5.26 -23.71
N VAL G 403 -20.56 4.96 -23.30
CA VAL G 403 -20.78 3.97 -22.28
C VAL G 403 -21.76 2.91 -22.73
N ILE G 404 -21.37 1.65 -22.68
CA ILE G 404 -22.26 0.57 -23.10
C ILE G 404 -23.39 0.48 -22.10
N SER G 405 -24.61 0.55 -22.60
CA SER G 405 -25.79 0.48 -21.75
C SER G 405 -26.92 -0.20 -22.47
N ALA G 406 -27.64 -1.03 -21.74
CA ALA G 406 -28.78 -1.75 -22.28
C ALA G 406 -29.79 -0.71 -22.69
N GLU G 407 -29.62 0.50 -22.16
CA GLU G 407 -30.51 1.59 -22.49
C GLU G 407 -30.24 2.02 -23.92
N THR G 408 -29.13 1.56 -24.47
CA THR G 408 -28.76 1.94 -25.82
C THR G 408 -28.56 0.77 -26.78
N HIS G 409 -28.14 -0.39 -26.27
CA HIS G 409 -27.90 -1.54 -27.14
C HIS G 409 -29.13 -1.88 -27.97
N HIS G 410 -28.90 -2.53 -29.11
CA HIS G 410 -30.00 -2.89 -29.99
C HIS G 410 -30.35 -4.38 -29.94
N MET G 411 -30.00 -5.04 -28.86
CA MET G 411 -30.34 -6.44 -28.70
C MET G 411 -31.67 -6.45 -27.97
N ALA G 412 -32.47 -7.50 -28.17
CA ALA G 412 -33.77 -7.57 -27.52
C ALA G 412 -33.73 -7.97 -26.04
N VAL G 413 -32.54 -8.01 -25.43
CA VAL G 413 -32.43 -8.40 -24.03
C VAL G 413 -32.65 -7.24 -23.07
N ASP G 414 -33.16 -7.55 -21.88
CA ASP G 414 -33.40 -6.50 -20.92
C ASP G 414 -32.15 -6.03 -20.19
N TYR G 415 -30.99 -6.57 -20.57
CA TYR G 415 -29.76 -6.14 -19.92
C TYR G 415 -28.55 -6.31 -20.84
N ASN G 416 -27.41 -5.77 -20.40
CA ASN G 416 -26.16 -5.84 -21.16
C ASN G 416 -24.98 -6.16 -20.21
N ALA G 417 -24.31 -7.27 -20.44
CA ALA G 417 -23.19 -7.69 -19.58
C ALA G 417 -22.10 -6.65 -19.38
N PHE G 418 -22.05 -5.64 -20.23
CA PHE G 418 -21.03 -4.59 -20.13
C PHE G 418 -21.63 -3.25 -19.78
N GLU G 419 -22.73 -3.29 -19.03
CA GLU G 419 -23.44 -2.08 -18.61
C GLU G 419 -22.52 -1.15 -17.84
N GLY G 420 -22.53 0.11 -18.26
CA GLY G 420 -21.71 1.10 -17.58
C GLY G 420 -20.28 1.15 -18.07
N MET G 421 -19.88 0.15 -18.84
CA MET G 421 -18.52 0.13 -19.35
C MET G 421 -18.26 1.26 -20.34
N LYS G 422 -17.17 1.99 -20.11
CA LYS G 422 -16.78 3.07 -20.99
C LYS G 422 -16.00 2.46 -22.15
N VAL G 423 -16.31 2.89 -23.36
CA VAL G 423 -15.64 2.36 -24.53
C VAL G 423 -15.27 3.45 -25.51
N THR G 424 -14.11 3.31 -26.14
CA THR G 424 -13.68 4.29 -27.12
C THR G 424 -13.84 3.69 -28.51
N GLY G 425 -14.45 4.47 -29.39
CA GLY G 425 -14.66 4.01 -30.75
C GLY G 425 -16.07 3.49 -30.92
N GLU G 426 -16.63 3.71 -32.11
CA GLU G 426 -17.99 3.25 -32.39
C GLU G 426 -18.30 3.21 -33.89
N PRO G 427 -19.06 2.20 -34.34
CA PRO G 427 -19.43 2.07 -35.76
C PRO G 427 -20.39 3.17 -36.12
N VAL G 428 -20.16 3.82 -37.25
CA VAL G 428 -21.03 4.91 -37.68
C VAL G 428 -21.92 4.44 -38.82
N SER G 429 -21.30 3.77 -39.79
CA SER G 429 -22.04 3.25 -40.92
C SER G 429 -21.55 1.84 -41.19
N VAL G 430 -22.50 0.91 -41.33
CA VAL G 430 -22.16 -0.47 -41.59
C VAL G 430 -22.92 -0.93 -42.82
N LEU G 431 -22.21 -1.28 -43.88
CA LEU G 431 -22.89 -1.76 -45.07
C LEU G 431 -22.45 -3.17 -45.47
N CYS G 432 -23.43 -3.97 -45.87
CA CYS G 432 -23.25 -5.35 -46.29
C CYS G 432 -23.47 -5.45 -47.79
N ARG G 433 -22.43 -5.86 -48.50
CA ARG G 433 -22.53 -5.99 -49.95
C ARG G 433 -23.03 -4.71 -50.60
N GLY G 434 -22.28 -3.64 -50.42
CA GLY G 434 -22.64 -2.37 -51.03
C GLY G 434 -23.86 -1.63 -50.52
N GLU G 435 -24.72 -2.30 -49.76
CA GLU G 435 -25.92 -1.64 -49.24
C GLU G 435 -25.79 -1.31 -47.77
N PHE G 436 -26.19 -0.10 -47.38
CA PHE G 436 -26.14 0.28 -45.97
C PHE G 436 -27.10 -0.57 -45.16
N VAL G 437 -26.68 -0.95 -43.96
CA VAL G 437 -27.54 -1.71 -43.08
C VAL G 437 -27.75 -0.77 -41.89
N VAL G 438 -26.74 0.06 -41.68
CA VAL G 438 -26.75 1.05 -40.62
C VAL G 438 -26.01 2.27 -41.11
N ARG G 439 -26.73 3.36 -41.34
CA ARG G 439 -26.08 4.58 -41.77
C ARG G 439 -26.24 5.62 -40.68
N ASP G 440 -25.12 6.27 -40.34
CA ASP G 440 -25.11 7.29 -39.30
C ASP G 440 -25.80 6.81 -38.03
N LYS G 441 -25.31 5.72 -37.48
CA LYS G 441 -25.83 5.13 -36.25
C LYS G 441 -27.35 4.96 -36.25
N GLN G 442 -27.90 4.81 -37.44
CA GLN G 442 -29.34 4.63 -37.58
C GLN G 442 -29.61 3.45 -38.52
N PHE G 443 -30.50 2.54 -38.11
CA PHE G 443 -30.83 1.36 -38.91
C PHE G 443 -31.58 1.67 -40.20
N VAL G 444 -31.12 1.08 -41.30
CA VAL G 444 -31.75 1.30 -42.61
C VAL G 444 -31.86 0.03 -43.45
N GLY G 445 -31.58 -1.12 -42.83
CA GLY G 445 -31.64 -2.38 -43.56
C GLY G 445 -33.05 -2.93 -43.59
N LYS G 446 -33.19 -4.16 -44.06
CA LYS G 446 -34.50 -4.82 -44.15
C LYS G 446 -34.32 -6.30 -43.88
N PRO G 447 -35.05 -6.84 -42.90
CA PRO G 447 -34.90 -8.27 -42.63
C PRO G 447 -35.15 -9.09 -43.90
N GLY G 448 -34.21 -9.97 -44.21
CA GLY G 448 -34.34 -10.78 -45.42
C GLY G 448 -33.24 -10.45 -46.41
N TYR G 449 -32.65 -9.26 -46.27
CA TYR G 449 -31.58 -8.82 -47.14
C TYR G 449 -30.39 -9.74 -46.99
N GLY G 450 -30.18 -10.21 -45.77
CA GLY G 450 -29.09 -11.11 -45.50
C GLY G 450 -29.31 -12.42 -46.20
N GLN G 451 -28.25 -12.98 -46.76
CA GLN G 451 -28.38 -14.24 -47.47
C GLN G 451 -27.49 -15.31 -46.90
N TYR G 452 -27.92 -16.57 -47.02
CA TYR G 452 -27.15 -17.69 -46.52
C TYR G 452 -25.82 -17.81 -47.27
N LEU G 453 -24.83 -18.39 -46.61
CA LEU G 453 -23.51 -18.54 -47.22
C LEU G 453 -23.01 -19.97 -47.20
N LYS G 454 -22.74 -20.50 -48.38
CA LYS G 454 -22.18 -21.83 -48.50
C LYS G 454 -20.70 -21.56 -48.31
N ARG G 455 -20.03 -22.34 -47.48
CA ARG G 455 -18.62 -22.07 -47.22
C ARG G 455 -17.61 -23.06 -47.79
N ALA G 456 -16.41 -22.55 -48.06
CA ALA G 456 -15.32 -23.35 -48.63
C ALA G 456 -15.01 -24.59 -47.81
N LYS G 457 -14.44 -25.58 -48.48
CA LYS G 457 -14.12 -26.85 -47.86
C LYS G 457 -12.87 -26.80 -46.99
N TYR G 458 -12.59 -25.66 -46.37
CA TYR G 458 -11.39 -25.55 -45.54
C TYR G 458 -10.23 -25.48 -46.55
N GLY G 459 -10.56 -25.05 -47.77
CA GLY G 459 -9.59 -24.89 -48.85
C GLY G 459 -9.72 -23.47 -49.39
N THR G 460 -9.29 -23.23 -50.64
CA THR G 460 -9.35 -21.88 -51.24
C THR G 460 -10.73 -21.15 -51.18
N MET H 1 6.69 9.43 -64.83
CA MET H 1 6.04 8.91 -66.06
C MET H 1 5.16 7.70 -65.74
N THR H 2 3.85 7.93 -65.69
CA THR H 2 2.83 6.92 -65.38
C THR H 2 2.97 5.56 -66.08
N LYS H 3 2.66 4.50 -65.35
CA LYS H 3 2.73 3.13 -65.88
C LYS H 3 1.50 2.35 -65.41
N ILE H 4 1.19 1.25 -66.10
CA ILE H 4 0.07 0.40 -65.74
C ILE H 4 0.41 -1.06 -65.92
N ILE H 5 0.45 -1.83 -64.84
CA ILE H 5 0.74 -3.24 -64.93
C ILE H 5 -0.62 -3.93 -64.90
N LYS H 6 -1.02 -4.47 -66.06
CA LYS H 6 -2.32 -5.12 -66.20
C LYS H 6 -2.29 -6.63 -66.38
N ASN H 7 -3.46 -7.24 -66.16
CA ASN H 7 -3.64 -8.67 -66.33
C ASN H 7 -2.81 -9.57 -65.42
N GLY H 8 -2.34 -9.03 -64.30
CA GLY H 8 -1.55 -9.85 -63.41
C GLY H 8 -2.38 -10.32 -62.23
N THR H 9 -1.87 -11.30 -61.51
CA THR H 9 -2.57 -11.79 -60.33
C THR H 9 -1.81 -11.19 -59.17
N ILE H 10 -2.46 -10.29 -58.45
CA ILE H 10 -1.85 -9.63 -57.31
C ILE H 10 -1.87 -10.54 -56.08
N VAL H 11 -0.73 -10.62 -55.41
CA VAL H 11 -0.62 -11.47 -54.24
C VAL H 11 0.13 -10.75 -53.11
N THR H 12 -0.62 -10.24 -52.15
CA THR H 12 -0.02 -9.58 -51.00
C THR H 12 0.10 -10.62 -49.90
N ALA H 13 0.48 -10.18 -48.70
CA ALA H 13 0.62 -11.10 -47.58
C ALA H 13 -0.76 -11.60 -47.15
N THR H 14 -1.81 -10.95 -47.65
CA THR H 14 -3.18 -11.33 -47.30
C THR H 14 -4.05 -11.62 -48.50
N ASP H 15 -3.97 -10.76 -49.50
CA ASP H 15 -4.83 -10.90 -50.67
C ASP H 15 -4.23 -11.58 -51.88
N THR H 16 -5.14 -12.05 -52.72
CA THR H 16 -4.78 -12.71 -53.97
C THR H 16 -5.95 -12.39 -54.89
N TYR H 17 -5.74 -11.44 -55.79
CA TYR H 17 -6.80 -11.04 -56.70
C TYR H 17 -6.23 -10.58 -58.04
N GLU H 18 -7.12 -10.38 -59.00
CA GLU H 18 -6.73 -9.93 -60.32
C GLU H 18 -7.16 -8.49 -60.52
N ALA H 19 -6.20 -7.66 -60.90
CA ALA H 19 -6.47 -6.25 -61.13
C ALA H 19 -5.25 -5.62 -61.79
N HIS H 20 -5.36 -4.34 -62.10
CA HIS H 20 -4.26 -3.62 -62.71
C HIS H 20 -3.78 -2.60 -61.72
N LEU H 21 -2.50 -2.28 -61.81
CA LEU H 21 -1.92 -1.30 -60.92
C LEU H 21 -1.53 -0.08 -61.72
N LEU H 22 -2.00 1.08 -61.28
CA LEU H 22 -1.66 2.32 -61.95
C LEU H 22 -0.56 2.92 -61.11
N ILE H 23 0.66 2.91 -61.61
CA ILE H 23 1.78 3.48 -60.87
C ILE H 23 1.88 4.96 -61.22
N LYS H 24 2.09 5.81 -60.23
CA LYS H 24 2.18 7.24 -60.49
C LYS H 24 3.52 7.84 -60.08
N ASP H 25 3.55 8.48 -58.92
CA ASP H 25 4.78 9.11 -58.44
C ASP H 25 5.79 8.11 -57.90
N GLY H 26 5.95 7.00 -58.61
CA GLY H 26 6.88 5.97 -58.15
C GLY H 26 6.18 5.18 -57.07
N LYS H 27 4.90 5.51 -56.87
CA LYS H 27 4.07 4.86 -55.87
C LYS H 27 2.84 4.28 -56.57
N ILE H 28 2.10 3.45 -55.85
CA ILE H 28 0.90 2.86 -56.41
C ILE H 28 -0.20 3.87 -56.25
N ALA H 29 -0.70 4.36 -57.39
CA ALA H 29 -1.77 5.36 -57.43
C ALA H 29 -3.14 4.75 -57.21
N MET H 30 -3.41 3.67 -57.92
CA MET H 30 -4.68 3.00 -57.76
C MET H 30 -4.71 1.60 -58.32
N ILE H 31 -5.61 0.79 -57.77
CA ILE H 31 -5.78 -0.59 -58.16
C ILE H 31 -7.22 -0.80 -58.61
N GLY H 32 -7.39 -1.60 -59.66
CA GLY H 32 -8.70 -1.89 -60.20
C GLY H 32 -8.52 -2.65 -61.48
N GLN H 33 -9.61 -2.94 -62.17
CA GLN H 33 -9.53 -3.67 -63.42
C GLN H 33 -9.82 -2.81 -64.63
N ASN H 34 -9.24 -3.17 -65.77
CA ASN H 34 -9.42 -2.44 -67.01
C ASN H 34 -9.06 -0.98 -66.83
N LEU H 35 -7.88 -0.74 -66.26
CA LEU H 35 -7.44 0.62 -66.03
C LEU H 35 -6.95 1.20 -67.34
N GLU H 36 -7.08 2.51 -67.48
CA GLU H 36 -6.64 3.21 -68.68
C GLU H 36 -6.24 4.64 -68.38
N GLU H 37 -5.28 5.15 -69.15
CA GLU H 37 -4.79 6.52 -69.00
C GLU H 37 -3.79 6.81 -70.13
N LYS H 38 -4.17 7.69 -71.06
CA LYS H 38 -3.29 8.02 -72.18
C LYS H 38 -1.88 8.24 -71.67
N GLY H 39 -0.93 7.55 -72.29
CA GLY H 39 0.45 7.66 -71.88
C GLY H 39 0.60 6.91 -70.57
N ALA H 40 0.99 5.65 -70.63
CA ALA H 40 1.15 4.86 -69.42
C ALA H 40 2.10 3.69 -69.61
N GLU H 41 2.63 3.54 -70.81
CA GLU H 41 3.55 2.45 -71.11
C GLU H 41 2.88 1.06 -70.97
N VAL H 42 1.74 1.01 -70.29
CA VAL H 42 0.99 -0.22 -70.10
C VAL H 42 1.78 -1.52 -70.21
N ILE H 43 2.20 -2.07 -69.06
CA ILE H 43 2.95 -3.34 -69.00
C ILE H 43 1.95 -4.50 -68.89
N ASP H 44 2.19 -5.58 -69.63
CA ASP H 44 1.28 -6.72 -69.60
C ASP H 44 1.84 -7.81 -68.71
N ALA H 45 1.06 -8.24 -67.73
CA ALA H 45 1.50 -9.28 -66.81
C ALA H 45 0.72 -10.58 -66.86
N LYS H 46 -0.02 -10.80 -67.95
CA LYS H 46 -0.81 -12.01 -68.09
C LYS H 46 -0.02 -13.23 -67.63
N GLY H 47 -0.71 -14.18 -67.02
CA GLY H 47 -0.06 -15.39 -66.54
C GLY H 47 1.11 -15.15 -65.62
N CYS H 48 0.99 -14.15 -64.76
CA CYS H 48 2.05 -13.83 -63.82
C CYS H 48 1.50 -13.32 -62.50
N TYR H 49 2.30 -13.46 -61.45
CA TYR H 49 1.92 -12.97 -60.14
C TYR H 49 2.62 -11.61 -60.01
N VAL H 50 2.07 -10.75 -59.17
CA VAL H 50 2.70 -9.47 -58.93
C VAL H 50 2.86 -9.38 -57.42
N PHE H 51 4.10 -9.58 -56.98
CA PHE H 51 4.44 -9.54 -55.56
C PHE H 51 5.06 -8.23 -55.12
N PRO H 52 4.98 -7.95 -53.82
CA PRO H 52 5.59 -6.72 -53.34
C PRO H 52 7.08 -7.10 -53.39
N GLY H 53 7.94 -6.22 -53.90
CA GLY H 53 9.34 -6.56 -53.95
C GLY H 53 9.83 -7.20 -52.66
N GLY H 54 10.76 -8.13 -52.77
CA GLY H 54 11.25 -8.79 -51.57
C GLY H 54 12.17 -7.88 -50.76
N ILE H 55 12.29 -8.17 -49.47
CA ILE H 55 13.16 -7.38 -48.60
C ILE H 55 14.09 -8.33 -47.89
N ASP H 56 15.39 -8.15 -48.10
CA ASP H 56 16.40 -9.00 -47.48
C ASP H 56 17.02 -8.26 -46.30
N PRO H 57 16.61 -8.62 -45.07
CA PRO H 57 17.13 -7.96 -43.88
C PRO H 57 18.48 -8.48 -43.44
N HIS H 58 19.02 -9.44 -44.16
CA HIS H 58 20.32 -9.99 -43.77
C HIS H 58 21.35 -9.94 -44.89
N THR H 59 22.01 -8.80 -45.00
CA THR H 59 23.00 -8.57 -46.06
C THR H 59 24.38 -8.14 -45.55
N HIS H 60 25.42 -8.60 -46.24
CA HIS H 60 26.80 -8.26 -45.94
C HIS H 60 27.48 -8.03 -47.30
N LEU H 61 27.38 -6.81 -47.83
CA LEU H 61 27.97 -6.55 -49.14
C LEU H 61 29.44 -6.16 -49.21
N ASP H 62 29.79 -4.92 -48.92
CA ASP H 62 31.19 -4.56 -48.99
C ASP H 62 31.93 -4.96 -47.73
N MET H 63 31.33 -5.86 -46.96
CA MET H 63 31.96 -6.28 -45.70
C MET H 63 33.25 -7.06 -45.90
N PRO H 64 34.24 -6.83 -45.02
CA PRO H 64 35.55 -7.49 -45.04
C PRO H 64 35.73 -8.59 -44.00
N LEU H 65 35.86 -9.83 -44.45
CA LEU H 65 36.04 -10.94 -43.50
C LEU H 65 37.41 -11.60 -43.67
N GLY H 66 38.43 -10.90 -43.21
CA GLY H 66 39.79 -11.39 -43.31
C GLY H 66 40.64 -10.35 -44.02
N GLY H 67 41.71 -10.80 -44.66
CA GLY H 67 42.56 -9.86 -45.38
C GLY H 67 41.84 -9.58 -46.68
N THR H 68 40.69 -10.24 -46.83
CA THR H 68 39.88 -10.12 -48.02
C THR H 68 38.53 -9.49 -47.73
N VAL H 69 37.79 -9.23 -48.81
CA VAL H 69 36.47 -8.62 -48.74
C VAL H 69 35.51 -9.38 -49.65
N THR H 70 34.22 -9.32 -49.32
CA THR H 70 33.17 -9.98 -50.09
C THR H 70 33.35 -9.71 -51.59
N LYS H 71 33.23 -10.77 -52.39
CA LYS H 71 33.37 -10.64 -53.84
C LYS H 71 32.30 -9.70 -54.37
N ASP H 72 31.11 -9.77 -53.80
CA ASP H 72 30.03 -8.89 -54.22
C ASP H 72 30.03 -7.62 -53.37
N ASP H 73 30.05 -6.46 -54.03
CA ASP H 73 30.03 -5.18 -53.35
C ASP H 73 28.59 -4.67 -53.42
N PHE H 74 28.37 -3.45 -52.94
CA PHE H 74 27.01 -2.92 -52.98
C PHE H 74 26.43 -2.78 -54.37
N GLU H 75 27.27 -2.76 -55.39
CA GLU H 75 26.74 -2.62 -56.74
C GLU H 75 26.25 -3.94 -57.32
N SER H 76 27.15 -4.93 -57.37
CA SER H 76 26.82 -6.25 -57.90
C SER H 76 25.72 -6.88 -57.08
N GLY H 77 25.91 -6.84 -55.75
CA GLY H 77 24.94 -7.39 -54.83
C GLY H 77 23.56 -6.83 -55.05
N THR H 78 23.46 -5.53 -55.27
CA THR H 78 22.16 -4.89 -55.50
C THR H 78 21.49 -5.44 -56.75
N ILE H 79 22.27 -5.56 -57.82
CA ILE H 79 21.78 -6.06 -59.08
C ILE H 79 21.33 -7.50 -58.89
N ALA H 80 22.18 -8.29 -58.25
CA ALA H 80 21.85 -9.69 -57.98
C ALA H 80 20.47 -9.77 -57.31
N ALA H 81 20.36 -9.14 -56.15
CA ALA H 81 19.10 -9.12 -55.44
C ALA H 81 17.96 -8.67 -56.34
N ALA H 82 18.22 -7.66 -57.17
CA ALA H 82 17.20 -7.13 -58.09
C ALA H 82 16.68 -8.24 -58.99
N PHE H 83 17.60 -9.03 -59.55
CA PHE H 83 17.19 -10.13 -60.41
C PHE H 83 16.44 -11.17 -59.61
N GLY H 84 16.86 -11.34 -58.36
CA GLY H 84 16.23 -12.33 -57.48
C GLY H 84 14.84 -11.98 -56.98
N GLY H 85 14.34 -10.80 -57.34
CA GLY H 85 13.03 -10.40 -56.89
C GLY H 85 13.04 -9.59 -55.60
N THR H 86 14.25 -9.25 -55.14
CA THR H 86 14.41 -8.44 -53.93
C THR H 86 14.67 -7.00 -54.34
N THR H 87 13.89 -6.06 -53.79
CA THR H 87 14.05 -4.64 -54.12
C THR H 87 14.50 -3.73 -52.97
N THR H 88 14.77 -4.32 -51.80
CA THR H 88 15.20 -3.55 -50.64
C THR H 88 16.06 -4.43 -49.77
N ILE H 89 17.24 -3.96 -49.38
CA ILE H 89 18.09 -4.75 -48.52
C ILE H 89 18.48 -3.94 -47.29
N ILE H 90 18.83 -4.64 -46.22
CA ILE H 90 19.25 -3.97 -45.01
C ILE H 90 20.57 -4.61 -44.64
N ASP H 91 21.66 -3.93 -44.96
CA ASP H 91 23.00 -4.45 -44.72
C ASP H 91 23.47 -4.13 -43.30
N PHE H 92 24.38 -4.96 -42.79
CA PHE H 92 24.91 -4.81 -41.45
C PHE H 92 26.16 -3.92 -41.38
N CYS H 93 25.99 -2.69 -40.92
CA CYS H 93 27.09 -1.76 -40.77
C CYS H 93 27.92 -2.12 -39.52
N LEU H 94 29.10 -2.67 -39.76
CA LEU H 94 29.99 -3.09 -38.69
C LEU H 94 30.64 -1.96 -37.89
N THR H 95 30.95 -2.26 -36.63
CA THR H 95 31.52 -1.28 -35.71
C THR H 95 32.79 -1.76 -35.01
N ASN H 96 33.67 -0.81 -34.71
CA ASN H 96 34.93 -1.09 -34.02
C ASN H 96 34.89 -0.43 -32.64
N LYS H 97 35.49 -1.09 -31.65
CA LYS H 97 35.50 -0.55 -30.30
C LYS H 97 36.29 0.75 -30.16
N GLY H 98 35.86 1.60 -29.23
CA GLY H 98 36.52 2.87 -29.02
C GLY H 98 36.26 3.90 -30.09
N GLU H 99 35.97 3.42 -31.30
CA GLU H 99 35.71 4.27 -32.44
C GLU H 99 34.24 4.72 -32.48
N PRO H 100 34.00 6.02 -32.67
CA PRO H 100 32.64 6.59 -32.73
C PRO H 100 31.73 5.97 -33.79
N LEU H 101 30.51 5.61 -33.38
CA LEU H 101 29.54 4.97 -34.27
C LEU H 101 29.25 5.67 -35.58
N LYS H 102 29.23 7.00 -35.56
CA LYS H 102 28.93 7.74 -36.77
C LYS H 102 30.04 7.60 -37.80
N LYS H 103 31.20 7.16 -37.33
CA LYS H 103 32.35 6.95 -38.19
C LYS H 103 31.96 5.81 -39.13
N ALA H 104 31.66 4.66 -38.54
CA ALA H 104 31.27 3.48 -39.29
C ALA H 104 30.06 3.75 -40.18
N ILE H 105 29.04 4.40 -39.63
CA ILE H 105 27.83 4.67 -40.38
C ILE H 105 28.13 5.41 -41.69
N GLU H 106 29.10 6.30 -41.67
CA GLU H 106 29.43 7.02 -42.88
C GLU H 106 30.26 6.14 -43.80
N THR H 107 31.12 5.32 -43.22
CA THR H 107 31.94 4.41 -44.00
C THR H 107 30.99 3.58 -44.86
N TRP H 108 29.92 3.12 -44.23
CA TRP H 108 28.93 2.31 -44.92
C TRP H 108 28.19 3.11 -45.95
N HIS H 109 27.77 4.32 -45.58
CA HIS H 109 27.05 5.16 -46.52
C HIS H 109 27.88 5.31 -47.80
N ASN H 110 29.20 5.32 -47.63
CA ASN H 110 30.09 5.43 -48.78
C ASN H 110 30.06 4.17 -49.60
N LYS H 111 30.15 3.02 -48.93
CA LYS H 111 30.11 1.72 -49.62
C LYS H 111 28.88 1.63 -50.54
N ALA H 112 27.75 2.12 -50.04
CA ALA H 112 26.49 2.09 -50.77
C ALA H 112 26.32 3.24 -51.76
N ASN H 113 26.66 4.43 -51.30
CA ASN H 113 26.54 5.65 -52.11
C ASN H 113 26.72 5.51 -53.62
N GLY H 114 25.66 5.84 -54.37
CA GLY H 114 25.71 5.78 -55.82
C GLY H 114 25.94 4.45 -56.50
N LYS H 115 25.97 3.36 -55.75
CA LYS H 115 26.18 2.05 -56.35
C LYS H 115 24.95 1.15 -56.25
N ALA H 116 24.04 1.51 -55.35
CA ALA H 116 22.83 0.73 -55.15
C ALA H 116 21.87 0.87 -56.33
N VAL H 117 21.35 -0.26 -56.81
CA VAL H 117 20.41 -0.28 -57.91
C VAL H 117 18.99 -0.23 -57.33
N ILE H 118 18.86 -0.69 -56.08
CA ILE H 118 17.58 -0.70 -55.36
C ILE H 118 17.80 -0.03 -54.00
N ASP H 119 16.73 0.19 -53.24
CA ASP H 119 16.85 0.84 -51.95
C ASP H 119 17.47 -0.02 -50.87
N TYR H 120 17.99 0.62 -49.83
CA TYR H 120 18.67 -0.10 -48.74
C TYR H 120 18.68 0.67 -47.44
N GLY H 121 19.04 -0.02 -46.36
CA GLY H 121 19.11 0.58 -45.04
C GLY H 121 20.23 -0.10 -44.31
N PHE H 122 20.43 0.22 -43.03
CA PHE H 122 21.51 -0.41 -42.28
C PHE H 122 21.10 -0.88 -40.90
N HIS H 123 21.94 -1.76 -40.37
CA HIS H 123 21.78 -2.30 -39.04
C HIS H 123 23.08 -1.82 -38.42
N LEU H 124 23.06 -1.42 -37.15
CA LEU H 124 24.28 -0.96 -36.54
C LEU H 124 24.83 -2.05 -35.63
N MET H 125 26.06 -2.46 -35.87
CA MET H 125 26.67 -3.47 -35.03
C MET H 125 27.07 -2.87 -33.69
N ILE H 126 27.00 -3.67 -32.63
CA ILE H 126 27.36 -3.20 -31.30
C ILE H 126 28.24 -4.23 -30.62
N SER H 127 29.45 -3.81 -30.26
CA SER H 127 30.42 -4.70 -29.62
C SER H 127 30.72 -4.25 -28.20
N GLU H 128 30.17 -3.09 -27.82
CA GLU H 128 30.37 -2.54 -26.49
C GLU H 128 29.42 -1.38 -26.23
N ILE H 129 29.04 -1.21 -24.96
CA ILE H 129 28.17 -0.13 -24.56
C ILE H 129 28.97 0.87 -23.72
N THR H 130 29.38 1.96 -24.35
CA THR H 130 30.14 3.02 -23.69
C THR H 130 29.23 4.21 -23.46
N ASP H 131 29.63 5.10 -22.57
CA ASP H 131 28.83 6.28 -22.30
C ASP H 131 28.73 7.02 -23.62
N ASP H 132 29.81 6.96 -24.40
CA ASP H 132 29.85 7.61 -25.70
C ASP H 132 28.85 6.95 -26.63
N VAL H 133 28.74 5.64 -26.53
CA VAL H 133 27.81 4.89 -27.35
C VAL H 133 26.39 5.28 -26.97
N LEU H 134 26.11 5.29 -25.66
CA LEU H 134 24.78 5.64 -25.17
C LEU H 134 24.33 7.02 -25.64
N GLU H 135 25.30 7.91 -25.85
CA GLU H 135 25.01 9.26 -26.30
C GLU H 135 24.65 9.32 -27.78
N GLU H 136 25.32 8.48 -28.57
CA GLU H 136 25.07 8.43 -30.00
C GLU H 136 23.80 7.70 -30.41
N LEU H 137 23.55 6.55 -29.79
CA LEU H 137 22.35 5.76 -30.12
C LEU H 137 21.13 6.59 -30.39
N PRO H 138 20.70 7.43 -29.44
CA PRO H 138 19.52 8.25 -29.67
C PRO H 138 19.63 9.07 -30.96
N LYS H 139 20.83 9.56 -31.24
CA LYS H 139 21.06 10.35 -32.43
C LYS H 139 21.01 9.41 -33.63
N VAL H 140 21.60 8.23 -33.46
CA VAL H 140 21.62 7.20 -34.50
C VAL H 140 20.20 6.84 -34.91
N LEU H 141 19.24 7.04 -34.01
CA LEU H 141 17.85 6.74 -34.31
C LEU H 141 17.23 7.85 -35.13
N GLU H 142 17.25 9.07 -34.60
CA GLU H 142 16.67 10.23 -35.29
C GLU H 142 17.39 10.58 -36.59
N GLU H 143 18.67 10.87 -36.50
CA GLU H 143 19.44 11.17 -37.70
C GLU H 143 19.94 9.79 -38.11
N GLU H 144 19.61 9.36 -39.33
CA GLU H 144 19.99 8.03 -39.82
C GLU H 144 18.90 7.12 -39.29
N GLY H 145 18.03 6.61 -40.16
CA GLY H 145 16.98 5.73 -39.68
C GLY H 145 17.46 4.36 -39.23
N ILE H 146 18.50 4.29 -38.41
CA ILE H 146 19.00 3.02 -37.93
C ILE H 146 18.28 2.67 -36.63
N THR H 147 17.23 1.85 -36.74
CA THR H 147 16.45 1.46 -35.58
C THR H 147 16.59 -0.02 -35.21
N SER H 148 17.63 -0.66 -35.71
CA SER H 148 17.88 -2.06 -35.39
C SER H 148 19.35 -2.23 -35.07
N LEU H 149 19.70 -2.44 -33.89
CA LEU H 149 21.01 -2.67 -33.31
C LEU H 149 21.30 -4.21 -33.18
N VAL H 151 23.94 -7.92 -32.39
CA VAL H 151 25.02 -8.36 -31.44
C VAL H 151 25.51 -9.80 -31.70
N PHE H 152 26.81 -10.00 -31.76
CA PHE H 152 27.33 -11.33 -32.00
C PHE H 152 27.62 -12.03 -30.69
N MET H 153 27.04 -13.19 -30.48
CA MET H 153 27.30 -13.93 -29.26
C MET H 153 28.45 -14.87 -29.52
N ALA H 154 28.82 -14.99 -30.79
CA ALA H 154 29.93 -15.85 -31.18
C ALA H 154 31.00 -14.98 -31.84
N TYR H 155 31.98 -15.62 -32.47
CA TYR H 155 33.09 -14.93 -33.13
C TYR H 155 33.94 -14.22 -32.07
N LYS H 156 34.38 -15.00 -31.09
CA LYS H 156 35.19 -14.50 -30.00
C LYS H 156 36.35 -13.67 -30.54
N ASN H 157 36.69 -12.58 -29.83
CA ASN H 157 37.79 -11.68 -30.21
C ASN H 157 37.65 -11.12 -31.61
N VAL H 158 36.41 -10.94 -32.10
CA VAL H 158 36.21 -10.40 -33.44
C VAL H 158 34.92 -9.60 -33.54
N PHE H 159 33.88 -10.05 -32.86
CA PHE H 159 32.57 -9.36 -32.88
C PHE H 159 31.84 -9.60 -31.57
N GLN H 160 32.17 -10.73 -30.94
CA GLN H 160 31.54 -11.17 -29.70
C GLN H 160 31.37 -10.11 -28.62
N ALA H 161 30.30 -10.25 -27.84
CA ALA H 161 29.99 -9.36 -26.74
C ALA H 161 29.48 -10.17 -25.54
N ASP H 162 29.86 -9.79 -24.33
CA ASP H 162 29.42 -10.52 -23.16
C ASP H 162 27.93 -10.27 -22.93
N ASP H 163 27.33 -11.09 -22.08
CA ASP H 163 25.90 -10.95 -21.80
C ASP H 163 25.57 -9.58 -21.23
N GLY H 164 26.56 -8.96 -20.58
CA GLY H 164 26.35 -7.65 -20.01
C GLY H 164 26.12 -6.65 -21.13
N THR H 165 26.93 -6.76 -22.18
CA THR H 165 26.80 -5.86 -23.32
C THR H 165 25.46 -6.13 -23.98
N LEU H 166 25.15 -7.42 -24.15
CA LEU H 166 23.89 -7.81 -24.75
C LEU H 166 22.72 -7.28 -23.92
N TYR H 167 22.77 -7.52 -22.62
CA TYR H 167 21.72 -7.06 -21.74
C TYR H 167 21.49 -5.53 -21.76
N CYS H 168 22.56 -4.75 -21.61
CA CYS H 168 22.40 -3.29 -21.62
C CYS H 168 21.93 -2.82 -22.99
N THR H 169 22.29 -3.55 -24.05
CA THR H 169 21.84 -3.19 -25.38
C THR H 169 20.34 -3.37 -25.43
N LEU H 170 19.88 -4.51 -24.89
CA LEU H 170 18.45 -4.78 -24.88
C LEU H 170 17.72 -3.65 -24.17
N LEU H 171 18.26 -3.18 -23.06
CA LEU H 171 17.62 -2.09 -22.33
C LEU H 171 17.60 -0.85 -23.17
N ALA H 172 18.79 -0.44 -23.59
CA ALA H 172 18.92 0.75 -24.42
C ALA H 172 17.88 0.68 -25.53
N ALA H 173 17.82 -0.49 -26.17
CA ALA H 173 16.90 -0.74 -27.28
C ALA H 173 15.45 -0.53 -26.89
N LYS H 174 15.04 -1.15 -25.78
CA LYS H 174 13.67 -1.03 -25.30
C LYS H 174 13.36 0.44 -25.07
N GLU H 175 14.31 1.11 -24.44
CA GLU H 175 14.22 2.53 -24.10
C GLU H 175 14.14 3.40 -25.36
N LEU H 176 15.15 3.29 -26.21
CA LEU H 176 15.21 4.08 -27.43
C LEU H 176 14.21 3.71 -28.52
N GLY H 177 13.73 2.46 -28.49
CA GLY H 177 12.77 2.01 -29.50
C GLY H 177 13.47 1.37 -30.68
N ALA H 178 14.37 0.43 -30.40
CA ALA H 178 15.09 -0.26 -31.46
C ALA H 178 14.91 -1.75 -31.27
N LEU H 179 15.20 -2.52 -32.31
CA LEU H 179 15.09 -3.97 -32.21
C LEU H 179 16.49 -4.56 -32.11
N VAL H 180 16.71 -5.42 -31.12
CA VAL H 180 18.01 -6.04 -30.97
C VAL H 180 18.08 -7.30 -31.81
N MET H 181 19.08 -7.42 -32.66
CA MET H 181 19.24 -8.61 -33.48
C MET H 181 20.39 -9.37 -32.85
N VAL H 182 20.39 -10.69 -32.99
CA VAL H 182 21.44 -11.50 -32.36
C VAL H 182 21.91 -12.69 -33.19
N HIS H 183 23.22 -12.91 -33.20
CA HIS H 183 23.81 -14.04 -33.88
C HIS H 183 24.01 -14.97 -32.70
N ALA H 184 23.08 -15.88 -32.50
CA ALA H 184 23.11 -16.80 -31.35
C ALA H 184 23.92 -18.10 -31.43
N GLU H 185 25.19 -18.03 -31.07
CA GLU H 185 26.05 -19.21 -31.03
C GLU H 185 26.99 -18.99 -29.86
N ASN H 186 27.22 -20.02 -29.05
CA ASN H 186 28.10 -19.86 -27.92
C ASN H 186 29.56 -19.76 -28.34
N GLY H 187 30.01 -18.54 -28.61
CA GLY H 187 31.37 -18.31 -29.01
C GLY H 187 32.47 -18.90 -28.14
N ASP H 188 32.38 -18.77 -26.83
CA ASP H 188 33.43 -19.31 -25.95
C ASP H 188 33.66 -20.80 -26.08
N VAL H 189 32.57 -21.57 -26.23
CA VAL H 189 32.71 -23.02 -26.37
C VAL H 189 33.16 -23.35 -27.80
N ILE H 190 32.53 -22.74 -28.79
CA ILE H 190 32.92 -23.00 -30.17
C ILE H 190 34.42 -22.78 -30.28
N ASP H 191 34.90 -21.82 -29.51
CA ASP H 191 36.31 -21.48 -29.51
C ASP H 191 37.21 -22.63 -29.10
N TYR H 192 36.98 -23.17 -27.91
CA TYR H 192 37.81 -24.29 -27.45
C TYR H 192 37.71 -25.45 -28.41
N LEU H 193 36.50 -25.75 -28.86
CA LEU H 193 36.29 -26.83 -29.81
C LEU H 193 37.13 -26.60 -31.05
N THR H 194 37.09 -25.37 -31.56
CA THR H 194 37.86 -25.00 -32.74
C THR H 194 39.35 -25.23 -32.51
N LYS H 195 39.88 -24.68 -31.44
CA LYS H 195 41.29 -24.85 -31.11
C LYS H 195 41.67 -26.33 -31.02
N LYS H 196 40.89 -27.11 -30.28
CA LYS H 196 41.21 -28.52 -30.13
C LYS H 196 41.15 -29.25 -31.46
N ALA H 197 40.14 -28.96 -32.27
CA ALA H 197 40.01 -29.62 -33.57
C ALA H 197 41.31 -29.50 -34.33
N LEU H 198 41.82 -28.27 -34.42
CA LEU H 198 43.07 -27.99 -35.12
C LEU H 198 44.19 -28.75 -34.43
N ALA H 199 44.27 -28.64 -33.11
CA ALA H 199 45.29 -29.31 -32.33
C ALA H 199 45.36 -30.81 -32.62
N ASP H 200 44.28 -31.36 -33.16
CA ASP H 200 44.24 -32.79 -33.47
C ASP H 200 44.31 -33.06 -34.97
N GLY H 201 44.63 -32.03 -35.74
CA GLY H 201 44.75 -32.22 -37.17
C GLY H 201 43.46 -32.17 -37.98
N ASN H 202 42.33 -31.99 -37.31
CA ASN H 202 41.05 -31.92 -38.02
C ASN H 202 40.94 -30.55 -38.63
N THR H 203 41.27 -30.44 -39.90
CA THR H 203 41.24 -29.14 -40.58
C THR H 203 40.27 -29.01 -41.73
N ASP H 204 39.73 -30.13 -42.20
CA ASP H 204 38.80 -30.09 -43.33
C ASP H 204 37.56 -29.23 -43.09
N PRO H 205 36.94 -28.76 -44.17
CA PRO H 205 35.76 -27.91 -44.08
C PRO H 205 34.68 -28.44 -43.14
N ILE H 206 34.53 -29.76 -43.07
CA ILE H 206 33.49 -30.31 -42.21
C ILE H 206 33.65 -30.02 -40.71
N TYR H 207 34.90 -29.91 -40.25
CA TYR H 207 35.11 -29.62 -38.84
C TYR H 207 34.61 -28.24 -38.50
N HIS H 208 34.29 -27.46 -39.52
CA HIS H 208 33.74 -26.13 -39.27
C HIS H 208 32.40 -26.34 -38.61
N ALA H 209 31.66 -27.33 -39.12
CA ALA H 209 30.35 -27.68 -38.60
C ALA H 209 30.44 -28.45 -37.27
N LEU H 210 31.22 -29.53 -37.25
CA LEU H 210 31.37 -30.33 -36.05
C LEU H 210 31.94 -29.54 -34.89
N THR H 211 32.68 -28.48 -35.22
CA THR H 211 33.32 -27.66 -34.21
C THR H 211 32.29 -26.79 -33.49
N ARG H 212 31.09 -26.72 -34.05
CA ARG H 212 30.03 -25.92 -33.47
C ARG H 212 28.63 -26.57 -33.55
N PRO H 213 28.37 -27.56 -32.67
CA PRO H 213 27.13 -28.33 -32.56
C PRO H 213 25.91 -27.46 -32.27
N PRO H 214 24.74 -27.89 -32.77
CA PRO H 214 23.47 -27.16 -32.58
C PRO H 214 23.11 -26.88 -31.14
N GLU H 215 23.67 -27.66 -30.23
CA GLU H 215 23.43 -27.46 -28.81
C GLU H 215 23.86 -26.05 -28.45
N LEU H 216 25.00 -25.66 -29.01
CA LEU H 216 25.54 -24.32 -28.76
C LEU H 216 24.70 -23.20 -29.42
N GLU H 217 23.95 -23.53 -30.47
CA GLU H 217 23.11 -22.50 -31.11
C GLU H 217 21.88 -22.35 -30.23
N GLY H 218 21.35 -23.49 -29.77
CA GLY H 218 20.19 -23.46 -28.92
C GLY H 218 20.52 -22.77 -27.63
N GLU H 219 21.62 -23.17 -27.01
CA GLU H 219 22.04 -22.57 -25.76
C GLU H 219 22.05 -21.06 -25.89
N ALA H 220 22.82 -20.56 -26.84
CA ALA H 220 22.92 -19.13 -27.07
C ALA H 220 21.56 -18.50 -27.29
N THR H 221 20.77 -19.05 -28.20
CA THR H 221 19.44 -18.51 -28.47
C THR H 221 18.63 -18.40 -27.17
N GLY H 222 18.83 -19.35 -26.26
CA GLY H 222 18.14 -19.32 -24.99
C GLY H 222 18.49 -18.11 -24.14
N ARG H 223 19.80 -17.88 -23.95
CA ARG H 223 20.27 -16.73 -23.18
C ARG H 223 19.66 -15.46 -23.76
N ALA H 224 19.85 -15.27 -25.06
CA ALA H 224 19.32 -14.10 -25.74
C ALA H 224 17.88 -13.88 -25.32
N CYS H 225 17.11 -14.96 -25.33
CA CYS H 225 15.70 -14.89 -24.95
C CYS H 225 15.53 -14.55 -23.47
N GLN H 226 16.11 -15.36 -22.61
CA GLN H 226 15.98 -15.13 -21.18
C GLN H 226 16.34 -13.70 -20.85
N LEU H 227 17.46 -13.23 -21.39
CA LEU H 227 17.87 -11.86 -21.16
C LEU H 227 16.85 -10.87 -21.75
N THR H 228 16.39 -11.14 -22.97
CA THR H 228 15.42 -10.24 -23.57
C THR H 228 14.22 -10.13 -22.67
N GLU H 229 13.89 -11.23 -21.99
CA GLU H 229 12.76 -11.27 -21.07
C GLU H 229 13.06 -10.36 -19.89
N LEU H 230 14.18 -10.61 -19.23
CA LEU H 230 14.59 -9.81 -18.08
C LEU H 230 14.53 -8.33 -18.39
N ALA H 231 15.11 -7.96 -19.53
CA ALA H 231 15.14 -6.57 -19.97
C ALA H 231 13.76 -6.06 -20.41
N GLY H 232 12.91 -6.98 -20.82
CA GLY H 232 11.58 -6.58 -21.26
C GLY H 232 11.58 -5.91 -22.61
N SER H 233 12.58 -6.17 -23.46
CA SER H 233 12.62 -5.54 -24.79
C SER H 233 12.23 -6.48 -25.91
N GLN H 234 12.83 -6.28 -27.08
CA GLN H 234 12.52 -7.12 -28.23
C GLN H 234 13.73 -7.77 -28.86
N LEU H 235 13.59 -9.05 -29.21
CA LEU H 235 14.68 -9.81 -29.82
C LEU H 235 14.34 -10.27 -31.24
N TYR H 236 15.37 -10.51 -32.05
CA TYR H 236 15.21 -10.98 -33.42
C TYR H 236 16.41 -11.87 -33.66
N VAL H 237 16.20 -13.17 -33.59
CA VAL H 237 17.28 -14.12 -33.79
C VAL H 237 17.53 -14.32 -35.27
N VAL H 238 18.74 -13.99 -35.72
CA VAL H 238 19.08 -14.14 -37.13
C VAL H 238 19.48 -15.58 -37.44
N HIS H 239 19.28 -15.96 -38.69
CA HIS H 239 19.57 -17.29 -39.18
C HIS H 239 19.42 -18.42 -38.16
N VAL H 240 18.17 -18.77 -37.88
CA VAL H 240 17.85 -19.87 -36.99
C VAL H 240 18.13 -21.12 -37.83
N THR H 241 18.96 -21.99 -37.28
CA THR H 241 19.43 -23.17 -37.99
C THR H 241 18.93 -24.53 -37.54
N CYS H 242 19.20 -24.86 -36.28
CA CYS H 242 18.82 -26.14 -35.71
C CYS H 242 17.47 -26.13 -35.02
N ALA H 243 17.02 -27.33 -34.66
CA ALA H 243 15.75 -27.48 -33.99
C ALA H 243 15.84 -26.83 -32.62
N GLN H 244 16.92 -27.14 -31.88
CA GLN H 244 17.13 -26.60 -30.54
C GLN H 244 16.85 -25.12 -30.48
N ALA H 245 17.34 -24.40 -31.48
CA ALA H 245 17.13 -22.97 -31.56
C ALA H 245 15.66 -22.65 -31.78
N VAL H 246 15.04 -23.34 -32.74
CA VAL H 246 13.61 -23.12 -33.03
C VAL H 246 12.80 -23.29 -31.77
N GLU H 247 13.16 -24.29 -30.99
CA GLU H 247 12.48 -24.59 -29.74
C GLU H 247 12.53 -23.41 -28.76
N LYS H 248 13.73 -22.92 -28.47
CA LYS H 248 13.89 -21.79 -27.56
C LYS H 248 13.05 -20.61 -27.99
N ILE H 249 13.07 -20.31 -29.28
CA ILE H 249 12.28 -19.19 -29.78
C ILE H 249 10.79 -19.48 -29.63
N ALA H 250 10.42 -20.75 -29.73
CA ALA H 250 9.01 -21.14 -29.60
C ALA H 250 8.56 -20.89 -28.18
N GLU H 251 9.36 -21.34 -27.21
CA GLU H 251 9.06 -21.13 -25.79
C GLU H 251 8.88 -19.64 -25.50
N ALA H 252 9.85 -18.84 -25.94
CA ALA H 252 9.81 -17.41 -25.75
C ALA H 252 8.48 -16.82 -26.20
N ARG H 253 8.14 -17.01 -27.47
CA ARG H 253 6.89 -16.46 -27.99
C ARG H 253 5.65 -16.99 -27.28
N ASN H 254 5.76 -18.18 -26.69
CA ASN H 254 4.64 -18.76 -25.95
C ASN H 254 4.41 -17.91 -24.70
N LYS H 255 5.51 -17.50 -24.06
CA LYS H 255 5.46 -16.68 -22.86
C LYS H 255 5.06 -15.26 -23.15
N GLY H 256 4.70 -14.98 -24.40
CA GLY H 256 4.29 -13.61 -24.74
C GLY H 256 5.49 -12.70 -24.97
N LEU H 257 6.70 -13.23 -24.78
CA LEU H 257 7.91 -12.44 -25.00
C LEU H 257 7.93 -11.98 -26.45
N ASP H 258 8.49 -10.80 -26.67
CA ASP H 258 8.56 -10.22 -28.02
C ASP H 258 9.82 -10.69 -28.75
N VAL H 259 9.84 -11.97 -29.10
CA VAL H 259 10.98 -12.56 -29.78
C VAL H 259 10.63 -12.94 -31.21
N TRP H 260 11.59 -12.82 -32.12
CA TRP H 260 11.37 -13.17 -33.53
C TRP H 260 12.51 -14.01 -34.04
N GLY H 261 12.18 -14.87 -35.01
CA GLY H 261 13.17 -15.77 -35.60
C GLY H 261 13.21 -15.61 -37.12
N GLU H 262 14.39 -15.81 -37.67
CA GLU H 262 14.61 -15.70 -39.10
C GLU H 262 15.47 -16.87 -39.55
N THR H 263 15.29 -17.29 -40.80
CA THR H 263 16.10 -18.38 -41.35
C THR H 263 16.55 -17.98 -42.74
N CYS H 264 17.34 -18.85 -43.34
CA CYS H 264 17.85 -18.59 -44.67
C CYS H 264 17.72 -19.87 -45.49
N PRO H 265 17.45 -19.71 -46.79
CA PRO H 265 17.31 -20.84 -47.72
C PRO H 265 18.33 -21.96 -47.53
N GLN H 266 19.62 -21.60 -47.49
CA GLN H 266 20.67 -22.61 -47.32
C GLN H 266 20.44 -23.58 -46.17
N TYR H 267 19.73 -23.13 -45.14
CA TYR H 267 19.47 -23.98 -43.98
C TYR H 267 18.18 -24.77 -44.20
N LEU H 268 17.38 -24.28 -45.14
CA LEU H 268 16.10 -24.87 -45.48
C LEU H 268 16.26 -25.98 -46.53
N VAL H 269 17.26 -25.82 -47.40
CA VAL H 269 17.50 -26.76 -48.48
C VAL H 269 18.79 -27.57 -48.44
N LEU H 270 19.90 -26.95 -48.05
CA LEU H 270 21.19 -27.66 -47.99
C LEU H 270 21.36 -28.26 -46.62
N ASP H 271 22.42 -29.05 -46.45
CA ASP H 271 22.67 -29.69 -45.16
C ASP H 271 24.14 -30.06 -44.95
N GLN H 272 24.43 -30.51 -43.74
CA GLN H 272 25.78 -30.84 -43.34
C GLN H 272 26.65 -31.63 -44.30
N SER H 273 26.07 -32.58 -45.00
CA SER H 273 26.84 -33.41 -45.91
C SER H 273 27.65 -32.61 -46.93
N TYR H 274 27.04 -31.54 -47.47
CA TYR H 274 27.73 -30.71 -48.45
C TYR H 274 29.12 -30.26 -48.00
N LEU H 275 29.38 -30.28 -46.70
CA LEU H 275 30.68 -29.87 -46.21
C LEU H 275 31.73 -30.96 -46.36
N GLU H 276 31.28 -32.19 -46.64
CA GLU H 276 32.20 -33.31 -46.81
C GLU H 276 32.49 -33.50 -48.27
N LYS H 277 31.52 -33.13 -49.08
CA LYS H 277 31.64 -33.24 -50.51
C LYS H 277 32.72 -32.28 -51.02
N PRO H 278 33.98 -32.75 -51.22
CA PRO H 278 35.10 -33.70 -51.26
C PRO H 278 36.27 -32.83 -51.73
N ASN H 279 37.50 -33.29 -51.63
CA ASN H 279 38.62 -32.43 -52.07
C ASN H 279 38.61 -31.18 -51.17
N PHE H 280 38.08 -30.07 -51.67
CA PHE H 280 37.99 -28.86 -50.88
C PHE H 280 36.65 -28.20 -51.14
N GLU H 281 35.88 -28.81 -52.02
CA GLU H 281 34.57 -28.31 -52.38
C GLU H 281 33.75 -27.92 -51.15
N GLY H 282 34.03 -28.58 -50.02
CA GLY H 282 33.31 -28.32 -48.78
C GLY H 282 33.26 -26.83 -48.46
N ALA H 283 34.42 -26.19 -48.54
CA ALA H 283 34.54 -24.78 -48.25
C ALA H 283 33.48 -23.92 -48.91
N LYS H 284 32.91 -24.38 -50.01
CA LYS H 284 31.87 -23.60 -50.68
C LYS H 284 30.67 -23.39 -49.79
N TYR H 285 30.49 -24.30 -48.83
CA TYR H 285 29.35 -24.28 -47.91
C TYR H 285 29.66 -23.84 -46.48
N VAL H 286 30.86 -23.29 -46.28
CA VAL H 286 31.26 -22.84 -44.96
C VAL H 286 30.70 -21.44 -44.61
N TRP H 287 29.85 -21.41 -43.58
CA TRP H 287 29.23 -20.19 -43.09
C TRP H 287 28.69 -20.54 -41.72
N SER H 288 28.40 -19.52 -40.90
CA SER H 288 27.91 -19.77 -39.55
C SER H 288 26.55 -19.15 -39.29
N PRO H 289 25.66 -19.89 -38.59
CA PRO H 289 25.88 -21.24 -38.05
C PRO H 289 26.06 -22.22 -39.19
N PRO H 290 26.74 -23.35 -38.93
CA PRO H 290 26.99 -24.38 -39.93
C PRO H 290 25.75 -25.12 -40.37
N LEU H 291 25.78 -25.69 -41.57
CA LEU H 291 24.66 -26.47 -42.06
C LEU H 291 24.51 -27.65 -41.08
N ARG H 292 23.26 -28.01 -40.77
CA ARG H 292 23.00 -29.10 -39.85
C ARG H 292 22.59 -30.38 -40.59
N GLU H 293 22.19 -31.38 -39.81
CA GLU H 293 21.77 -32.64 -40.39
C GLU H 293 20.43 -32.43 -41.06
N LYS H 294 20.29 -33.04 -42.24
CA LYS H 294 19.09 -32.96 -43.06
C LYS H 294 17.77 -32.88 -42.29
N TRP H 295 17.66 -33.61 -41.18
CA TRP H 295 16.42 -33.64 -40.40
C TRP H 295 15.91 -32.35 -39.77
N HIS H 296 16.79 -31.38 -39.54
CA HIS H 296 16.38 -30.11 -38.96
C HIS H 296 15.51 -29.31 -39.92
N GLN H 297 15.74 -29.51 -41.21
CA GLN H 297 15.00 -28.82 -42.25
C GLN H 297 13.50 -28.87 -42.04
N GLU H 298 13.00 -30.02 -41.62
CA GLU H 298 11.58 -30.16 -41.38
C GLU H 298 11.17 -29.14 -40.34
N VAL H 299 11.80 -29.24 -39.18
CA VAL H 299 11.53 -28.38 -38.06
C VAL H 299 11.47 -26.94 -38.53
N LEU H 300 12.46 -26.54 -39.33
CA LEU H 300 12.47 -25.18 -39.84
C LEU H 300 11.19 -24.92 -40.62
N TRP H 301 10.93 -25.75 -41.63
CA TRP H 301 9.71 -25.56 -42.42
C TRP H 301 8.44 -25.48 -41.57
N ASN H 302 8.29 -26.38 -40.59
CA ASN H 302 7.10 -26.35 -39.74
C ASN H 302 7.02 -25.05 -38.97
N ALA H 303 8.19 -24.62 -38.49
CA ALA H 303 8.30 -23.38 -37.73
C ALA H 303 7.79 -22.28 -38.61
N LEU H 304 8.23 -22.32 -39.87
CA LEU H 304 7.83 -21.33 -40.86
C LEU H 304 6.34 -21.42 -41.14
N LYS H 305 5.85 -22.65 -41.22
CA LYS H 305 4.45 -22.92 -41.49
C LYS H 305 3.55 -22.42 -40.38
N ASN H 306 3.87 -22.81 -39.15
CA ASN H 306 3.06 -22.45 -37.99
C ASN H 306 3.39 -21.11 -37.32
N GLY H 307 4.48 -20.47 -37.73
CA GLY H 307 4.81 -19.17 -37.16
C GLY H 307 5.92 -19.06 -36.11
N GLN H 308 6.57 -20.16 -35.75
CA GLN H 308 7.63 -20.07 -34.76
C GLN H 308 8.71 -19.18 -35.36
N LEU H 309 8.91 -19.32 -36.67
CA LEU H 309 9.88 -18.51 -37.41
C LEU H 309 9.05 -17.65 -38.34
N GLN H 310 9.40 -16.38 -38.50
CA GLN H 310 8.59 -15.51 -39.34
C GLN H 310 9.22 -14.71 -40.48
N THR H 311 10.53 -14.84 -40.68
CA THR H 311 11.18 -14.11 -41.76
C THR H 311 12.30 -14.90 -42.41
N LEU H 312 12.53 -14.64 -43.70
CA LEU H 312 13.60 -15.32 -44.44
C LEU H 312 14.65 -14.34 -44.93
N GLY H 313 15.89 -14.56 -44.53
CA GLY H 313 16.98 -13.68 -44.94
C GLY H 313 17.98 -14.50 -45.71
N SER H 314 18.88 -13.83 -46.42
CA SER H 314 19.88 -14.54 -47.21
C SER H 314 21.19 -14.80 -46.47
N ASP H 315 21.62 -13.81 -45.70
CA ASP H 315 22.89 -13.85 -44.98
C ASP H 315 23.98 -13.85 -46.05
N GLN H 316 23.69 -13.07 -47.10
CA GLN H 316 24.57 -12.88 -48.25
C GLN H 316 25.97 -12.41 -47.83
N CYS H 317 26.98 -13.16 -48.21
CA CYS H 317 28.37 -12.83 -47.86
C CYS H 317 29.27 -13.64 -48.80
N SER H 318 29.31 -13.21 -50.06
CA SER H 318 30.08 -13.91 -51.10
C SER H 318 31.60 -13.91 -51.06
N PHE H 319 32.17 -15.02 -51.50
CA PHE H 319 33.62 -15.22 -51.55
C PHE H 319 33.95 -16.21 -52.67
N ASP H 320 34.78 -15.80 -53.61
CA ASP H 320 35.17 -16.70 -54.68
C ASP H 320 35.78 -17.97 -54.12
N PHE H 321 35.28 -19.11 -54.57
CA PHE H 321 35.81 -20.38 -54.09
C PHE H 321 37.29 -20.40 -54.43
N LYS H 322 37.61 -19.77 -55.56
CA LYS H 322 38.97 -19.70 -56.06
C LYS H 322 39.96 -19.07 -55.09
N GLY H 323 40.08 -17.76 -55.14
CA GLY H 323 41.04 -17.11 -54.26
C GLY H 323 40.68 -17.06 -52.80
N GLN H 324 39.50 -16.52 -52.53
CA GLN H 324 39.00 -16.35 -51.17
C GLN H 324 38.87 -17.62 -50.34
N LYS H 325 37.85 -18.43 -50.64
CA LYS H 325 37.62 -19.66 -49.88
C LYS H 325 38.89 -20.46 -49.63
N GLU H 326 39.80 -20.47 -50.61
CA GLU H 326 41.03 -21.24 -50.47
C GLU H 326 42.00 -20.72 -49.42
N LEU H 327 41.75 -19.52 -48.90
CA LEU H 327 42.61 -18.96 -47.87
C LEU H 327 42.74 -19.92 -46.70
N GLY H 328 41.72 -20.74 -46.51
CA GLY H 328 41.74 -21.70 -45.42
C GLY H 328 41.88 -23.13 -45.91
N ARG H 329 43.03 -23.45 -46.49
CA ARG H 329 43.25 -24.81 -46.98
C ARG H 329 43.46 -25.77 -45.84
N GLY H 330 44.66 -25.76 -45.27
CA GLY H 330 44.94 -26.66 -44.17
C GLY H 330 44.40 -26.15 -42.86
N ASP H 331 43.45 -25.23 -42.93
CA ASP H 331 42.85 -24.64 -41.73
C ASP H 331 41.43 -24.16 -42.07
N PHE H 332 40.44 -24.89 -41.59
CA PHE H 332 39.06 -24.51 -41.87
C PHE H 332 38.72 -23.17 -41.26
N THR H 333 39.24 -22.92 -40.06
CA THR H 333 38.97 -21.67 -39.37
C THR H 333 39.42 -20.46 -40.20
N LYS H 334 40.18 -20.70 -41.26
CA LYS H 334 40.65 -19.61 -42.12
C LYS H 334 39.85 -19.47 -43.41
N ILE H 335 38.80 -20.28 -43.53
CA ILE H 335 37.94 -20.18 -44.69
C ILE H 335 36.99 -19.03 -44.38
N PRO H 336 36.90 -18.02 -45.25
CA PRO H 336 35.99 -16.93 -44.94
C PRO H 336 34.52 -17.40 -44.94
N ASN H 337 33.83 -17.18 -43.83
CA ASN H 337 32.45 -17.61 -43.71
C ASN H 337 31.49 -16.75 -44.53
N GLY H 338 30.56 -17.41 -45.21
CA GLY H 338 29.59 -16.70 -46.00
C GLY H 338 29.29 -17.35 -47.33
N GLY H 339 28.04 -17.22 -47.78
CA GLY H 339 27.65 -17.80 -49.04
C GLY H 339 26.93 -16.85 -49.98
N PRO H 340 26.99 -17.11 -51.28
CA PRO H 340 26.35 -16.31 -52.33
C PRO H 340 24.86 -16.68 -52.37
N ILE H 341 24.06 -15.93 -51.62
CA ILE H 341 22.65 -16.23 -51.52
C ILE H 341 21.65 -15.12 -51.84
N ILE H 342 22.09 -13.86 -51.79
CA ILE H 342 21.19 -12.75 -52.04
C ILE H 342 20.31 -12.83 -53.29
N GLU H 343 20.66 -13.67 -54.25
CA GLU H 343 19.86 -13.74 -55.47
C GLU H 343 18.76 -14.77 -55.56
N ASP H 344 18.99 -15.96 -55.00
CA ASP H 344 18.00 -17.01 -55.10
C ASP H 344 17.09 -17.15 -53.89
N ARG H 345 17.27 -16.29 -52.89
CA ARG H 345 16.45 -16.33 -51.68
C ARG H 345 14.97 -16.46 -51.98
N VAL H 346 14.39 -15.42 -52.55
CA VAL H 346 12.97 -15.41 -52.86
C VAL H 346 12.51 -16.62 -53.67
N SER H 347 13.18 -16.84 -54.81
CA SER H 347 12.85 -17.96 -55.71
C SER H 347 12.73 -19.29 -54.99
N ILE H 348 13.79 -19.66 -54.28
CA ILE H 348 13.82 -20.92 -53.55
C ILE H 348 12.62 -21.11 -52.62
N LEU H 349 12.24 -20.08 -51.88
CA LEU H 349 11.12 -20.21 -50.96
C LEU H 349 9.84 -20.46 -51.72
N PHE H 350 9.67 -19.78 -52.86
CA PHE H 350 8.47 -19.96 -53.66
C PHE H 350 8.43 -21.39 -54.17
N SER H 351 9.53 -21.82 -54.75
CA SER H 351 9.67 -23.15 -55.30
C SER H 351 9.56 -24.21 -54.21
N GLU H 352 10.56 -24.27 -53.34
CA GLU H 352 10.57 -25.26 -52.25
C GLU H 352 9.45 -25.11 -51.25
N GLY H 353 8.98 -23.89 -51.03
CA GLY H 353 7.93 -23.67 -50.09
C GLY H 353 6.58 -23.72 -50.74
N VAL H 354 6.14 -22.60 -51.31
CA VAL H 354 4.85 -22.51 -51.96
C VAL H 354 4.51 -23.69 -52.85
N LYS H 355 5.21 -23.77 -53.97
CA LYS H 355 5.02 -24.82 -54.96
C LYS H 355 4.99 -26.26 -54.45
N LYS H 356 5.59 -26.52 -53.29
CA LYS H 356 5.59 -27.88 -52.77
C LYS H 356 4.66 -28.19 -51.60
N GLY H 357 3.80 -27.26 -51.21
CA GLY H 357 2.90 -27.58 -50.10
C GLY H 357 3.15 -26.89 -48.78
N ARG H 358 4.39 -26.49 -48.54
CA ARG H 358 4.74 -25.76 -47.32
C ARG H 358 4.40 -24.30 -47.60
N ILE H 359 4.16 -23.50 -46.57
CA ILE H 359 3.87 -22.09 -46.83
C ILE H 359 2.66 -21.94 -47.75
N THR H 360 2.20 -20.72 -47.89
CA THR H 360 1.08 -20.38 -48.74
C THR H 360 1.55 -19.29 -49.68
N LEU H 361 0.82 -19.06 -50.76
CA LEU H 361 1.21 -18.02 -51.66
C LEU H 361 1.27 -16.75 -50.85
N ASN H 362 0.38 -16.63 -49.87
CA ASN H 362 0.35 -15.45 -49.00
C ASN H 362 1.45 -15.48 -47.93
N GLN H 363 1.63 -16.65 -47.31
CA GLN H 363 2.66 -16.78 -46.30
C GLN H 363 3.98 -16.41 -46.94
N PHE H 364 4.14 -16.83 -48.18
CA PHE H 364 5.34 -16.59 -48.98
C PHE H 364 5.65 -15.09 -48.97
N VAL H 365 4.67 -14.32 -49.44
CA VAL H 365 4.84 -12.88 -49.52
C VAL H 365 5.14 -12.30 -48.14
N ASP H 366 4.49 -12.86 -47.13
CA ASP H 366 4.72 -12.37 -45.78
C ASP H 366 6.15 -12.68 -45.31
N ILE H 367 6.56 -13.93 -45.45
CA ILE H 367 7.88 -14.33 -45.01
C ILE H 367 9.05 -13.67 -45.73
N VAL H 368 8.83 -13.25 -46.97
CA VAL H 368 9.91 -12.66 -47.75
C VAL H 368 9.85 -11.14 -47.90
N SER H 369 8.71 -10.55 -47.61
CA SER H 369 8.59 -9.11 -47.74
C SER H 369 7.89 -8.38 -46.59
N THR H 370 6.56 -8.46 -46.57
CA THR H 370 5.75 -7.78 -45.54
C THR H 370 6.22 -7.87 -44.09
N ARG H 371 6.16 -9.07 -43.52
CA ARG H 371 6.56 -9.29 -42.14
C ARG H 371 7.87 -8.56 -41.82
N ILE H 372 8.82 -8.62 -42.76
CA ILE H 372 10.11 -7.98 -42.61
C ILE H 372 9.96 -6.46 -42.60
N ALA H 373 9.29 -5.93 -43.61
CA ALA H 373 9.07 -4.49 -43.69
C ALA H 373 8.51 -3.98 -42.35
N LYS H 374 7.57 -4.72 -41.79
CA LYS H 374 6.96 -4.33 -40.54
C LYS H 374 7.95 -4.35 -39.38
N LEU H 375 8.59 -5.50 -39.18
CA LEU H 375 9.53 -5.60 -38.09
C LEU H 375 10.64 -4.56 -38.13
N PHE H 376 11.03 -4.13 -39.33
CA PHE H 376 12.13 -3.17 -39.45
C PHE H 376 11.74 -1.76 -39.85
N GLY H 377 10.50 -1.40 -39.56
CA GLY H 377 9.98 -0.07 -39.85
C GLY H 377 10.09 0.44 -41.27
N LEU H 378 9.59 -0.33 -42.22
CA LEU H 378 9.63 0.07 -43.63
C LEU H 378 8.22 -0.01 -44.20
N PHE H 379 7.29 -0.41 -43.36
CA PHE H 379 5.91 -0.55 -43.77
C PHE H 379 5.15 0.75 -43.50
N PRO H 380 4.27 1.15 -44.43
CA PRO H 380 3.92 0.48 -45.70
C PRO H 380 4.64 1.05 -46.90
N LYS H 381 5.77 1.71 -46.68
CA LYS H 381 6.51 2.27 -47.81
C LYS H 381 6.94 1.09 -48.62
N LYS H 382 7.42 0.08 -47.92
CA LYS H 382 7.86 -1.15 -48.55
C LYS H 382 7.02 -2.29 -47.99
N GLY H 383 7.16 -3.49 -48.58
CA GLY H 383 6.46 -4.65 -48.10
C GLY H 383 5.03 -4.96 -48.51
N THR H 384 4.45 -4.16 -49.41
CA THR H 384 3.09 -4.46 -49.82
C THR H 384 2.68 -3.80 -51.13
N ILE H 385 1.58 -4.26 -51.71
CA ILE H 385 1.07 -3.70 -52.95
C ILE H 385 -0.23 -3.02 -52.63
N VAL H 386 -0.15 -1.75 -52.25
CA VAL H 386 -1.34 -0.98 -51.91
C VAL H 386 -1.21 0.52 -52.20
N VAL H 387 -2.34 1.16 -52.49
CA VAL H 387 -2.35 2.59 -52.77
C VAL H 387 -1.52 3.34 -51.75
N GLY H 388 -0.51 4.06 -52.23
CA GLY H 388 0.33 4.84 -51.34
C GLY H 388 1.71 4.25 -51.14
N SER H 389 1.81 2.94 -51.20
CA SER H 389 3.10 2.29 -51.01
C SER H 389 4.00 2.47 -52.23
N ASP H 390 5.31 2.39 -52.02
CA ASP H 390 6.25 2.52 -53.12
C ASP H 390 5.95 1.44 -54.14
N ALA H 391 6.18 1.74 -55.41
CA ALA H 391 5.92 0.78 -56.47
C ALA H 391 7.06 -0.22 -56.60
N ASP H 392 7.36 -0.89 -55.50
CA ASP H 392 8.40 -1.92 -55.50
C ASP H 392 7.65 -3.20 -55.83
N LEU H 393 7.69 -3.60 -57.09
CA LEU H 393 6.98 -4.78 -57.54
C LEU H 393 7.85 -5.82 -58.21
N VAL H 394 7.30 -7.03 -58.30
CA VAL H 394 7.98 -8.13 -58.96
C VAL H 394 6.94 -8.86 -59.80
N ILE H 395 7.19 -8.92 -61.11
CA ILE H 395 6.29 -9.63 -62.01
C ILE H 395 6.95 -10.99 -62.11
N PHE H 396 6.32 -11.95 -61.44
CA PHE H 396 6.83 -13.31 -61.31
C PHE H 396 6.12 -14.36 -62.17
N ASP H 397 6.92 -15.27 -62.73
CA ASP H 397 6.38 -16.36 -63.52
C ASP H 397 6.46 -17.60 -62.65
N PRO H 398 5.32 -18.11 -62.19
CA PRO H 398 5.21 -19.30 -61.33
C PRO H 398 5.42 -20.67 -61.95
N ASN H 399 5.52 -20.74 -63.28
CA ASN H 399 5.68 -22.03 -63.94
C ASN H 399 7.02 -22.34 -64.57
N ILE H 400 7.75 -21.31 -64.95
CA ILE H 400 9.06 -21.51 -65.56
C ILE H 400 9.92 -22.43 -64.71
N GLU H 401 10.32 -23.56 -65.26
CA GLU H 401 11.17 -24.49 -64.54
C GLU H 401 12.58 -24.17 -64.98
N ARG H 402 13.54 -24.25 -64.07
CA ARG H 402 14.91 -23.93 -64.43
C ARG H 402 15.89 -24.53 -63.46
N VAL H 403 17.17 -24.28 -63.71
CA VAL H 403 18.21 -24.81 -62.85
C VAL H 403 19.16 -23.72 -62.39
N ILE H 404 19.29 -23.56 -61.09
CA ILE H 404 20.19 -22.55 -60.57
C ILE H 404 21.63 -22.95 -60.91
N SER H 405 22.31 -22.03 -61.58
CA SER H 405 23.69 -22.26 -61.96
C SER H 405 24.48 -20.99 -61.91
N ALA H 406 25.72 -21.09 -61.43
CA ALA H 406 26.61 -19.95 -61.35
C ALA H 406 26.84 -19.45 -62.79
N GLU H 407 26.55 -20.32 -63.75
CA GLU H 407 26.70 -19.98 -65.15
C GLU H 407 25.63 -18.97 -65.52
N THR H 408 24.64 -18.82 -64.65
CA THR H 408 23.53 -17.90 -64.92
C THR H 408 23.32 -16.81 -63.88
N HIS H 409 23.66 -17.10 -62.62
CA HIS H 409 23.44 -16.13 -61.56
C HIS H 409 24.14 -14.81 -61.91
N HIS H 410 23.66 -13.72 -61.30
CA HIS H 410 24.23 -12.40 -61.55
C HIS H 410 25.07 -11.89 -60.40
N MET H 411 25.53 -12.78 -59.54
CA MET H 411 26.37 -12.38 -58.43
C MET H 411 27.79 -12.48 -58.96
N ALA H 412 28.70 -11.70 -58.39
CA ALA H 412 30.09 -11.70 -58.83
C ALA H 412 30.93 -12.88 -58.32
N VAL H 413 30.29 -13.88 -57.75
CA VAL H 413 31.04 -15.04 -57.23
C VAL H 413 31.26 -16.10 -58.27
N ASP H 414 32.37 -16.84 -58.14
CA ASP H 414 32.65 -17.89 -59.11
C ASP H 414 31.84 -19.18 -58.91
N TYR H 415 30.94 -19.17 -57.94
CA TYR H 415 30.10 -20.36 -57.71
C TYR H 415 28.76 -19.99 -57.08
N ASN H 416 27.87 -20.98 -57.01
CA ASN H 416 26.53 -20.79 -56.45
C ASN H 416 26.19 -22.00 -55.58
N ALA H 417 25.92 -21.76 -54.30
CA ALA H 417 25.60 -22.85 -53.36
C ALA H 417 24.47 -23.78 -53.79
N PHE H 418 23.63 -23.33 -54.70
CA PHE H 418 22.51 -24.14 -55.17
C PHE H 418 22.69 -24.60 -56.62
N GLU H 419 23.95 -24.80 -57.01
CA GLU H 419 24.31 -25.21 -58.36
C GLU H 419 23.62 -26.50 -58.74
N GLY H 420 22.96 -26.49 -59.89
CA GLY H 420 22.28 -27.69 -60.35
C GLY H 420 20.89 -27.86 -59.79
N MET H 421 20.55 -27.06 -58.79
CA MET H 421 19.24 -27.18 -58.19
C MET H 421 18.13 -26.80 -59.16
N LYS H 422 17.11 -27.64 -59.29
CA LYS H 422 16.00 -27.34 -60.16
C LYS H 422 15.02 -26.48 -59.35
N VAL H 423 14.50 -25.42 -59.96
CA VAL H 423 13.58 -24.51 -59.29
C VAL H 423 12.42 -24.11 -60.18
N THR H 424 11.24 -24.01 -59.59
CA THR H 424 10.07 -23.61 -60.35
C THR H 424 9.73 -22.17 -60.01
N GLY H 425 9.45 -21.38 -61.03
CA GLY H 425 9.13 -19.98 -60.83
C GLY H 425 10.36 -19.11 -61.00
N GLU H 426 10.16 -17.91 -61.55
CA GLU H 426 11.26 -16.98 -61.77
C GLU H 426 10.78 -15.54 -62.00
N PRO H 427 11.54 -14.56 -61.47
CA PRO H 427 11.19 -13.15 -61.63
C PRO H 427 11.40 -12.74 -63.10
N VAL H 428 10.40 -12.06 -63.66
CA VAL H 428 10.49 -11.64 -65.05
C VAL H 428 10.82 -10.16 -65.14
N SER H 429 10.09 -9.36 -64.35
CA SER H 429 10.34 -7.92 -64.31
C SER H 429 10.31 -7.49 -62.85
N VAL H 430 11.32 -6.73 -62.45
CA VAL H 430 11.41 -6.25 -61.09
C VAL H 430 11.58 -4.75 -61.11
N LEU H 431 10.62 -4.00 -60.58
CA LEU H 431 10.74 -2.56 -60.56
C LEU H 431 10.70 -1.98 -59.14
N CYS H 432 11.58 -1.01 -58.90
CA CYS H 432 11.71 -0.34 -57.61
C CYS H 432 11.19 1.08 -57.74
N ARG H 433 10.17 1.39 -56.98
CA ARG H 433 9.58 2.72 -57.03
C ARG H 433 9.20 3.15 -58.46
N GLY H 434 8.32 2.38 -59.07
CA GLY H 434 7.84 2.69 -60.40
C GLY H 434 8.80 2.52 -61.57
N GLU H 435 10.09 2.40 -61.28
CA GLU H 435 11.08 2.25 -62.37
C GLU H 435 11.58 0.83 -62.49
N PHE H 436 11.65 0.31 -63.70
CA PHE H 436 12.15 -1.05 -63.89
C PHE H 436 13.63 -1.10 -63.50
N VAL H 437 14.03 -2.21 -62.91
CA VAL H 437 15.41 -2.42 -62.52
C VAL H 437 15.83 -3.64 -63.35
N VAL H 438 14.84 -4.47 -63.64
CA VAL H 438 15.01 -5.67 -64.43
C VAL H 438 13.74 -5.89 -65.22
N ARG H 439 13.82 -5.70 -66.53
CA ARG H 439 12.65 -5.93 -67.37
C ARG H 439 12.94 -7.13 -68.28
N ASP H 440 11.98 -8.05 -68.34
CA ASP H 440 12.11 -9.25 -69.14
C ASP H 440 13.45 -9.92 -68.95
N LYS H 441 13.72 -10.30 -67.71
CA LYS H 441 14.94 -10.98 -67.32
C LYS H 441 16.21 -10.31 -67.83
N GLN H 442 16.12 -9.00 -68.04
CA GLN H 442 17.27 -8.23 -68.52
C GLN H 442 17.44 -6.96 -67.68
N PHE H 443 18.68 -6.72 -67.23
CA PHE H 443 18.98 -5.55 -66.41
C PHE H 443 18.83 -4.22 -67.13
N VAL H 444 18.16 -3.27 -66.48
CA VAL H 444 17.92 -1.95 -67.07
C VAL H 444 18.03 -0.83 -66.03
N GLY H 445 18.58 -1.15 -64.86
CA GLY H 445 18.70 -0.16 -63.81
C GLY H 445 20.00 0.60 -63.95
N LYS H 446 20.30 1.42 -62.95
CA LYS H 446 21.53 2.22 -62.97
C LYS H 446 22.04 2.35 -61.55
N PRO H 447 23.31 1.95 -61.32
CA PRO H 447 23.84 2.07 -59.96
C PRO H 447 23.73 3.50 -59.44
N GLY H 448 23.12 3.65 -58.26
CA GLY H 448 22.92 4.97 -57.69
C GLY H 448 21.45 5.29 -57.59
N TYR H 449 20.63 4.57 -58.36
CA TYR H 449 19.17 4.78 -58.35
C TYR H 449 18.62 4.43 -56.98
N GLY H 450 19.22 3.42 -56.37
CA GLY H 450 18.80 2.99 -55.05
C GLY H 450 19.12 4.05 -54.04
N GLN H 451 18.18 4.29 -53.12
CA GLN H 451 18.39 5.30 -52.12
C GLN H 451 18.34 4.73 -50.71
N TYR H 452 19.07 5.38 -49.80
CA TYR H 452 19.11 4.95 -48.41
C TYR H 452 17.73 5.09 -47.78
N LEU H 453 17.48 4.30 -46.75
CA LEU H 453 16.18 4.32 -46.09
C LEU H 453 16.30 4.53 -44.60
N LYS H 454 15.69 5.59 -44.11
CA LYS H 454 15.68 5.86 -42.68
C LYS H 454 14.50 5.01 -42.24
N ARG H 455 14.64 4.23 -41.16
CA ARG H 455 13.56 3.35 -40.74
C ARG H 455 12.83 3.72 -39.45
N ALA H 456 11.54 3.35 -39.39
CA ALA H 456 10.69 3.63 -38.24
C ALA H 456 11.30 3.14 -36.93
N LYS H 457 10.84 3.74 -35.84
CA LYS H 457 11.34 3.44 -34.51
C LYS H 457 10.77 2.16 -33.93
N TYR H 458 10.44 1.18 -34.77
CA TYR H 458 9.85 -0.05 -34.28
C TYR H 458 8.41 0.32 -33.89
N GLY H 459 7.96 1.42 -34.51
CA GLY H 459 6.61 1.94 -34.32
C GLY H 459 5.95 2.02 -35.66
N THR H 460 4.91 2.84 -35.79
CA THR H 460 4.15 3.01 -37.05
C THR H 460 5.02 3.33 -38.30
#